data_6YNF
#
_entry.id   6YNF
#
_cell.length_a   87.136
_cell.length_b   111.429
_cell.length_c   135.943
_cell.angle_alpha   90.00
_cell.angle_beta   96.02
_cell.angle_gamma   90.00
#
_symmetry.space_group_name_H-M   'P 1 21 1'
#
loop_
_entity.id
_entity.type
_entity.pdbx_description
1 polymer 'Glyceraldehyde-3-phosphate dehydrogenase'
2 non-polymer 3,6,9,12,15,18,21,24,27-NONAOXANONACOSANE-1,29-DIOL
3 water water
#
_entity_poly.entity_id   1
_entity_poly.type   'polypeptide(L)'
_entity_poly.pdbx_seq_one_letter_code
;GKVKVGVNGFGRIGRLVTRAAFNSGKVDIVAINDPFIDLNYMVYMFQYDSTHGKFHGTVKAENGKLVINGNPITIFQERD
PSKIKWGDAGAEYVVESTGVFTTMEKAGAHLQGGAKRVIISAPSADAPMFVMGVNHEKYDNSLKIISNAS(CSU)TTNCL
APLAKVIHDNFGIVEGLMTTVHAITATQKTVDGPSGKLWRDGRGALQNIIPASTGAAKAVGKVIPELNGKLTGMAFRVPT
ANVSVVDLTCRLEKPAKYDDIKKVVKQASEGPLKGILGYTEHQVVSSDFNSDTHSSTFDAGAGIALNDHFVKLISWYDNE
FGYSNRVVDLMAHMASKE
;
_entity_poly.pdbx_strand_id   A,B,C,D,E,F,G,H
#
loop_
_chem_comp.id
_chem_comp.type
_chem_comp.name
_chem_comp.formula
XPE non-polymer 3,6,9,12,15,18,21,24,27-NONAOXANONACOSANE-1,29-DIOL 'C20 H42 O11'
#
# COMPACT_ATOMS: atom_id res chain seq x y z
N GLY A 1 -17.11 -55.70 54.19
CA GLY A 1 -18.01 -55.09 53.21
C GLY A 1 -17.39 -53.94 52.42
N LYS A 2 -18.22 -53.24 51.59
CA LYS A 2 -17.72 -52.11 50.77
C LYS A 2 -17.06 -51.05 51.65
N VAL A 3 -15.84 -50.59 51.26
CA VAL A 3 -15.07 -49.60 52.02
C VAL A 3 -15.74 -48.24 52.04
N LYS A 4 -15.82 -47.59 53.21
CA LYS A 4 -16.39 -46.26 53.31
C LYS A 4 -15.28 -45.24 53.07
N VAL A 5 -15.51 -44.35 52.10
CA VAL A 5 -14.52 -43.40 51.62
C VAL A 5 -14.92 -41.95 51.89
N GLY A 6 -13.91 -41.13 52.17
CA GLY A 6 -14.03 -39.69 52.31
C GLY A 6 -13.26 -39.04 51.18
N VAL A 7 -13.76 -37.93 50.62
CA VAL A 7 -13.09 -37.26 49.51
C VAL A 7 -12.71 -35.85 49.95
N ASN A 8 -11.41 -35.51 49.92
CA ASN A 8 -10.95 -34.18 50.26
C ASN A 8 -10.80 -33.37 48.98
N GLY A 9 -11.65 -32.36 48.81
CA GLY A 9 -11.69 -31.48 47.66
C GLY A 9 -12.77 -31.88 46.68
N PHE A 10 -13.74 -31.00 46.40
CA PHE A 10 -14.79 -31.28 45.42
C PHE A 10 -14.50 -30.57 44.10
N GLY A 11 -13.24 -30.61 43.68
CA GLY A 11 -12.81 -30.09 42.39
C GLY A 11 -13.06 -31.13 41.31
N ARG A 12 -12.51 -30.91 40.13
CA ARG A 12 -12.73 -31.78 38.98
C ARG A 12 -12.41 -33.27 39.29
N ILE A 13 -11.27 -33.56 39.97
CA ILE A 13 -10.93 -34.95 40.33
C ILE A 13 -11.88 -35.46 41.42
N GLY A 14 -12.08 -34.69 42.48
CA GLY A 14 -12.94 -35.07 43.59
C GLY A 14 -14.35 -35.42 43.18
N ARG A 15 -14.95 -34.62 42.28
CA ARG A 15 -16.30 -34.87 41.79
C ARG A 15 -16.37 -36.12 40.92
N LEU A 16 -15.37 -36.32 40.04
CA LEU A 16 -15.34 -37.48 39.13
C LEU A 16 -15.01 -38.76 39.87
N VAL A 17 -14.23 -38.70 40.97
CA VAL A 17 -13.96 -39.88 41.80
C VAL A 17 -15.29 -40.23 42.51
N THR A 18 -15.96 -39.25 43.09
CA THR A 18 -17.26 -39.44 43.74
C THR A 18 -18.28 -40.03 42.76
N ARG A 19 -18.26 -39.55 41.51
CA ARG A 19 -19.12 -40.01 40.43
C ARG A 19 -18.81 -41.47 40.10
N ALA A 20 -17.51 -41.80 39.88
CA ALA A 20 -17.04 -43.16 39.59
C ALA A 20 -17.45 -44.12 40.70
N ALA A 21 -17.39 -43.67 41.97
CA ALA A 21 -17.77 -44.48 43.12
C ALA A 21 -19.22 -44.90 43.04
N PHE A 22 -20.13 -43.99 42.67
CA PHE A 22 -21.54 -44.31 42.57
C PHE A 22 -21.86 -45.08 41.29
N ASN A 23 -21.25 -44.68 40.16
CA ASN A 23 -21.47 -45.37 38.88
C ASN A 23 -21.00 -46.84 38.93
N SER A 24 -19.80 -47.09 39.47
CA SER A 24 -19.26 -48.44 39.58
C SER A 24 -19.79 -49.23 40.80
N GLY A 25 -20.09 -48.51 41.88
CA GLY A 25 -20.57 -49.12 43.12
C GLY A 25 -19.52 -49.94 43.86
N LYS A 26 -18.21 -49.71 43.58
CA LYS A 26 -17.13 -50.46 44.22
C LYS A 26 -16.80 -49.99 45.63
N VAL A 27 -17.07 -48.71 45.94
CA VAL A 27 -16.81 -48.13 47.27
C VAL A 27 -18.01 -47.23 47.64
N ASP A 28 -18.12 -46.87 48.93
CA ASP A 28 -19.21 -46.03 49.44
C ASP A 28 -18.69 -44.67 49.88
N ILE A 29 -19.02 -43.57 49.17
CA ILE A 29 -18.62 -42.24 49.63
C ILE A 29 -19.51 -41.89 50.82
N VAL A 30 -18.92 -41.54 51.95
CA VAL A 30 -19.66 -41.19 53.18
C VAL A 30 -19.40 -39.75 53.64
N ALA A 31 -18.33 -39.10 53.15
CA ALA A 31 -17.99 -37.73 53.53
C ALA A 31 -17.23 -37.01 52.42
N ILE A 32 -17.43 -35.69 52.32
CA ILE A 32 -16.73 -34.84 51.35
C ILE A 32 -16.33 -33.58 52.09
N ASN A 33 -15.11 -33.09 51.85
CA ASN A 33 -14.64 -31.86 52.47
C ASN A 33 -14.22 -30.85 51.39
N ASP A 34 -14.80 -29.65 51.39
CA ASP A 34 -14.34 -28.57 50.50
C ASP A 34 -14.65 -27.27 51.23
N PRO A 35 -13.64 -26.50 51.67
CA PRO A 35 -13.93 -25.27 52.42
C PRO A 35 -14.53 -24.12 51.62
N PHE A 36 -14.58 -24.23 50.29
CA PHE A 36 -15.05 -23.16 49.41
C PHE A 36 -16.39 -23.38 48.75
N ILE A 37 -16.72 -24.62 48.41
CA ILE A 37 -17.98 -24.94 47.75
C ILE A 37 -19.01 -25.32 48.83
N ASP A 38 -20.13 -24.58 48.91
CA ASP A 38 -21.18 -24.86 49.89
C ASP A 38 -22.08 -26.04 49.38
N LEU A 39 -22.92 -26.60 50.27
CA LEU A 39 -23.74 -27.76 49.92
C LEU A 39 -24.60 -27.56 48.69
N ASN A 40 -25.26 -26.40 48.57
CA ASN A 40 -26.11 -26.14 47.42
C ASN A 40 -25.30 -26.11 46.12
N TYR A 41 -24.09 -25.52 46.15
CA TYR A 41 -23.25 -25.48 44.96
C TYR A 41 -22.75 -26.89 44.61
N MET A 42 -22.41 -27.70 45.62
CA MET A 42 -21.99 -29.09 45.41
C MET A 42 -23.04 -29.91 44.66
N VAL A 43 -24.33 -29.67 44.93
CA VAL A 43 -25.42 -30.40 44.25
C VAL A 43 -25.36 -30.05 42.76
N TYR A 44 -25.26 -28.75 42.44
CA TYR A 44 -25.19 -28.24 41.07
C TYR A 44 -23.97 -28.79 40.32
N MET A 45 -22.78 -28.71 40.94
CA MET A 45 -21.56 -29.16 40.32
C MET A 45 -21.52 -30.66 40.07
N PHE A 46 -22.13 -31.46 40.95
CA PHE A 46 -22.17 -32.91 40.76
C PHE A 46 -23.21 -33.32 39.71
N GLN A 47 -24.37 -32.67 39.74
CA GLN A 47 -25.48 -33.00 38.85
C GLN A 47 -25.20 -32.69 37.39
N TYR A 48 -24.69 -31.50 37.09
CA TYR A 48 -24.45 -31.06 35.71
C TYR A 48 -22.98 -31.12 35.38
N ASP A 49 -22.65 -31.70 34.24
CA ASP A 49 -21.27 -31.77 33.78
C ASP A 49 -21.26 -31.48 32.29
N SER A 50 -20.48 -30.47 31.87
CA SER A 50 -20.40 -30.11 30.45
C SER A 50 -19.81 -31.26 29.63
N THR A 51 -18.80 -31.96 30.17
CA THR A 51 -18.10 -33.03 29.46
C THR A 51 -18.82 -34.39 29.47
N HIS A 52 -19.27 -34.85 30.64
CA HIS A 52 -19.86 -36.17 30.82
C HIS A 52 -21.38 -36.20 30.97
N GLY A 53 -22.03 -35.05 30.89
CA GLY A 53 -23.48 -34.97 30.97
C GLY A 53 -24.02 -35.00 32.37
N LYS A 54 -25.36 -34.90 32.49
CA LYS A 54 -26.05 -34.93 33.78
C LYS A 54 -25.82 -36.29 34.48
N PHE A 55 -25.74 -36.26 35.80
CA PHE A 55 -25.50 -37.47 36.59
C PHE A 55 -26.68 -38.46 36.47
N HIS A 56 -26.41 -39.72 36.01
CA HIS A 56 -27.45 -40.74 35.91
CA HIS A 56 -27.42 -40.77 35.90
C HIS A 56 -27.76 -41.21 37.33
N GLY A 57 -28.77 -40.58 37.92
CA GLY A 57 -29.21 -40.86 39.28
C GLY A 57 -29.81 -39.61 39.90
N THR A 58 -29.88 -39.58 41.25
CA THR A 58 -30.47 -38.45 41.96
C THR A 58 -29.44 -37.75 42.85
N VAL A 59 -29.51 -36.42 42.96
CA VAL A 59 -28.57 -35.67 43.80
C VAL A 59 -29.32 -34.46 44.37
N LYS A 60 -29.35 -34.37 45.70
CA LYS A 60 -30.08 -33.30 46.38
C LYS A 60 -29.50 -33.00 47.73
N ALA A 61 -29.69 -31.78 48.20
CA ALA A 61 -29.26 -31.36 49.52
C ALA A 61 -30.43 -31.65 50.46
N GLU A 62 -30.19 -32.37 51.56
CA GLU A 62 -31.26 -32.71 52.49
C GLU A 62 -30.70 -32.84 53.90
N ASN A 63 -31.14 -31.96 54.82
CA ASN A 63 -30.68 -31.95 56.22
C ASN A 63 -29.17 -31.71 56.33
N GLY A 64 -28.65 -30.79 55.52
CA GLY A 64 -27.23 -30.47 55.53
C GLY A 64 -26.31 -31.54 54.99
N LYS A 65 -26.86 -32.52 54.24
CA LYS A 65 -26.08 -33.59 53.66
C LYS A 65 -26.31 -33.66 52.14
N LEU A 66 -25.30 -34.13 51.39
CA LEU A 66 -25.38 -34.28 49.94
C LEU A 66 -25.82 -35.74 49.68
N VAL A 67 -27.12 -35.91 49.36
CA VAL A 67 -27.69 -37.24 49.18
C VAL A 67 -27.59 -37.57 47.68
N ILE A 68 -26.78 -38.59 47.32
CA ILE A 68 -26.63 -39.08 45.94
C ILE A 68 -27.22 -40.48 45.89
N ASN A 69 -28.31 -40.70 45.14
CA ASN A 69 -28.98 -42.00 45.04
C ASN A 69 -29.42 -42.50 46.42
N GLY A 70 -30.00 -41.61 47.21
CA GLY A 70 -30.46 -41.93 48.55
C GLY A 70 -29.38 -42.10 49.60
N ASN A 71 -28.09 -41.98 49.23
CA ASN A 71 -27.01 -42.13 50.19
C ASN A 71 -26.62 -40.78 50.80
N PRO A 72 -26.83 -40.55 52.12
CA PRO A 72 -26.43 -39.25 52.70
C PRO A 72 -24.93 -39.16 52.98
N ILE A 73 -24.30 -38.08 52.48
CA ILE A 73 -22.85 -37.83 52.61
C ILE A 73 -22.64 -36.64 53.53
N THR A 74 -21.79 -36.79 54.54
CA THR A 74 -21.48 -35.71 55.47
C THR A 74 -20.57 -34.69 54.81
N ILE A 75 -20.92 -33.40 54.91
CA ILE A 75 -20.11 -32.35 54.31
C ILE A 75 -19.33 -31.58 55.38
N PHE A 76 -18.03 -31.39 55.12
CA PHE A 76 -17.12 -30.64 55.97
C PHE A 76 -16.59 -29.42 55.18
N GLN A 77 -16.29 -28.30 55.89
CA GLN A 77 -15.79 -27.08 55.26
C GLN A 77 -14.45 -26.66 55.90
N GLU A 78 -13.52 -27.60 56.08
CA GLU A 78 -12.24 -27.33 56.73
C GLU A 78 -11.14 -26.95 55.77
N ARG A 79 -10.32 -25.96 56.17
CA ARG A 79 -9.15 -25.53 55.41
C ARG A 79 -7.94 -26.37 55.84
N ASP A 80 -7.84 -26.75 57.13
CA ASP A 80 -6.74 -27.58 57.63
C ASP A 80 -7.15 -29.07 57.54
N PRO A 81 -6.44 -29.92 56.76
CA PRO A 81 -6.84 -31.33 56.68
C PRO A 81 -6.77 -32.13 57.98
N SER A 82 -5.91 -31.72 58.94
CA SER A 82 -5.85 -32.41 60.24
C SER A 82 -7.11 -32.17 61.09
N LYS A 83 -7.89 -31.10 60.80
CA LYS A 83 -9.11 -30.76 61.54
C LYS A 83 -10.36 -31.46 60.99
N ILE A 84 -10.26 -32.28 59.91
CA ILE A 84 -11.43 -32.97 59.35
C ILE A 84 -11.77 -34.21 60.22
N LYS A 85 -13.01 -34.29 60.73
CA LYS A 85 -13.45 -35.41 61.58
C LYS A 85 -13.84 -36.60 60.70
N TRP A 86 -12.88 -37.11 59.89
CA TRP A 86 -13.10 -38.23 58.99
C TRP A 86 -13.65 -39.45 59.71
N GLY A 87 -13.09 -39.76 60.88
CA GLY A 87 -13.53 -40.89 61.67
C GLY A 87 -14.96 -40.77 62.14
N ASP A 88 -15.42 -39.57 62.50
CA ASP A 88 -16.80 -39.37 62.96
C ASP A 88 -17.80 -39.72 61.85
N ALA A 89 -17.50 -39.30 60.60
CA ALA A 89 -18.37 -39.62 59.46
C ALA A 89 -18.27 -41.09 58.99
N GLY A 90 -17.34 -41.86 59.56
CA GLY A 90 -17.15 -43.26 59.20
C GLY A 90 -16.24 -43.50 58.02
N ALA A 91 -15.45 -42.49 57.62
CA ALA A 91 -14.55 -42.60 56.47
C ALA A 91 -13.27 -43.41 56.83
N GLU A 92 -13.16 -44.64 56.28
CA GLU A 92 -12.02 -45.54 56.48
C GLU A 92 -10.84 -45.12 55.62
N TYR A 93 -11.12 -44.70 54.36
CA TYR A 93 -10.10 -44.23 53.40
C TYR A 93 -10.40 -42.80 53.01
N VAL A 94 -9.35 -41.98 52.72
CA VAL A 94 -9.56 -40.60 52.28
C VAL A 94 -8.82 -40.38 50.96
N VAL A 95 -9.54 -39.89 49.93
CA VAL A 95 -8.96 -39.57 48.64
C VAL A 95 -8.52 -38.12 48.76
N GLU A 96 -7.20 -37.86 48.70
CA GLU A 96 -6.66 -36.52 48.79
C GLU A 96 -6.57 -35.97 47.36
N SER A 97 -7.62 -35.21 46.93
CA SER A 97 -7.71 -34.70 45.56
C SER A 97 -7.46 -33.21 45.36
N THR A 98 -7.11 -32.44 46.42
CA THR A 98 -6.89 -31.00 46.27
C THR A 98 -5.63 -30.64 45.48
N GLY A 99 -4.67 -31.56 45.39
CA GLY A 99 -3.42 -31.31 44.68
C GLY A 99 -2.41 -30.51 45.46
N VAL A 100 -2.78 -29.99 46.64
CA VAL A 100 -1.87 -29.18 47.46
C VAL A 100 -1.28 -29.96 48.67
N PHE A 101 -1.64 -31.25 48.86
CA PHE A 101 -1.11 -32.07 49.95
C PHE A 101 -0.61 -33.41 49.37
N THR A 102 0.35 -33.35 48.44
CA THR A 102 0.85 -34.56 47.79
C THR A 102 2.04 -35.25 48.51
N THR A 103 2.75 -34.58 49.44
CA THR A 103 3.84 -35.26 50.18
C THR A 103 3.21 -36.09 51.28
N MET A 104 3.89 -37.16 51.74
CA MET A 104 3.35 -38.00 52.81
C MET A 104 3.14 -37.24 54.10
N GLU A 105 3.96 -36.22 54.37
CA GLU A 105 3.81 -35.42 55.56
C GLU A 105 2.49 -34.61 55.46
N LYS A 106 2.23 -34.00 54.30
CA LYS A 106 1.01 -33.22 54.10
C LYS A 106 -0.24 -34.11 54.02
N ALA A 107 -0.19 -35.20 53.24
CA ALA A 107 -1.30 -36.13 53.10
C ALA A 107 -1.60 -36.89 54.42
N GLY A 108 -0.57 -37.09 55.25
CA GLY A 108 -0.73 -37.76 56.53
C GLY A 108 -1.63 -37.04 57.52
N ALA A 109 -1.91 -35.74 57.32
CA ALA A 109 -2.80 -34.97 58.20
C ALA A 109 -4.16 -35.63 58.34
N HIS A 110 -4.65 -36.28 57.27
CA HIS A 110 -5.93 -36.98 57.23
C HIS A 110 -6.02 -38.12 58.25
N LEU A 111 -4.90 -38.71 58.63
CA LEU A 111 -4.87 -39.77 59.64
C LEU A 111 -5.16 -39.21 61.04
N GLN A 112 -4.88 -37.90 61.29
CA GLN A 112 -5.19 -37.27 62.57
C GLN A 112 -6.69 -37.13 62.81
N GLY A 113 -7.46 -36.99 61.73
CA GLY A 113 -8.91 -36.89 61.82
C GLY A 113 -9.63 -38.21 62.06
N GLY A 114 -8.95 -39.32 61.83
CA GLY A 114 -9.54 -40.64 62.02
C GLY A 114 -9.45 -41.57 60.84
N ALA A 115 -8.93 -41.09 59.69
CA ALA A 115 -8.79 -41.95 58.51
C ALA A 115 -7.71 -43.00 58.77
N LYS A 116 -7.86 -44.16 58.14
CA LYS A 116 -6.90 -45.27 58.30
C LYS A 116 -5.88 -45.28 57.17
N ARG A 117 -6.31 -44.94 55.94
CA ARG A 117 -5.44 -44.88 54.78
C ARG A 117 -5.76 -43.63 53.93
N VAL A 118 -4.75 -43.10 53.21
CA VAL A 118 -4.89 -41.92 52.35
C VAL A 118 -4.39 -42.25 50.95
N ILE A 119 -5.21 -41.99 49.94
CA ILE A 119 -4.85 -42.22 48.55
C ILE A 119 -4.74 -40.84 47.92
N ILE A 120 -3.55 -40.47 47.48
CA ILE A 120 -3.33 -39.18 46.82
C ILE A 120 -3.70 -39.38 45.33
N SER A 121 -4.73 -38.66 44.84
CA SER A 121 -5.16 -38.76 43.44
C SER A 121 -4.30 -37.84 42.57
N ALA A 122 -2.98 -38.01 42.68
CA ALA A 122 -1.97 -37.20 41.97
C ALA A 122 -0.58 -37.78 42.24
N PRO A 123 0.45 -37.42 41.45
CA PRO A 123 1.80 -37.90 41.76
C PRO A 123 2.33 -37.29 43.05
N SER A 124 3.12 -38.06 43.78
CA SER A 124 3.72 -37.64 45.04
C SER A 124 5.24 -37.72 44.93
N ALA A 125 5.94 -36.80 45.58
CA ALA A 125 7.40 -36.81 45.57
C ALA A 125 7.97 -38.00 46.35
N ASP A 126 7.32 -38.40 47.46
CA ASP A 126 7.81 -39.47 48.34
C ASP A 126 6.88 -40.67 48.59
N ALA A 127 5.54 -40.53 48.41
CA ALA A 127 4.64 -41.66 48.68
C ALA A 127 4.80 -42.80 47.65
N PRO A 128 4.58 -44.08 48.03
CA PRO A 128 4.67 -45.15 47.02
C PRO A 128 3.58 -45.00 45.96
N MET A 129 3.95 -45.09 44.68
CA MET A 129 3.01 -44.90 43.60
C MET A 129 2.54 -46.19 43.00
N PHE A 130 1.27 -46.24 42.62
CA PHE A 130 0.67 -47.43 42.04
C PHE A 130 -0.08 -47.12 40.77
N VAL A 131 -0.09 -48.09 39.87
CA VAL A 131 -0.85 -48.05 38.63
C VAL A 131 -1.54 -49.42 38.55
N MET A 132 -2.88 -49.43 38.53
CA MET A 132 -3.65 -50.68 38.47
C MET A 132 -3.30 -51.43 37.22
N GLY A 133 -3.04 -52.73 37.37
CA GLY A 133 -2.63 -53.59 36.27
C GLY A 133 -1.13 -53.66 36.06
N VAL A 134 -0.37 -52.75 36.69
CA VAL A 134 1.09 -52.72 36.51
C VAL A 134 1.83 -53.14 37.79
N ASN A 135 1.57 -52.47 38.93
CA ASN A 135 2.26 -52.80 40.17
C ASN A 135 1.35 -52.77 41.41
N HIS A 136 0.02 -52.84 41.25
CA HIS A 136 -0.88 -52.81 42.40
C HIS A 136 -0.68 -54.03 43.31
N GLU A 137 -0.18 -55.16 42.76
CA GLU A 137 0.08 -56.34 43.59
C GLU A 137 1.21 -56.08 44.61
N LYS A 138 2.08 -55.07 44.37
CA LYS A 138 3.12 -54.70 45.32
C LYS A 138 2.53 -53.90 46.52
N TYR A 139 1.22 -53.57 46.53
CA TYR A 139 0.62 -52.88 47.66
C TYR A 139 0.45 -53.88 48.81
N ASP A 140 0.73 -53.45 50.05
CA ASP A 140 0.55 -54.26 51.25
C ASP A 140 -0.03 -53.41 52.38
N ASN A 141 -0.62 -54.05 53.39
CA ASN A 141 -1.32 -53.39 54.50
C ASN A 141 -0.47 -52.44 55.35
N SER A 142 0.86 -52.49 55.27
CA SER A 142 1.71 -51.57 56.03
C SER A 142 1.62 -50.14 55.48
N LEU A 143 1.26 -49.99 54.17
CA LEU A 143 1.21 -48.71 53.47
C LEU A 143 -0.04 -47.93 53.85
N LYS A 144 0.12 -46.88 54.68
CA LYS A 144 -0.98 -46.03 55.15
C LYS A 144 -1.23 -44.83 54.22
N ILE A 145 -0.23 -44.38 53.45
CA ILE A 145 -0.35 -43.24 52.52
C ILE A 145 0.27 -43.66 51.19
N ILE A 146 -0.53 -43.70 50.11
CA ILE A 146 -0.07 -44.08 48.77
C ILE A 146 -0.54 -43.07 47.72
N SER A 147 0.01 -43.13 46.51
CA SER A 147 -0.35 -42.23 45.41
C SER A 147 -0.78 -43.07 44.19
N ASN A 148 -1.79 -42.60 43.45
CA ASN A 148 -2.23 -43.30 42.25
C ASN A 148 -1.53 -42.76 40.98
N ALA A 149 -0.37 -42.05 41.11
CA ALA A 149 0.32 -41.49 39.95
C ALA A 149 -0.62 -40.44 39.18
N SER A 150 -0.34 -40.02 37.94
CA SER A 150 -1.19 -39.10 37.19
C SER A 150 -2.03 -39.89 36.17
N CSU A 151 -2.92 -39.20 35.46
N CSU A 151 -2.91 -39.21 35.46
CA CSU A 151 -3.73 -39.77 34.40
CA CSU A 151 -3.71 -39.78 34.39
CB CSU A 151 -4.79 -38.81 33.86
CB CSU A 151 -4.75 -38.82 33.78
SG CSU A 151 -4.15 -37.25 33.14
SG CSU A 151 -4.16 -37.10 33.64
S CSU A 151 -4.50 -35.75 35.25
C CSU A 151 -2.81 -40.22 33.24
C CSU A 151 -2.78 -40.25 33.26
O CSU A 151 -3.05 -41.26 32.62
O CSU A 151 -2.98 -41.32 32.69
OD1 CSU A 151 -4.75 -34.48 34.62
OD2 CSU A 151 -3.09 -35.70 35.88
OD3 CSU A 151 -5.35 -36.43 36.15
H CSU A 151 -3.09 -38.21 35.60
HA CSU A 151 -4.26 -40.63 34.81
HA CSU A 151 -4.26 -40.62 34.80
HB2 CSU A 151 -5.43 -38.44 34.67
HB2 CSU A 151 -5.67 -38.77 34.32
HB3 CSU A 151 -5.43 -39.26 33.13
HB3 CSU A 151 -4.99 -39.09 32.76
N THR A 152 -1.78 -39.43 32.95
CA THR A 152 -0.84 -39.71 31.88
C THR A 152 0.04 -40.92 32.21
N THR A 153 0.42 -41.14 33.49
CA THR A 153 1.23 -42.33 33.82
C THR A 153 0.33 -43.57 33.74
N ASN A 154 -0.90 -43.48 34.26
CA ASN A 154 -1.85 -44.59 34.18
C ASN A 154 -2.18 -44.98 32.75
N CYS A 155 -1.95 -44.09 31.75
CA CYS A 155 -2.14 -44.42 30.33
C CYS A 155 -0.86 -45.11 29.78
N LEU A 156 0.30 -44.50 30.03
CA LEU A 156 1.56 -45.00 29.51
C LEU A 156 2.03 -46.33 30.12
N ALA A 157 1.99 -46.45 31.45
CA ALA A 157 2.50 -47.64 32.14
C ALA A 157 1.88 -48.99 31.68
N PRO A 158 0.55 -49.16 31.48
CA PRO A 158 0.05 -50.46 31.01
C PRO A 158 0.56 -50.80 29.60
N LEU A 159 0.72 -49.79 28.71
CA LEU A 159 1.26 -50.06 27.38
C LEU A 159 2.74 -50.39 27.49
N ALA A 160 3.48 -49.62 28.29
CA ALA A 160 4.91 -49.84 28.52
C ALA A 160 5.15 -51.25 29.10
N LYS A 161 4.29 -51.69 30.05
CA LYS A 161 4.39 -53.02 30.66
C LYS A 161 4.30 -54.09 29.59
N VAL A 162 3.29 -54.03 28.73
CA VAL A 162 3.12 -55.05 27.68
C VAL A 162 4.29 -55.03 26.71
N ILE A 163 4.67 -53.84 26.24
CA ILE A 163 5.76 -53.72 25.27
C ILE A 163 7.11 -54.18 25.85
N HIS A 164 7.41 -53.82 27.09
CA HIS A 164 8.66 -54.22 27.73
C HIS A 164 8.68 -55.72 28.05
N ASP A 165 7.58 -56.29 28.58
CA ASP A 165 7.51 -57.71 28.89
C ASP A 165 7.70 -58.59 27.65
N ASN A 166 7.25 -58.13 26.48
CA ASN A 166 7.36 -58.93 25.27
C ASN A 166 8.62 -58.66 24.45
N PHE A 167 9.02 -57.39 24.29
CA PHE A 167 10.15 -57.04 23.43
C PHE A 167 11.29 -56.31 24.12
N GLY A 168 11.05 -55.76 25.30
CA GLY A 168 12.07 -55.01 26.02
C GLY A 168 12.25 -53.62 25.45
N ILE A 169 12.00 -52.60 26.27
CA ILE A 169 12.16 -51.21 25.85
C ILE A 169 13.59 -50.81 26.19
N VAL A 170 14.43 -50.59 25.18
CA VAL A 170 15.81 -50.15 25.38
C VAL A 170 15.77 -48.69 25.90
N GLU A 171 14.96 -47.86 25.23
CA GLU A 171 14.78 -46.46 25.56
C GLU A 171 13.52 -45.92 24.88
N GLY A 172 12.86 -44.96 25.51
CA GLY A 172 11.64 -44.39 24.96
C GLY A 172 11.45 -42.96 25.34
N LEU A 173 10.84 -42.21 24.42
CA LEU A 173 10.52 -40.80 24.58
C LEU A 173 9.03 -40.66 24.21
N MET A 174 8.21 -40.06 25.08
CA MET A 174 6.79 -39.88 24.76
C MET A 174 6.37 -38.43 24.78
N THR A 175 5.32 -38.17 24.02
CA THR A 175 4.63 -36.89 23.91
C THR A 175 3.18 -37.17 24.19
N THR A 176 2.54 -36.33 25.01
CA THR A 176 1.11 -36.47 25.25
C THR A 176 0.43 -35.22 24.72
N VAL A 177 -0.49 -35.38 23.74
CA VAL A 177 -1.27 -34.27 23.21
C VAL A 177 -2.47 -34.25 24.16
N HIS A 178 -2.45 -33.34 25.13
CA HIS A 178 -3.41 -33.31 26.22
C HIS A 178 -4.53 -32.30 26.05
N ALA A 179 -5.71 -32.63 26.57
CA ALA A 179 -6.87 -31.74 26.58
C ALA A 179 -6.63 -30.61 27.61
N ILE A 180 -7.41 -29.53 27.56
CA ILE A 180 -7.26 -28.42 28.51
C ILE A 180 -7.58 -28.93 29.94
N THR A 181 -6.97 -28.31 30.95
CA THR A 181 -7.19 -28.63 32.36
C THR A 181 -7.61 -27.38 33.14
N ALA A 182 -8.12 -27.57 34.35
CA ALA A 182 -8.56 -26.47 35.22
C ALA A 182 -7.43 -25.51 35.62
N THR A 183 -6.17 -25.93 35.49
CA THR A 183 -5.03 -25.07 35.82
C THR A 183 -4.71 -24.03 34.71
N GLN A 184 -5.33 -24.15 33.53
CA GLN A 184 -5.12 -23.25 32.42
C GLN A 184 -6.06 -22.01 32.53
N LYS A 185 -5.79 -20.99 31.68
CA LYS A 185 -6.53 -19.73 31.67
C LYS A 185 -7.31 -19.58 30.35
N THR A 186 -8.51 -19.00 30.41
CA THR A 186 -9.33 -18.80 29.20
C THR A 186 -8.66 -17.84 28.20
N VAL A 187 -8.15 -16.70 28.70
CA VAL A 187 -7.40 -15.71 27.93
C VAL A 187 -6.04 -15.53 28.64
N ASP A 188 -5.04 -14.93 27.95
CA ASP A 188 -3.69 -14.69 28.50
C ASP A 188 -3.73 -14.12 29.91
N GLY A 189 -3.43 -14.98 30.86
CA GLY A 189 -3.45 -14.63 32.27
C GLY A 189 -2.15 -14.98 32.96
N PRO A 190 -2.10 -14.71 34.27
CA PRO A 190 -0.87 -14.97 35.02
C PRO A 190 -0.78 -16.36 35.61
N SER A 191 0.37 -16.98 35.41
CA SER A 191 0.75 -18.26 35.97
C SER A 191 2.24 -18.12 36.27
N GLY A 192 2.54 -17.40 37.34
CA GLY A 192 3.92 -17.05 37.74
C GLY A 192 4.97 -18.14 37.62
N LYS A 193 4.63 -19.36 38.00
CA LYS A 193 5.58 -20.48 37.98
C LYS A 193 5.81 -21.00 36.53
N LEU A 194 4.72 -21.28 35.81
CA LEU A 194 4.76 -21.83 34.45
C LEU A 194 4.16 -20.83 33.47
N TRP A 195 4.99 -19.92 32.96
CA TRP A 195 4.55 -18.85 32.08
C TRP A 195 3.72 -19.28 30.88
N ARG A 196 4.10 -20.39 30.23
CA ARG A 196 3.37 -20.86 29.05
C ARG A 196 1.95 -21.30 29.42
N ASP A 197 1.78 -21.93 30.62
CA ASP A 197 0.46 -22.39 31.07
C ASP A 197 -0.55 -21.26 31.38
N GLY A 198 -0.07 -20.02 31.50
CA GLY A 198 -0.93 -18.88 31.69
C GLY A 198 -1.51 -18.35 30.37
N ARG A 199 -0.90 -18.68 29.22
CA ARG A 199 -1.36 -18.18 27.93
C ARG A 199 -2.71 -18.80 27.56
N GLY A 200 -3.54 -18.06 26.82
CA GLY A 200 -4.88 -18.46 26.41
C GLY A 200 -5.04 -19.91 25.96
N ALA A 201 -5.84 -20.69 26.69
CA ALA A 201 -6.02 -22.11 26.41
C ALA A 201 -6.76 -22.38 25.12
N LEU A 202 -7.68 -21.49 24.75
CA LEU A 202 -8.48 -21.62 23.55
C LEU A 202 -7.67 -21.41 22.27
N GLN A 203 -6.69 -20.51 22.32
CA GLN A 203 -5.97 -20.08 21.13
C GLN A 203 -4.69 -20.78 20.84
N ASN A 204 -4.14 -21.51 21.83
CA ASN A 204 -2.81 -22.05 21.72
C ASN A 204 -2.61 -23.53 21.88
N ILE A 205 -1.50 -24.03 21.25
CA ILE A 205 -0.87 -25.32 21.49
C ILE A 205 0.22 -24.87 22.50
N ILE A 206 0.18 -25.39 23.72
CA ILE A 206 1.10 -24.95 24.76
C ILE A 206 2.02 -26.07 25.17
N PRO A 207 3.34 -26.01 24.87
CA PRO A 207 4.24 -27.08 25.36
C PRO A 207 4.32 -27.04 26.89
N ALA A 208 4.32 -28.21 27.52
CA ALA A 208 4.39 -28.32 28.97
C ALA A 208 5.30 -29.48 29.38
N SER A 209 5.89 -29.37 30.57
CA SER A 209 6.74 -30.41 31.13
C SER A 209 5.87 -31.40 31.91
N THR A 210 6.18 -32.68 31.82
CA THR A 210 5.44 -33.69 32.56
C THR A 210 6.39 -34.80 33.03
N GLY A 211 6.34 -35.09 34.33
CA GLY A 211 7.14 -36.17 34.89
C GLY A 211 6.45 -37.51 34.82
N ALA A 212 5.43 -37.67 33.94
CA ALA A 212 4.65 -38.89 33.82
C ALA A 212 5.41 -40.04 33.17
N ALA A 213 6.27 -39.76 32.18
CA ALA A 213 7.06 -40.81 31.54
C ALA A 213 8.19 -41.26 32.48
N LYS A 214 8.83 -40.30 33.18
CA LYS A 214 9.84 -40.56 34.19
C LYS A 214 9.23 -41.44 35.32
N ALA A 215 7.98 -41.13 35.76
CA ALA A 215 7.26 -41.86 36.80
C ALA A 215 6.96 -43.31 36.45
N VAL A 216 6.97 -43.68 35.15
CA VAL A 216 6.77 -45.07 34.76
C VAL A 216 7.91 -45.94 35.31
N GLY A 217 9.12 -45.40 35.35
CA GLY A 217 10.30 -46.02 35.93
C GLY A 217 10.16 -46.34 37.40
N LYS A 218 9.39 -45.53 38.14
CA LYS A 218 9.15 -45.74 39.57
C LYS A 218 8.02 -46.78 39.84
N VAL A 219 7.49 -47.42 38.77
CA VAL A 219 6.37 -48.37 38.80
C VAL A 219 6.75 -49.69 38.03
N ILE A 220 7.58 -49.58 37.00
CA ILE A 220 8.19 -50.68 36.26
C ILE A 220 9.69 -50.41 36.52
N PRO A 221 10.24 -50.82 37.68
CA PRO A 221 11.64 -50.50 38.00
C PRO A 221 12.67 -50.84 36.90
N GLU A 222 12.38 -51.80 36.02
CA GLU A 222 13.29 -52.12 34.94
C GLU A 222 13.44 -50.96 33.97
N LEU A 223 12.38 -50.15 33.76
CA LEU A 223 12.45 -49.02 32.85
C LEU A 223 12.90 -47.72 33.54
N ASN A 224 13.44 -47.79 34.78
CA ASN A 224 13.94 -46.61 35.49
C ASN A 224 15.07 -45.97 34.69
N GLY A 225 14.93 -44.67 34.40
CA GLY A 225 15.90 -43.95 33.60
C GLY A 225 15.82 -44.25 32.10
N LYS A 226 14.97 -45.20 31.67
CA LYS A 226 14.82 -45.56 30.27
C LYS A 226 13.71 -44.75 29.55
N LEU A 227 12.90 -43.94 30.28
CA LEU A 227 11.80 -43.16 29.68
C LEU A 227 11.71 -41.73 30.21
N THR A 228 11.39 -40.79 29.30
CA THR A 228 11.12 -39.38 29.61
C THR A 228 10.17 -38.79 28.51
N GLY A 229 9.64 -37.59 28.74
CA GLY A 229 8.77 -36.97 27.76
C GLY A 229 8.31 -35.57 28.09
N MET A 230 7.41 -35.07 27.25
CA MET A 230 6.81 -33.74 27.40
C MET A 230 5.35 -33.79 26.89
N ALA A 231 4.60 -32.69 27.11
CA ALA A 231 3.20 -32.60 26.74
C ALA A 231 2.93 -31.37 25.85
N PHE A 232 1.82 -31.41 25.11
CA PHE A 232 1.33 -30.29 24.32
C PHE A 232 -0.13 -30.14 24.71
N ARG A 233 -0.51 -29.04 25.40
CA ARG A 233 -1.91 -28.83 25.77
C ARG A 233 -2.59 -28.21 24.53
N VAL A 234 -3.73 -28.78 24.11
CA VAL A 234 -4.43 -28.32 22.91
C VAL A 234 -5.90 -27.95 23.24
N PRO A 235 -6.58 -27.11 22.41
CA PRO A 235 -7.95 -26.69 22.76
C PRO A 235 -9.08 -27.72 22.56
N THR A 236 -9.12 -28.78 23.38
CA THR A 236 -10.24 -29.72 23.48
C THR A 236 -10.56 -29.84 24.97
N ALA A 237 -11.83 -29.99 25.31
CA ALA A 237 -12.25 -30.04 26.72
C ALA A 237 -11.87 -31.31 27.45
N ASN A 238 -11.74 -32.44 26.72
CA ASN A 238 -11.42 -33.72 27.36
C ASN A 238 -10.98 -34.76 26.33
N VAL A 239 -10.28 -35.83 26.82
CA VAL A 239 -9.71 -36.96 26.08
C VAL A 239 -8.34 -36.52 25.54
N SER A 240 -7.29 -37.25 25.93
CA SER A 240 -5.91 -37.01 25.58
C SER A 240 -5.31 -38.26 24.90
N VAL A 241 -4.12 -38.12 24.29
CA VAL A 241 -3.47 -39.22 23.60
C VAL A 241 -1.96 -39.24 23.91
N VAL A 242 -1.42 -40.44 24.14
CA VAL A 242 0.00 -40.67 24.40
C VAL A 242 0.62 -41.21 23.11
N ASP A 243 1.81 -40.70 22.80
CA ASP A 243 2.59 -41.05 21.63
C ASP A 243 3.95 -41.52 22.16
N LEU A 244 4.19 -42.84 22.17
CA LEU A 244 5.45 -43.38 22.67
C LEU A 244 6.36 -43.81 21.52
N THR A 245 7.47 -43.11 21.34
CA THR A 245 8.48 -43.46 20.34
C THR A 245 9.55 -44.22 21.12
N CYS A 246 9.76 -45.49 20.78
CA CYS A 246 10.73 -46.31 21.52
C CYS A 246 11.51 -47.28 20.65
N ARG A 247 12.66 -47.70 21.20
CA ARG A 247 13.56 -48.67 20.62
C ARG A 247 13.38 -49.96 21.39
N LEU A 248 13.19 -51.05 20.66
CA LEU A 248 12.98 -52.36 21.29
C LEU A 248 14.24 -53.23 21.22
N GLU A 249 14.43 -54.09 22.25
CA GLU A 249 15.56 -55.02 22.34
C GLU A 249 15.36 -56.11 21.29
N LYS A 250 14.29 -56.91 21.41
CA LYS A 250 13.97 -57.95 20.45
C LYS A 250 13.31 -57.30 19.24
N PRO A 251 13.46 -57.87 18.04
CA PRO A 251 12.72 -57.33 16.89
C PRO A 251 11.23 -57.55 17.07
N ALA A 252 10.42 -56.63 16.56
CA ALA A 252 8.99 -56.71 16.69
C ALA A 252 8.32 -56.18 15.46
N LYS A 253 7.69 -57.04 14.66
CA LYS A 253 6.90 -56.58 13.52
C LYS A 253 5.67 -55.88 14.10
N TYR A 254 5.09 -54.91 13.37
CA TYR A 254 3.95 -54.18 13.92
C TYR A 254 2.75 -55.12 14.23
N ASP A 255 2.54 -56.17 13.41
CA ASP A 255 1.46 -57.13 13.71
C ASP A 255 1.72 -57.95 14.96
N ASP A 256 3.00 -58.13 15.34
CA ASP A 256 3.36 -58.81 16.59
C ASP A 256 3.08 -57.90 17.78
N ILE A 257 3.32 -56.58 17.62
CA ILE A 257 3.00 -55.58 18.63
C ILE A 257 1.49 -55.57 18.83
N LYS A 258 0.72 -55.53 17.74
CA LYS A 258 -0.73 -55.55 17.80
C LYS A 258 -1.23 -56.81 18.52
N LYS A 259 -0.71 -57.98 18.10
CA LYS A 259 -1.10 -59.29 18.65
C LYS A 259 -0.94 -59.34 20.18
N VAL A 260 0.23 -58.92 20.70
CA VAL A 260 0.48 -58.99 22.14
C VAL A 260 -0.33 -57.97 22.94
N VAL A 261 -0.64 -56.79 22.34
CA VAL A 261 -1.48 -55.78 23.00
C VAL A 261 -2.93 -56.27 23.07
N LYS A 262 -3.44 -56.82 21.95
CA LYS A 262 -4.80 -57.37 21.88
C LYS A 262 -4.99 -58.45 22.93
N GLN A 263 -3.99 -59.34 23.09
CA GLN A 263 -4.04 -60.40 24.09
C GLN A 263 -4.13 -59.84 25.52
N ALA A 264 -3.32 -58.82 25.85
CA ALA A 264 -3.31 -58.23 27.18
C ALA A 264 -4.62 -57.52 27.50
N SER A 265 -5.22 -56.85 26.49
CA SER A 265 -6.50 -56.15 26.67
C SER A 265 -7.65 -57.13 26.91
N GLU A 266 -7.57 -58.34 26.31
CA GLU A 266 -8.59 -59.38 26.47
C GLU A 266 -8.37 -60.23 27.74
N GLY A 267 -7.14 -60.27 28.26
CA GLY A 267 -6.81 -61.06 29.43
C GLY A 267 -6.56 -60.28 30.70
N PRO A 268 -5.31 -60.21 31.17
CA PRO A 268 -5.03 -59.57 32.48
C PRO A 268 -5.33 -58.08 32.61
N LEU A 269 -5.15 -57.30 31.53
CA LEU A 269 -5.41 -55.86 31.60
C LEU A 269 -6.78 -55.51 31.03
N LYS A 270 -7.77 -56.41 31.16
CA LYS A 270 -9.11 -56.12 30.66
C LYS A 270 -9.71 -54.96 31.47
N GLY A 271 -10.21 -53.93 30.77
CA GLY A 271 -10.76 -52.77 31.43
C GLY A 271 -9.75 -51.70 31.79
N ILE A 272 -8.43 -52.05 31.81
CA ILE A 272 -7.36 -51.11 32.10
C ILE A 272 -6.78 -50.72 30.73
N LEU A 273 -6.24 -51.70 29.99
CA LEU A 273 -5.70 -51.48 28.68
C LEU A 273 -6.72 -51.98 27.68
N GLY A 274 -7.08 -51.11 26.73
CA GLY A 274 -7.98 -51.41 25.63
C GLY A 274 -7.20 -51.54 24.33
N TYR A 275 -7.87 -52.04 23.30
CA TYR A 275 -7.26 -52.23 21.98
C TYR A 275 -8.33 -51.99 20.92
N THR A 276 -7.98 -51.25 19.86
CA THR A 276 -8.90 -50.99 18.76
C THR A 276 -8.14 -50.90 17.45
N GLU A 277 -8.81 -51.33 16.40
CA GLU A 277 -8.38 -51.21 15.01
C GLU A 277 -9.34 -50.23 14.23
N HIS A 278 -10.37 -49.66 14.90
CA HIS A 278 -11.33 -48.75 14.26
C HIS A 278 -10.71 -47.40 13.96
N GLN A 279 -11.34 -46.66 13.06
CA GLN A 279 -10.92 -45.34 12.62
C GLN A 279 -11.36 -44.26 13.66
N VAL A 280 -10.88 -44.42 14.90
CA VAL A 280 -11.26 -43.57 16.04
C VAL A 280 -10.62 -42.18 16.08
N VAL A 281 -11.33 -41.23 16.73
CA VAL A 281 -10.89 -39.87 17.01
C VAL A 281 -11.09 -39.63 18.54
N SER A 282 -10.60 -38.50 19.10
CA SER A 282 -10.66 -38.31 20.55
C SER A 282 -12.05 -38.43 21.17
N SER A 283 -13.07 -37.83 20.57
CA SER A 283 -14.42 -37.87 21.14
C SER A 283 -14.98 -39.29 21.30
N ASP A 284 -14.43 -40.27 20.58
CA ASP A 284 -14.87 -41.65 20.71
C ASP A 284 -14.50 -42.26 22.07
N PHE A 285 -13.59 -41.63 22.84
CA PHE A 285 -13.19 -42.12 24.17
C PHE A 285 -13.76 -41.26 25.29
N ASN A 286 -14.74 -40.39 25.02
CA ASN A 286 -15.33 -39.57 26.07
C ASN A 286 -16.17 -40.49 26.93
N SER A 287 -15.92 -40.45 28.26
CA SER A 287 -16.53 -41.28 29.29
C SER A 287 -16.08 -42.75 29.24
N ASP A 288 -15.02 -43.09 28.45
CA ASP A 288 -14.45 -44.44 28.38
C ASP A 288 -13.58 -44.60 29.63
N THR A 289 -13.86 -45.64 30.45
CA THR A 289 -13.20 -45.85 31.74
C THR A 289 -11.85 -46.56 31.67
N HIS A 290 -11.38 -46.95 30.45
CA HIS A 290 -10.05 -47.56 30.33
C HIS A 290 -8.96 -46.58 30.72
N SER A 291 -7.86 -47.08 31.29
CA SER A 291 -6.70 -46.25 31.59
C SER A 291 -5.99 -45.86 30.29
N SER A 292 -5.96 -46.75 29.30
CA SER A 292 -5.32 -46.49 28.02
C SER A 292 -5.90 -47.41 26.95
N THR A 293 -6.08 -46.92 25.71
CA THR A 293 -6.60 -47.75 24.61
C THR A 293 -5.65 -47.66 23.43
N PHE A 294 -4.95 -48.74 23.12
CA PHE A 294 -4.01 -48.79 22.00
C PHE A 294 -4.73 -48.61 20.65
N ASP A 295 -4.31 -47.60 19.89
CA ASP A 295 -4.85 -47.30 18.57
C ASP A 295 -3.92 -47.99 17.53
N ALA A 296 -4.33 -49.17 17.03
CA ALA A 296 -3.50 -49.94 16.11
C ALA A 296 -3.24 -49.18 14.79
N GLY A 297 -4.27 -48.63 14.17
CA GLY A 297 -4.13 -47.91 12.91
C GLY A 297 -3.36 -46.60 12.95
N ALA A 298 -3.27 -45.94 14.13
CA ALA A 298 -2.59 -44.65 14.26
C ALA A 298 -1.08 -44.73 14.40
N GLY A 299 -0.57 -45.82 14.98
CA GLY A 299 0.86 -46.01 15.16
C GLY A 299 1.62 -46.30 13.88
N ILE A 300 2.96 -46.16 13.95
CA ILE A 300 3.82 -46.37 12.78
C ILE A 300 5.19 -46.88 13.19
N ALA A 301 5.70 -47.86 12.42
CA ALA A 301 7.01 -48.45 12.65
C ALA A 301 8.00 -48.00 11.57
N LEU A 302 9.21 -47.60 11.96
CA LEU A 302 10.24 -47.22 11.00
C LEU A 302 10.92 -48.53 10.57
N ASN A 303 11.32 -49.33 11.57
CA ASN A 303 11.94 -50.65 11.40
C ASN A 303 11.50 -51.57 12.58
N ASP A 304 11.98 -52.82 12.61
CA ASP A 304 11.59 -53.78 13.65
C ASP A 304 12.00 -53.38 15.07
N HIS A 305 12.91 -52.41 15.22
CA HIS A 305 13.35 -52.00 16.54
C HIS A 305 13.03 -50.55 16.86
N PHE A 306 12.28 -49.82 15.99
CA PHE A 306 11.97 -48.42 16.24
C PHE A 306 10.52 -48.10 15.84
N VAL A 307 9.65 -47.93 16.86
CA VAL A 307 8.23 -47.71 16.65
C VAL A 307 7.65 -46.51 17.42
N LYS A 308 6.51 -46.01 16.91
CA LYS A 308 5.70 -44.95 17.51
C LYS A 308 4.35 -45.62 17.82
N LEU A 309 4.01 -45.74 19.11
CA LEU A 309 2.77 -46.37 19.53
C LEU A 309 1.83 -45.34 20.13
N ILE A 310 0.59 -45.29 19.60
CA ILE A 310 -0.45 -44.33 19.99
C ILE A 310 -1.48 -44.98 20.92
N SER A 311 -1.86 -44.29 22.00
CA SER A 311 -2.82 -44.81 22.96
C SER A 311 -3.69 -43.68 23.56
N TRP A 312 -5.02 -43.83 23.47
CA TRP A 312 -5.98 -42.82 23.95
C TRP A 312 -6.35 -43.01 25.41
N TYR A 313 -6.70 -41.90 26.07
CA TYR A 313 -7.16 -41.97 27.45
C TYR A 313 -8.07 -40.82 27.79
N ASP A 314 -9.17 -41.13 28.48
CA ASP A 314 -10.07 -40.12 28.99
C ASP A 314 -9.36 -39.67 30.27
N ASN A 315 -8.60 -38.58 30.18
CA ASN A 315 -7.85 -38.06 31.32
C ASN A 315 -8.71 -37.82 32.59
N GLU A 316 -10.03 -37.74 32.43
CA GLU A 316 -10.95 -37.52 33.53
C GLU A 316 -11.54 -38.85 34.07
N PHE A 317 -12.27 -39.63 33.22
CA PHE A 317 -12.94 -40.86 33.63
C PHE A 317 -12.02 -42.02 33.89
N GLY A 318 -11.05 -42.25 33.02
CA GLY A 318 -10.13 -43.36 33.17
C GLY A 318 -9.42 -43.36 34.52
N TYR A 319 -8.88 -42.20 34.87
CA TYR A 319 -8.16 -41.99 36.11
C TYR A 319 -9.01 -42.12 37.37
N SER A 320 -10.18 -41.41 37.47
CA SER A 320 -11.03 -41.50 38.67
C SER A 320 -11.52 -42.90 38.90
N ASN A 321 -11.76 -43.67 37.81
CA ASN A 321 -12.16 -45.06 37.98
C ASN A 321 -10.99 -45.87 38.57
N ARG A 322 -9.75 -45.58 38.18
CA ARG A 322 -8.60 -46.26 38.77
C ARG A 322 -8.42 -45.91 40.25
N VAL A 323 -8.73 -44.67 40.68
CA VAL A 323 -8.67 -44.31 42.11
C VAL A 323 -9.63 -45.22 42.91
N VAL A 324 -10.84 -45.44 42.36
CA VAL A 324 -11.86 -46.31 42.94
C VAL A 324 -11.39 -47.78 42.94
N ASP A 325 -10.81 -48.26 41.83
CA ASP A 325 -10.32 -49.64 41.71
C ASP A 325 -9.18 -49.89 42.69
N LEU A 326 -8.28 -48.91 42.87
CA LEU A 326 -7.16 -49.02 43.79
C LEU A 326 -7.69 -49.19 45.22
N MET A 327 -8.65 -48.38 45.65
CA MET A 327 -9.21 -48.49 46.99
C MET A 327 -9.96 -49.80 47.17
N ALA A 328 -10.67 -50.27 46.12
CA ALA A 328 -11.36 -51.56 46.19
C ALA A 328 -10.32 -52.68 46.38
N HIS A 329 -9.15 -52.57 45.72
CA HIS A 329 -8.07 -53.54 45.89
C HIS A 329 -7.49 -53.46 47.31
N MET A 330 -7.26 -52.25 47.83
CA MET A 330 -6.75 -52.06 49.18
C MET A 330 -7.69 -52.67 50.20
N ALA A 331 -9.00 -52.53 49.99
CA ALA A 331 -9.99 -53.08 50.90
C ALA A 331 -9.93 -54.61 50.91
N SER A 332 -9.72 -55.23 49.74
CA SER A 332 -9.65 -56.68 49.64
C SER A 332 -8.43 -57.24 50.39
N LYS A 333 -7.31 -56.49 50.45
CA LYS A 333 -6.13 -56.92 51.19
C LYS A 333 -6.27 -56.72 52.70
N GLU A 334 -7.22 -55.89 53.18
CA GLU A 334 -7.41 -55.65 54.62
C GLU A 334 -7.67 -56.97 55.42
N GLY B 1 33.50 45.56 -55.75
CA GLY B 1 32.76 46.07 -54.60
C GLY B 1 32.10 44.98 -53.75
N LYS B 2 31.19 45.39 -52.81
CA LYS B 2 30.48 44.43 -51.95
C LYS B 2 29.64 43.52 -52.84
N VAL B 3 29.69 42.22 -52.55
CA VAL B 3 29.02 41.21 -53.35
C VAL B 3 27.52 41.20 -53.07
N LYS B 4 26.75 41.12 -54.15
CA LYS B 4 25.30 41.08 -54.10
C LYS B 4 24.93 39.61 -53.95
N VAL B 5 24.22 39.29 -52.87
CA VAL B 5 23.86 37.93 -52.48
C VAL B 5 22.35 37.67 -52.52
N GLY B 6 22.01 36.45 -52.90
CA GLY B 6 20.65 35.93 -52.87
C GLY B 6 20.58 34.83 -51.83
N VAL B 7 19.48 34.73 -51.07
CA VAL B 7 19.34 33.70 -50.04
C VAL B 7 18.16 32.79 -50.38
N ASN B 8 18.42 31.48 -50.53
CA ASN B 8 17.36 30.54 -50.82
C ASN B 8 16.93 29.89 -49.51
N GLY B 9 15.70 30.16 -49.12
CA GLY B 9 15.11 29.67 -47.88
C GLY B 9 15.17 30.69 -46.77
N PHE B 10 14.01 31.15 -46.25
CA PHE B 10 14.00 32.10 -45.14
C PHE B 10 13.69 31.38 -43.81
N GLY B 11 14.34 30.23 -43.64
CA GLY B 11 14.28 29.47 -42.40
C GLY B 11 15.28 30.03 -41.41
N ARG B 12 15.51 29.32 -40.32
CA ARG B 12 16.40 29.77 -39.25
C ARG B 12 17.81 30.16 -39.77
N ILE B 13 18.44 29.34 -40.65
CA ILE B 13 19.76 29.69 -41.21
C ILE B 13 19.63 30.89 -42.16
N GLY B 14 18.67 30.84 -43.09
CA GLY B 14 18.47 31.91 -44.07
C GLY B 14 18.27 33.28 -43.44
N ARG B 15 17.44 33.36 -42.38
CA ARG B 15 17.18 34.62 -41.69
C ARG B 15 18.41 35.13 -40.95
N LEU B 16 19.17 34.22 -40.27
CA LEU B 16 20.36 34.60 -39.52
C LEU B 16 21.52 34.95 -40.43
N VAL B 17 21.61 34.35 -41.64
CA VAL B 17 22.63 34.73 -42.61
C VAL B 17 22.26 36.15 -43.10
N THR B 18 20.97 36.41 -43.38
CA THR B 18 20.50 37.74 -43.79
C THR B 18 20.81 38.76 -42.70
N ARG B 19 20.56 38.41 -41.43
CA ARG B 19 20.83 39.28 -40.30
C ARG B 19 22.32 39.56 -40.17
N ALA B 20 23.17 38.52 -40.30
CA ALA B 20 24.62 38.68 -40.25
C ALA B 20 25.11 39.58 -41.38
N ALA B 21 24.50 39.44 -42.58
CA ALA B 21 24.88 40.25 -43.74
C ALA B 21 24.65 41.75 -43.50
N PHE B 22 23.55 42.13 -42.82
CA PHE B 22 23.26 43.54 -42.51
C PHE B 22 24.03 43.99 -41.27
N ASN B 23 24.12 43.16 -40.23
CA ASN B 23 24.84 43.50 -39.02
C ASN B 23 26.33 43.76 -39.30
N SER B 24 26.97 42.88 -40.07
CA SER B 24 28.39 42.99 -40.41
C SER B 24 28.65 43.93 -41.58
N GLY B 25 27.72 44.00 -42.51
CA GLY B 25 27.87 44.84 -43.70
C GLY B 25 28.91 44.33 -44.69
N LYS B 26 29.30 43.05 -44.62
CA LYS B 26 30.32 42.49 -45.50
C LYS B 26 29.81 42.14 -46.89
N VAL B 27 28.51 41.87 -47.03
CA VAL B 27 27.87 41.54 -48.30
C VAL B 27 26.51 42.24 -48.36
N ASP B 28 25.93 42.34 -49.56
CA ASP B 28 24.63 43.00 -49.78
C ASP B 28 23.55 42.00 -50.17
N ILE B 29 22.55 41.73 -49.30
CA ILE B 29 21.46 40.84 -49.69
C ILE B 29 20.57 41.63 -50.66
N VAL B 30 20.31 41.07 -51.85
CA VAL B 30 19.49 41.71 -52.87
C VAL B 30 18.23 40.89 -53.23
N ALA B 31 18.18 39.59 -52.87
CA ALA B 31 17.03 38.74 -53.16
C ALA B 31 16.89 37.62 -52.14
N ILE B 32 15.65 37.20 -51.87
CA ILE B 32 15.36 36.09 -50.97
C ILE B 32 14.29 35.26 -51.64
N ASN B 33 14.40 33.93 -51.56
CA ASN B 33 13.38 33.05 -52.12
C ASN B 33 12.85 32.11 -51.04
N ASP B 34 11.55 32.09 -50.82
CA ASP B 34 10.93 31.11 -49.93
C ASP B 34 9.53 30.88 -50.45
N PRO B 35 9.20 29.69 -51.00
CA PRO B 35 7.85 29.49 -51.56
C PRO B 35 6.71 29.44 -50.55
N PHE B 36 7.01 29.38 -49.24
CA PHE B 36 6.00 29.22 -48.20
C PHE B 36 5.74 30.45 -47.34
N ILE B 37 6.77 31.25 -47.07
CA ILE B 37 6.63 32.44 -46.23
C ILE B 37 6.35 33.64 -47.16
N ASP B 38 5.21 34.32 -46.96
CA ASP B 38 4.87 35.51 -47.76
C ASP B 38 5.62 36.75 -47.24
N LEU B 39 5.61 37.86 -48.01
CA LEU B 39 6.36 39.06 -47.65
C LEU B 39 6.02 39.60 -46.27
N ASN B 40 4.73 39.66 -45.92
CA ASN B 40 4.34 40.17 -44.61
C ASN B 40 4.87 39.30 -43.49
N TYR B 41 4.84 37.96 -43.67
CA TYR B 41 5.35 37.07 -42.63
C TYR B 41 6.87 37.21 -42.51
N MET B 42 7.58 37.38 -43.65
CA MET B 42 9.04 37.59 -43.66
C MET B 42 9.45 38.80 -42.83
N VAL B 43 8.66 39.88 -42.85
CA VAL B 43 8.97 41.08 -42.06
C VAL B 43 8.93 40.72 -40.57
N TYR B 44 7.86 40.02 -40.16
CA TYR B 44 7.68 39.58 -38.77
C TYR B 44 8.80 38.63 -38.30
N MET B 45 9.13 37.62 -39.10
CA MET B 45 10.13 36.64 -38.76
C MET B 45 11.52 37.25 -38.68
N PHE B 46 11.84 38.23 -39.51
CA PHE B 46 13.15 38.87 -39.46
C PHE B 46 13.26 39.87 -38.29
N GLN B 47 12.20 40.64 -38.05
CA GLN B 47 12.18 41.66 -37.03
C GLN B 47 12.26 41.11 -35.61
N TYR B 48 11.47 40.09 -35.29
CA TYR B 48 11.41 39.54 -33.94
C TYR B 48 12.12 38.22 -33.86
N ASP B 49 12.98 38.04 -32.86
CA ASP B 49 13.70 36.79 -32.67
C ASP B 49 13.68 36.43 -31.20
N SER B 50 13.18 35.25 -30.83
CA SER B 50 13.10 34.84 -29.42
C SER B 50 14.52 34.72 -28.82
N THR B 51 15.48 34.20 -29.58
CA THR B 51 16.85 33.97 -29.11
C THR B 51 17.75 35.22 -29.11
N HIS B 52 17.78 35.97 -30.22
CA HIS B 52 18.68 37.10 -30.40
C HIS B 52 18.04 38.47 -30.26
N GLY B 53 16.75 38.53 -29.97
CA GLY B 53 16.04 39.79 -29.79
C GLY B 53 15.63 40.48 -31.08
N LYS B 54 14.91 41.62 -30.97
CA LYS B 54 14.46 42.40 -32.14
C LYS B 54 15.67 42.83 -32.99
N PHE B 55 15.48 42.97 -34.30
CA PHE B 55 16.53 43.36 -35.25
C PHE B 55 16.97 44.76 -34.96
N HIS B 56 18.31 45.04 -34.88
CA HIS B 56 18.77 46.40 -34.60
CA HIS B 56 18.76 46.41 -34.62
C HIS B 56 18.81 47.21 -35.92
N GLY B 57 17.67 47.73 -36.33
CA GLY B 57 17.50 48.47 -37.58
C GLY B 57 16.05 48.56 -37.97
N THR B 58 15.77 48.77 -39.28
CA THR B 58 14.38 48.87 -39.76
C THR B 58 14.06 47.76 -40.73
N VAL B 59 12.83 47.24 -40.66
CA VAL B 59 12.42 46.21 -41.60
C VAL B 59 10.94 46.46 -41.92
N LYS B 60 10.62 46.50 -43.21
CA LYS B 60 9.25 46.76 -43.64
C LYS B 60 9.00 46.26 -45.05
N ALA B 61 7.74 45.95 -45.35
CA ALA B 61 7.31 45.52 -46.66
C ALA B 61 6.92 46.81 -47.40
N GLU B 62 7.48 47.03 -48.61
CA GLU B 62 7.20 48.24 -49.37
C GLU B 62 7.32 47.96 -50.84
N ASN B 63 6.20 48.09 -51.59
CA ASN B 63 6.15 47.83 -53.04
C ASN B 63 6.52 46.38 -53.39
N GLY B 64 6.05 45.43 -52.58
CA GLY B 64 6.35 44.02 -52.82
C GLY B 64 7.79 43.61 -52.56
N LYS B 65 8.55 44.44 -51.84
CA LYS B 65 9.93 44.14 -51.50
C LYS B 65 10.15 44.21 -50.00
N LEU B 66 11.15 43.46 -49.52
CA LEU B 66 11.48 43.46 -48.10
C LEU B 66 12.57 44.51 -47.96
N VAL B 67 12.28 45.57 -47.22
CA VAL B 67 13.22 46.67 -47.06
C VAL B 67 13.89 46.61 -45.68
N ILE B 68 15.18 46.23 -45.64
CA ILE B 68 15.91 46.17 -44.38
C ILE B 68 16.91 47.30 -44.37
N ASN B 69 16.76 48.29 -43.47
CA ASN B 69 17.67 49.43 -43.40
C ASN B 69 17.70 50.20 -44.72
N GLY B 70 16.52 50.41 -45.32
CA GLY B 70 16.39 51.11 -46.58
C GLY B 70 16.82 50.33 -47.81
N ASN B 71 17.31 49.11 -47.65
CA ASN B 71 17.76 48.30 -48.78
C ASN B 71 16.61 47.43 -49.30
N PRO B 72 16.11 47.66 -50.55
CA PRO B 72 15.02 46.82 -51.07
C PRO B 72 15.51 45.47 -51.57
N ILE B 73 14.89 44.38 -51.08
CA ILE B 73 15.24 43.01 -51.43
C ILE B 73 14.10 42.40 -52.25
N THR B 74 14.44 41.82 -53.40
CA THR B 74 13.45 41.18 -54.27
C THR B 74 13.02 39.85 -53.67
N ILE B 75 11.71 39.59 -53.57
CA ILE B 75 11.21 38.34 -53.01
C ILE B 75 10.68 37.42 -54.11
N PHE B 76 11.11 36.15 -54.08
CA PHE B 76 10.67 35.10 -55.00
C PHE B 76 9.94 34.01 -54.20
N GLN B 77 8.97 33.32 -54.84
CA GLN B 77 8.19 32.26 -54.19
C GLN B 77 8.29 30.95 -55.01
N GLU B 78 9.49 30.57 -55.45
CA GLU B 78 9.70 29.36 -56.27
C GLU B 78 9.99 28.10 -55.48
N ARG B 79 9.38 26.99 -55.91
CA ARG B 79 9.61 25.67 -55.32
C ARG B 79 10.80 25.01 -56.05
N ASP B 80 10.95 25.23 -57.38
CA ASP B 80 12.06 24.67 -58.15
C ASP B 80 13.22 25.67 -58.15
N PRO B 81 14.40 25.37 -57.54
CA PRO B 81 15.49 26.36 -57.56
C PRO B 81 16.00 26.76 -58.95
N SER B 82 15.86 25.92 -60.00
CA SER B 82 16.28 26.30 -61.36
C SER B 82 15.40 27.41 -61.97
N LYS B 83 14.18 27.61 -61.42
CA LYS B 83 13.24 28.63 -61.89
C LYS B 83 13.43 29.99 -61.19
N ILE B 84 14.37 30.13 -60.21
CA ILE B 84 14.56 31.41 -59.54
C ILE B 84 15.37 32.33 -60.44
N LYS B 85 14.86 33.57 -60.71
CA LYS B 85 15.51 34.55 -61.58
C LYS B 85 16.56 35.32 -60.79
N TRP B 86 17.59 34.61 -60.32
CA TRP B 86 18.66 35.24 -59.55
C TRP B 86 19.34 36.33 -60.39
N GLY B 87 19.60 36.02 -61.67
CA GLY B 87 20.17 36.94 -62.64
C GLY B 87 19.46 38.29 -62.76
N ASP B 88 18.11 38.31 -62.96
CA ASP B 88 17.35 39.56 -63.09
C ASP B 88 17.48 40.40 -61.84
N ALA B 89 17.38 39.78 -60.65
CA ALA B 89 17.51 40.49 -59.39
C ALA B 89 18.94 40.89 -59.02
N GLY B 90 19.92 40.62 -59.87
CA GLY B 90 21.33 40.98 -59.63
C GLY B 90 22.10 40.23 -58.56
N ALA B 91 21.63 39.02 -58.13
CA ALA B 91 22.31 38.17 -57.14
C ALA B 91 23.51 37.41 -57.79
N GLU B 92 24.74 37.76 -57.37
CA GLU B 92 25.98 37.16 -57.86
C GLU B 92 26.23 35.80 -57.19
N TYR B 93 26.03 35.72 -55.86
CA TYR B 93 26.17 34.49 -55.08
C TYR B 93 24.83 34.12 -54.45
N VAL B 94 24.57 32.83 -54.33
CA VAL B 94 23.33 32.36 -53.71
C VAL B 94 23.68 31.45 -52.54
N VAL B 95 23.11 31.75 -51.35
CA VAL B 95 23.30 30.94 -50.15
C VAL B 95 22.17 29.92 -50.20
N GLU B 96 22.51 28.64 -50.35
CA GLU B 96 21.52 27.58 -50.39
C GLU B 96 21.30 27.09 -48.95
N SER B 97 20.27 27.63 -48.28
CA SER B 97 20.02 27.33 -46.87
C SER B 97 18.83 26.41 -46.57
N THR B 98 18.12 25.87 -47.60
CA THR B 98 16.94 25.02 -47.34
C THR B 98 17.30 23.65 -46.77
N GLY B 99 18.54 23.20 -46.95
CA GLY B 99 18.97 21.90 -46.45
C GLY B 99 18.56 20.74 -47.33
N VAL B 100 17.73 20.98 -48.36
CA VAL B 100 17.27 19.91 -49.24
C VAL B 100 17.99 19.88 -50.60
N PHE B 101 18.96 20.78 -50.86
CA PHE B 101 19.71 20.81 -52.12
C PHE B 101 21.21 20.90 -51.76
N THR B 102 21.73 19.90 -51.03
CA THR B 102 23.13 19.92 -50.61
C THR B 102 24.11 19.25 -51.59
N THR B 103 23.66 18.44 -52.57
CA THR B 103 24.59 17.86 -53.55
C THR B 103 24.89 18.92 -54.60
N MET B 104 26.04 18.84 -55.28
CA MET B 104 26.38 19.83 -56.31
C MET B 104 25.41 19.83 -57.46
N GLU B 105 24.79 18.68 -57.77
CA GLU B 105 23.81 18.61 -58.83
C GLU B 105 22.57 19.39 -58.42
N LYS B 106 22.10 19.22 -57.17
CA LYS B 106 20.93 19.93 -56.67
C LYS B 106 21.20 21.43 -56.44
N ALA B 107 22.33 21.77 -55.79
CA ALA B 107 22.71 23.16 -55.55
C ALA B 107 23.05 23.91 -56.86
N GLY B 108 23.52 23.20 -57.89
CA GLY B 108 23.84 23.78 -59.18
C GLY B 108 22.66 24.37 -59.92
N ALA B 109 21.41 24.01 -59.52
CA ALA B 109 20.20 24.54 -60.15
C ALA B 109 20.17 26.07 -60.13
N HIS B 110 20.71 26.68 -59.08
CA HIS B 110 20.77 28.14 -58.93
C HIS B 110 21.60 28.82 -60.02
N LEU B 111 22.56 28.12 -60.60
CA LEU B 111 23.35 28.68 -61.68
C LEU B 111 22.48 28.84 -62.96
N GLN B 112 21.41 28.04 -63.13
CA GLN B 112 20.50 28.18 -64.26
C GLN B 112 19.69 29.47 -64.19
N GLY B 113 19.42 29.97 -63.00
CA GLY B 113 18.70 31.21 -62.82
C GLY B 113 19.53 32.47 -63.04
N GLY B 114 20.85 32.34 -63.06
CA GLY B 114 21.74 33.47 -63.27
C GLY B 114 22.81 33.67 -62.22
N ALA B 115 22.79 32.87 -61.14
CA ALA B 115 23.80 33.00 -60.09
C ALA B 115 25.16 32.54 -60.63
N LYS B 116 26.24 33.11 -60.11
CA LYS B 116 27.59 32.79 -60.54
C LYS B 116 28.22 31.75 -59.61
N ARG B 117 27.94 31.84 -58.31
CA ARG B 117 28.46 30.90 -57.31
C ARG B 117 27.37 30.54 -56.30
N VAL B 118 27.43 29.32 -55.74
CA VAL B 118 26.47 28.83 -54.75
C VAL B 118 27.22 28.35 -53.48
N ILE B 119 26.85 28.88 -52.32
CA ILE B 119 27.45 28.50 -51.05
C ILE B 119 26.38 27.72 -50.31
N ILE B 120 26.58 26.41 -50.09
CA ILE B 120 25.65 25.57 -49.35
C ILE B 120 25.91 25.80 -47.85
N SER B 121 24.91 26.33 -47.10
CA SER B 121 25.07 26.60 -45.67
C SER B 121 24.76 25.31 -44.86
N ALA B 122 25.44 24.22 -45.24
CA ALA B 122 25.28 22.89 -44.66
C ALA B 122 26.32 21.94 -45.23
N PRO B 123 26.57 20.76 -44.61
CA PRO B 123 27.52 19.81 -45.21
C PRO B 123 26.98 19.23 -46.52
N SER B 124 27.87 18.95 -47.45
CA SER B 124 27.53 18.39 -48.75
C SER B 124 28.27 17.06 -48.94
N ALA B 125 27.63 16.11 -49.62
CA ALA B 125 28.27 14.83 -49.88
C ALA B 125 29.43 14.94 -50.87
N ASP B 126 29.32 15.84 -51.86
CA ASP B 126 30.33 15.97 -52.93
C ASP B 126 30.96 17.37 -53.11
N ALA B 127 30.32 18.47 -52.66
CA ALA B 127 30.89 19.80 -52.87
C ALA B 127 32.14 20.04 -51.99
N PRO B 128 33.13 20.84 -52.45
CA PRO B 128 34.29 21.11 -51.59
C PRO B 128 33.87 21.87 -50.33
N MET B 129 34.26 21.38 -49.13
CA MET B 129 33.90 22.03 -47.88
C MET B 129 35.00 22.93 -47.39
N PHE B 130 34.60 24.08 -46.78
CA PHE B 130 35.51 25.08 -46.23
C PHE B 130 35.14 25.45 -44.81
N VAL B 131 36.16 25.80 -44.02
CA VAL B 131 36.02 26.31 -42.67
C VAL B 131 36.93 27.51 -42.61
N MET B 132 36.37 28.71 -42.35
CA MET B 132 37.16 29.93 -42.28
C MET B 132 38.20 29.82 -41.17
N GLY B 133 39.43 30.19 -41.50
CA GLY B 133 40.56 30.09 -40.58
C GLY B 133 41.30 28.77 -40.67
N VAL B 134 40.72 27.75 -41.33
CA VAL B 134 41.35 26.45 -41.40
C VAL B 134 41.82 26.13 -42.83
N ASN B 135 40.93 26.18 -43.83
CA ASN B 135 41.31 25.85 -45.21
C ASN B 135 40.67 26.79 -46.27
N HIS B 136 40.19 27.98 -45.87
CA HIS B 136 39.58 28.89 -46.85
C HIS B 136 40.59 29.37 -47.89
N GLU B 137 41.91 29.38 -47.56
CA GLU B 137 42.92 29.77 -48.54
C GLU B 137 42.97 28.76 -49.71
N LYS B 138 42.52 27.51 -49.52
CA LYS B 138 42.46 26.53 -50.60
C LYS B 138 41.29 26.81 -51.61
N TYR B 139 40.45 27.83 -51.34
CA TYR B 139 39.38 28.19 -52.27
C TYR B 139 40.01 28.92 -53.47
N ASP B 140 39.53 28.61 -54.69
CA ASP B 140 39.97 29.29 -55.90
C ASP B 140 38.76 29.55 -56.82
N ASN B 141 38.92 30.50 -57.76
CA ASN B 141 37.85 30.96 -58.66
C ASN B 141 37.21 29.89 -59.56
N SER B 142 37.84 28.72 -59.73
CA SER B 142 37.24 27.64 -60.53
C SER B 142 36.01 27.03 -59.82
N LEU B 143 35.94 27.13 -58.46
CA LEU B 143 34.90 26.55 -57.62
C LEU B 143 33.62 27.38 -57.68
N LYS B 144 32.61 26.87 -58.41
CA LYS B 144 31.32 27.52 -58.60
C LYS B 144 30.31 27.10 -57.52
N ILE B 145 30.46 25.90 -56.91
CA ILE B 145 29.56 25.40 -55.87
C ILE B 145 30.41 24.88 -54.71
N ILE B 146 30.29 25.47 -53.51
CA ILE B 146 31.06 25.06 -52.33
C ILE B 146 30.15 24.90 -51.12
N SER B 147 30.66 24.27 -50.06
CA SER B 147 29.92 24.05 -48.84
C SER B 147 30.65 24.66 -47.64
N ASN B 148 29.92 25.28 -46.69
CA ASN B 148 30.55 25.85 -45.49
C ASN B 148 30.57 24.84 -44.34
N ALA B 149 30.36 23.52 -44.61
CA ALA B 149 30.32 22.45 -43.60
C ALA B 149 29.14 22.77 -42.56
N SER B 150 29.12 22.24 -41.31
CA SER B 150 28.07 22.48 -40.31
C SER B 150 28.56 23.44 -39.25
N CSU B 151 27.71 23.76 -38.27
N CSU B 151 27.71 23.76 -38.27
CA CSU B 151 28.08 24.63 -37.14
CA CSU B 151 28.08 24.63 -37.14
CB CSU B 151 26.90 25.08 -36.29
CB CSU B 151 26.90 25.13 -36.29
SG CSU B 151 25.85 23.75 -35.60
SG CSU B 151 25.43 24.05 -36.23
S CSU B 151 23.90 24.36 -37.70
C CSU B 151 29.13 23.93 -36.25
C CSU B 151 29.12 23.92 -36.23
O CSU B 151 30.13 24.54 -35.85
O CSU B 151 30.08 24.55 -35.80
OD1 CSU B 151 24.45 23.99 -38.94
OD2 CSU B 151 23.77 25.91 -37.75
OD3 CSU B 151 22.72 23.81 -37.14
H CSU B 151 26.75 23.44 -38.22
HA CSU B 151 28.51 25.53 -37.56
HA CSU B 151 28.54 25.52 -37.57
HB2 CSU B 151 26.19 25.65 -36.89
HB2 CSU B 151 26.47 26.03 -36.72
HB3 CSU B 151 27.19 25.72 -35.47
HB3 CSU B 151 27.18 25.36 -35.27
N THR B 152 28.92 22.61 -35.98
CA THR B 152 29.81 21.80 -35.16
C THR B 152 31.18 21.67 -35.74
N THR B 153 31.30 21.56 -37.08
CA THR B 153 32.62 21.47 -37.69
C THR B 153 33.33 22.81 -37.61
N ASN B 154 32.62 23.92 -37.75
CA ASN B 154 33.24 25.23 -37.63
C ASN B 154 33.73 25.49 -36.21
N CYS B 155 33.17 24.80 -35.17
CA CYS B 155 33.67 24.90 -33.78
C CYS B 155 34.88 24.00 -33.58
N LEU B 156 34.79 22.75 -34.04
CA LEU B 156 35.86 21.79 -33.80
C LEU B 156 37.12 22.04 -34.63
N ALA B 157 37.00 22.27 -35.95
CA ALA B 157 38.17 22.41 -36.83
C ALA B 157 39.19 23.52 -36.42
N PRO B 158 38.80 24.75 -36.01
CA PRO B 158 39.82 25.73 -35.57
C PRO B 158 40.58 25.27 -34.32
N LEU B 159 39.89 24.58 -33.36
CA LEU B 159 40.59 24.08 -32.17
C LEU B 159 41.49 22.91 -32.57
N ALA B 160 40.99 22.00 -33.41
CA ALA B 160 41.77 20.86 -33.90
C ALA B 160 43.00 21.34 -34.65
N LYS B 161 42.88 22.41 -35.48
CA LYS B 161 43.99 22.96 -36.23
C LYS B 161 45.10 23.41 -35.28
N VAL B 162 44.77 24.19 -34.25
CA VAL B 162 45.76 24.68 -33.30
C VAL B 162 46.41 23.53 -32.55
N ILE B 163 45.58 22.59 -32.03
CA ILE B 163 46.11 21.47 -31.24
C ILE B 163 46.99 20.53 -32.09
N HIS B 164 46.59 20.25 -33.33
CA HIS B 164 47.37 19.38 -34.20
C HIS B 164 48.66 20.06 -34.67
N ASP B 165 48.60 21.35 -35.06
CA ASP B 165 49.79 22.08 -35.51
C ASP B 165 50.85 22.17 -34.41
N ASN B 166 50.45 22.24 -33.13
CA ASN B 166 51.41 22.36 -32.06
C ASN B 166 51.85 21.04 -31.43
N PHE B 167 50.91 20.10 -31.22
CA PHE B 167 51.24 18.84 -30.53
C PHE B 167 50.96 17.58 -31.33
N GLY B 168 50.18 17.66 -32.39
CA GLY B 168 49.83 16.50 -33.19
C GLY B 168 48.76 15.66 -32.53
N ILE B 169 47.60 15.53 -33.18
CA ILE B 169 46.51 14.74 -32.65
C ILE B 169 46.71 13.32 -33.18
N VAL B 170 47.04 12.38 -32.31
CA VAL B 170 47.19 10.97 -32.70
C VAL B 170 45.79 10.42 -33.06
N GLU B 171 44.81 10.70 -32.18
CA GLU B 171 43.43 10.27 -32.32
C GLU B 171 42.53 11.07 -31.39
N GLY B 172 41.29 11.30 -31.81
CA GLY B 172 40.35 12.07 -31.00
C GLY B 172 38.92 11.65 -31.21
N LEU B 173 38.14 11.76 -30.13
CA LEU B 173 36.73 11.45 -30.10
C LEU B 173 36.02 12.68 -29.47
N MET B 174 34.94 13.15 -30.14
CA MET B 174 34.18 14.33 -29.78
C MET B 174 32.76 14.03 -29.38
N THR B 175 32.26 14.84 -28.43
CA THR B 175 30.87 14.86 -28.06
C THR B 175 30.47 16.30 -28.12
N THR B 176 29.31 16.59 -28.73
CA THR B 176 28.78 17.95 -28.73
C THR B 176 27.47 17.93 -27.97
N VAL B 177 27.38 18.71 -26.87
CA VAL B 177 26.14 18.86 -26.11
C VAL B 177 25.47 20.02 -26.82
N HIS B 178 24.54 19.71 -27.73
CA HIS B 178 23.91 20.67 -28.64
C HIS B 178 22.55 21.17 -28.17
N ALA B 179 22.25 22.46 -28.47
CA ALA B 179 20.95 23.11 -28.18
C ALA B 179 19.89 22.53 -29.12
N ILE B 180 18.60 22.68 -28.77
CA ILE B 180 17.52 22.16 -29.64
C ILE B 180 17.54 22.89 -31.01
N THR B 181 17.15 22.17 -32.08
CA THR B 181 17.09 22.69 -33.46
C THR B 181 15.65 22.60 -34.02
N ALA B 182 15.41 23.29 -35.12
CA ALA B 182 14.10 23.30 -35.77
C ALA B 182 13.65 21.92 -36.26
N THR B 183 14.58 20.96 -36.43
CA THR B 183 14.24 19.61 -36.88
C THR B 183 13.65 18.72 -35.76
N GLN B 184 13.67 19.20 -34.51
CA GLN B 184 13.14 18.47 -33.37
C GLN B 184 11.65 18.75 -33.18
N LYS B 185 10.99 17.96 -32.31
CA LYS B 185 9.56 18.05 -32.05
C LYS B 185 9.31 18.53 -30.63
N THR B 186 8.27 19.35 -30.41
CA THR B 186 7.95 19.85 -29.07
C THR B 186 7.55 18.71 -28.11
N VAL B 187 6.67 17.80 -28.58
CA VAL B 187 6.24 16.60 -27.86
C VAL B 187 6.55 15.41 -28.77
N ASP B 188 6.54 14.15 -28.20
CA ASP B 188 6.80 12.91 -28.95
C ASP B 188 6.06 12.83 -30.26
N GLY B 189 6.78 13.06 -31.34
CA GLY B 189 6.24 13.07 -32.68
C GLY B 189 6.99 12.16 -33.61
N PRO B 190 6.55 12.14 -34.89
CA PRO B 190 7.18 11.26 -35.88
C PRO B 190 8.36 11.88 -36.60
N SER B 191 9.43 11.13 -36.68
CA SER B 191 10.64 11.45 -37.42
C SER B 191 11.09 10.10 -37.96
N GLY B 192 10.41 9.62 -39.01
CA GLY B 192 10.61 8.31 -39.59
C GLY B 192 12.03 7.84 -39.79
N LYS B 193 12.93 8.73 -40.22
CA LYS B 193 14.32 8.36 -40.45
C LYS B 193 15.10 8.26 -39.15
N LEU B 194 15.02 9.26 -38.27
CA LEU B 194 15.76 9.31 -37.00
C LEU B 194 14.79 9.28 -35.83
N TRP B 195 14.42 8.08 -35.39
CA TRP B 195 13.43 7.90 -34.34
C TRP B 195 13.66 8.67 -33.06
N ARG B 196 14.90 8.77 -32.60
CA ARG B 196 15.21 9.47 -31.36
C ARG B 196 14.92 10.97 -31.52
N ASP B 197 15.21 11.55 -32.72
CA ASP B 197 14.99 12.98 -32.97
C ASP B 197 13.52 13.40 -32.97
N GLY B 198 12.59 12.44 -33.05
CA GLY B 198 11.18 12.71 -32.96
C GLY B 198 10.68 12.83 -31.54
N ARG B 199 11.41 12.31 -30.55
CA ARG B 199 10.99 12.35 -29.15
C ARG B 199 11.02 13.79 -28.61
N GLY B 200 10.12 14.11 -27.68
CA GLY B 200 9.99 15.44 -27.07
C GLY B 200 11.28 16.17 -26.75
N ALA B 201 11.52 17.30 -27.41
CA ALA B 201 12.75 18.07 -27.24
C ALA B 201 12.89 18.71 -25.85
N LEU B 202 11.78 19.09 -25.25
CA LEU B 202 11.74 19.73 -23.96
C LEU B 202 12.11 18.77 -22.83
N GLN B 203 11.70 17.51 -22.95
CA GLN B 203 11.83 16.55 -21.87
C GLN B 203 13.07 15.69 -21.88
N ASN B 204 13.78 15.62 -23.01
CA ASN B 204 14.84 14.66 -23.19
C ASN B 204 16.22 15.15 -23.54
N ILE B 205 17.24 14.32 -23.16
CA ILE B 205 18.62 14.37 -23.63
C ILE B 205 18.52 13.29 -24.76
N ILE B 206 18.77 13.70 -26.00
CA ILE B 206 18.59 12.82 -27.15
C ILE B 206 19.92 12.54 -27.82
N PRO B 207 20.48 11.30 -27.76
CA PRO B 207 21.72 11.04 -28.50
C PRO B 207 21.48 11.12 -30.00
N ALA B 208 22.43 11.70 -30.74
CA ALA B 208 22.31 11.87 -32.18
C ALA B 208 23.66 11.63 -32.84
N SER B 209 23.62 11.20 -34.12
CA SER B 209 24.82 10.96 -34.90
C SER B 209 25.21 12.24 -35.60
N THR B 210 26.52 12.52 -35.69
CA THR B 210 26.99 13.71 -36.39
C THR B 210 28.28 13.41 -37.13
N GLY B 211 28.32 13.73 -38.41
CA GLY B 211 29.53 13.53 -39.20
C GLY B 211 30.45 14.74 -39.17
N ALA B 212 30.31 15.61 -38.14
CA ALA B 212 31.07 16.85 -38.01
C ALA B 212 32.53 16.68 -37.65
N ALA B 213 32.87 15.66 -36.82
CA ALA B 213 34.26 15.39 -36.46
C ALA B 213 34.95 14.63 -37.59
N LYS B 214 34.22 13.73 -38.26
CA LYS B 214 34.72 13.02 -39.44
C LYS B 214 35.10 14.07 -40.52
N ALA B 215 34.24 15.12 -40.72
CA ALA B 215 34.43 16.26 -41.65
C ALA B 215 35.70 17.08 -41.39
N VAL B 216 36.12 17.19 -40.13
CA VAL B 216 37.35 17.91 -39.78
C VAL B 216 38.57 17.34 -40.54
N GLY B 217 38.52 16.05 -40.88
CA GLY B 217 39.53 15.36 -41.66
C GLY B 217 39.54 15.76 -43.14
N LYS B 218 38.40 16.17 -43.67
CA LYS B 218 38.31 16.63 -45.05
C LYS B 218 38.84 18.10 -45.15
N VAL B 219 38.71 18.87 -44.06
CA VAL B 219 39.13 20.26 -43.97
C VAL B 219 40.64 20.31 -43.50
N ILE B 220 41.09 19.35 -42.67
CA ILE B 220 42.50 19.19 -42.22
C ILE B 220 42.88 17.79 -42.66
N PRO B 221 43.32 17.60 -43.92
CA PRO B 221 43.58 16.22 -44.42
C PRO B 221 44.50 15.34 -43.57
N GLU B 222 45.37 15.93 -42.73
CA GLU B 222 46.22 15.16 -41.85
C GLU B 222 45.40 14.42 -40.79
N LEU B 223 44.26 14.97 -40.36
CA LEU B 223 43.43 14.32 -39.34
C LEU B 223 42.38 13.37 -39.96
N ASN B 224 42.48 13.04 -41.28
CA ASN B 224 41.55 12.14 -41.93
C ASN B 224 41.61 10.76 -41.27
N GLY B 225 40.45 10.24 -40.84
CA GLY B 225 40.37 8.97 -40.14
C GLY B 225 40.83 9.02 -38.69
N LYS B 226 41.39 10.17 -38.23
CA LYS B 226 41.88 10.34 -36.85
C LYS B 226 40.81 10.90 -35.88
N LEU B 227 39.65 11.36 -36.38
CA LEU B 227 38.57 11.88 -35.53
C LEU B 227 37.21 11.31 -35.91
N THR B 228 36.33 11.24 -34.89
CA THR B 228 34.89 10.90 -35.02
C THR B 228 34.17 11.35 -33.71
N GLY B 229 32.86 11.22 -33.66
CA GLY B 229 32.10 11.63 -32.49
C GLY B 229 30.60 11.58 -32.69
N MET B 230 29.89 11.97 -31.64
CA MET B 230 28.43 11.94 -31.56
C MET B 230 27.92 13.18 -30.82
N ALA B 231 26.61 13.38 -30.79
CA ALA B 231 25.99 14.54 -30.18
C ALA B 231 24.92 14.15 -29.15
N PHE B 232 24.60 15.07 -28.24
CA PHE B 232 23.53 14.92 -27.27
C PHE B 232 22.70 16.21 -27.39
N ARG B 233 21.45 16.13 -27.88
CA ARG B 233 20.60 17.32 -27.97
C ARG B 233 19.96 17.52 -26.59
N VAL B 234 20.05 18.72 -26.03
CA VAL B 234 19.54 19.01 -24.69
C VAL B 234 18.53 20.18 -24.71
N PRO B 235 17.64 20.34 -23.68
CA PRO B 235 16.62 21.40 -23.76
C PRO B 235 17.06 22.85 -23.49
N THR B 236 17.86 23.43 -24.39
CA THR B 236 18.21 24.86 -24.38
C THR B 236 17.95 25.35 -25.80
N ALA B 237 17.49 26.59 -25.93
CA ALA B 237 17.14 27.15 -27.23
C ALA B 237 18.32 27.46 -28.11
N ASN B 238 19.50 27.75 -27.53
CA ASN B 238 20.68 28.11 -28.33
C ASN B 238 21.96 28.06 -27.50
N VAL B 239 23.12 27.96 -28.21
CA VAL B 239 24.49 27.87 -27.70
C VAL B 239 24.77 26.40 -27.37
N SER B 240 25.79 25.84 -28.01
CA SER B 240 26.23 24.45 -27.88
C SER B 240 27.71 24.40 -27.44
N VAL B 241 28.19 23.22 -27.06
CA VAL B 241 29.56 23.04 -26.60
C VAL B 241 30.16 21.76 -27.15
N VAL B 242 31.43 21.84 -27.58
CA VAL B 242 32.19 20.70 -28.10
C VAL B 242 33.14 20.25 -26.99
N ASP B 243 33.23 18.93 -26.83
CA ASP B 243 34.06 18.26 -25.86
C ASP B 243 34.97 17.33 -26.66
N LEU B 244 36.26 17.70 -26.84
CA LEU B 244 37.20 16.88 -27.60
C LEU B 244 38.15 16.13 -26.68
N THR B 245 38.02 14.81 -26.62
CA THR B 245 38.93 13.97 -25.85
C THR B 245 39.94 13.43 -26.88
N CYS B 246 41.23 13.77 -26.71
CA CYS B 246 42.24 13.36 -27.67
C CYS B 246 43.58 13.01 -27.05
N ARG B 247 44.35 12.23 -27.83
CA ARG B 247 45.70 11.79 -27.50
C ARG B 247 46.64 12.61 -28.36
N LEU B 248 47.66 13.19 -27.72
CA LEU B 248 48.64 14.02 -28.42
C LEU B 248 49.94 13.29 -28.66
N GLU B 249 50.64 13.61 -29.78
CA GLU B 249 51.93 13.01 -30.14
C GLU B 249 52.98 13.56 -29.19
N LYS B 250 53.21 14.89 -29.22
CA LYS B 250 54.17 15.54 -28.35
C LYS B 250 53.50 15.73 -26.99
N PRO B 251 54.28 15.73 -25.89
CA PRO B 251 53.68 16.01 -24.57
C PRO B 251 53.20 17.45 -24.53
N ALA B 252 52.12 17.68 -23.80
CA ALA B 252 51.56 19.02 -23.70
C ALA B 252 51.01 19.24 -22.32
N LYS B 253 51.65 20.10 -21.52
CA LYS B 253 51.10 20.47 -20.22
C LYS B 253 49.85 21.32 -20.50
N TYR B 254 48.87 21.31 -19.59
CA TYR B 254 47.63 22.06 -19.85
C TYR B 254 47.91 23.56 -20.05
N ASP B 255 48.90 24.14 -19.32
CA ASP B 255 49.24 25.54 -19.53
C ASP B 255 49.87 25.81 -20.90
N ASP B 256 50.51 24.80 -21.51
CA ASP B 256 51.06 24.92 -22.86
C ASP B 256 49.92 24.89 -23.87
N ILE B 257 48.88 24.08 -23.62
CA ILE B 257 47.69 24.02 -24.46
C ILE B 257 47.00 25.39 -24.40
N LYS B 258 46.82 25.93 -23.18
CA LYS B 258 46.22 27.24 -23.00
C LYS B 258 47.01 28.33 -23.75
N LYS B 259 48.34 28.36 -23.55
CA LYS B 259 49.24 29.32 -24.16
C LYS B 259 49.09 29.36 -25.69
N VAL B 260 49.14 28.20 -26.35
CA VAL B 260 49.07 28.16 -27.81
C VAL B 260 47.69 28.52 -28.34
N VAL B 261 46.60 28.20 -27.59
CA VAL B 261 45.24 28.56 -28.00
C VAL B 261 45.07 30.08 -27.86
N LYS B 262 45.52 30.67 -26.73
CA LYS B 262 45.43 32.11 -26.48
C LYS B 262 46.15 32.88 -27.60
N GLN B 263 47.33 32.38 -28.02
CA GLN B 263 48.09 33.01 -29.11
C GLN B 263 47.32 32.99 -30.43
N ALA B 264 46.70 31.86 -30.78
CA ALA B 264 45.95 31.73 -32.02
C ALA B 264 44.72 32.63 -32.03
N SER B 265 44.02 32.75 -30.88
CA SER B 265 42.84 33.59 -30.77
C SER B 265 43.19 35.08 -30.91
N GLU B 266 44.40 35.48 -30.46
CA GLU B 266 44.88 36.87 -30.55
C GLU B 266 45.51 37.19 -31.94
N GLY B 267 45.97 36.17 -32.64
CA GLY B 267 46.62 36.34 -33.92
C GLY B 267 45.82 35.91 -35.13
N PRO B 268 46.22 34.80 -35.79
CA PRO B 268 45.54 34.43 -37.05
C PRO B 268 44.07 34.04 -36.98
N LEU B 269 43.62 33.42 -35.87
CA LEU B 269 42.22 33.03 -35.74
C LEU B 269 41.42 34.04 -34.91
N LYS B 270 41.79 35.33 -34.97
CA LYS B 270 41.05 36.35 -34.22
C LYS B 270 39.63 36.45 -34.80
N GLY B 271 38.61 36.36 -33.94
CA GLY B 271 37.22 36.41 -34.37
C GLY B 271 36.65 35.07 -34.79
N ILE B 272 37.51 34.09 -35.14
CA ILE B 272 37.13 32.72 -35.50
C ILE B 272 37.24 31.83 -34.23
N LEU B 273 38.42 31.77 -33.61
CA LEU B 273 38.68 31.04 -32.39
C LEU B 273 38.86 32.06 -31.28
N GLY B 274 38.10 31.89 -30.20
CA GLY B 274 38.16 32.70 -29.01
C GLY B 274 38.82 31.93 -27.88
N TYR B 275 39.15 32.63 -26.80
CA TYR B 275 39.80 32.04 -25.64
C TYR B 275 39.31 32.76 -24.38
N THR B 276 38.98 32.00 -23.34
CA THR B 276 38.53 32.58 -22.07
C THR B 276 38.99 31.71 -20.91
N GLU B 277 39.26 32.37 -19.80
CA GLU B 277 39.56 31.79 -18.50
C GLU B 277 38.42 32.13 -17.47
N HIS B 278 37.36 32.86 -17.88
CA HIS B 278 36.24 33.22 -17.01
C HIS B 278 35.35 32.03 -16.68
N GLN B 279 34.56 32.15 -15.62
CA GLN B 279 33.65 31.12 -15.13
C GLN B 279 32.34 31.13 -15.97
N VAL B 280 32.48 30.95 -17.29
CA VAL B 280 31.38 31.03 -18.25
C VAL B 280 30.41 29.84 -18.26
N VAL B 281 29.16 30.11 -18.68
CA VAL B 281 28.08 29.15 -18.90
C VAL B 281 27.54 29.40 -20.34
N SER B 282 26.66 28.52 -20.86
CA SER B 282 26.22 28.66 -22.26
C SER B 282 25.64 30.02 -22.63
N SER B 283 24.76 30.58 -21.80
CA SER B 283 24.13 31.87 -22.12
C SER B 283 25.12 33.02 -22.34
N ASP B 284 26.35 32.88 -21.81
CA ASP B 284 27.37 33.90 -22.00
C ASP B 284 27.86 34.01 -23.45
N PHE B 285 27.54 33.01 -24.31
CA PHE B 285 27.93 33.02 -25.73
C PHE B 285 26.75 33.28 -26.65
N ASN B 286 25.61 33.74 -26.12
CA ASN B 286 24.47 34.03 -26.97
C ASN B 286 24.79 35.29 -27.76
N SER B 287 24.63 35.19 -29.09
CA SER B 287 24.91 36.22 -30.09
C SER B 287 26.44 36.45 -30.28
N ASP B 288 27.31 35.57 -29.72
CA ASP B 288 28.77 35.66 -29.89
C ASP B 288 29.07 35.10 -31.29
N THR B 289 29.73 35.89 -32.14
CA THR B 289 29.99 35.55 -33.53
C THR B 289 31.21 34.65 -33.77
N HIS B 290 31.94 34.26 -32.71
CA HIS B 290 33.07 33.34 -32.88
C HIS B 290 32.58 31.97 -33.35
N SER B 291 33.40 31.26 -34.13
CA SER B 291 33.11 29.88 -34.53
C SER B 291 33.24 28.98 -33.32
N SER B 292 34.26 29.22 -32.47
CA SER B 292 34.52 28.41 -31.30
C SER B 292 35.27 29.23 -30.25
N THR B 293 34.96 29.04 -28.96
CA THR B 293 35.66 29.73 -27.88
C THR B 293 36.18 28.71 -26.87
N PHE B 294 37.49 28.56 -26.79
CA PHE B 294 38.12 27.62 -25.86
C PHE B 294 37.87 28.02 -24.39
N ASP B 295 37.29 27.11 -23.62
CA ASP B 295 37.01 27.29 -22.20
C ASP B 295 38.18 26.67 -21.42
N ALA B 296 39.15 27.51 -20.98
CA ALA B 296 40.33 27.01 -20.28
C ALA B 296 40.00 26.29 -18.95
N GLY B 297 39.17 26.91 -18.12
CA GLY B 297 38.80 26.31 -16.83
C GLY B 297 37.93 25.06 -16.88
N ALA B 298 37.20 24.81 -17.99
CA ALA B 298 36.32 23.64 -18.09
C ALA B 298 37.00 22.37 -18.50
N GLY B 299 38.08 22.45 -19.26
CA GLY B 299 38.82 21.28 -19.71
C GLY B 299 39.60 20.58 -18.62
N ILE B 300 40.05 19.34 -18.90
CA ILE B 300 40.79 18.56 -17.93
C ILE B 300 41.78 17.60 -18.61
N ALA B 301 42.99 17.52 -18.05
CA ALA B 301 44.05 16.64 -18.55
C ALA B 301 44.24 15.46 -17.61
N LEU B 302 44.34 14.23 -18.16
CA LEU B 302 44.62 13.05 -17.35
C LEU B 302 46.15 12.98 -17.19
N ASN B 303 46.87 13.10 -18.33
CA ASN B 303 48.32 13.11 -18.41
C ASN B 303 48.75 14.04 -19.58
N ASP B 304 50.06 14.19 -19.81
CA ASP B 304 50.58 15.07 -20.86
C ASP B 304 50.16 14.69 -22.27
N HIS B 305 49.66 13.45 -22.49
CA HIS B 305 49.26 13.02 -23.81
C HIS B 305 47.77 12.72 -23.91
N PHE B 306 46.95 12.95 -22.86
CA PHE B 306 45.53 12.62 -22.92
C PHE B 306 44.70 13.73 -22.24
N VAL B 307 44.01 14.52 -23.07
CA VAL B 307 43.23 15.68 -22.61
C VAL B 307 41.79 15.72 -23.14
N LYS B 308 40.94 16.46 -22.40
CA LYS B 308 39.57 16.77 -22.75
C LYS B 308 39.52 18.31 -22.88
N LEU B 309 39.28 18.82 -24.10
CA LEU B 309 39.25 20.23 -24.37
C LEU B 309 37.83 20.68 -24.69
N ILE B 310 37.35 21.69 -23.95
CA ILE B 310 35.99 22.23 -24.04
C ILE B 310 35.98 23.55 -24.84
N SER B 311 35.01 23.71 -25.76
CA SER B 311 34.92 24.89 -26.60
C SER B 311 33.44 25.21 -26.92
N TRP B 312 33.02 26.46 -26.64
CA TRP B 312 31.65 26.92 -26.84
C TRP B 312 31.41 27.50 -28.22
N TYR B 313 30.16 27.40 -28.70
CA TYR B 313 29.80 27.98 -29.97
C TYR B 313 28.34 28.34 -30.04
N ASP B 314 28.03 29.52 -30.55
CA ASP B 314 26.66 29.93 -30.79
C ASP B 314 26.36 29.26 -32.12
N ASN B 315 25.71 28.09 -32.07
CA ASN B 315 25.39 27.32 -33.27
C ASN B 315 24.61 28.12 -34.34
N GLU B 316 23.97 29.24 -33.93
CA GLU B 316 23.20 30.09 -34.83
C GLU B 316 24.05 31.25 -35.39
N PHE B 317 24.61 32.09 -34.52
CA PHE B 317 25.33 33.28 -34.92
C PHE B 317 26.70 33.04 -35.47
N GLY B 318 27.46 32.19 -34.78
CA GLY B 318 28.82 31.85 -35.21
C GLY B 318 28.89 31.37 -36.65
N TYR B 319 28.08 30.33 -36.96
CA TYR B 319 28.04 29.71 -38.27
C TYR B 319 27.58 30.64 -39.36
N SER B 320 26.48 31.38 -39.11
CA SER B 320 25.88 32.29 -40.12
C SER B 320 26.81 33.45 -40.46
N ASN B 321 27.60 33.95 -39.48
CA ASN B 321 28.62 34.95 -39.74
C ASN B 321 29.75 34.36 -40.60
N ARG B 322 30.07 33.07 -40.42
CA ARG B 322 31.07 32.41 -41.25
C ARG B 322 30.60 32.29 -42.71
N VAL B 323 29.29 32.06 -42.96
CA VAL B 323 28.76 32.01 -44.32
C VAL B 323 29.02 33.37 -45.03
N VAL B 324 28.80 34.48 -44.30
CA VAL B 324 29.05 35.83 -44.79
C VAL B 324 30.55 36.07 -45.01
N ASP B 325 31.42 35.63 -44.07
CA ASP B 325 32.88 35.79 -44.16
C ASP B 325 33.43 35.00 -45.34
N LEU B 326 32.89 33.80 -45.57
CA LEU B 326 33.32 32.95 -46.69
C LEU B 326 33.01 33.66 -48.01
N MET B 327 31.80 34.23 -48.14
CA MET B 327 31.39 34.92 -49.36
C MET B 327 32.21 36.18 -49.58
N ALA B 328 32.53 36.91 -48.49
CA ALA B 328 33.39 38.10 -48.56
C ALA B 328 34.78 37.69 -49.03
N HIS B 329 35.29 36.52 -48.60
CA HIS B 329 36.58 36.01 -49.05
C HIS B 329 36.51 35.62 -50.53
N MET B 330 35.45 34.93 -50.95
CA MET B 330 35.29 34.53 -52.36
C MET B 330 35.26 35.73 -53.26
N ALA B 331 34.56 36.80 -52.82
CA ALA B 331 34.45 38.03 -53.59
C ALA B 331 35.83 38.67 -53.77
N SER B 332 36.68 38.66 -52.73
CA SER B 332 38.01 39.23 -52.81
C SER B 332 38.90 38.49 -53.81
N LYS B 333 38.72 37.17 -53.98
CA LYS B 333 39.51 36.39 -54.93
C LYS B 333 39.07 36.60 -56.39
N GLU B 334 37.89 37.19 -56.64
CA GLU B 334 37.52 37.55 -58.01
C GLU B 334 38.15 38.95 -58.20
N GLY C 1 14.12 -5.89 -11.35
CA GLY C 1 13.97 -7.00 -12.29
C GLY C 1 13.05 -8.11 -11.79
N LYS C 2 12.07 -7.76 -10.91
CA LYS C 2 11.13 -8.70 -10.30
C LYS C 2 10.47 -9.63 -11.33
N VAL C 3 10.63 -10.96 -11.17
CA VAL C 3 10.01 -11.93 -12.08
C VAL C 3 8.49 -11.79 -12.00
N LYS C 4 7.83 -11.77 -13.14
CA LYS C 4 6.38 -11.61 -13.19
C LYS C 4 5.74 -12.99 -13.03
N VAL C 5 4.84 -13.11 -12.04
CA VAL C 5 4.24 -14.37 -11.66
C VAL C 5 2.74 -14.41 -11.87
N GLY C 6 2.25 -15.60 -12.23
CA GLY C 6 0.84 -15.91 -12.36
C GLY C 6 0.48 -16.92 -11.30
N VAL C 7 -0.72 -16.81 -10.71
CA VAL C 7 -1.15 -17.74 -9.65
C VAL C 7 -2.40 -18.49 -10.11
N ASN C 8 -2.32 -19.83 -10.17
CA ASN C 8 -3.46 -20.63 -10.56
C ASN C 8 -4.16 -21.11 -9.29
N GLY C 9 -5.38 -20.63 -9.08
CA GLY C 9 -6.21 -20.96 -7.92
C GLY C 9 -6.11 -19.88 -6.86
N PHE C 10 -7.24 -19.24 -6.51
CA PHE C 10 -7.25 -18.22 -5.45
C PHE C 10 -7.82 -18.82 -4.14
N GLY C 11 -7.39 -20.03 -3.84
CA GLY C 11 -7.72 -20.71 -2.59
C GLY C 11 -6.78 -20.25 -1.49
N ARG C 12 -6.76 -20.93 -0.30
CA ARG C 12 -5.92 -20.40 0.79
C ARG C 12 -4.44 -20.32 0.42
N ILE C 13 -3.89 -21.31 -0.29
CA ILE C 13 -2.47 -21.21 -0.68
C ILE C 13 -2.29 -20.06 -1.69
N GLY C 14 -3.12 -20.03 -2.74
CA GLY C 14 -3.04 -19.01 -3.76
C GLY C 14 -3.10 -17.58 -3.24
N ARG C 15 -4.03 -17.33 -2.31
CA ARG C 15 -4.17 -16.00 -1.71
C ARG C 15 -2.98 -15.65 -0.83
N LEU C 16 -2.50 -16.63 -0.04
CA LEU C 16 -1.37 -16.47 0.87
C LEU C 16 -0.05 -16.29 0.13
N VAL C 17 0.11 -16.91 -1.06
CA VAL C 17 1.30 -16.73 -1.90
C VAL C 17 1.22 -15.32 -2.49
N THR C 18 0.04 -14.88 -2.94
CA THR C 18 -0.17 -13.53 -3.46
C THR C 18 0.16 -12.52 -2.37
N ARG C 19 -0.31 -12.75 -1.15
CA ARG C 19 -0.06 -11.87 0.00
C ARG C 19 1.44 -11.80 0.30
N ALA C 20 2.14 -12.95 0.30
CA ALA C 20 3.59 -13.02 0.54
C ALA C 20 4.35 -12.26 -0.52
N ALA C 21 3.89 -12.35 -1.80
CA ALA C 21 4.52 -11.65 -2.92
C ALA C 21 4.50 -10.14 -2.71
N PHE C 22 3.36 -9.59 -2.25
CA PHE C 22 3.25 -8.15 -2.01
C PHE C 22 3.93 -7.74 -0.70
N ASN C 23 3.77 -8.53 0.37
CA ASN C 23 4.39 -8.24 1.65
C ASN C 23 5.92 -8.24 1.57
N SER C 24 6.50 -9.25 0.90
CA SER C 24 7.96 -9.35 0.74
C SER C 24 8.49 -8.50 -0.43
N GLY C 25 7.70 -8.34 -1.48
CA GLY C 25 8.10 -7.59 -2.66
C GLY C 25 9.15 -8.28 -3.51
N LYS C 26 9.34 -9.61 -3.35
CA LYS C 26 10.38 -10.34 -4.09
C LYS C 26 10.00 -10.66 -5.52
N VAL C 27 8.69 -10.77 -5.81
CA VAL C 27 8.18 -11.09 -7.14
C VAL C 27 6.96 -10.20 -7.41
N ASP C 28 6.55 -10.10 -8.69
CA ASP C 28 5.41 -9.29 -9.10
C ASP C 28 4.26 -10.15 -9.58
N ILE C 29 3.14 -10.21 -8.83
CA ILE C 29 1.98 -10.98 -9.32
C ILE C 29 1.36 -10.13 -10.43
N VAL C 30 1.16 -10.72 -11.62
CA VAL C 30 0.59 -10.02 -12.78
C VAL C 30 -0.72 -10.67 -13.25
N ALA C 31 -1.01 -11.93 -12.84
CA ALA C 31 -2.22 -12.62 -13.25
C ALA C 31 -2.66 -13.64 -12.21
N ILE C 32 -3.98 -13.85 -12.09
CA ILE C 32 -4.56 -14.86 -11.20
C ILE C 32 -5.65 -15.55 -11.98
N ASN C 33 -5.71 -16.90 -11.88
CA ASN C 33 -6.77 -17.67 -12.54
C ASN C 33 -7.60 -18.48 -11.51
N ASP C 34 -8.93 -18.24 -11.41
CA ASP C 34 -9.80 -19.07 -10.57
C ASP C 34 -11.16 -19.11 -11.27
N PRO C 35 -11.61 -20.26 -11.80
CA PRO C 35 -12.89 -20.29 -12.52
C PRO C 35 -14.13 -20.12 -11.66
N PHE C 36 -14.02 -20.14 -10.33
CA PHE C 36 -15.15 -20.10 -9.41
C PHE C 36 -15.31 -18.79 -8.65
N ILE C 37 -14.22 -18.13 -8.30
CA ILE C 37 -14.26 -16.89 -7.53
C ILE C 37 -14.23 -15.73 -8.53
N ASP C 38 -15.28 -14.87 -8.53
CA ASP C 38 -15.33 -13.71 -9.41
C ASP C 38 -14.47 -12.54 -8.84
N LEU C 39 -14.21 -11.51 -9.65
CA LEU C 39 -13.34 -10.40 -9.25
C LEU C 39 -13.76 -9.74 -7.95
N ASN C 40 -15.06 -9.48 -7.78
CA ASN C 40 -15.54 -8.83 -6.57
C ASN C 40 -15.30 -9.70 -5.34
N TYR C 41 -15.50 -11.04 -5.46
CA TYR C 41 -15.27 -11.94 -4.34
C TYR C 41 -13.77 -12.01 -4.02
N MET C 42 -12.91 -12.01 -5.05
CA MET C 42 -11.46 -12.02 -4.88
C MET C 42 -10.96 -10.82 -4.05
N VAL C 43 -11.58 -9.64 -4.23
CA VAL C 43 -11.19 -8.45 -3.46
C VAL C 43 -11.47 -8.70 -1.97
N TYR C 44 -12.68 -9.23 -1.67
CA TYR C 44 -13.11 -9.55 -0.31
C TYR C 44 -12.20 -10.60 0.34
N MET C 45 -11.94 -11.70 -0.38
CA MET C 45 -11.14 -12.80 0.16
C MET C 45 -9.70 -12.40 0.40
N PHE C 46 -9.14 -11.51 -0.42
CA PHE C 46 -7.77 -11.06 -0.23
C PHE C 46 -7.68 -10.00 0.89
N GLN C 47 -8.63 -9.08 0.94
CA GLN C 47 -8.63 -7.99 1.92
C GLN C 47 -8.83 -8.44 3.36
N TYR C 48 -9.80 -9.32 3.62
CA TYR C 48 -10.11 -9.77 4.97
C TYR C 48 -9.61 -11.18 5.18
N ASP C 49 -8.90 -11.41 6.28
CA ASP C 49 -8.40 -12.74 6.61
C ASP C 49 -8.62 -12.97 8.11
N SER C 50 -9.34 -14.04 8.48
CA SER C 50 -9.59 -14.31 9.89
C SER C 50 -8.30 -14.57 10.66
N THR C 51 -7.34 -15.28 10.05
CA THR C 51 -6.08 -15.65 10.69
C THR C 51 -5.01 -14.56 10.71
N HIS C 52 -4.75 -13.92 9.55
CA HIS C 52 -3.67 -12.95 9.38
C HIS C 52 -4.11 -11.49 9.34
N GLY C 53 -5.40 -11.22 9.50
CA GLY C 53 -5.92 -9.87 9.54
C GLY C 53 -6.10 -9.24 8.18
N LYS C 54 -6.60 -8.01 8.19
CA LYS C 54 -6.83 -7.23 6.99
C LYS C 54 -5.47 -6.94 6.28
N PHE C 55 -5.46 -6.92 4.95
CA PHE C 55 -4.23 -6.69 4.20
C PHE C 55 -3.56 -5.33 4.49
N HIS C 56 -2.20 -5.33 4.57
CA HIS C 56 -1.36 -4.14 4.80
C HIS C 56 -1.20 -3.30 3.51
N GLY C 57 -2.30 -2.71 3.08
CA GLY C 57 -2.30 -1.90 1.87
C GLY C 57 -3.68 -1.68 1.29
N THR C 58 -3.78 -1.74 -0.04
CA THR C 58 -5.04 -1.47 -0.72
C THR C 58 -5.40 -2.58 -1.68
N VAL C 59 -6.70 -2.93 -1.75
CA VAL C 59 -7.22 -3.99 -2.62
C VAL C 59 -8.49 -3.43 -3.22
N LYS C 60 -8.62 -3.42 -4.56
CA LYS C 60 -9.86 -2.97 -5.19
C LYS C 60 -10.01 -3.51 -6.59
N ALA C 61 -11.26 -3.64 -7.04
CA ALA C 61 -11.56 -4.08 -8.39
C ALA C 61 -11.63 -2.81 -9.23
N GLU C 62 -10.89 -2.74 -10.34
CA GLU C 62 -10.87 -1.55 -11.18
C GLU C 62 -10.58 -1.94 -12.60
N ASN C 63 -11.54 -1.67 -13.52
CA ASN C 63 -11.41 -2.00 -14.95
C ASN C 63 -11.24 -3.50 -15.17
N GLY C 64 -11.98 -4.32 -14.42
CA GLY C 64 -11.89 -5.78 -14.54
C GLY C 64 -10.58 -6.39 -14.05
N LYS C 65 -9.81 -5.66 -13.27
CA LYS C 65 -8.54 -6.13 -12.74
C LYS C 65 -8.52 -6.00 -11.21
N LEU C 66 -7.70 -6.84 -10.55
CA LEU C 66 -7.56 -6.79 -9.10
C LEU C 66 -6.34 -5.92 -8.85
N VAL C 67 -6.53 -4.74 -8.27
CA VAL C 67 -5.41 -3.81 -8.08
C VAL C 67 -5.00 -3.84 -6.60
N ILE C 68 -3.82 -4.45 -6.33
CA ILE C 68 -3.30 -4.58 -4.97
C ILE C 68 -2.14 -3.60 -4.87
N ASN C 69 -2.26 -2.56 -4.02
CA ASN C 69 -1.21 -1.55 -3.85
C ASN C 69 -0.88 -0.85 -5.19
N GLY C 70 -1.91 -0.51 -5.95
CA GLY C 70 -1.74 0.11 -7.24
C GLY C 70 -1.27 -0.79 -8.38
N ASN C 71 -1.00 -2.07 -8.12
CA ASN C 71 -0.56 -3.00 -9.14
C ASN C 71 -1.75 -3.72 -9.80
N PRO C 72 -2.05 -3.49 -11.09
CA PRO C 72 -3.18 -4.20 -11.72
C PRO C 72 -2.85 -5.65 -12.10
N ILE C 73 -3.70 -6.60 -11.67
CA ILE C 73 -3.53 -8.03 -11.92
C ILE C 73 -4.64 -8.52 -12.85
N THR C 74 -4.26 -9.22 -13.94
CA THR C 74 -5.22 -9.74 -14.91
C THR C 74 -5.92 -10.96 -14.33
N ILE C 75 -7.25 -11.00 -14.40
CA ILE C 75 -8.01 -12.13 -13.86
C ILE C 75 -8.54 -13.02 -14.99
N PHE C 76 -8.32 -14.35 -14.84
CA PHE C 76 -8.79 -15.37 -15.76
C PHE C 76 -9.78 -16.30 -15.03
N GLN C 77 -10.76 -16.86 -15.76
CA GLN C 77 -11.76 -17.76 -15.18
C GLN C 77 -11.79 -19.11 -15.96
N GLU C 78 -10.60 -19.68 -16.28
CA GLU C 78 -10.53 -20.93 -17.05
C GLU C 78 -10.51 -22.18 -16.17
N ARG C 79 -11.28 -23.21 -16.56
CA ARG C 79 -11.32 -24.52 -15.89
C ARG C 79 -10.15 -25.40 -16.40
N ASP C 80 -9.80 -25.29 -17.70
CA ASP C 80 -8.69 -26.05 -18.26
C ASP C 80 -7.39 -25.24 -18.14
N PRO C 81 -6.34 -25.70 -17.42
CA PRO C 81 -5.12 -24.90 -17.30
C PRO C 81 -4.41 -24.58 -18.62
N SER C 82 -4.51 -25.48 -19.60
CA SER C 82 -3.87 -25.27 -20.90
C SER C 82 -4.49 -24.09 -21.66
N LYS C 83 -5.74 -23.68 -21.32
CA LYS C 83 -6.44 -22.56 -21.96
C LYS C 83 -6.16 -21.19 -21.32
N ILE C 84 -5.37 -21.11 -20.23
CA ILE C 84 -5.07 -19.83 -19.60
C ILE C 84 -4.01 -19.11 -20.44
N LYS C 85 -4.24 -17.84 -20.81
CA LYS C 85 -3.32 -17.04 -21.62
C LYS C 85 -2.27 -16.38 -20.71
N TRP C 86 -1.49 -17.20 -20.00
CA TRP C 86 -0.46 -16.73 -19.08
C TRP C 86 0.53 -15.78 -19.76
N GLY C 87 0.96 -16.14 -20.97
CA GLY C 87 1.89 -15.32 -21.73
C GLY C 87 1.35 -13.94 -22.08
N ASP C 88 0.04 -13.85 -22.41
CA ASP C 88 -0.56 -12.56 -22.75
C ASP C 88 -0.50 -11.59 -21.56
N ALA C 89 -0.78 -12.08 -20.34
CA ALA C 89 -0.69 -11.25 -19.14
C ALA C 89 0.76 -10.96 -18.68
N GLY C 90 1.76 -11.56 -19.33
CA GLY C 90 3.16 -11.35 -18.99
C GLY C 90 3.68 -12.25 -17.87
N ALA C 91 2.94 -13.33 -17.53
CA ALA C 91 3.33 -14.24 -16.46
C ALA C 91 4.46 -15.19 -16.93
N GLU C 92 5.67 -14.99 -16.38
CA GLU C 92 6.83 -15.79 -16.72
C GLU C 92 6.76 -17.12 -15.93
N TYR C 93 6.46 -17.07 -14.62
CA TYR C 93 6.32 -18.26 -13.76
C TYR C 93 4.87 -18.40 -13.34
N VAL C 94 4.40 -19.65 -13.15
CA VAL C 94 3.03 -19.88 -12.68
C VAL C 94 3.08 -20.75 -11.43
N VAL C 95 2.41 -20.31 -10.34
CA VAL C 95 2.32 -21.05 -9.10
C VAL C 95 1.07 -21.90 -9.25
N GLU C 96 1.23 -23.23 -9.29
CA GLU C 96 0.09 -24.14 -9.42
C GLU C 96 -0.38 -24.49 -8.01
N SER C 97 -1.39 -23.76 -7.51
CA SER C 97 -1.88 -23.93 -6.13
C SER C 97 -3.22 -24.63 -5.95
N THR C 98 -3.88 -25.10 -7.03
CA THR C 98 -5.18 -25.75 -6.90
C THR C 98 -5.13 -27.11 -6.21
N GLY C 99 -3.96 -27.76 -6.19
CA GLY C 99 -3.81 -29.08 -5.58
C GLY C 99 -4.30 -30.24 -6.45
N VAL C 100 -4.93 -29.95 -7.59
CA VAL C 100 -5.45 -30.98 -8.48
C VAL C 100 -4.56 -31.22 -9.72
N PHE C 101 -3.44 -30.48 -9.88
CA PHE C 101 -2.52 -30.64 -11.02
C PHE C 101 -1.09 -30.76 -10.48
N THR C 102 -0.83 -31.77 -9.63
CA THR C 102 0.49 -31.93 -9.02
C THR C 102 1.48 -32.80 -9.82
N THR C 103 1.03 -33.60 -10.81
CA THR C 103 1.98 -34.38 -11.63
C THR C 103 2.57 -33.44 -12.69
N MET C 104 3.77 -33.74 -13.19
CA MET C 104 4.39 -32.90 -14.21
C MET C 104 3.59 -32.84 -15.48
N GLU C 105 2.85 -33.90 -15.81
CA GLU C 105 2.02 -33.89 -17.00
C GLU C 105 0.87 -32.90 -16.80
N LYS C 106 0.22 -32.91 -15.62
CA LYS C 106 -0.89 -32.01 -15.32
C LYS C 106 -0.42 -30.56 -15.14
N ALA C 107 0.66 -30.34 -14.36
CA ALA C 107 1.22 -29.01 -14.13
C ALA C 107 1.83 -28.41 -15.41
N GLY C 108 2.30 -29.25 -16.33
CA GLY C 108 2.87 -28.80 -17.60
C GLY C 108 1.88 -28.08 -18.51
N ALA C 109 0.56 -28.23 -18.28
CA ALA C 109 -0.46 -27.56 -19.09
C ALA C 109 -0.25 -26.06 -19.14
N HIS C 110 0.24 -25.47 -18.01
CA HIS C 110 0.48 -24.03 -17.91
C HIS C 110 1.55 -23.54 -18.91
N LEU C 111 2.45 -24.41 -19.36
CA LEU C 111 3.45 -24.04 -20.37
C LEU C 111 2.79 -23.83 -21.76
N GLN C 112 1.64 -24.48 -22.04
CA GLN C 112 0.91 -24.27 -23.29
C GLN C 112 0.32 -22.87 -23.39
N GLY C 113 -0.03 -22.26 -22.26
CA GLY C 113 -0.55 -20.91 -22.23
C GLY C 113 0.48 -19.81 -22.40
N GLY C 114 1.76 -20.14 -22.25
CA GLY C 114 2.83 -19.17 -22.39
C GLY C 114 3.78 -19.08 -21.22
N ALA C 115 3.49 -19.79 -20.11
CA ALA C 115 4.38 -19.75 -18.95
C ALA C 115 5.71 -20.45 -19.30
N LYS C 116 6.80 -20.00 -18.66
CA LYS C 116 8.12 -20.55 -18.89
C LYS C 116 8.46 -21.62 -17.84
N ARG C 117 8.03 -21.41 -16.59
CA ARG C 117 8.27 -22.33 -15.47
C ARG C 117 7.02 -22.47 -14.61
N VAL C 118 6.84 -23.65 -13.98
CA VAL C 118 5.69 -23.93 -13.11
C VAL C 118 6.18 -24.41 -11.74
N ILE C 119 5.71 -23.77 -10.67
CA ILE C 119 6.08 -24.13 -9.31
C ILE C 119 4.85 -24.70 -8.62
N ILE C 120 4.84 -26.00 -8.35
CA ILE C 120 3.69 -26.65 -7.70
C ILE C 120 3.81 -26.35 -6.19
N SER C 121 2.82 -25.63 -5.63
CA SER C 121 2.81 -25.30 -4.19
C SER C 121 2.22 -26.45 -3.38
N ALA C 122 2.76 -27.65 -3.60
CA ALA C 122 2.33 -28.91 -2.98
C ALA C 122 3.29 -30.04 -3.35
N PRO C 123 3.26 -31.19 -2.65
CA PRO C 123 4.12 -32.31 -3.07
C PRO C 123 3.65 -32.89 -4.41
N SER C 124 4.60 -33.36 -5.20
CA SER C 124 4.34 -33.95 -6.49
C SER C 124 4.87 -35.37 -6.51
N ALA C 125 4.18 -36.27 -7.21
CA ALA C 125 4.61 -37.66 -7.32
C ALA C 125 5.91 -37.79 -8.13
N ASP C 126 6.07 -36.95 -9.20
CA ASP C 126 7.22 -37.05 -10.11
C ASP C 126 8.08 -35.78 -10.28
N ALA C 127 7.57 -34.56 -9.99
CA ALA C 127 8.37 -33.35 -10.17
C ALA C 127 9.52 -33.24 -9.16
N PRO C 128 10.67 -32.61 -9.51
CA PRO C 128 11.76 -32.45 -8.51
C PRO C 128 11.32 -31.54 -7.37
N MET C 129 11.54 -31.97 -6.10
CA MET C 129 11.12 -31.25 -4.89
C MET C 129 12.26 -30.46 -4.32
N PHE C 130 11.94 -29.24 -3.86
CA PHE C 130 12.90 -28.33 -3.26
C PHE C 130 12.41 -27.81 -1.92
N VAL C 131 13.36 -27.56 -1.02
CA VAL C 131 13.12 -26.94 0.28
C VAL C 131 14.22 -25.89 0.39
N MET C 132 13.84 -24.61 0.52
CA MET C 132 14.80 -23.52 0.62
C MET C 132 15.67 -23.71 1.83
N GLY C 133 16.97 -23.55 1.65
CA GLY C 133 17.94 -23.74 2.72
C GLY C 133 18.48 -25.16 2.83
N VAL C 134 17.84 -26.19 2.22
CA VAL C 134 18.41 -27.56 2.28
C VAL C 134 18.90 -28.01 0.87
N ASN C 135 18.08 -27.89 -0.22
CA ASN C 135 18.54 -28.35 -1.53
C ASN C 135 18.21 -27.41 -2.70
N HIS C 136 17.89 -26.14 -2.44
CA HIS C 136 17.56 -25.21 -3.53
C HIS C 136 18.76 -24.96 -4.44
N GLU C 137 20.01 -25.13 -3.95
CA GLU C 137 21.18 -24.96 -4.80
C GLU C 137 21.23 -26.05 -5.89
N LYS C 138 20.55 -27.20 -5.71
CA LYS C 138 20.47 -28.24 -6.74
C LYS C 138 19.50 -27.85 -7.89
N TYR C 139 18.80 -26.69 -7.81
CA TYR C 139 17.93 -26.23 -8.89
C TYR C 139 18.80 -25.67 -10.02
N ASP C 140 18.45 -25.98 -11.27
CA ASP C 140 19.14 -25.47 -12.45
C ASP C 140 18.11 -25.12 -13.54
N ASN C 141 18.51 -24.26 -14.50
CA ASN C 141 17.65 -23.74 -15.56
C ASN C 141 16.97 -24.77 -16.47
N SER C 142 17.36 -26.06 -16.47
CA SER C 142 16.66 -27.07 -17.31
C SER C 142 15.26 -27.46 -16.75
N LEU C 143 15.03 -27.17 -15.46
CA LEU C 143 13.85 -27.55 -14.69
C LEU C 143 12.63 -26.64 -14.93
N LYS C 144 11.82 -26.96 -15.93
CA LYS C 144 10.66 -26.13 -16.25
C LYS C 144 9.49 -26.37 -15.28
N ILE C 145 9.41 -27.53 -14.57
CA ILE C 145 8.32 -27.84 -13.63
C ILE C 145 8.94 -28.40 -12.35
N ILE C 146 8.76 -27.70 -11.21
CA ILE C 146 9.29 -28.15 -9.92
C ILE C 146 8.21 -28.08 -8.83
N SER C 147 8.45 -28.72 -7.67
CA SER C 147 7.52 -28.72 -6.53
C SER C 147 8.24 -28.16 -5.29
N ASN C 148 7.50 -27.37 -4.47
CA ASN C 148 8.06 -26.81 -3.24
C ASN C 148 7.81 -27.73 -2.03
N ALA C 149 7.55 -29.05 -2.23
CA ALA C 149 7.28 -29.98 -1.13
C ALA C 149 6.00 -29.48 -0.29
N SER C 150 5.81 -29.88 1.02
CA SER C 150 4.70 -29.45 1.86
C SER C 150 5.20 -28.58 2.99
N CSU C 151 4.25 -27.90 3.67
N CSU C 151 4.25 -27.91 3.66
CA CSU C 151 4.54 -27.04 4.81
CA CSU C 151 4.53 -27.04 4.80
CB CSU C 151 3.29 -26.34 5.36
CB CSU C 151 3.26 -26.35 5.33
SG CSU C 151 2.06 -27.45 6.14
SG CSU C 151 1.81 -27.43 5.52
S CSU C 151 0.26 -27.39 4.04
C CSU C 151 5.28 -27.76 5.94
C CSU C 151 5.25 -27.75 5.95
O CSU C 151 6.19 -27.19 6.53
O CSU C 151 6.14 -27.16 6.56
OD1 CSU C 151 -0.93 -26.95 4.69
OD2 CSU C 151 0.07 -28.89 3.76
OD3 CSU C 151 0.79 -26.76 2.88
H CSU C 151 3.27 -27.96 3.45
H CSU C 151 3.27 -27.96 3.43
HA CSU C 151 5.18 -26.24 4.44
HA CSU C 151 5.16 -26.23 4.43
HB2 CSU C 151 2.73 -25.86 4.57
HB2 CSU C 151 2.91 -25.59 4.63
HB3 CSU C 151 3.54 -25.57 6.09
HB3 CSU C 151 3.43 -25.85 6.28
N THR C 152 4.90 -29.02 6.24
CA THR C 152 5.56 -29.80 7.29
C THR C 152 6.95 -30.26 6.87
N THR C 153 7.12 -30.59 5.58
CA THR C 153 8.41 -31.01 5.04
C THR C 153 9.38 -29.84 5.13
N ASN C 154 8.91 -28.62 4.76
CA ASN C 154 9.70 -27.40 4.86
C ASN C 154 10.05 -27.01 6.31
N CYS C 155 9.33 -27.54 7.33
CA CYS C 155 9.65 -27.29 8.74
C CYS C 155 10.71 -28.29 9.23
N LEU C 156 10.49 -29.58 8.92
CA LEU C 156 11.37 -30.64 9.39
C LEU C 156 12.74 -30.64 8.73
N ALA C 157 12.79 -30.47 7.38
CA ALA C 157 14.05 -30.57 6.64
C ALA C 157 15.16 -29.62 7.12
N PRO C 158 14.93 -28.32 7.37
CA PRO C 158 16.03 -27.46 7.86
C PRO C 158 16.56 -27.88 9.23
N LEU C 159 15.68 -28.37 10.14
CA LEU C 159 16.15 -28.85 11.44
C LEU C 159 16.90 -30.16 11.27
N ALA C 160 16.38 -31.07 10.44
CA ALA C 160 17.03 -32.34 10.13
C ALA C 160 18.42 -32.10 9.51
N LYS C 161 18.53 -31.13 8.61
CA LYS C 161 19.81 -30.80 7.97
C LYS C 161 20.85 -30.41 9.03
N VAL C 162 20.51 -29.49 9.94
CA VAL C 162 21.45 -29.05 10.95
C VAL C 162 21.82 -30.20 11.89
N ILE C 163 20.82 -30.96 12.36
CA ILE C 163 21.08 -32.07 13.28
C ILE C 163 21.90 -33.19 12.64
N HIS C 164 21.62 -33.53 11.37
CA HIS C 164 22.36 -34.58 10.68
C HIS C 164 23.78 -34.13 10.34
N ASP C 165 23.96 -32.88 9.85
CA ASP C 165 25.29 -32.36 9.52
C ASP C 165 26.22 -32.31 10.72
N ASN C 166 25.68 -32.07 11.93
CA ASN C 166 26.51 -31.98 13.12
C ASN C 166 26.65 -33.28 13.90
N PHE C 167 25.57 -34.06 14.04
CA PHE C 167 25.61 -35.29 14.87
C PHE C 167 25.23 -36.57 14.15
N GLY C 168 24.61 -36.47 12.97
CA GLY C 168 24.20 -37.65 12.23
C GLY C 168 22.95 -38.28 12.80
N ILE C 169 21.88 -38.32 12.01
CA ILE C 169 20.62 -38.90 12.44
C ILE C 169 20.66 -40.37 12.05
N VAL C 170 20.74 -41.27 13.02
CA VAL C 170 20.74 -42.72 12.76
C VAL C 170 19.33 -43.09 12.28
N GLU C 171 18.32 -42.62 13.01
CA GLU C 171 16.91 -42.87 12.71
C GLU C 171 16.05 -41.86 13.48
N GLY C 172 14.91 -41.50 12.90
CA GLY C 172 14.00 -40.56 13.53
C GLY C 172 12.56 -40.81 13.20
N LEU C 173 11.70 -40.50 14.16
CA LEU C 173 10.26 -40.64 14.06
C LEU C 173 9.67 -39.27 14.49
N MET C 174 8.79 -38.72 13.65
CA MET C 174 8.22 -37.39 13.82
C MET C 174 6.72 -37.40 13.99
N THR C 175 6.21 -36.52 14.84
CA THR C 175 4.79 -36.28 15.04
C THR C 175 4.60 -34.81 14.80
N THR C 176 3.58 -34.43 14.05
CA THR C 176 3.25 -33.02 13.86
C THR C 176 1.88 -32.78 14.46
N VAL C 177 1.79 -31.89 15.46
CA VAL C 177 0.52 -31.50 16.04
C VAL C 177 0.10 -30.33 15.15
N HIS C 178 -0.80 -30.59 14.22
CA HIS C 178 -1.17 -29.66 13.16
C HIS C 178 -2.47 -28.91 13.40
N ALA C 179 -2.53 -27.66 12.92
CA ALA C 179 -3.72 -26.83 12.99
C ALA C 179 -4.76 -27.37 11.98
N ILE C 180 -6.03 -26.96 12.13
CA ILE C 180 -7.08 -27.42 11.20
C ILE C 180 -6.84 -26.86 9.80
N THR C 181 -7.20 -27.65 8.77
CA THR C 181 -7.02 -27.30 7.35
C THR C 181 -8.38 -27.26 6.65
N ALA C 182 -8.40 -26.65 5.45
CA ALA C 182 -9.61 -26.54 4.64
C ALA C 182 -10.22 -27.91 4.24
N THR C 183 -9.43 -28.99 4.28
CA THR C 183 -9.92 -30.32 3.92
C THR C 183 -10.74 -30.99 5.04
N GLN C 184 -10.77 -30.40 6.24
CA GLN C 184 -11.51 -30.93 7.37
C GLN C 184 -12.97 -30.43 7.36
N LYS C 185 -13.82 -31.02 8.22
CA LYS C 185 -15.25 -30.71 8.30
C LYS C 185 -15.57 -30.06 9.64
N THR C 186 -16.49 -29.07 9.66
CA THR C 186 -16.88 -28.40 10.90
C THR C 186 -17.55 -29.35 11.91
N VAL C 187 -18.48 -30.17 11.41
CA VAL C 187 -19.17 -31.22 12.19
C VAL C 187 -18.95 -32.54 11.43
N ASP C 188 -19.20 -33.71 12.09
CA ASP C 188 -19.04 -35.04 11.49
C ASP C 188 -19.65 -35.13 10.10
N GLY C 189 -18.79 -35.13 9.10
CA GLY C 189 -19.18 -35.18 7.70
C GLY C 189 -18.47 -36.28 6.95
N PRO C 190 -18.77 -36.39 5.65
CA PRO C 190 -18.18 -37.45 4.83
C PRO C 190 -16.85 -37.08 4.19
N SER C 191 -15.91 -37.98 4.31
CA SER C 191 -14.58 -37.93 3.70
C SER C 191 -14.28 -39.39 3.35
N GLY C 192 -14.92 -39.87 2.28
CA GLY C 192 -14.84 -41.25 1.83
C GLY C 192 -13.48 -41.92 1.86
N LYS C 193 -12.44 -41.20 1.45
CA LYS C 193 -11.08 -41.76 1.41
C LYS C 193 -10.46 -41.86 2.82
N LEU C 194 -10.48 -40.76 3.60
CA LEU C 194 -9.90 -40.68 4.93
C LEU C 194 -10.99 -40.45 5.98
N TRP C 195 -11.57 -41.54 6.47
CA TRP C 195 -12.69 -41.50 7.41
C TRP C 195 -12.50 -40.62 8.62
N ARG C 196 -11.30 -40.65 9.22
CA ARG C 196 -11.03 -39.85 10.42
C ARG C 196 -11.06 -38.36 10.10
N ASP C 197 -10.58 -37.96 8.89
CA ASP C 197 -10.56 -36.55 8.49
C ASP C 197 -11.96 -35.93 8.28
N GLY C 198 -12.98 -36.76 8.17
CA GLY C 198 -14.35 -36.28 8.06
C GLY C 198 -14.97 -35.93 9.40
N ARG C 199 -14.43 -36.45 10.51
CA ARG C 199 -14.98 -36.21 11.84
C ARG C 199 -14.79 -34.74 12.26
N GLY C 200 -15.72 -34.21 13.06
CA GLY C 200 -15.73 -32.82 13.51
C GLY C 200 -14.39 -32.25 13.91
N ALA C 201 -13.92 -31.22 13.20
CA ALA C 201 -12.61 -30.61 13.44
C ALA C 201 -12.53 -29.85 14.76
N LEU C 202 -13.64 -29.25 15.20
CA LEU C 202 -13.73 -28.48 16.43
C LEU C 202 -13.63 -29.36 17.68
N GLN C 203 -14.19 -30.57 17.62
CA GLN C 203 -14.32 -31.43 18.78
C GLN C 203 -13.22 -32.43 18.98
N ASN C 204 -12.42 -32.70 17.95
CA ASN C 204 -11.50 -33.82 17.98
C ASN C 204 -10.02 -33.56 17.76
N ILE C 205 -9.20 -34.47 18.33
CA ILE C 205 -7.78 -34.67 18.03
C ILE C 205 -7.92 -35.82 17.00
N ILE C 206 -7.50 -35.58 15.76
CA ILE C 206 -7.68 -36.56 14.68
C ILE C 206 -6.34 -37.08 14.20
N PRO C 207 -5.98 -38.37 14.45
CA PRO C 207 -4.72 -38.87 13.89
C PRO C 207 -4.79 -38.91 12.37
N ALA C 208 -3.69 -38.55 11.71
CA ALA C 208 -3.62 -38.53 10.25
C ALA C 208 -2.27 -39.01 9.77
N SER C 209 -2.25 -39.55 8.53
CA SER C 209 -1.01 -40.04 7.92
C SER C 209 -0.37 -38.89 7.16
N THR C 210 0.95 -38.79 7.20
CA THR C 210 1.67 -37.75 6.46
C THR C 210 2.97 -38.27 5.92
N GLY C 211 3.19 -38.09 4.62
CA GLY C 211 4.44 -38.50 4.01
C GLY C 211 5.50 -37.44 4.07
N ALA C 212 5.37 -36.45 4.98
CA ALA C 212 6.30 -35.32 5.09
C ALA C 212 7.65 -35.72 5.67
N ALA C 213 7.69 -36.64 6.65
CA ALA C 213 8.96 -37.10 7.23
C ALA C 213 9.71 -38.00 6.21
N LYS C 214 8.95 -38.88 5.53
CA LYS C 214 9.48 -39.73 4.46
C LYS C 214 10.08 -38.83 3.33
N ALA C 215 9.35 -37.75 2.94
CA ALA C 215 9.75 -36.80 1.88
C ALA C 215 11.02 -36.03 2.19
N VAL C 216 11.34 -35.82 3.48
CA VAL C 216 12.58 -35.13 3.86
C VAL C 216 13.81 -35.90 3.33
N GLY C 217 13.70 -37.22 3.22
CA GLY C 217 14.73 -38.08 2.66
C GLY C 217 15.03 -37.79 1.20
N LYS C 218 14.08 -37.23 0.45
CA LYS C 218 14.32 -36.89 -0.95
C LYS C 218 15.23 -35.64 -1.02
N VAL C 219 14.85 -34.56 -0.32
CA VAL C 219 15.63 -33.32 -0.31
C VAL C 219 16.97 -33.46 0.47
N ILE C 220 17.06 -34.38 1.46
CA ILE C 220 18.31 -34.70 2.16
C ILE C 220 18.55 -36.18 1.88
N PRO C 221 19.18 -36.54 0.72
CA PRO C 221 19.34 -37.98 0.40
C PRO C 221 19.97 -38.86 1.47
N GLU C 222 20.83 -38.29 2.33
CA GLU C 222 21.48 -39.01 3.42
C GLU C 222 20.48 -39.51 4.47
N LEU C 223 19.25 -38.92 4.52
CA LEU C 223 18.19 -39.32 5.45
C LEU C 223 17.09 -40.10 4.75
N ASN C 224 17.36 -40.67 3.55
CA ASN C 224 16.39 -41.50 2.84
C ASN C 224 16.18 -42.83 3.58
N GLY C 225 14.92 -43.13 3.90
CA GLY C 225 14.58 -44.33 4.66
C GLY C 225 14.89 -44.24 6.14
N LYS C 226 15.56 -43.16 6.61
CA LYS C 226 15.90 -42.98 8.01
C LYS C 226 14.82 -42.23 8.83
N LEU C 227 13.77 -41.68 8.16
CA LEU C 227 12.72 -40.92 8.83
C LEU C 227 11.31 -41.27 8.36
N THR C 228 10.36 -41.29 9.30
CA THR C 228 8.91 -41.46 9.03
C THR C 228 8.11 -40.81 10.18
N GLY C 229 6.80 -40.68 10.00
CA GLY C 229 5.96 -40.08 11.02
C GLY C 229 4.48 -40.06 10.73
N MET C 230 3.77 -39.38 11.63
CA MET C 230 2.32 -39.21 11.56
C MET C 230 1.93 -37.82 12.12
N ALA C 231 0.67 -37.46 11.98
CA ALA C 231 0.15 -36.16 12.40
C ALA C 231 -1.04 -36.31 13.35
N PHE C 232 -1.33 -35.26 14.12
CA PHE C 232 -2.51 -35.15 14.97
C PHE C 232 -3.11 -33.79 14.64
N ARG C 233 -4.30 -33.75 14.00
CA ARG C 233 -4.95 -32.47 13.70
C ARG C 233 -5.70 -32.06 14.98
N VAL C 234 -5.50 -30.80 15.43
CA VAL C 234 -6.10 -30.30 16.67
C VAL C 234 -6.90 -29.02 16.42
N PRO C 235 -7.86 -28.64 17.31
CA PRO C 235 -8.71 -27.47 17.02
C PRO C 235 -8.08 -26.07 17.23
N THR C 236 -7.11 -25.70 16.36
CA THR C 236 -6.56 -24.33 16.28
C THR C 236 -6.61 -23.96 14.81
N ALA C 237 -6.86 -22.69 14.52
CA ALA C 237 -6.99 -22.23 13.15
C ALA C 237 -5.69 -22.17 12.37
N ASN C 238 -4.56 -21.98 13.05
CA ASN C 238 -3.27 -21.86 12.37
C ASN C 238 -2.10 -22.00 13.35
N VAL C 239 -0.89 -22.31 12.80
CA VAL C 239 0.38 -22.55 13.49
C VAL C 239 0.41 -24.00 13.98
N SER C 240 1.40 -24.75 13.50
CA SER C 240 1.62 -26.16 13.80
C SER C 240 3.02 -26.36 14.43
N VAL C 241 3.26 -27.56 14.99
CA VAL C 241 4.53 -27.87 15.63
C VAL C 241 4.98 -29.27 15.25
N VAL C 242 6.29 -29.42 14.98
CA VAL C 242 6.94 -30.70 14.65
C VAL C 242 7.67 -31.16 15.91
N ASP C 243 7.56 -32.45 16.18
CA ASP C 243 8.17 -33.13 17.30
C ASP C 243 9.02 -34.24 16.72
N LEU C 244 10.35 -34.06 16.66
CA LEU C 244 11.24 -35.07 16.11
C LEU C 244 11.96 -35.84 17.20
N THR C 245 11.63 -37.13 17.35
CA THR C 245 12.32 -38.00 18.29
C THR C 245 13.35 -38.76 17.44
N CYS C 246 14.64 -38.59 17.75
CA CYS C 246 15.68 -39.22 16.96
C CYS C 246 16.88 -39.70 17.78
N ARG C 247 17.62 -40.64 17.15
CA ARG C 247 18.84 -41.22 17.68
C ARG C 247 19.98 -40.63 16.88
N LEU C 248 21.00 -40.15 17.60
CA LEU C 248 22.14 -39.49 17.02
C LEU C 248 23.34 -40.42 16.96
N GLU C 249 24.09 -40.40 15.84
CA GLU C 249 25.32 -41.17 15.68
C GLU C 249 26.35 -40.67 16.73
N LYS C 250 26.62 -39.34 16.71
CA LYS C 250 27.62 -38.70 17.56
C LYS C 250 26.93 -38.25 18.83
N PRO C 251 27.55 -38.34 20.03
CA PRO C 251 26.87 -37.87 21.25
C PRO C 251 26.62 -36.37 21.15
N ALA C 252 25.51 -35.92 21.70
CA ALA C 252 25.19 -34.51 21.68
C ALA C 252 24.54 -34.12 22.98
N LYS C 253 25.19 -33.24 23.75
CA LYS C 253 24.56 -32.68 24.93
C LYS C 253 23.48 -31.71 24.42
N TYR C 254 22.41 -31.49 25.18
CA TYR C 254 21.34 -30.61 24.71
C TYR C 254 21.85 -29.18 24.44
N ASP C 255 22.82 -28.67 25.24
CA ASP C 255 23.38 -27.35 24.97
C ASP C 255 24.21 -27.31 23.69
N ASP C 256 24.75 -28.44 23.25
CA ASP C 256 25.47 -28.51 21.97
C ASP C 256 24.46 -28.49 20.82
N ILE C 257 23.30 -29.14 20.99
CA ILE C 257 22.23 -29.12 20.01
C ILE C 257 21.73 -27.67 19.87
N LYS C 258 21.50 -27.00 21.01
CA LYS C 258 21.07 -25.61 21.01
C LYS C 258 22.09 -24.72 20.29
N LYS C 259 23.39 -24.87 20.65
CA LYS C 259 24.49 -24.08 20.09
C LYS C 259 24.54 -24.16 18.56
N VAL C 260 24.48 -25.37 18.00
CA VAL C 260 24.57 -25.55 16.55
C VAL C 260 23.33 -25.06 15.81
N VAL C 261 22.12 -25.16 16.44
CA VAL C 261 20.89 -24.65 15.83
C VAL C 261 20.92 -23.12 15.83
N LYS C 262 21.32 -22.50 16.95
CA LYS C 262 21.41 -21.05 17.07
C LYS C 262 22.37 -20.49 16.00
N GLN C 263 23.51 -21.17 15.77
CA GLN C 263 24.47 -20.77 14.75
C GLN C 263 23.88 -20.81 13.34
N ALA C 264 23.13 -21.87 13.00
CA ALA C 264 22.53 -22.01 11.69
C ALA C 264 21.44 -20.97 11.45
N SER C 265 20.66 -20.64 12.49
CA SER C 265 19.60 -19.63 12.39
C SER C 265 20.17 -18.23 12.19
N GLU C 266 21.36 -17.95 12.76
CA GLU C 266 22.05 -16.67 12.62
C GLU C 266 22.87 -16.57 11.31
N GLY C 267 23.27 -17.70 10.74
CA GLY C 267 24.08 -17.73 9.55
C GLY C 267 23.36 -18.17 8.31
N PRO C 268 23.67 -19.37 7.77
CA PRO C 268 23.10 -19.76 6.46
C PRO C 268 21.59 -19.93 6.37
N LEU C 269 20.92 -20.39 7.45
CA LEU C 269 19.49 -20.58 7.44
C LEU C 269 18.76 -19.40 8.09
N LYS C 270 19.31 -18.17 7.98
CA LYS C 270 18.65 -17.01 8.54
C LYS C 270 17.34 -16.76 7.76
N GLY C 271 16.22 -16.65 8.48
CA GLY C 271 14.92 -16.46 7.86
C GLY C 271 14.20 -17.75 7.50
N ILE C 272 14.94 -18.87 7.41
CA ILE C 272 14.36 -20.18 7.10
C ILE C 272 14.21 -20.95 8.42
N LEU C 273 15.33 -21.12 9.13
CA LEU C 273 15.34 -21.76 10.44
C LEU C 273 15.53 -20.67 11.48
N GLY C 274 14.63 -20.64 12.44
CA GLY C 274 14.67 -19.73 13.58
C GLY C 274 15.07 -20.47 14.84
N TYR C 275 15.37 -19.72 15.89
CA TYR C 275 15.78 -20.28 17.17
C TYR C 275 15.24 -19.39 18.28
N THR C 276 14.61 -19.99 19.32
CA THR C 276 14.14 -19.24 20.48
C THR C 276 14.34 -20.03 21.73
N GLU C 277 14.62 -19.28 22.82
CA GLU C 277 14.68 -19.77 24.20
C GLU C 277 13.50 -19.16 25.02
N HIS C 278 12.63 -18.31 24.41
CA HIS C 278 11.49 -17.71 25.09
C HIS C 278 10.40 -18.71 25.40
N GLN C 279 9.54 -18.35 26.34
CA GLN C 279 8.42 -19.18 26.80
C GLN C 279 7.24 -19.08 25.78
N VAL C 280 7.51 -19.45 24.52
CA VAL C 280 6.55 -19.33 23.42
C VAL C 280 5.42 -20.37 23.40
N VAL C 281 4.28 -19.98 22.78
CA VAL C 281 3.11 -20.82 22.52
C VAL C 281 2.76 -20.64 21.01
N SER C 282 1.82 -21.45 20.46
CA SER C 282 1.59 -21.41 19.01
C SER C 282 1.27 -20.04 18.45
N SER C 283 0.38 -19.26 19.09
CA SER C 283 -0.01 -17.96 18.58
C SER C 283 1.17 -17.00 18.39
N ASP C 284 2.29 -17.22 19.08
CA ASP C 284 3.47 -16.38 18.93
C ASP C 284 4.12 -16.50 17.54
N PHE C 285 3.77 -17.53 16.76
CA PHE C 285 4.30 -17.72 15.41
C PHE C 285 3.30 -17.41 14.34
N ASN C 286 2.18 -16.71 14.68
CA ASN C 286 1.18 -16.38 13.69
C ASN C 286 1.71 -15.24 12.86
N SER C 287 1.70 -15.47 11.54
CA SER C 287 2.25 -14.58 10.53
C SER C 287 3.81 -14.55 10.57
N ASP C 288 4.45 -15.57 11.19
CA ASP C 288 5.90 -15.68 11.21
C ASP C 288 6.25 -16.41 9.93
N THR C 289 7.12 -15.77 9.11
CA THR C 289 7.53 -16.23 7.77
C THR C 289 8.70 -17.23 7.75
N HIS C 290 9.07 -17.78 8.94
CA HIS C 290 10.07 -18.80 9.01
C HIS C 290 9.47 -20.14 8.63
N SER C 291 10.31 -21.00 8.03
CA SER C 291 9.96 -22.36 7.66
C SER C 291 9.84 -23.20 8.92
N SER C 292 10.73 -22.97 9.90
CA SER C 292 10.72 -23.71 11.16
C SER C 292 11.46 -22.91 12.23
N THR C 293 10.97 -22.92 13.49
CA THR C 293 11.64 -22.23 14.59
C THR C 293 11.88 -23.22 15.73
N PHE C 294 13.14 -23.53 15.99
CA PHE C 294 13.52 -24.44 17.06
C PHE C 294 13.16 -23.87 18.43
N ASP C 295 12.36 -24.60 19.21
CA ASP C 295 11.96 -24.22 20.56
C ASP C 295 12.92 -24.91 21.54
N ALA C 296 13.94 -24.18 22.03
CA ALA C 296 14.93 -24.76 22.92
C ALA C 296 14.33 -25.31 24.23
N GLY C 297 13.50 -24.50 24.90
CA GLY C 297 12.88 -24.90 26.16
C GLY C 297 11.88 -26.04 26.10
N ALA C 298 11.27 -26.30 24.92
CA ALA C 298 10.24 -27.35 24.79
C ALA C 298 10.79 -28.74 24.58
N GLY C 299 11.96 -28.87 23.96
CA GLY C 299 12.57 -30.17 23.72
C GLY C 299 13.10 -30.84 24.97
N ILE C 300 13.38 -32.15 24.86
CA ILE C 300 13.89 -32.94 25.99
C ILE C 300 14.80 -34.08 25.52
N ALA C 301 15.92 -34.27 26.23
CA ALA C 301 16.88 -35.34 25.94
C ALA C 301 16.78 -36.44 26.99
N LEU C 302 16.75 -37.71 26.55
CA LEU C 302 16.73 -38.85 27.47
C LEU C 302 18.20 -39.12 27.85
N ASN C 303 19.06 -39.22 26.81
CA ASN C 303 20.51 -39.41 26.93
C ASN C 303 21.22 -38.67 25.75
N ASP C 304 22.56 -38.72 25.69
CA ASP C 304 23.30 -38.03 24.64
C ASP C 304 23.01 -38.51 23.23
N HIS C 305 22.36 -39.66 23.05
CA HIS C 305 22.05 -40.16 21.72
C HIS C 305 20.56 -40.27 21.45
N PHE C 306 19.67 -39.82 22.36
CA PHE C 306 18.24 -39.94 22.14
C PHE C 306 17.51 -38.68 22.61
N VAL C 307 17.05 -37.87 21.64
CA VAL C 307 16.41 -36.58 21.90
C VAL C 307 15.08 -36.38 21.18
N LYS C 308 14.27 -35.43 21.72
CA LYS C 308 12.99 -34.99 21.19
C LYS C 308 13.16 -33.51 20.94
N LEU C 309 13.16 -33.10 19.68
CA LEU C 309 13.37 -31.71 19.29
C LEU C 309 12.08 -31.12 18.74
N ILE C 310 11.64 -29.98 19.33
CA ILE C 310 10.38 -29.27 19.01
C ILE C 310 10.69 -28.07 18.08
N SER C 311 9.88 -27.88 17.07
CA SER C 311 10.06 -26.79 16.13
C SER C 311 8.69 -26.30 15.60
N TRP C 312 8.43 -24.98 15.72
CA TRP C 312 7.16 -24.36 15.31
C TRP C 312 7.18 -23.93 13.87
N TYR C 313 6.00 -23.89 13.25
CA TYR C 313 5.89 -23.39 11.89
C TYR C 313 4.50 -22.86 11.61
N ASP C 314 4.43 -21.70 10.96
CA ASP C 314 3.17 -21.14 10.53
C ASP C 314 2.94 -21.91 9.21
N ASN C 315 2.13 -22.95 9.29
CA ASN C 315 1.82 -23.78 8.14
C ASN C 315 1.28 -22.96 6.94
N GLU C 316 0.81 -21.71 7.18
CA GLU C 316 0.31 -20.83 6.13
C GLU C 316 1.39 -19.87 5.61
N PHE C 317 1.93 -19.01 6.48
CA PHE C 317 2.89 -17.97 6.11
C PHE C 317 4.29 -18.43 5.94
N GLY C 318 4.68 -19.55 6.54
CA GLY C 318 6.03 -20.05 6.39
C GLY C 318 6.21 -20.52 4.96
N TYR C 319 5.35 -21.49 4.58
CA TYR C 319 5.33 -22.16 3.27
C TYR C 319 5.09 -21.24 2.09
N SER C 320 4.18 -20.28 2.23
CA SER C 320 3.86 -19.33 1.16
C SER C 320 5.06 -18.47 0.83
N ASN C 321 5.78 -18.04 1.87
CA ASN C 321 6.96 -17.24 1.69
C ASN C 321 8.05 -18.07 1.04
N ARG C 322 8.12 -19.38 1.29
CA ARG C 322 9.08 -20.25 0.61
C ARG C 322 8.76 -20.37 -0.86
N VAL C 323 7.47 -20.34 -1.25
CA VAL C 323 7.10 -20.40 -2.67
C VAL C 323 7.67 -19.16 -3.39
N VAL C 324 7.52 -17.98 -2.76
CA VAL C 324 8.03 -16.71 -3.27
C VAL C 324 9.58 -16.71 -3.30
N ASP C 325 10.23 -17.21 -2.22
CA ASP C 325 11.69 -17.27 -2.14
C ASP C 325 12.26 -18.20 -3.19
N LEU C 326 11.59 -19.32 -3.44
CA LEU C 326 12.01 -20.29 -4.44
C LEU C 326 11.99 -19.65 -5.82
N MET C 327 10.91 -18.94 -6.16
CA MET C 327 10.81 -18.27 -7.46
C MET C 327 11.82 -17.14 -7.60
N ALA C 328 12.09 -16.40 -6.51
CA ALA C 328 13.10 -15.35 -6.53
C ALA C 328 14.48 -15.98 -6.79
N HIS C 329 14.74 -17.19 -6.23
CA HIS C 329 15.98 -17.91 -6.47
C HIS C 329 16.05 -18.38 -7.94
N MET C 330 14.96 -18.95 -8.48
CA MET C 330 14.89 -19.40 -9.87
C MET C 330 15.18 -18.23 -10.81
N ALA C 331 14.63 -17.04 -10.50
CA ALA C 331 14.84 -15.85 -11.32
C ALA C 331 16.32 -15.44 -11.33
N SER C 332 17.00 -15.53 -10.18
CA SER C 332 18.41 -15.18 -10.10
C SER C 332 19.29 -16.11 -10.95
N LYS C 333 18.90 -17.39 -11.09
CA LYS C 333 19.65 -18.33 -11.92
C LYS C 333 19.39 -18.15 -13.42
N GLU C 334 18.30 -17.46 -13.82
CA GLU C 334 17.97 -17.25 -15.24
C GLU C 334 19.07 -16.52 -16.03
N LYS D 2 -17.87 -6.29 -25.78
CA LYS D 2 -17.03 -5.10 -25.91
C LYS D 2 -16.98 -4.70 -27.37
N VAL D 3 -17.18 -3.40 -27.66
CA VAL D 3 -17.19 -2.90 -29.04
C VAL D 3 -15.81 -2.89 -29.64
N LYS D 4 -15.70 -3.32 -30.92
CA LYS D 4 -14.43 -3.36 -31.63
C LYS D 4 -14.21 -2.03 -32.32
N VAL D 5 -13.06 -1.39 -32.04
CA VAL D 5 -12.75 -0.05 -32.49
C VAL D 5 -11.56 0.00 -33.44
N GLY D 6 -11.63 0.92 -34.40
CA GLY D 6 -10.57 1.24 -35.33
C GLY D 6 -10.10 2.65 -35.04
N VAL D 7 -8.78 2.93 -35.13
CA VAL D 7 -8.25 4.26 -34.85
C VAL D 7 -7.60 4.81 -36.09
N ASN D 8 -8.07 5.96 -36.59
CA ASN D 8 -7.48 6.59 -37.76
C ASN D 8 -6.49 7.65 -37.28
N GLY D 9 -5.22 7.42 -37.57
CA GLY D 9 -4.12 8.30 -37.19
C GLY D 9 -3.44 7.81 -35.93
N PHE D 10 -2.14 7.48 -36.00
CA PHE D 10 -1.40 7.06 -34.80
C PHE D 10 -0.52 8.20 -34.30
N GLY D 11 -1.10 9.40 -34.26
CA GLY D 11 -0.47 10.57 -33.69
C GLY D 11 -0.68 10.59 -32.19
N ARG D 12 -0.38 11.71 -31.56
CA ARG D 12 -0.46 11.83 -30.11
C ARG D 12 -1.84 11.43 -29.53
N ILE D 13 -2.96 11.87 -30.14
CA ILE D 13 -4.30 11.48 -29.68
C ILE D 13 -4.56 10.00 -29.98
N GLY D 14 -4.29 9.57 -31.21
CA GLY D 14 -4.51 8.18 -31.61
C GLY D 14 -3.80 7.16 -30.76
N ARG D 15 -2.55 7.42 -30.39
CA ARG D 15 -1.78 6.52 -29.54
C ARG D 15 -2.32 6.50 -28.10
N LEU D 16 -2.69 7.65 -27.56
CA LEU D 16 -3.18 7.70 -26.19
C LEU D 16 -4.61 7.17 -26.08
N VAL D 17 -5.43 7.29 -27.15
CA VAL D 17 -6.77 6.67 -27.15
C VAL D 17 -6.54 5.14 -27.15
N THR D 18 -5.59 4.65 -27.96
CA THR D 18 -5.24 3.22 -27.98
C THR D 18 -4.78 2.75 -26.60
N ARG D 19 -3.95 3.56 -25.97
CA ARG D 19 -3.42 3.24 -24.62
C ARG D 19 -4.58 3.20 -23.59
N ALA D 20 -5.49 4.17 -23.64
CA ALA D 20 -6.63 4.23 -22.75
C ALA D 20 -7.53 3.03 -22.95
N ALA D 21 -7.71 2.57 -24.21
CA ALA D 21 -8.54 1.42 -24.52
C ALA D 21 -8.00 0.17 -23.83
N PHE D 22 -6.67 -0.04 -23.85
CA PHE D 22 -6.09 -1.22 -23.21
C PHE D 22 -6.01 -1.06 -21.70
N ASN D 23 -5.64 0.14 -21.22
CA ASN D 23 -5.54 0.38 -19.78
C ASN D 23 -6.90 0.23 -19.09
N SER D 24 -7.96 0.81 -19.66
CA SER D 24 -9.30 0.73 -19.09
C SER D 24 -10.04 -0.56 -19.43
N GLY D 25 -9.75 -1.13 -20.60
CA GLY D 25 -10.40 -2.34 -21.07
C GLY D 25 -11.87 -2.17 -21.41
N LYS D 26 -12.33 -0.92 -21.64
CA LYS D 26 -13.74 -0.67 -21.96
C LYS D 26 -14.11 -0.98 -23.39
N VAL D 27 -13.10 -1.09 -24.25
CA VAL D 27 -13.23 -1.15 -25.70
C VAL D 27 -12.09 -2.04 -26.24
N ASP D 28 -12.27 -2.64 -27.46
CA ASP D 28 -11.23 -3.48 -28.07
C ASP D 28 -10.69 -2.84 -29.34
N ILE D 29 -9.43 -2.37 -29.35
CA ILE D 29 -8.84 -1.84 -30.59
C ILE D 29 -8.53 -3.05 -31.48
N VAL D 30 -9.03 -3.05 -32.71
CA VAL D 30 -8.82 -4.14 -33.66
C VAL D 30 -8.09 -3.69 -34.94
N ALA D 31 -8.02 -2.37 -35.22
CA ALA D 31 -7.34 -1.85 -36.40
C ALA D 31 -6.83 -0.43 -36.17
N ILE D 32 -5.71 -0.09 -36.81
CA ILE D 32 -5.13 1.26 -36.75
C ILE D 32 -4.70 1.62 -38.17
N ASN D 33 -4.95 2.86 -38.58
CA ASN D 33 -4.54 3.33 -39.90
C ASN D 33 -3.64 4.55 -39.77
N ASP D 34 -2.45 4.52 -40.35
CA ASP D 34 -1.59 5.71 -40.44
C ASP D 34 -0.74 5.54 -41.68
N PRO D 35 -0.92 6.35 -42.73
CA PRO D 35 -0.13 6.15 -43.97
C PRO D 35 1.35 6.49 -43.88
N PHE D 36 1.80 7.10 -42.77
CA PHE D 36 3.18 7.55 -42.62
C PHE D 36 4.02 6.73 -41.64
N ILE D 37 3.41 6.22 -40.57
CA ILE D 37 4.12 5.45 -39.57
C ILE D 37 3.99 3.96 -39.94
N ASP D 38 5.08 3.22 -40.23
CA ASP D 38 4.97 1.79 -40.56
C ASP D 38 4.77 0.97 -39.27
N LEU D 39 4.52 -0.37 -39.34
CA LEU D 39 4.31 -1.20 -38.14
C LEU D 39 5.44 -1.12 -37.09
N ASN D 40 6.70 -1.23 -37.54
CA ASN D 40 7.82 -1.23 -36.61
C ASN D 40 7.93 0.10 -35.85
N TYR D 41 7.70 1.23 -36.53
CA TYR D 41 7.75 2.53 -35.85
C TYR D 41 6.59 2.64 -34.86
N MET D 42 5.40 2.13 -35.22
CA MET D 42 4.23 2.11 -34.32
C MET D 42 4.51 1.38 -33.00
N VAL D 43 5.28 0.29 -33.00
CA VAL D 43 5.59 -0.44 -31.77
C VAL D 43 6.47 0.47 -30.89
N TYR D 44 7.45 1.14 -31.49
CA TYR D 44 8.32 2.07 -30.75
C TYR D 44 7.53 3.24 -30.15
N MET D 45 6.68 3.88 -30.95
CA MET D 45 5.91 5.04 -30.51
C MET D 45 4.90 4.69 -29.44
N PHE D 46 4.31 3.48 -29.47
CA PHE D 46 3.36 3.08 -28.46
C PHE D 46 4.04 2.64 -27.16
N GLN D 47 5.15 1.91 -27.29
CA GLN D 47 5.88 1.37 -26.14
C GLN D 47 6.54 2.44 -25.29
N TYR D 48 7.22 3.41 -25.90
CA TYR D 48 7.96 4.44 -25.17
C TYR D 48 7.24 5.74 -25.24
N ASP D 49 7.02 6.39 -24.10
CA ASP D 49 6.35 7.69 -24.06
C ASP D 49 7.12 8.59 -23.11
N SER D 50 7.59 9.75 -23.58
CA SER D 50 8.35 10.67 -22.72
C SER D 50 7.49 11.16 -21.56
N THR D 51 6.21 11.43 -21.79
CA THR D 51 5.30 11.97 -20.78
C THR D 51 4.71 10.93 -19.81
N HIS D 52 4.17 9.82 -20.34
CA HIS D 52 3.46 8.83 -19.55
C HIS D 52 4.23 7.54 -19.28
N GLY D 53 5.49 7.46 -19.73
CA GLY D 53 6.35 6.32 -19.48
C GLY D 53 6.09 5.15 -20.39
N LYS D 54 6.90 4.09 -20.21
CA LYS D 54 6.79 2.88 -20.99
C LYS D 54 5.42 2.24 -20.74
N PHE D 55 4.84 1.67 -21.79
CA PHE D 55 3.52 1.04 -21.69
C PHE D 55 3.52 -0.11 -20.68
N HIS D 56 2.58 -0.07 -19.68
CA HIS D 56 2.47 -1.14 -18.70
CA HIS D 56 2.46 -1.17 -18.71
C HIS D 56 1.72 -2.31 -19.41
N GLY D 57 2.50 -3.17 -20.06
CA GLY D 57 2.01 -4.31 -20.82
C GLY D 57 3.02 -4.72 -21.87
N THR D 58 2.58 -5.49 -22.88
CA THR D 58 3.49 -5.98 -23.95
C THR D 58 3.11 -5.39 -25.31
N VAL D 59 4.11 -4.94 -26.09
CA VAL D 59 3.94 -4.35 -27.43
C VAL D 59 4.92 -5.12 -28.34
N LYS D 60 4.36 -5.85 -29.30
CA LYS D 60 5.05 -6.76 -30.20
C LYS D 60 4.68 -6.45 -31.63
N ALA D 61 5.60 -6.69 -32.55
CA ALA D 61 5.33 -6.61 -34.00
C ALA D 61 5.51 -8.05 -34.45
N GLU D 62 4.41 -8.74 -34.82
CA GLU D 62 4.53 -10.12 -35.26
C GLU D 62 3.57 -10.44 -36.40
N ASN D 63 4.11 -10.71 -37.58
CA ASN D 63 3.32 -11.07 -38.73
C ASN D 63 2.34 -9.98 -39.12
N GLY D 64 2.88 -8.78 -39.37
CA GLY D 64 2.08 -7.63 -39.81
C GLY D 64 1.15 -6.98 -38.82
N LYS D 65 1.05 -7.54 -37.62
CA LYS D 65 0.10 -7.09 -36.64
C LYS D 65 0.77 -6.38 -35.51
N LEU D 66 0.09 -5.35 -34.96
CA LEU D 66 0.55 -4.67 -33.76
C LEU D 66 -0.13 -5.47 -32.68
N VAL D 67 0.64 -6.15 -31.83
CA VAL D 67 0.11 -7.07 -30.82
C VAL D 67 0.34 -6.44 -29.46
N ILE D 68 -0.73 -5.87 -28.87
CA ILE D 68 -0.66 -5.21 -27.57
C ILE D 68 -1.32 -6.13 -26.57
N ASN D 69 -0.58 -6.67 -25.59
CA ASN D 69 -1.14 -7.59 -24.58
C ASN D 69 -1.77 -8.83 -25.22
N GLY D 70 -1.10 -9.38 -26.23
CA GLY D 70 -1.60 -10.54 -26.95
C GLY D 70 -2.72 -10.29 -27.93
N ASN D 71 -3.21 -9.04 -28.04
CA ASN D 71 -4.30 -8.71 -28.96
C ASN D 71 -3.75 -8.26 -30.31
N PRO D 72 -3.98 -9.02 -31.40
CA PRO D 72 -3.48 -8.57 -32.72
C PRO D 72 -4.33 -7.48 -33.36
N ILE D 73 -3.70 -6.38 -33.78
CA ILE D 73 -4.36 -5.23 -34.38
C ILE D 73 -3.94 -5.12 -35.85
N THR D 74 -4.90 -5.03 -36.75
CA THR D 74 -4.64 -4.91 -38.19
C THR D 74 -4.13 -3.52 -38.52
N ILE D 75 -3.02 -3.41 -39.26
CA ILE D 75 -2.48 -2.11 -39.63
C ILE D 75 -2.76 -1.77 -41.11
N PHE D 76 -3.27 -0.55 -41.35
CA PHE D 76 -3.56 -0.02 -42.67
C PHE D 76 -2.67 1.21 -42.93
N GLN D 77 -2.30 1.47 -44.21
CA GLN D 77 -1.45 2.60 -44.59
C GLN D 77 -2.15 3.45 -45.68
N GLU D 78 -3.44 3.77 -45.48
CA GLU D 78 -4.22 4.53 -46.47
C GLU D 78 -4.20 6.03 -46.25
N ARG D 79 -4.07 6.80 -47.34
CA ARG D 79 -4.14 8.26 -47.30
C ARG D 79 -5.61 8.70 -47.43
N ASP D 80 -6.42 7.98 -48.25
CA ASP D 80 -7.84 8.30 -48.42
C ASP D 80 -8.66 7.54 -47.39
N PRO D 81 -9.37 8.22 -46.47
CA PRO D 81 -10.13 7.47 -45.46
C PRO D 81 -11.21 6.55 -46.04
N SER D 82 -11.80 6.86 -47.20
CA SER D 82 -12.83 6.02 -47.80
C SER D 82 -12.29 4.68 -48.29
N LYS D 83 -10.95 4.57 -48.48
CA LYS D 83 -10.30 3.34 -48.92
C LYS D 83 -9.89 2.41 -47.77
N ILE D 84 -10.09 2.78 -46.49
CA ILE D 84 -9.70 1.90 -45.37
C ILE D 84 -10.74 0.79 -45.20
N LYS D 85 -10.31 -0.50 -45.21
CA LYS D 85 -11.19 -1.66 -45.10
C LYS D 85 -11.52 -1.91 -43.61
N TRP D 86 -12.12 -0.91 -42.95
CA TRP D 86 -12.49 -0.98 -41.54
C TRP D 86 -13.35 -2.22 -41.23
N GLY D 87 -14.33 -2.48 -42.09
CA GLY D 87 -15.20 -3.62 -41.92
C GLY D 87 -14.48 -4.95 -41.99
N ASP D 88 -13.47 -5.10 -42.86
CA ASP D 88 -12.72 -6.35 -42.97
C ASP D 88 -12.01 -6.67 -41.66
N ALA D 89 -11.41 -5.66 -41.02
CA ALA D 89 -10.73 -5.86 -39.75
C ALA D 89 -11.70 -6.04 -38.54
N GLY D 90 -13.00 -5.85 -38.76
CA GLY D 90 -14.00 -5.99 -37.72
C GLY D 90 -14.24 -4.73 -36.90
N ALA D 91 -13.78 -3.56 -37.39
CA ALA D 91 -13.95 -2.30 -36.67
C ALA D 91 -15.39 -1.74 -36.80
N GLU D 92 -16.14 -1.75 -35.69
CA GLU D 92 -17.51 -1.27 -35.65
C GLU D 92 -17.51 0.26 -35.54
N TYR D 93 -16.67 0.83 -34.64
CA TYR D 93 -16.53 2.29 -34.49
C TYR D 93 -15.17 2.73 -34.94
N VAL D 94 -15.03 3.94 -35.48
CA VAL D 94 -13.73 4.47 -35.89
C VAL D 94 -13.49 5.80 -35.20
N VAL D 95 -12.30 5.96 -34.59
CA VAL D 95 -11.92 7.20 -33.98
C VAL D 95 -11.18 8.02 -35.05
N GLU D 96 -11.72 9.21 -35.37
CA GLU D 96 -11.09 10.06 -36.34
C GLU D 96 -10.16 11.00 -35.58
N SER D 97 -8.89 10.58 -35.38
CA SER D 97 -7.91 11.36 -34.65
C SER D 97 -6.96 12.22 -35.46
N THR D 98 -6.97 12.19 -36.82
CA THR D 98 -5.97 12.94 -37.60
C THR D 98 -6.11 14.47 -37.52
N GLY D 99 -7.29 14.96 -37.16
CA GLY D 99 -7.54 16.39 -37.09
C GLY D 99 -7.82 17.05 -38.44
N VAL D 100 -7.67 16.31 -39.55
CA VAL D 100 -7.90 16.88 -40.88
C VAL D 100 -9.25 16.44 -41.50
N PHE D 101 -10.08 15.63 -40.79
CA PHE D 101 -11.39 15.19 -41.30
C PHE D 101 -12.43 15.43 -40.20
N THR D 102 -12.58 16.68 -39.75
CA THR D 102 -13.50 17.01 -38.68
C THR D 102 -14.94 17.34 -39.13
N THR D 103 -15.22 17.63 -40.42
CA THR D 103 -16.59 17.87 -40.86
C THR D 103 -17.26 16.53 -41.06
N MET D 104 -18.60 16.46 -40.97
CA MET D 104 -19.32 15.20 -41.14
C MET D 104 -19.15 14.61 -42.53
N GLU D 105 -18.96 15.45 -43.54
CA GLU D 105 -18.73 14.98 -44.90
C GLU D 105 -17.37 14.28 -44.95
N LYS D 106 -16.32 14.88 -44.35
CA LYS D 106 -14.97 14.29 -44.34
C LYS D 106 -14.90 13.06 -43.44
N ALA D 107 -15.43 13.14 -42.21
CA ALA D 107 -15.43 12.04 -41.26
C ALA D 107 -16.32 10.86 -41.75
N GLY D 108 -17.36 11.15 -42.53
CA GLY D 108 -18.24 10.13 -43.07
C GLY D 108 -17.58 9.16 -44.03
N ALA D 109 -16.40 9.50 -44.58
CA ALA D 109 -15.66 8.60 -45.48
C ALA D 109 -15.41 7.23 -44.86
N HIS D 110 -15.17 7.19 -43.54
CA HIS D 110 -14.94 5.95 -42.80
C HIS D 110 -16.12 4.96 -42.89
N LEU D 111 -17.35 5.46 -43.08
CA LEU D 111 -18.53 4.61 -43.21
C LEU D 111 -18.49 3.83 -44.55
N GLN D 112 -17.79 4.36 -45.59
CA GLN D 112 -17.64 3.66 -46.86
C GLN D 112 -16.75 2.41 -46.74
N GLY D 113 -15.81 2.41 -45.80
CA GLY D 113 -14.95 1.28 -45.56
C GLY D 113 -15.59 0.14 -44.78
N GLY D 114 -16.72 0.42 -44.12
CA GLY D 114 -17.43 -0.60 -43.34
C GLY D 114 -17.71 -0.22 -41.91
N ALA D 115 -17.22 0.96 -41.44
CA ALA D 115 -17.48 1.39 -40.07
C ALA D 115 -18.97 1.75 -39.92
N LYS D 116 -19.51 1.57 -38.71
CA LYS D 116 -20.90 1.85 -38.41
C LYS D 116 -21.06 3.25 -37.80
N ARG D 117 -20.11 3.66 -36.96
CA ARG D 117 -20.12 4.97 -36.31
C ARG D 117 -18.72 5.59 -36.33
N VAL D 118 -18.62 6.93 -36.36
CA VAL D 118 -17.34 7.66 -36.36
C VAL D 118 -17.35 8.68 -35.20
N ILE D 119 -16.32 8.65 -34.32
CA ILE D 119 -16.16 9.58 -33.21
C ILE D 119 -14.97 10.47 -33.55
N ILE D 120 -15.24 11.76 -33.81
CA ILE D 120 -14.16 12.70 -34.12
C ILE D 120 -13.53 13.13 -32.79
N SER D 121 -12.23 12.80 -32.56
CA SER D 121 -11.52 13.16 -31.33
C SER D 121 -11.00 14.61 -31.42
N ALA D 122 -11.91 15.53 -31.75
CA ALA D 122 -11.65 16.96 -31.93
C ALA D 122 -12.95 17.72 -32.16
N PRO D 123 -12.98 19.06 -32.03
CA PRO D 123 -14.22 19.79 -32.33
C PRO D 123 -14.56 19.74 -33.82
N SER D 124 -15.84 19.72 -34.13
CA SER D 124 -16.34 19.67 -35.50
C SER D 124 -17.22 20.89 -35.76
N ALA D 125 -17.18 21.41 -36.99
CA ALA D 125 -18.00 22.56 -37.36
C ALA D 125 -19.49 22.21 -37.41
N ASP D 126 -19.83 20.96 -37.85
CA ASP D 126 -21.24 20.53 -38.02
C ASP D 126 -21.67 19.28 -37.26
N ALA D 127 -20.76 18.38 -36.84
CA ALA D 127 -21.19 17.15 -36.16
C ALA D 127 -21.71 17.42 -34.73
N PRO D 128 -22.67 16.63 -34.21
CA PRO D 128 -23.13 16.86 -32.83
C PRO D 128 -22.00 16.62 -31.82
N MET D 129 -21.80 17.55 -30.87
CA MET D 129 -20.71 17.43 -29.91
C MET D 129 -21.17 16.93 -28.59
N PHE D 130 -20.32 16.12 -27.95
CA PHE D 130 -20.62 15.56 -26.66
C PHE D 130 -19.48 15.74 -25.68
N VAL D 131 -19.85 15.88 -24.40
CA VAL D 131 -18.93 15.94 -23.28
C VAL D 131 -19.51 14.97 -22.27
N MET D 132 -18.77 13.92 -21.90
CA MET D 132 -19.22 12.93 -20.94
C MET D 132 -19.51 13.60 -19.62
N GLY D 133 -20.66 13.29 -19.05
CA GLY D 133 -21.10 13.87 -17.79
C GLY D 133 -21.91 15.14 -17.97
N VAL D 134 -21.91 15.74 -19.17
CA VAL D 134 -22.63 17.00 -19.40
C VAL D 134 -23.83 16.79 -20.33
N ASN D 135 -23.65 16.23 -21.53
CA ASN D 135 -24.75 16.03 -22.47
C ASN D 135 -24.69 14.67 -23.21
N HIS D 136 -23.96 13.68 -22.70
CA HIS D 136 -23.88 12.38 -23.37
C HIS D 136 -25.23 11.67 -23.38
N GLU D 137 -26.14 11.98 -22.43
CA GLU D 137 -27.47 11.36 -22.44
C GLU D 137 -28.29 11.81 -23.67
N LYS D 138 -27.94 12.96 -24.29
CA LYS D 138 -28.60 13.41 -25.51
C LYS D 138 -28.15 12.58 -26.77
N TYR D 139 -27.18 11.65 -26.62
CA TYR D 139 -26.75 10.80 -27.73
C TYR D 139 -27.83 9.73 -27.97
N ASP D 140 -28.13 9.44 -29.24
CA ASP D 140 -29.06 8.39 -29.61
C ASP D 140 -28.53 7.62 -30.83
N ASN D 141 -29.04 6.39 -31.06
CA ASN D 141 -28.59 5.49 -32.13
C ASN D 141 -28.72 6.02 -33.58
N SER D 142 -29.47 7.10 -33.82
CA SER D 142 -29.55 7.67 -35.16
C SER D 142 -28.25 8.36 -35.56
N LEU D 143 -27.45 8.82 -34.57
CA LEU D 143 -26.22 9.57 -34.77
C LEU D 143 -25.07 8.64 -35.18
N LYS D 144 -24.70 8.69 -36.48
CA LYS D 144 -23.63 7.86 -37.07
C LYS D 144 -22.26 8.56 -36.99
N ILE D 145 -22.22 9.91 -36.93
CA ILE D 145 -20.97 10.69 -36.87
C ILE D 145 -21.13 11.73 -35.77
N ILE D 146 -20.29 11.65 -34.71
CA ILE D 146 -20.33 12.60 -33.58
C ILE D 146 -18.92 13.13 -33.25
N SER D 147 -18.83 14.21 -32.46
CA SER D 147 -17.56 14.80 -32.05
C SER D 147 -17.45 14.82 -30.51
N ASN D 148 -16.25 14.53 -29.95
CA ASN D 148 -16.04 14.54 -28.51
C ASN D 148 -15.55 15.95 -28.02
N ALA D 149 -15.71 17.06 -28.84
CA ALA D 149 -15.24 18.41 -28.45
C ALA D 149 -13.67 18.39 -28.18
N SER D 150 -13.04 19.47 -27.61
CA SER D 150 -11.61 19.55 -27.32
C SER D 150 -11.32 19.13 -25.87
N CSU D 151 -10.03 19.04 -25.50
N CSU D 151 -10.02 19.06 -25.51
CA CSU D 151 -9.63 18.68 -24.15
CA CSU D 151 -9.57 18.73 -24.16
CB CSU D 151 -8.15 18.32 -23.96
CB CSU D 151 -8.04 18.56 -24.06
SG CSU D 151 -6.95 19.46 -24.73
SG CSU D 151 -7.09 20.11 -24.31
S CSU D 151 -7.07 21.00 -26.24
C CSU D 151 -10.03 19.80 -23.15
C CSU D 151 -10.02 19.80 -23.16
O CSU D 151 -10.41 19.50 -22.01
O CSU D 151 -10.40 19.47 -22.04
OD1 CSU D 151 -7.88 22.15 -26.18
OD2 CSU D 151 -5.75 20.97 -26.73
OD3 CSU D 151 -7.85 19.93 -27.01
H CSU D 151 -9.25 19.18 -26.13
H CSU D 151 -9.26 19.23 -26.16
HA CSU D 151 -10.17 17.78 -23.88
HA CSU D 151 -10.00 17.77 -23.89
HB2 CSU D 151 -7.92 17.37 -24.46
HB2 CSU D 151 -7.67 17.91 -24.85
HB3 CSU D 151 -7.87 18.20 -22.93
HB3 CSU D 151 -7.73 18.14 -23.11
N THR D 152 -9.97 21.07 -23.57
CA THR D 152 -10.34 22.19 -22.72
C THR D 152 -11.85 22.26 -22.52
N THR D 153 -12.66 22.02 -23.57
CA THR D 153 -14.12 22.01 -23.40
C THR D 153 -14.53 20.86 -22.43
N ASN D 154 -13.84 19.73 -22.48
CA ASN D 154 -14.10 18.62 -21.55
C ASN D 154 -13.68 18.98 -20.13
N CYS D 155 -12.72 19.92 -19.96
CA CYS D 155 -12.32 20.34 -18.63
C CYS D 155 -13.33 21.40 -18.10
N LEU D 156 -13.62 22.42 -18.92
CA LEU D 156 -14.49 23.51 -18.53
C LEU D 156 -15.97 23.12 -18.37
N ALA D 157 -16.55 22.38 -19.33
CA ALA D 157 -17.98 22.05 -19.30
C ALA D 157 -18.46 21.32 -18.02
N PRO D 158 -17.77 20.28 -17.45
CA PRO D 158 -18.27 19.68 -16.20
C PRO D 158 -18.27 20.67 -15.03
N LEU D 159 -17.27 21.58 -14.95
CA LEU D 159 -17.25 22.57 -13.88
C LEU D 159 -18.35 23.59 -14.13
N ALA D 160 -18.51 24.07 -15.37
CA ALA D 160 -19.55 25.02 -15.76
C ALA D 160 -20.93 24.43 -15.47
N LYS D 161 -21.16 23.13 -15.75
CA LYS D 161 -22.43 22.46 -15.49
C LYS D 161 -22.78 22.55 -14.00
N VAL D 162 -21.84 22.17 -13.12
CA VAL D 162 -22.10 22.19 -11.68
C VAL D 162 -22.36 23.63 -11.21
N ILE D 163 -21.51 24.58 -11.62
CA ILE D 163 -21.65 25.96 -11.18
C ILE D 163 -22.96 26.60 -11.69
N HIS D 164 -23.33 26.35 -12.94
CA HIS D 164 -24.56 26.90 -13.51
C HIS D 164 -25.79 26.25 -12.90
N ASP D 165 -25.80 24.92 -12.73
CA ASP D 165 -26.95 24.22 -12.14
C ASP D 165 -27.25 24.69 -10.72
N ASN D 166 -26.21 25.04 -9.95
CA ASN D 166 -26.40 25.46 -8.56
C ASN D 166 -26.57 26.97 -8.38
N PHE D 167 -25.80 27.80 -9.09
CA PHE D 167 -25.85 29.25 -8.87
C PHE D 167 -26.19 30.08 -10.11
N GLY D 168 -26.10 29.51 -11.30
CA GLY D 168 -26.38 30.22 -12.53
C GLY D 168 -25.22 31.11 -12.93
N ILE D 169 -24.63 30.86 -14.10
CA ILE D 169 -23.53 31.66 -14.59
C ILE D 169 -24.15 32.78 -15.43
N VAL D 170 -24.06 34.02 -14.96
CA VAL D 170 -24.57 35.18 -15.70
C VAL D 170 -23.68 35.38 -16.93
N GLU D 171 -22.35 35.37 -16.70
CA GLU D 171 -21.33 35.54 -17.74
C GLU D 171 -19.97 35.06 -17.20
N GLY D 172 -19.13 34.57 -18.08
CA GLY D 172 -17.82 34.06 -17.69
C GLY D 172 -16.78 34.20 -18.76
N LEU D 173 -15.55 34.44 -18.32
CA LEU D 173 -14.39 34.60 -19.17
C LEU D 173 -13.32 33.63 -18.61
N MET D 174 -12.76 32.80 -19.48
CA MET D 174 -11.81 31.76 -19.13
C MET D 174 -10.42 32.01 -19.74
N THR D 175 -9.40 31.57 -19.03
CA THR D 175 -8.02 31.53 -19.50
C THR D 175 -7.54 30.14 -19.23
N THR D 176 -6.88 29.51 -20.20
CA THR D 176 -6.28 28.21 -19.99
C THR D 176 -4.78 28.36 -20.14
N VAL D 177 -4.01 28.03 -19.07
CA VAL D 177 -2.56 28.05 -19.12
C VAL D 177 -2.25 26.62 -19.59
N HIS D 178 -1.95 26.47 -20.88
CA HIS D 178 -1.81 25.19 -21.53
C HIS D 178 -0.38 24.72 -21.75
N ALA D 179 -0.18 23.40 -21.68
CA ALA D 179 1.11 22.76 -21.93
C ALA D 179 1.42 22.85 -23.44
N ILE D 180 2.68 22.65 -23.84
CA ILE D 180 3.03 22.69 -25.26
C ILE D 180 2.36 21.54 -26.01
N THR D 181 2.01 21.76 -27.28
CA THR D 181 1.36 20.76 -28.13
C THR D 181 2.22 20.48 -29.38
N ALA D 182 1.89 19.39 -30.09
CA ALA D 182 2.58 18.97 -31.30
C ALA D 182 2.52 20.01 -32.44
N THR D 183 1.57 20.96 -32.39
CA THR D 183 1.45 22.00 -33.42
C THR D 183 2.45 23.17 -33.24
N GLN D 184 3.19 23.22 -32.13
CA GLN D 184 4.16 24.28 -31.90
C GLN D 184 5.53 23.93 -32.44
N LYS D 185 6.47 24.87 -32.38
CA LYS D 185 7.82 24.71 -32.92
C LYS D 185 8.86 24.78 -31.81
N THR D 186 9.94 23.99 -31.91
CA THR D 186 11.02 24.00 -30.91
C THR D 186 11.74 25.37 -30.83
N VAL D 187 12.09 25.91 -32.01
CA VAL D 187 12.71 27.24 -32.16
C VAL D 187 11.79 28.03 -33.13
N ASP D 188 11.96 29.39 -33.17
CA ASP D 188 11.18 30.28 -34.06
C ASP D 188 11.07 29.74 -35.48
N GLY D 189 9.90 29.22 -35.79
CA GLY D 189 9.62 28.61 -37.09
C GLY D 189 8.37 29.18 -37.70
N PRO D 190 8.01 28.66 -38.90
CA PRO D 190 6.84 29.18 -39.61
C PRO D 190 5.54 28.48 -39.26
N SER D 191 4.53 29.29 -38.99
CA SER D 191 3.16 28.87 -38.76
C SER D 191 2.32 29.98 -39.42
N GLY D 192 2.25 29.92 -40.75
CA GLY D 192 1.59 30.93 -41.57
C GLY D 192 0.25 31.45 -41.09
N LYS D 193 -0.61 30.56 -40.58
CA LYS D 193 -1.95 30.94 -40.12
C LYS D 193 -1.89 31.66 -38.76
N LEU D 194 -1.20 31.07 -37.78
CA LEU D 194 -1.09 31.61 -36.42
C LEU D 194 0.36 31.97 -36.12
N TRP D 195 0.75 33.19 -36.44
CA TRP D 195 2.12 33.65 -36.29
C TRP D 195 2.76 33.44 -34.92
N ARG D 196 1.99 33.69 -33.84
CA ARG D 196 2.52 33.52 -32.49
C ARG D 196 2.85 32.04 -32.20
N ASP D 197 2.02 31.11 -32.72
CA ASP D 197 2.24 29.68 -32.50
C ASP D 197 3.50 29.11 -33.16
N GLY D 198 4.09 29.86 -34.09
CA GLY D 198 5.35 29.47 -34.71
C GLY D 198 6.57 29.84 -33.89
N ARG D 199 6.44 30.78 -32.93
CA ARG D 199 7.55 31.22 -32.10
C ARG D 199 8.01 30.11 -31.13
N GLY D 200 9.29 30.06 -30.81
CA GLY D 200 9.89 29.05 -29.94
C GLY D 200 9.09 28.64 -28.72
N ALA D 201 8.67 27.37 -28.65
CA ALA D 201 7.83 26.87 -27.56
C ALA D 201 8.54 26.81 -26.23
N LEU D 202 9.85 26.55 -26.25
CA LEU D 202 10.67 26.43 -25.05
C LEU D 202 10.88 27.77 -24.35
N GLN D 203 10.99 28.85 -25.13
CA GLN D 203 11.35 30.16 -24.63
C GLN D 203 10.23 31.07 -24.26
N ASN D 204 9.01 30.80 -24.75
CA ASN D 204 7.92 31.75 -24.65
C ASN D 204 6.64 31.31 -23.97
N ILE D 205 5.92 32.33 -23.43
CA ILE D 205 4.53 32.27 -23.01
C ILE D 205 3.88 32.82 -24.30
N ILE D 206 3.04 32.02 -24.95
CA ILE D 206 2.46 32.40 -26.23
C ILE D 206 0.97 32.56 -26.11
N PRO D 207 0.40 33.79 -26.21
CA PRO D 207 -1.08 33.91 -26.18
C PRO D 207 -1.68 33.25 -27.40
N ALA D 208 -2.79 32.54 -27.22
CA ALA D 208 -3.48 31.86 -28.31
C ALA D 208 -4.98 31.98 -28.19
N SER D 209 -5.68 31.92 -29.31
CA SER D 209 -7.12 31.99 -29.34
C SER D 209 -7.68 30.57 -29.21
N THR D 210 -8.77 30.39 -28.46
CA THR D 210 -9.37 29.08 -28.31
C THR D 210 -10.88 29.22 -28.30
N GLY D 211 -11.56 28.42 -29.12
CA GLY D 211 -13.01 28.43 -29.12
C GLY D 211 -13.59 27.47 -28.10
N ALA D 212 -12.77 27.08 -27.09
CA ALA D 212 -13.15 26.12 -26.08
C ALA D 212 -14.19 26.66 -25.14
N ALA D 213 -14.08 27.94 -24.74
CA ALA D 213 -15.07 28.51 -23.83
C ALA D 213 -16.41 28.74 -24.52
N LYS D 214 -16.36 29.19 -25.79
CA LYS D 214 -17.52 29.40 -26.68
C LYS D 214 -18.30 28.05 -26.93
N ALA D 215 -17.57 26.94 -27.18
CA ALA D 215 -18.11 25.58 -27.39
C ALA D 215 -18.92 25.04 -26.22
N VAL D 216 -18.75 25.59 -25.00
CA VAL D 216 -19.57 25.13 -23.87
C VAL D 216 -21.07 25.47 -24.14
N GLY D 217 -21.37 26.44 -25.04
CA GLY D 217 -22.71 26.79 -25.49
C GLY D 217 -23.37 25.68 -26.31
N LYS D 218 -22.56 24.92 -27.07
CA LYS D 218 -23.06 23.81 -27.87
C LYS D 218 -23.38 22.56 -27.01
N VAL D 219 -22.71 22.37 -25.84
CA VAL D 219 -23.00 21.21 -24.98
C VAL D 219 -23.93 21.61 -23.80
N ILE D 220 -23.87 22.87 -23.34
CA ILE D 220 -24.77 23.41 -22.32
C ILE D 220 -25.46 24.57 -23.02
N PRO D 221 -26.58 24.32 -23.71
CA PRO D 221 -27.22 25.42 -24.46
C PRO D 221 -27.61 26.65 -23.64
N GLU D 222 -27.82 26.53 -22.32
CA GLU D 222 -28.17 27.68 -21.48
C GLU D 222 -27.00 28.67 -21.40
N LEU D 223 -25.75 28.19 -21.50
CA LEU D 223 -24.59 29.08 -21.45
C LEU D 223 -24.16 29.60 -22.86
N ASN D 224 -25.02 29.44 -23.88
CA ASN D 224 -24.70 29.91 -25.22
C ASN D 224 -24.57 31.42 -25.22
N GLY D 225 -23.43 31.93 -25.71
CA GLY D 225 -23.14 33.36 -25.72
C GLY D 225 -22.74 33.92 -24.37
N LYS D 226 -22.81 33.11 -23.28
CA LYS D 226 -22.45 33.56 -21.94
C LYS D 226 -20.98 33.32 -21.57
N LEU D 227 -20.20 32.59 -22.42
CA LEU D 227 -18.79 32.28 -22.13
C LEU D 227 -17.88 32.46 -23.33
N THR D 228 -16.66 32.97 -23.09
CA THR D 228 -15.58 33.09 -24.08
C THR D 228 -14.22 33.09 -23.33
N GLY D 229 -13.14 32.89 -24.06
CA GLY D 229 -11.82 32.84 -23.44
C GLY D 229 -10.66 32.85 -24.39
N MET D 230 -9.47 32.75 -23.80
CA MET D 230 -8.20 32.69 -24.52
C MET D 230 -7.25 31.74 -23.78
N ALA D 231 -6.11 31.43 -24.40
CA ALA D 231 -5.12 30.52 -23.85
C ALA D 231 -3.73 31.16 -23.78
N PHE D 232 -2.86 30.60 -22.92
CA PHE D 232 -1.46 30.97 -22.83
C PHE D 232 -0.69 29.65 -22.91
N ARG D 233 0.07 29.40 -24.00
CA ARG D 233 0.85 28.17 -24.09
C ARG D 233 2.15 28.43 -23.33
N VAL D 234 2.53 27.52 -22.40
CA VAL D 234 3.72 27.69 -21.58
C VAL D 234 4.68 26.48 -21.72
N PRO D 235 5.99 26.62 -21.37
CA PRO D 235 6.93 25.50 -21.61
C PRO D 235 6.87 24.32 -20.63
N THR D 236 5.78 23.54 -20.65
CA THR D 236 5.66 22.27 -19.92
C THR D 236 5.19 21.25 -20.95
N ALA D 237 5.65 20.01 -20.83
CA ALA D 237 5.30 18.97 -21.79
C ALA D 237 3.86 18.48 -21.69
N ASN D 238 3.22 18.55 -20.51
CA ASN D 238 1.87 18.07 -20.34
C ASN D 238 1.25 18.56 -19.03
N VAL D 239 -0.12 18.52 -18.97
CA VAL D 239 -0.98 18.96 -17.86
C VAL D 239 -1.21 20.45 -18.01
N SER D 240 -2.49 20.86 -18.14
CA SER D 240 -2.95 22.22 -18.32
C SER D 240 -3.94 22.60 -17.21
N VAL D 241 -4.26 23.90 -17.10
CA VAL D 241 -5.17 24.38 -16.07
C VAL D 241 -6.13 25.43 -16.65
N VAL D 242 -7.41 25.35 -16.27
CA VAL D 242 -8.46 26.28 -16.66
C VAL D 242 -8.71 27.22 -15.49
N ASP D 243 -8.86 28.50 -15.81
CA ASP D 243 -9.11 29.57 -14.87
C ASP D 243 -10.40 30.25 -15.32
N LEU D 244 -11.52 29.98 -14.63
CA LEU D 244 -12.82 30.55 -15.01
C LEU D 244 -13.20 31.70 -14.08
N THR D 245 -13.21 32.93 -14.60
CA THR D 245 -13.65 34.09 -13.85
C THR D 245 -15.10 34.30 -14.28
N CYS D 246 -16.05 34.21 -13.34
CA CYS D 246 -17.45 34.34 -13.67
C CYS D 246 -18.29 35.07 -12.60
N ARG D 247 -19.45 35.62 -13.05
CA ARG D 247 -20.45 36.35 -12.31
C ARG D 247 -21.64 35.40 -12.09
N LEU D 248 -22.01 35.12 -10.84
CA LEU D 248 -23.09 34.18 -10.55
C LEU D 248 -24.41 34.92 -10.30
N GLU D 249 -25.55 34.27 -10.64
CA GLU D 249 -26.89 34.82 -10.43
C GLU D 249 -27.20 34.80 -8.95
N LYS D 250 -27.25 33.60 -8.34
CA LYS D 250 -27.50 33.45 -6.93
C LYS D 250 -26.18 33.71 -6.19
N PRO D 251 -26.24 34.22 -4.95
CA PRO D 251 -24.99 34.39 -4.18
C PRO D 251 -24.38 33.03 -3.86
N ALA D 252 -23.07 32.95 -3.80
CA ALA D 252 -22.38 31.70 -3.52
C ALA D 252 -21.17 31.95 -2.70
N LYS D 253 -21.16 31.53 -1.43
CA LYS D 253 -19.95 31.61 -0.61
C LYS D 253 -18.95 30.59 -1.18
N TYR D 254 -17.64 30.83 -1.04
CA TYR D 254 -16.67 29.90 -1.62
C TYR D 254 -16.82 28.48 -1.04
N ASP D 255 -17.18 28.33 0.26
CA ASP D 255 -17.40 27.00 0.82
C ASP D 255 -18.64 26.32 0.24
N ASP D 256 -19.62 27.09 -0.25
CA ASP D 256 -20.81 26.52 -0.92
C ASP D 256 -20.42 26.04 -2.31
N ILE D 257 -19.51 26.76 -2.99
CA ILE D 257 -18.98 26.36 -4.29
C ILE D 257 -18.21 25.05 -4.10
N LYS D 258 -17.33 25.00 -3.07
CA LYS D 258 -16.57 23.78 -2.76
C LYS D 258 -17.52 22.60 -2.48
N LYS D 259 -18.53 22.81 -1.60
CA LYS D 259 -19.50 21.79 -1.19
C LYS D 259 -20.19 21.16 -2.38
N VAL D 260 -20.71 21.97 -3.31
CA VAL D 260 -21.46 21.45 -4.46
C VAL D 260 -20.55 20.76 -5.47
N VAL D 261 -19.27 21.22 -5.62
CA VAL D 261 -18.32 20.56 -6.53
C VAL D 261 -17.91 19.19 -5.94
N LYS D 262 -17.60 19.15 -4.63
CA LYS D 262 -17.23 17.91 -3.95
C LYS D 262 -18.34 16.87 -4.08
N GLN D 263 -19.61 17.29 -3.94
CA GLN D 263 -20.75 16.40 -4.10
C GLN D 263 -20.85 15.82 -5.50
N ALA D 264 -20.66 16.65 -6.54
CA ALA D 264 -20.73 16.20 -7.93
C ALA D 264 -19.60 15.24 -8.26
N SER D 265 -18.38 15.49 -7.73
CA SER D 265 -17.22 14.62 -7.97
C SER D 265 -17.40 13.24 -7.32
N GLU D 266 -18.12 13.19 -6.17
CA GLU D 266 -18.40 11.94 -5.45
C GLU D 266 -19.63 11.19 -6.00
N GLY D 267 -20.53 11.91 -6.68
CA GLY D 267 -21.74 11.31 -7.21
C GLY D 267 -21.77 11.16 -8.72
N PRO D 268 -22.60 11.95 -9.43
CA PRO D 268 -22.76 11.74 -10.88
C PRO D 268 -21.54 11.96 -11.77
N LEU D 269 -20.65 12.91 -11.43
CA LEU D 269 -19.48 13.17 -12.23
C LEU D 269 -18.25 12.47 -11.67
N LYS D 270 -18.41 11.31 -11.01
CA LYS D 270 -17.27 10.58 -10.46
C LYS D 270 -16.38 10.09 -11.63
N GLY D 271 -15.08 10.38 -11.56
CA GLY D 271 -14.15 9.99 -12.60
C GLY D 271 -14.06 10.99 -13.74
N ILE D 272 -15.04 11.91 -13.88
CA ILE D 272 -15.03 12.97 -14.90
C ILE D 272 -14.54 14.28 -14.20
N LEU D 273 -15.32 14.72 -13.19
CA LEU D 273 -14.97 15.88 -12.42
C LEU D 273 -14.39 15.40 -11.11
N GLY D 274 -13.19 15.86 -10.80
CA GLY D 274 -12.49 15.57 -9.55
C GLY D 274 -12.51 16.78 -8.65
N TYR D 275 -12.13 16.58 -7.41
CA TYR D 275 -12.09 17.65 -6.41
C TYR D 275 -10.90 17.39 -5.49
N THR D 276 -10.15 18.44 -5.17
CA THR D 276 -9.02 18.34 -4.25
C THR D 276 -8.86 19.62 -3.46
N GLU D 277 -8.42 19.44 -2.22
CA GLU D 277 -8.04 20.50 -1.29
C GLU D 277 -6.49 20.41 -1.01
N HIS D 278 -5.75 19.44 -1.62
CA HIS D 278 -4.32 19.29 -1.44
C HIS D 278 -3.52 20.42 -2.12
N GLN D 279 -2.26 20.59 -1.68
CA GLN D 279 -1.35 21.62 -2.19
C GLN D 279 -0.73 21.16 -3.53
N VAL D 280 -1.60 20.87 -4.52
CA VAL D 280 -1.20 20.33 -5.83
C VAL D 280 -0.53 21.31 -6.81
N VAL D 281 0.32 20.76 -7.70
CA VAL D 281 0.97 21.45 -8.82
C VAL D 281 0.68 20.61 -10.10
N SER D 282 1.03 21.14 -11.30
CA SER D 282 0.64 20.45 -12.54
C SER D 282 1.08 18.98 -12.64
N SER D 283 2.32 18.67 -12.28
CA SER D 283 2.82 17.28 -12.38
C SER D 283 2.02 16.27 -11.57
N ASP D 284 1.26 16.73 -10.57
CA ASP D 284 0.42 15.84 -9.77
C ASP D 284 -0.77 15.27 -10.56
N PHE D 285 -1.08 15.84 -11.74
CA PHE D 285 -2.17 15.34 -12.59
C PHE D 285 -1.66 14.62 -13.82
N ASN D 286 -0.36 14.27 -13.88
CA ASN D 286 0.15 13.57 -15.03
C ASN D 286 -0.39 12.13 -14.98
N SER D 287 -1.00 11.71 -16.10
CA SER D 287 -1.66 10.43 -16.28
C SER D 287 -2.98 10.31 -15.50
N ASP D 288 -3.52 11.44 -14.94
CA ASP D 288 -4.80 11.47 -14.22
C ASP D 288 -5.90 11.49 -15.30
N THR D 289 -6.80 10.51 -15.24
CA THR D 289 -7.82 10.31 -16.25
C THR D 289 -9.06 11.18 -16.10
N HIS D 290 -9.15 12.02 -15.07
CA HIS D 290 -10.30 12.93 -14.94
C HIS D 290 -10.30 13.93 -16.08
N SER D 291 -11.50 14.37 -16.49
CA SER D 291 -11.64 15.44 -17.49
C SER D 291 -11.23 16.78 -16.87
N SER D 292 -11.54 16.98 -15.59
CA SER D 292 -11.21 18.21 -14.90
C SER D 292 -11.16 17.95 -13.39
N THR D 293 -10.23 18.59 -12.67
CA THR D 293 -10.15 18.44 -11.22
C THR D 293 -10.14 19.82 -10.58
N PHE D 294 -11.22 20.14 -9.86
CA PHE D 294 -11.36 21.42 -9.17
C PHE D 294 -10.30 21.58 -8.05
N ASP D 295 -9.50 22.63 -8.13
CA ASP D 295 -8.47 22.95 -7.13
C ASP D 295 -9.09 23.96 -6.15
N ALA D 296 -9.55 23.47 -4.99
CA ALA D 296 -10.22 24.32 -4.01
C ALA D 296 -9.30 25.43 -3.47
N GLY D 297 -8.09 25.09 -3.05
CA GLY D 297 -7.14 26.07 -2.52
C GLY D 297 -6.60 27.11 -3.49
N ALA D 298 -6.64 26.85 -4.82
CA ALA D 298 -6.11 27.78 -5.82
C ALA D 298 -7.05 28.89 -6.23
N GLY D 299 -8.36 28.65 -6.19
CA GLY D 299 -9.36 29.63 -6.56
C GLY D 299 -9.49 30.78 -5.58
N ILE D 300 -10.14 31.87 -6.01
CA ILE D 300 -10.33 33.05 -5.19
C ILE D 300 -11.64 33.79 -5.52
N ALA D 301 -12.36 34.22 -4.47
CA ALA D 301 -13.62 34.96 -4.62
C ALA D 301 -13.40 36.42 -4.25
N LEU D 302 -13.92 37.35 -5.06
CA LEU D 302 -13.86 38.78 -4.76
C LEU D 302 -15.06 39.09 -3.84
N ASN D 303 -16.26 38.63 -4.24
CA ASN D 303 -17.51 38.74 -3.51
C ASN D 303 -18.41 37.52 -3.81
N ASP D 304 -19.61 37.46 -3.22
CA ASP D 304 -20.50 36.29 -3.41
C ASP D 304 -20.97 36.08 -4.83
N HIS D 305 -20.80 37.06 -5.71
CA HIS D 305 -21.23 36.91 -7.10
C HIS D 305 -20.09 37.00 -8.10
N PHE D 306 -18.82 37.08 -7.67
CA PHE D 306 -17.70 37.19 -8.60
C PHE D 306 -16.50 36.33 -8.13
N VAL D 307 -16.29 35.19 -8.82
CA VAL D 307 -15.26 34.22 -8.46
C VAL D 307 -14.37 33.81 -9.62
N LYS D 308 -13.16 33.32 -9.25
CA LYS D 308 -12.15 32.73 -10.13
C LYS D 308 -12.02 31.28 -9.68
N LEU D 309 -12.42 30.33 -10.54
CA LEU D 309 -12.38 28.91 -10.21
C LEU D 309 -11.30 28.21 -11.06
N ILE D 310 -10.39 27.50 -10.38
CA ILE D 310 -9.25 26.80 -10.99
C ILE D 310 -9.52 25.30 -11.10
N SER D 311 -9.19 24.71 -12.25
CA SER D 311 -9.43 23.28 -12.49
C SER D 311 -8.32 22.70 -13.41
N TRP D 312 -7.68 21.62 -12.96
CA TRP D 312 -6.59 20.96 -13.69
C TRP D 312 -7.07 19.90 -14.65
N TYR D 313 -6.31 19.66 -15.71
CA TYR D 313 -6.64 18.61 -16.64
C TYR D 313 -5.41 18.09 -17.36
N ASP D 314 -5.29 16.77 -17.47
CA ASP D 314 -4.24 16.16 -18.24
C ASP D 314 -4.80 16.24 -19.64
N ASN D 315 -4.37 17.26 -20.38
CA ASN D 315 -4.84 17.48 -21.77
C ASN D 315 -4.69 16.25 -22.70
N GLU D 316 -3.83 15.31 -22.31
CA GLU D 316 -3.57 14.10 -23.07
C GLU D 316 -4.45 12.90 -22.58
N PHE D 317 -4.30 12.47 -21.32
CA PHE D 317 -4.97 11.30 -20.80
C PHE D 317 -6.43 11.50 -20.50
N GLY D 318 -6.81 12.63 -19.88
CA GLY D 318 -8.20 12.92 -19.55
C GLY D 318 -9.11 12.78 -20.75
N TYR D 319 -8.72 13.43 -21.85
CA TYR D 319 -9.48 13.44 -23.11
C TYR D 319 -9.54 12.09 -23.81
N SER D 320 -8.42 11.40 -23.87
CA SER D 320 -8.36 10.10 -24.52
C SER D 320 -9.23 9.08 -23.83
N ASN D 321 -9.31 9.16 -22.49
CA ASN D 321 -10.17 8.29 -21.72
C ASN D 321 -11.63 8.64 -21.99
N ARG D 322 -11.96 9.93 -22.18
CA ARG D 322 -13.32 10.31 -22.51
C ARG D 322 -13.75 9.78 -23.89
N VAL D 323 -12.83 9.73 -24.88
CA VAL D 323 -13.15 9.17 -26.19
C VAL D 323 -13.58 7.69 -26.02
N VAL D 324 -12.86 6.95 -25.17
CA VAL D 324 -13.14 5.54 -24.83
C VAL D 324 -14.48 5.43 -24.08
N ASP D 325 -14.74 6.32 -23.08
CA ASP D 325 -15.98 6.31 -22.30
C ASP D 325 -17.18 6.63 -23.19
N LEU D 326 -17.02 7.56 -24.14
CA LEU D 326 -18.09 7.92 -25.06
C LEU D 326 -18.45 6.73 -25.90
N MET D 327 -17.45 5.99 -26.40
CA MET D 327 -17.67 4.83 -27.25
C MET D 327 -18.31 3.71 -26.45
N ALA D 328 -17.89 3.51 -25.22
CA ALA D 328 -18.48 2.53 -24.32
C ALA D 328 -19.95 2.88 -24.07
N HIS D 329 -20.28 4.18 -23.92
CA HIS D 329 -21.64 4.59 -23.74
C HIS D 329 -22.45 4.33 -25.01
N MET D 330 -21.96 4.74 -26.19
CA MET D 330 -22.64 4.51 -27.46
C MET D 330 -22.96 3.03 -27.64
N ALA D 331 -21.97 2.17 -27.28
CA ALA D 331 -22.09 0.70 -27.31
C ALA D 331 -23.27 0.21 -26.43
N SER D 332 -23.42 0.78 -25.23
CA SER D 332 -24.50 0.42 -24.32
C SER D 332 -25.87 0.79 -24.90
N LYS D 333 -25.94 1.89 -25.68
CA LYS D 333 -27.22 2.29 -26.29
C LYS D 333 -27.56 1.44 -27.53
N GLU D 334 -26.59 0.71 -28.13
CA GLU D 334 -26.84 -0.11 -29.32
C GLU D 334 -27.87 -1.19 -29.02
N LYS E 2 2.24 16.16 27.53
CA LYS E 2 1.58 14.85 27.67
C LYS E 2 1.50 14.48 29.14
N VAL E 3 0.29 14.15 29.63
CA VAL E 3 0.10 13.77 31.03
C VAL E 3 0.83 12.44 31.33
N LYS E 4 1.39 12.33 32.55
CA LYS E 4 2.10 11.14 33.02
C LYS E 4 1.11 10.27 33.79
N VAL E 5 1.00 8.99 33.39
CA VAL E 5 0.02 8.06 33.92
C VAL E 5 0.64 6.88 34.65
N GLY E 6 -0.04 6.44 35.70
CA GLY E 6 0.29 5.24 36.45
C GLY E 6 -0.81 4.22 36.23
N VAL E 7 -0.47 2.93 36.12
CA VAL E 7 -1.47 1.87 35.90
C VAL E 7 -1.46 0.90 37.06
N ASN E 8 -2.60 0.76 37.77
CA ASN E 8 -2.71 -0.16 38.87
C ASN E 8 -3.31 -1.47 38.37
N GLY E 9 -2.50 -2.52 38.38
CA GLY E 9 -2.86 -3.84 37.92
C GLY E 9 -2.35 -4.09 36.53
N PHE E 10 -1.49 -5.10 36.34
CA PHE E 10 -0.99 -5.45 35.00
C PHE E 10 -1.73 -6.70 34.47
N GLY E 11 -3.04 -6.71 34.66
CA GLY E 11 -3.91 -7.73 34.11
C GLY E 11 -4.26 -7.40 32.68
N ARG E 12 -5.24 -8.09 32.11
CA ARG E 12 -5.63 -7.91 30.72
C ARG E 12 -5.95 -6.44 30.36
N ILE E 13 -6.72 -5.72 31.22
CA ILE E 13 -7.04 -4.30 30.96
C ILE E 13 -5.79 -3.44 31.14
N GLY E 14 -5.08 -3.62 32.25
CA GLY E 14 -3.87 -2.84 32.54
C GLY E 14 -2.82 -2.91 31.46
N ARG E 15 -2.56 -4.12 30.91
CA ARG E 15 -1.58 -4.30 29.85
C ARG E 15 -2.04 -3.65 28.54
N LEU E 16 -3.33 -3.78 28.18
CA LEU E 16 -3.86 -3.22 26.96
C LEU E 16 -4.01 -1.72 27.01
N VAL E 17 -4.23 -1.14 28.22
CA VAL E 17 -4.25 0.32 28.37
C VAL E 17 -2.81 0.81 28.18
N THR E 18 -1.83 0.10 28.76
CA THR E 18 -0.40 0.43 28.58
C THR E 18 -0.03 0.35 27.11
N ARG E 19 -0.50 -0.68 26.41
CA ARG E 19 -0.24 -0.86 24.99
C ARG E 19 -0.84 0.26 24.17
N ALA E 20 -2.09 0.64 24.47
CA ALA E 20 -2.78 1.74 23.78
C ALA E 20 -2.06 3.06 24.01
N ALA E 21 -1.52 3.28 25.22
CA ALA E 21 -0.80 4.51 25.54
C ALA E 21 0.44 4.66 24.65
N PHE E 22 1.20 3.57 24.42
CA PHE E 22 2.39 3.64 23.58
C PHE E 22 2.03 3.64 22.10
N ASN E 23 1.04 2.84 21.69
CA ASN E 23 0.61 2.78 20.28
C ASN E 23 0.06 4.12 19.82
N SER E 24 -0.81 4.75 20.62
CA SER E 24 -1.41 6.05 20.28
C SER E 24 -0.51 7.25 20.61
N GLY E 25 0.31 7.13 21.64
CA GLY E 25 1.20 8.19 22.09
C GLY E 25 0.49 9.37 22.71
N LYS E 26 -0.78 9.22 23.12
CA LYS E 26 -1.55 10.33 23.70
C LYS E 26 -1.19 10.65 25.14
N VAL E 27 -0.52 9.70 25.81
CA VAL E 27 -0.28 9.68 27.24
C VAL E 27 1.11 9.06 27.48
N ASP E 28 1.72 9.35 28.64
CA ASP E 28 3.00 8.74 28.99
C ASP E 28 2.86 7.84 30.19
N ILE E 29 3.00 6.49 30.05
CA ILE E 29 2.98 5.61 31.22
C ILE E 29 4.33 5.78 31.91
N VAL E 30 4.32 6.10 33.21
CA VAL E 30 5.53 6.29 33.99
C VAL E 30 5.66 5.30 35.15
N ALA E 31 4.57 4.62 35.55
CA ALA E 31 4.59 3.66 36.65
C ALA E 31 3.52 2.59 36.49
N ILE E 32 3.80 1.38 36.96
CA ILE E 32 2.86 0.25 36.95
C ILE E 32 2.95 -0.42 38.30
N ASN E 33 1.81 -0.81 38.87
CA ASN E 33 1.79 -1.53 40.15
C ASN E 33 1.07 -2.85 40.00
N ASP E 34 1.72 -3.97 40.35
CA ASP E 34 1.05 -5.27 40.40
C ASP E 34 1.78 -6.08 41.46
N PRO E 35 1.15 -6.40 42.61
CA PRO E 35 1.89 -7.14 43.66
C PRO E 35 2.22 -8.59 43.35
N PHE E 36 1.68 -9.14 42.25
CA PHE E 36 1.84 -10.55 41.91
C PHE E 36 2.76 -10.84 40.73
N ILE E 37 2.77 -9.97 39.73
CA ILE E 37 3.59 -10.15 38.53
C ILE E 37 4.92 -9.41 38.74
N ASP E 38 6.05 -10.15 38.69
CA ASP E 38 7.37 -9.54 38.86
C ASP E 38 7.84 -8.88 37.52
N LEU E 39 8.91 -8.06 37.57
CA LEU E 39 9.37 -7.34 36.38
C LEU E 39 9.65 -8.22 35.19
N ASN E 40 10.32 -9.35 35.39
CA ASN E 40 10.62 -10.25 34.28
C ASN E 40 9.35 -10.81 33.65
N TYR E 41 8.34 -11.16 34.47
CA TYR E 41 7.09 -11.68 33.95
C TYR E 41 6.34 -10.57 33.18
N MET E 42 6.36 -9.33 33.69
CA MET E 42 5.73 -8.18 33.03
C MET E 42 6.27 -7.97 31.61
N VAL E 43 7.59 -8.19 31.39
CA VAL E 43 8.19 -8.03 30.06
C VAL E 43 7.55 -9.05 29.10
N TYR E 44 7.48 -10.33 29.55
CA TYR E 44 6.88 -11.43 28.79
C TYR E 44 5.40 -11.18 28.46
N MET E 45 4.61 -10.78 29.47
CA MET E 45 3.20 -10.56 29.30
C MET E 45 2.89 -9.39 28.39
N PHE E 46 3.72 -8.35 28.40
CA PHE E 46 3.49 -7.19 27.53
C PHE E 46 3.94 -7.47 26.09
N GLN E 47 5.09 -8.12 25.91
CA GLN E 47 5.65 -8.39 24.59
C GLN E 47 4.84 -9.39 23.78
N TYR E 48 4.40 -10.50 24.37
CA TYR E 48 3.68 -11.52 23.64
C TYR E 48 2.22 -11.48 23.98
N ASP E 49 1.36 -11.48 22.98
CA ASP E 49 -0.08 -11.48 23.19
C ASP E 49 -0.70 -12.47 22.21
N SER E 50 -1.46 -13.45 22.72
CA SER E 50 -2.09 -14.45 21.88
C SER E 50 -3.09 -13.80 20.93
N THR E 51 -3.85 -12.80 21.40
CA THR E 51 -4.89 -12.15 20.61
C THR E 51 -4.38 -11.08 19.63
N HIS E 52 -3.55 -10.15 20.11
CA HIS E 52 -3.11 -8.99 19.35
C HIS E 52 -1.69 -9.09 18.81
N GLY E 53 -0.99 -10.20 19.04
CA GLY E 53 0.35 -10.40 18.54
C GLY E 53 1.43 -9.71 19.35
N LYS E 54 2.67 -9.91 18.93
CA LYS E 54 3.84 -9.34 19.59
C LYS E 54 3.77 -7.79 19.53
N PHE E 55 4.17 -7.14 20.60
CA PHE E 55 4.16 -5.68 20.68
C PHE E 55 5.04 -5.08 19.60
N HIS E 56 4.51 -4.16 18.80
CA HIS E 56 5.29 -3.51 17.75
C HIS E 56 6.10 -2.40 18.40
N GLY E 57 7.31 -2.77 18.79
CA GLY E 57 8.23 -1.90 19.52
C GLY E 57 9.18 -2.73 20.36
N THR E 58 9.83 -2.12 21.37
CA THR E 58 10.81 -2.82 22.21
C THR E 58 10.35 -2.86 23.66
N VAL E 59 10.61 -3.99 24.35
CA VAL E 59 10.27 -4.21 25.76
C VAL E 59 11.52 -4.81 26.39
N LYS E 60 12.00 -4.27 27.52
CA LYS E 60 13.15 -4.88 28.25
C LYS E 60 12.94 -4.64 29.75
N ALA E 61 13.60 -5.45 30.58
CA ALA E 61 13.76 -5.13 31.99
C ALA E 61 15.19 -4.54 32.07
N GLU E 62 15.34 -3.35 32.68
CA GLU E 62 16.66 -2.73 32.82
C GLU E 62 16.65 -1.86 34.04
N ASN E 63 17.59 -2.10 34.95
CA ASN E 63 17.72 -1.32 36.19
C ASN E 63 16.42 -1.34 37.00
N GLY E 64 15.78 -2.50 37.09
CA GLY E 64 14.55 -2.64 37.85
C GLY E 64 13.36 -1.87 37.27
N LYS E 65 13.49 -1.39 36.02
CA LYS E 65 12.45 -0.64 35.33
C LYS E 65 11.96 -1.44 34.12
N LEU E 66 10.67 -1.29 33.77
CA LEU E 66 10.14 -1.89 32.57
C LEU E 66 10.38 -0.82 31.53
N VAL E 67 11.17 -1.09 30.48
CA VAL E 67 11.50 -0.09 29.45
C VAL E 67 10.78 -0.43 28.14
N ILE E 68 9.76 0.36 27.77
CA ILE E 68 8.98 0.14 26.54
C ILE E 68 9.33 1.26 25.57
N ASN E 69 9.98 0.94 24.44
CA ASN E 69 10.38 1.94 23.44
C ASN E 69 11.32 2.98 24.07
N GLY E 70 12.27 2.52 24.88
CA GLY E 70 13.21 3.39 25.56
C GLY E 70 12.66 4.19 26.73
N ASN E 71 11.37 4.06 27.04
CA ASN E 71 10.77 4.79 28.14
C ASN E 71 10.82 3.97 29.42
N PRO E 72 11.60 4.40 30.46
CA PRO E 72 11.64 3.62 31.71
C PRO E 72 10.40 3.83 32.59
N ILE E 73 9.76 2.73 33.01
CA ILE E 73 8.54 2.74 33.84
C ILE E 73 8.88 2.18 35.23
N THR E 74 8.53 2.91 36.29
CA THR E 74 8.77 2.47 37.65
C THR E 74 7.79 1.36 38.04
N ILE E 75 8.29 0.25 38.60
CA ILE E 75 7.43 -0.85 38.99
C ILE E 75 7.27 -0.92 40.51
N PHE E 76 6.01 -1.04 40.96
CA PHE E 76 5.65 -1.18 42.37
C PHE E 76 4.98 -2.55 42.59
N GLN E 77 5.14 -3.13 43.79
CA GLN E 77 4.55 -4.43 44.14
C GLN E 77 3.68 -4.31 45.41
N GLU E 78 2.82 -3.29 45.48
CA GLU E 78 1.97 -3.06 46.65
C GLU E 78 0.62 -3.72 46.59
N ARG E 79 0.20 -4.30 47.73
CA ARG E 79 -1.14 -4.90 47.86
C ARG E 79 -2.13 -3.81 48.30
N ASP E 80 -1.70 -2.84 49.16
CA ASP E 80 -2.56 -1.76 49.61
C ASP E 80 -2.40 -0.56 48.66
N PRO E 81 -3.46 -0.11 47.97
CA PRO E 81 -3.31 0.99 47.01
C PRO E 81 -2.92 2.34 47.63
N SER E 82 -3.21 2.55 48.92
CA SER E 82 -2.80 3.78 49.60
C SER E 82 -1.27 3.85 49.86
N LYS E 83 -0.57 2.69 49.81
CA LYS E 83 0.87 2.61 50.01
C LYS E 83 1.68 2.79 48.71
N ILE E 84 1.05 2.97 47.52
CA ILE E 84 1.80 3.15 46.27
C ILE E 84 2.31 4.60 46.22
N LYS E 85 3.61 4.77 45.95
CA LYS E 85 4.24 6.08 45.87
C LYS E 85 4.06 6.64 44.45
N TRP E 86 2.80 6.79 44.01
CA TRP E 86 2.47 7.29 42.67
C TRP E 86 3.13 8.64 42.40
N GLY E 87 3.09 9.54 43.36
CA GLY E 87 3.69 10.85 43.23
C GLY E 87 5.19 10.82 43.03
N ASP E 88 5.90 9.90 43.70
CA ASP E 88 7.34 9.79 43.55
C ASP E 88 7.72 9.42 42.12
N ALA E 89 6.98 8.51 41.50
CA ALA E 89 7.23 8.13 40.11
C ALA E 89 6.76 9.18 39.08
N GLY E 90 6.08 10.23 39.53
CA GLY E 90 5.61 11.29 38.66
C GLY E 90 4.25 11.02 38.02
N ALA E 91 3.49 10.04 38.55
CA ALA E 91 2.19 9.68 38.00
C ALA E 91 1.10 10.69 38.43
N GLU E 92 0.61 11.47 37.47
CA GLU E 92 -0.40 12.48 37.73
C GLU E 92 -1.77 11.83 37.78
N TYR E 93 -2.08 10.93 36.81
CA TYR E 93 -3.34 10.16 36.77
C TYR E 93 -3.06 8.68 37.03
N VAL E 94 -3.99 7.97 37.66
CA VAL E 94 -3.84 6.54 37.88
C VAL E 94 -5.04 5.81 37.29
N VAL E 95 -4.79 4.80 36.45
CA VAL E 95 -5.83 3.96 35.86
C VAL E 95 -6.02 2.81 36.83
N GLU E 96 -7.20 2.72 37.46
CA GLU E 96 -7.47 1.67 38.43
C GLU E 96 -8.10 0.48 37.71
N SER E 97 -7.25 -0.47 37.27
CA SER E 97 -7.70 -1.60 36.43
C SER E 97 -7.84 -2.96 37.12
N THR E 98 -7.61 -3.06 38.45
CA THR E 98 -7.70 -4.36 39.13
C THR E 98 -9.13 -4.90 39.25
N GLY E 99 -10.13 -4.05 39.14
CA GLY E 99 -11.52 -4.47 39.26
C GLY E 99 -11.99 -4.67 40.68
N VAL E 100 -11.08 -4.56 41.67
CA VAL E 100 -11.44 -4.75 43.08
C VAL E 100 -11.54 -3.43 43.87
N PHE E 101 -11.30 -2.24 43.23
CA PHE E 101 -11.39 -0.94 43.89
C PHE E 101 -12.25 -0.02 43.02
N THR E 102 -13.51 -0.41 42.75
CA THR E 102 -14.38 0.39 41.87
C THR E 102 -15.22 1.47 42.59
N THR E 103 -15.37 1.44 43.93
CA THR E 103 -16.11 2.51 44.63
C THR E 103 -15.17 3.69 44.79
N MET E 104 -15.71 4.91 44.92
CA MET E 104 -14.87 6.09 45.10
C MET E 104 -14.04 6.06 46.37
N GLU E 105 -14.54 5.39 47.40
CA GLU E 105 -13.80 5.27 48.65
C GLU E 105 -12.58 4.37 48.41
N LYS E 106 -12.76 3.24 47.70
CA LYS E 106 -11.66 2.31 47.40
C LYS E 106 -10.67 2.90 46.38
N ALA E 107 -11.19 3.47 45.26
CA ALA E 107 -10.36 4.07 44.22
C ALA E 107 -9.61 5.33 44.73
N GLY E 108 -10.19 6.03 45.71
CA GLY E 108 -9.58 7.21 46.29
C GLY E 108 -8.27 6.97 47.01
N ALA E 109 -7.97 5.71 47.37
CA ALA E 109 -6.71 5.37 48.06
C ALA E 109 -5.50 5.83 47.27
N HIS E 110 -5.60 5.83 45.92
CA HIS E 110 -4.48 6.25 45.06
C HIS E 110 -4.08 7.69 45.26
N LEU E 111 -5.05 8.55 45.66
CA LEU E 111 -4.79 9.95 45.92
C LEU E 111 -3.87 10.11 47.15
N GLN E 112 -3.87 9.16 48.11
CA GLN E 112 -2.96 9.19 49.26
C GLN E 112 -1.50 8.98 48.85
N GLY E 113 -1.26 8.24 47.77
CA GLY E 113 0.09 8.01 47.27
C GLY E 113 0.68 9.17 46.48
N GLY E 114 -0.15 10.12 46.07
CA GLY E 114 0.31 11.28 45.33
C GLY E 114 -0.39 11.51 44.00
N ALA E 115 -1.28 10.61 43.58
CA ALA E 115 -2.01 10.79 42.33
C ALA E 115 -2.99 11.96 42.47
N LYS E 116 -3.26 12.66 41.37
CA LYS E 116 -4.17 13.80 41.34
C LYS E 116 -5.57 13.39 40.92
N ARG E 117 -5.67 12.45 39.96
CA ARG E 117 -6.96 11.93 39.46
C ARG E 117 -6.88 10.42 39.28
N VAL E 118 -8.04 9.72 39.44
CA VAL E 118 -8.13 8.27 39.29
C VAL E 118 -9.22 7.92 38.27
N ILE E 119 -8.87 7.12 37.25
CA ILE E 119 -9.84 6.71 36.23
C ILE E 119 -10.09 5.21 36.38
N ILE E 120 -11.27 4.82 36.86
CA ILE E 120 -11.60 3.40 37.07
C ILE E 120 -11.94 2.81 35.69
N SER E 121 -11.13 1.84 35.22
CA SER E 121 -11.35 1.19 33.92
C SER E 121 -12.40 0.05 34.06
N ALA E 122 -13.55 0.41 34.64
CA ALA E 122 -14.67 -0.49 34.93
C ALA E 122 -15.88 0.30 35.45
N PRO E 123 -17.10 -0.27 35.46
CA PRO E 123 -18.23 0.47 36.05
C PRO E 123 -18.05 0.61 37.56
N SER E 124 -18.56 1.73 38.10
CA SER E 124 -18.49 2.05 39.51
C SER E 124 -19.90 2.26 40.03
N ALA E 125 -20.14 1.85 41.29
CA ALA E 125 -21.45 2.02 41.90
C ALA E 125 -21.77 3.50 42.18
N ASP E 126 -20.75 4.31 42.52
CA ASP E 126 -20.95 5.72 42.90
C ASP E 126 -20.15 6.77 42.09
N ALA E 127 -19.01 6.40 41.44
CA ALA E 127 -18.22 7.40 40.70
C ALA E 127 -18.93 7.89 39.42
N PRO E 128 -18.73 9.15 38.99
CA PRO E 128 -19.37 9.61 37.73
C PRO E 128 -18.86 8.86 36.53
N MET E 129 -19.76 8.47 35.62
CA MET E 129 -19.37 7.65 34.49
C MET E 129 -19.31 8.39 33.22
N PHE E 130 -18.33 8.02 32.36
CA PHE E 130 -18.17 8.68 31.09
C PHE E 130 -18.00 7.71 29.95
N VAL E 131 -18.48 8.11 28.78
CA VAL E 131 -18.32 7.38 27.53
C VAL E 131 -17.90 8.45 26.52
N MET E 132 -16.69 8.30 25.93
CA MET E 132 -16.17 9.26 24.96
C MET E 132 -17.11 9.34 23.78
N GLY E 133 -17.42 10.56 23.38
CA GLY E 133 -18.33 10.81 22.28
C GLY E 133 -19.77 10.93 22.72
N VAL E 134 -20.11 10.56 23.97
CA VAL E 134 -21.48 10.60 24.44
C VAL E 134 -21.68 11.67 25.53
N ASN E 135 -20.88 11.64 26.62
CA ASN E 135 -21.01 12.61 27.71
C ASN E 135 -19.68 13.09 28.31
N HIS E 136 -18.57 12.92 27.59
CA HIS E 136 -17.26 13.35 28.11
C HIS E 136 -17.18 14.87 28.29
N GLU E 137 -18.00 15.65 27.54
CA GLU E 137 -18.03 17.10 27.71
C GLU E 137 -18.58 17.48 29.10
N LYS E 138 -19.35 16.60 29.77
CA LYS E 138 -19.84 16.85 31.13
C LYS E 138 -18.72 16.68 32.20
N TYR E 139 -17.50 16.25 31.81
CA TYR E 139 -16.39 16.13 32.75
C TYR E 139 -15.87 17.54 33.08
N ASP E 140 -15.55 17.79 34.35
CA ASP E 140 -14.96 19.05 34.80
C ASP E 140 -13.85 18.79 35.84
N ASN E 141 -12.96 19.77 36.03
CA ASN E 141 -11.79 19.65 36.92
C ASN E 141 -12.07 19.36 38.39
N SER E 142 -13.31 19.51 38.86
CA SER E 142 -13.63 19.18 40.25
C SER E 142 -13.62 17.66 40.48
N LEU E 143 -13.83 16.85 39.40
CA LEU E 143 -13.92 15.41 39.45
C LEU E 143 -12.54 14.76 39.58
N LYS E 144 -12.20 14.28 40.79
CA LYS E 144 -10.92 13.65 41.09
C LYS E 144 -10.95 12.13 40.86
N ILE E 145 -12.14 11.48 40.92
CA ILE E 145 -12.29 10.04 40.71
C ILE E 145 -13.46 9.82 39.76
N ILE E 146 -13.20 9.24 38.58
CA ILE E 146 -14.25 8.97 37.58
C ILE E 146 -14.16 7.52 37.06
N SER E 147 -15.20 7.04 36.36
CA SER E 147 -15.23 5.70 35.79
C SER E 147 -15.45 5.80 34.27
N ASN E 148 -14.82 4.90 33.51
CA ASN E 148 -15.00 4.87 32.05
C ASN E 148 -16.12 3.88 31.64
N ALA E 149 -17.04 3.48 32.58
CA ALA E 149 -18.12 2.51 32.28
C ALA E 149 -17.48 1.12 31.80
N SER E 150 -18.25 0.17 31.19
CA SER E 150 -17.72 -1.09 30.70
C SER E 150 -17.50 -0.99 29.21
N CSU E 151 -16.83 -1.98 28.64
N CSU E 151 -16.85 -2.01 28.65
CA CSU E 151 -16.62 -2.05 27.20
CA CSU E 151 -16.62 -2.11 27.20
CB CSU E 151 -15.67 -3.18 26.80
CB CSU E 151 -15.70 -3.27 26.85
SG CSU E 151 -16.15 -4.79 27.52
SG CSU E 151 -16.45 -4.91 27.10
S CSU E 151 -16.63 -5.75 29.06
C CSU E 151 -17.94 -2.18 26.42
C CSU E 151 -17.93 -2.21 26.41
O CSU E 151 -18.07 -1.65 25.31
O CSU E 151 -18.02 -1.71 25.30
OD1 CSU E 151 -15.84 -7.07 28.92
OD2 CSU E 151 -15.90 -4.92 29.94
OD3 CSU E 151 -18.01 -6.06 29.24
H CSU E 151 -16.43 -2.77 29.14
H CSU E 151 -16.48 -2.80 29.16
HA CSU E 151 -16.13 -1.13 26.90
HA CSU E 151 -16.09 -1.20 26.90
HB2 CSU E 151 -14.67 -3.03 27.20
HB2 CSU E 151 -14.82 -3.30 27.49
HB3 CSU E 151 -15.58 -3.31 25.71
HB3 CSU E 151 -15.34 -3.23 25.81
N THR E 152 -18.95 -2.89 26.99
CA THR E 152 -20.23 -3.08 26.34
C THR E 152 -21.00 -1.78 26.30
N THR E 153 -20.96 -0.99 27.42
CA THR E 153 -21.61 0.33 27.49
C THR E 153 -20.96 1.24 26.45
N ASN E 154 -19.62 1.24 26.37
CA ASN E 154 -18.95 2.06 25.37
C ASN E 154 -19.28 1.67 23.92
N CYS E 155 -19.76 0.46 23.68
CA CYS E 155 -20.21 0.06 22.34
C CYS E 155 -21.66 0.53 22.10
N LEU E 156 -22.55 0.25 23.07
CA LEU E 156 -23.96 0.57 22.92
C LEU E 156 -24.28 2.06 22.95
N ALA E 157 -23.72 2.82 23.92
CA ALA E 157 -24.02 4.24 24.08
C ALA E 157 -23.78 5.11 22.82
N PRO E 158 -22.69 5.01 22.04
CA PRO E 158 -22.57 5.85 20.83
C PRO E 158 -23.64 5.53 19.79
N LEU E 159 -24.04 4.25 19.64
CA LEU E 159 -25.10 3.89 18.69
C LEU E 159 -26.44 4.40 19.24
N ALA E 160 -26.70 4.21 20.53
CA ALA E 160 -27.93 4.67 21.18
C ALA E 160 -28.04 6.19 21.05
N LYS E 161 -26.93 6.93 21.22
CA LYS E 161 -26.92 8.40 21.09
C LYS E 161 -27.40 8.81 19.70
N VAL E 162 -26.82 8.23 18.65
CA VAL E 162 -27.19 8.59 17.28
C VAL E 162 -28.66 8.23 17.01
N ILE E 163 -29.07 7.01 17.39
CA ILE E 163 -30.44 6.55 17.14
C ILE E 163 -31.47 7.39 17.91
N HIS E 164 -31.19 7.72 19.18
CA HIS E 164 -32.11 8.52 19.97
C HIS E 164 -32.17 9.97 19.50
N ASP E 165 -31.00 10.59 19.19
CA ASP E 165 -30.97 11.98 18.71
C ASP E 165 -31.73 12.16 17.41
N ASN E 166 -31.75 11.14 16.54
CA ASN E 166 -32.43 11.26 15.25
C ASN E 166 -33.87 10.76 15.26
N PHE E 167 -34.16 9.63 15.92
CA PHE E 167 -35.51 9.05 15.89
C PHE E 167 -36.18 8.88 17.24
N GLY E 168 -35.43 8.94 18.33
CA GLY E 168 -35.98 8.76 19.65
C GLY E 168 -36.23 7.30 19.98
N ILE E 169 -35.56 6.77 21.00
CA ILE E 169 -35.72 5.39 21.41
C ILE E 169 -36.84 5.36 22.45
N VAL E 170 -37.98 4.78 22.11
CA VAL E 170 -39.10 4.65 23.04
C VAL E 170 -38.69 3.62 24.12
N GLU E 171 -38.14 2.49 23.68
CA GLU E 171 -37.69 1.41 24.54
C GLU E 171 -36.78 0.47 23.75
N GLY E 172 -35.82 -0.13 24.44
CA GLY E 172 -34.89 -1.04 23.79
C GLY E 172 -34.41 -2.14 24.71
N LEU E 173 -34.15 -3.30 24.11
CA LEU E 173 -33.64 -4.49 24.78
C LEU E 173 -32.42 -4.95 23.97
N MET E 174 -31.31 -5.18 24.69
CA MET E 174 -30.03 -5.50 24.07
C MET E 174 -29.56 -6.89 24.46
N THR E 175 -28.85 -7.56 23.53
CA THR E 175 -28.15 -8.83 23.78
C THR E 175 -26.74 -8.61 23.28
N THR E 176 -25.75 -9.01 24.05
CA THR E 176 -24.36 -8.94 23.60
C THR E 176 -23.82 -10.35 23.53
N VAL E 177 -23.41 -10.79 22.32
CA VAL E 177 -22.79 -12.10 22.13
C VAL E 177 -21.32 -11.78 22.38
N HIS E 178 -20.83 -12.10 23.57
CA HIS E 178 -19.51 -11.72 24.04
C HIS E 178 -18.45 -12.81 23.95
N ALA E 179 -17.21 -12.39 23.71
CA ALA E 179 -16.06 -13.29 23.67
C ALA E 179 -15.73 -13.74 25.10
N ILE E 180 -14.93 -14.83 25.25
CA ILE E 180 -14.57 -15.30 26.59
C ILE E 180 -13.68 -14.26 27.30
N THR E 181 -13.83 -14.17 28.65
CA THR E 181 -13.07 -13.24 29.48
C THR E 181 -12.23 -14.00 30.53
N ALA E 182 -11.29 -13.30 31.14
CA ALA E 182 -10.41 -13.88 32.16
C ALA E 182 -11.16 -14.40 33.41
N THR E 183 -12.40 -13.95 33.64
CA THR E 183 -13.19 -14.40 34.79
C THR E 183 -13.82 -15.79 34.57
N GLN E 184 -13.77 -16.34 33.35
CA GLN E 184 -14.33 -17.63 33.03
C GLN E 184 -13.34 -18.76 33.34
N LYS E 185 -13.82 -20.02 33.29
CA LYS E 185 -13.00 -21.21 33.59
C LYS E 185 -12.81 -22.06 32.34
N THR E 186 -11.62 -22.68 32.17
CA THR E 186 -11.35 -23.53 31.00
C THR E 186 -12.27 -24.76 30.96
N VAL E 187 -12.40 -25.44 32.11
CA VAL E 187 -13.28 -26.59 32.30
C VAL E 187 -14.20 -26.24 33.49
N ASP E 188 -15.32 -27.00 33.66
CA ASP E 188 -16.30 -26.80 34.75
C ASP E 188 -15.63 -26.60 36.10
N GLY E 189 -15.62 -25.37 36.55
CA GLY E 189 -14.99 -24.98 37.81
C GLY E 189 -15.92 -24.18 38.68
N PRO E 190 -15.40 -23.77 39.84
CA PRO E 190 -16.22 -23.03 40.81
C PRO E 190 -16.22 -21.53 40.61
N SER E 191 -17.40 -20.96 40.61
CA SER E 191 -17.66 -19.53 40.56
C SER E 191 -18.88 -19.35 41.47
N GLY E 192 -18.64 -19.41 42.78
CA GLY E 192 -19.68 -19.38 43.81
C GLY E 192 -20.79 -18.37 43.63
N LYS E 193 -20.46 -17.14 43.19
CA LYS E 193 -21.46 -16.09 43.00
C LYS E 193 -22.30 -16.30 41.74
N LEU E 194 -21.63 -16.54 40.59
CA LEU E 194 -22.29 -16.72 39.28
C LEU E 194 -22.05 -18.13 38.77
N TRP E 195 -22.92 -19.06 39.15
CA TRP E 195 -22.77 -20.47 38.82
C TRP E 195 -22.56 -20.78 37.35
N ARG E 196 -23.28 -20.09 36.46
CA ARG E 196 -23.15 -20.35 35.03
C ARG E 196 -21.75 -19.96 34.52
N ASP E 197 -21.18 -18.86 35.06
CA ASP E 197 -19.84 -18.39 34.66
C ASP E 197 -18.69 -19.34 35.03
N GLY E 198 -18.94 -20.30 35.92
CA GLY E 198 -17.95 -21.29 36.27
C GLY E 198 -17.91 -22.45 35.29
N ARG E 199 -18.96 -22.66 34.50
CA ARG E 199 -19.01 -23.78 33.54
C ARG E 199 -18.02 -23.59 32.40
N GLY E 200 -17.49 -24.69 31.86
CA GLY E 200 -16.48 -24.68 30.80
C GLY E 200 -16.67 -23.66 29.69
N ALA E 201 -15.74 -22.71 29.55
CA ALA E 201 -15.84 -21.64 28.57
C ALA E 201 -15.72 -22.11 27.14
N LEU E 202 -14.94 -23.17 26.91
CA LEU E 202 -14.70 -23.73 25.59
C LEU E 202 -15.93 -24.45 25.03
N GLN E 203 -16.69 -25.09 25.90
CA GLN E 203 -17.78 -25.96 25.48
C GLN E 203 -19.15 -25.33 25.44
N ASN E 204 -19.33 -24.18 26.08
CA ASN E 204 -20.66 -23.61 26.27
C ASN E 204 -20.93 -22.22 25.77
N ILE E 205 -22.24 -21.97 25.48
CA ILE E 205 -22.85 -20.66 25.28
C ILE E 205 -23.38 -20.45 26.71
N ILE E 206 -22.92 -19.40 27.40
CA ILE E 206 -23.26 -19.17 28.79
C ILE E 206 -24.07 -17.90 28.93
N PRO E 207 -25.38 -17.94 29.27
CA PRO E 207 -26.11 -16.68 29.49
C PRO E 207 -25.56 -15.97 30.71
N ALA E 208 -25.45 -14.64 30.64
CA ALA E 208 -24.94 -13.84 31.74
C ALA E 208 -25.73 -12.54 31.87
N SER E 209 -25.76 -11.99 33.08
CA SER E 209 -26.44 -10.73 33.34
C SER E 209 -25.45 -9.60 33.12
N THR E 210 -25.90 -8.48 32.56
CA THR E 210 -25.03 -7.33 32.35
C THR E 210 -25.80 -6.03 32.57
N GLY E 211 -25.28 -5.15 33.41
CA GLY E 211 -25.90 -3.86 33.66
C GLY E 211 -25.43 -2.80 32.68
N ALA E 212 -24.87 -3.20 31.51
CA ALA E 212 -24.33 -2.29 30.51
C ALA E 212 -25.40 -1.52 29.75
N ALA E 213 -26.56 -2.14 29.46
CA ALA E 213 -27.65 -1.45 28.77
C ALA E 213 -28.33 -0.47 29.74
N LYS E 214 -28.52 -0.90 31.00
CA LYS E 214 -29.07 -0.07 32.06
C LYS E 214 -28.15 1.19 32.24
N ALA E 215 -26.82 0.97 32.27
CA ALA E 215 -25.82 2.03 32.43
C ALA E 215 -25.84 3.09 31.30
N VAL E 216 -26.32 2.76 30.10
CA VAL E 216 -26.43 3.76 29.01
C VAL E 216 -27.34 4.93 29.43
N GLY E 217 -28.32 4.63 30.28
CA GLY E 217 -29.25 5.61 30.85
C GLY E 217 -28.61 6.59 31.79
N LYS E 218 -27.40 6.30 32.32
CA LYS E 218 -26.63 7.20 33.18
C LYS E 218 -25.72 8.13 32.35
N VAL E 219 -25.30 7.71 31.12
CA VAL E 219 -24.51 8.59 30.23
C VAL E 219 -25.42 9.37 29.25
N ILE E 220 -26.66 8.86 28.99
CA ILE E 220 -27.70 9.51 28.18
C ILE E 220 -28.92 9.58 29.09
N PRO E 221 -29.03 10.59 29.97
CA PRO E 221 -30.14 10.62 30.95
C PRO E 221 -31.56 10.50 30.37
N GLU E 222 -31.74 10.85 29.08
CA GLU E 222 -33.04 10.69 28.44
C GLU E 222 -33.43 9.22 28.29
N LEU E 223 -32.45 8.30 28.10
CA LEU E 223 -32.73 6.87 27.98
C LEU E 223 -32.77 6.15 29.34
N ASN E 224 -32.78 6.89 30.48
CA ASN E 224 -32.83 6.26 31.80
C ASN E 224 -34.10 5.45 31.95
N GLY E 225 -33.96 4.18 32.31
CA GLY E 225 -35.10 3.27 32.44
C GLY E 225 -35.67 2.78 31.13
N LYS E 226 -35.17 3.31 29.97
CA LYS E 226 -35.68 2.90 28.65
C LYS E 226 -34.91 1.73 28.03
N LEU E 227 -33.77 1.28 28.64
CA LEU E 227 -32.96 0.20 28.11
C LEU E 227 -32.51 -0.81 29.18
N THR E 228 -32.49 -2.09 28.80
CA THR E 228 -31.95 -3.19 29.62
C THR E 228 -31.50 -4.34 28.68
N GLY E 229 -30.78 -5.32 29.22
CA GLY E 229 -30.32 -6.43 28.41
C GLY E 229 -29.62 -7.53 29.16
N MET E 230 -29.09 -8.48 28.38
CA MET E 230 -28.36 -9.63 28.87
C MET E 230 -27.25 -10.00 27.88
N ALA E 231 -26.38 -10.93 28.26
CA ALA E 231 -25.24 -11.35 27.47
C ALA E 231 -25.22 -12.87 27.25
N PHE E 232 -24.51 -13.32 26.21
CA PHE E 232 -24.25 -14.72 25.94
C PHE E 232 -22.76 -14.83 25.74
N ARG E 233 -22.02 -15.50 26.64
CA ARG E 233 -20.57 -15.67 26.46
C ARG E 233 -20.38 -16.86 25.54
N VAL E 234 -19.59 -16.71 24.47
CA VAL E 234 -19.38 -17.77 23.48
C VAL E 234 -17.89 -18.10 23.31
N PRO E 235 -17.51 -19.31 22.78
CA PRO E 235 -16.09 -19.66 22.72
C PRO E 235 -15.24 -18.99 21.62
N THR E 236 -14.99 -17.68 21.73
CA THR E 236 -14.06 -16.95 20.89
C THR E 236 -13.18 -16.16 21.84
N ALA E 237 -11.90 -16.01 21.52
CA ALA E 237 -10.95 -15.33 22.39
C ALA E 237 -11.13 -13.82 22.47
N ASN E 238 -11.69 -13.19 21.42
CA ASN E 238 -11.86 -11.74 21.42
C ASN E 238 -12.80 -11.27 20.31
N VAL E 239 -13.34 -10.03 20.46
CA VAL E 239 -14.29 -9.34 19.58
C VAL E 239 -15.69 -9.82 19.93
N SER E 240 -16.55 -8.86 20.33
CA SER E 240 -17.94 -9.08 20.75
C SER E 240 -18.89 -8.27 19.85
N VAL E 241 -20.20 -8.54 19.94
CA VAL E 241 -21.19 -7.85 19.13
C VAL E 241 -22.42 -7.53 19.97
N VAL E 242 -22.96 -6.32 19.78
CA VAL E 242 -24.16 -5.83 20.46
C VAL E 242 -25.32 -5.93 19.44
N ASP E 243 -26.45 -6.38 19.93
CA ASP E 243 -27.68 -6.55 19.16
C ASP E 243 -28.74 -5.75 19.89
N LEU E 244 -29.09 -4.56 19.36
CA LEU E 244 -30.10 -3.71 19.99
C LEU E 244 -31.44 -3.79 19.27
N THR E 245 -32.45 -4.38 19.92
CA THR E 245 -33.80 -4.42 19.38
C THR E 245 -34.54 -3.27 20.06
N CYS E 246 -35.02 -2.31 19.26
CA CYS E 246 -35.68 -1.14 19.83
C CYS E 246 -36.85 -0.62 19.01
N ARG E 247 -37.71 0.15 19.70
CA ARG E 247 -38.87 0.81 19.14
C ARG E 247 -38.54 2.28 19.05
N LEU E 248 -38.77 2.87 17.88
CA LEU E 248 -38.46 4.27 17.64
C LEU E 248 -39.72 5.14 17.69
N GLU E 249 -39.56 6.41 18.13
CA GLU E 249 -40.64 7.40 18.22
C GLU E 249 -41.00 7.81 16.80
N LYS E 250 -40.07 8.44 16.08
CA LYS E 250 -40.28 8.84 14.70
C LYS E 250 -40.09 7.63 13.80
N PRO E 251 -40.80 7.55 12.66
CA PRO E 251 -40.54 6.44 11.73
C PRO E 251 -39.15 6.54 11.15
N ALA E 252 -38.53 5.40 10.87
CA ALA E 252 -37.19 5.38 10.34
C ALA E 252 -37.04 4.23 9.37
N LYS E 253 -36.89 4.54 8.07
CA LYS E 253 -36.59 3.50 7.09
C LYS E 253 -35.15 3.03 7.38
N TYR E 254 -34.82 1.77 7.04
CA TYR E 254 -33.48 1.27 7.36
C TYR E 254 -32.39 2.09 6.66
N ASP E 255 -32.63 2.59 5.44
CA ASP E 255 -31.65 3.44 4.75
C ASP E 255 -31.46 4.80 5.44
N ASP E 256 -32.48 5.28 6.18
CA ASP E 256 -32.38 6.51 6.96
C ASP E 256 -31.53 6.27 8.21
N ILE E 257 -31.67 5.07 8.82
CA ILE E 257 -30.86 4.65 9.97
C ILE E 257 -29.41 4.57 9.50
N LYS E 258 -29.16 3.92 8.35
CA LYS E 258 -27.82 3.82 7.80
C LYS E 258 -27.21 5.20 7.53
N LYS E 259 -27.98 6.08 6.86
CA LYS E 259 -27.57 7.44 6.50
C LYS E 259 -27.10 8.23 7.73
N VAL E 260 -27.89 8.25 8.81
CA VAL E 260 -27.54 9.03 10.00
C VAL E 260 -26.37 8.44 10.76
N VAL E 261 -26.19 7.09 10.75
CA VAL E 261 -25.06 6.45 11.43
C VAL E 261 -23.79 6.75 10.63
N LYS E 262 -23.83 6.64 9.29
CA LYS E 262 -22.69 6.92 8.41
C LYS E 262 -22.21 8.35 8.62
N GLN E 263 -23.15 9.31 8.74
CA GLN E 263 -22.83 10.70 8.99
C GLN E 263 -22.11 10.92 10.32
N ALA E 264 -22.59 10.27 11.40
CA ALA E 264 -21.98 10.39 12.72
C ALA E 264 -20.57 9.78 12.76
N SER E 265 -20.37 8.65 12.06
CA SER E 265 -19.06 7.99 12.01
C SER E 265 -18.04 8.83 11.24
N GLU E 266 -18.50 9.60 10.23
CA GLU E 266 -17.63 10.47 9.44
C GLU E 266 -17.40 11.85 10.11
N GLY E 267 -18.30 12.26 10.99
CA GLY E 267 -18.21 13.55 11.65
C GLY E 267 -17.82 13.50 13.10
N PRO E 268 -18.76 13.81 14.02
CA PRO E 268 -18.39 13.92 15.45
C PRO E 268 -17.90 12.65 16.15
N LEU E 269 -18.42 11.47 15.77
CA LEU E 269 -17.99 10.23 16.41
C LEU E 269 -16.94 9.49 15.56
N LYS E 270 -16.10 10.23 14.81
CA LYS E 270 -15.06 9.59 14.00
C LYS E 270 -14.05 8.90 14.94
N GLY E 271 -13.77 7.62 14.69
CA GLY E 271 -12.85 6.85 15.53
C GLY E 271 -13.51 6.22 16.75
N ILE E 272 -14.70 6.72 17.14
CA ILE E 272 -15.47 6.17 18.26
C ILE E 272 -16.52 5.22 17.67
N LEU E 273 -17.41 5.75 16.84
CA LEU E 273 -18.44 4.99 16.15
C LEU E 273 -17.98 4.82 14.70
N GLY E 274 -17.94 3.57 14.25
CA GLY E 274 -17.60 3.20 12.89
C GLY E 274 -18.85 2.77 12.15
N TYR E 275 -18.73 2.63 10.85
CA TYR E 275 -19.82 2.23 9.99
C TYR E 275 -19.27 1.38 8.86
N THR E 276 -19.94 0.26 8.55
CA THR E 276 -19.54 -0.60 7.46
C THR E 276 -20.74 -1.23 6.80
N GLU E 277 -20.60 -1.45 5.48
CA GLU E 277 -21.54 -2.18 4.64
C GLU E 277 -20.87 -3.51 4.13
N HIS E 278 -19.61 -3.79 4.51
CA HIS E 278 -18.90 -4.99 4.08
C HIS E 278 -19.44 -6.26 4.75
N GLN E 279 -19.15 -7.40 4.15
CA GLN E 279 -19.57 -8.72 4.61
C GLN E 279 -18.66 -9.20 5.77
N VAL E 280 -18.58 -8.39 6.85
CA VAL E 280 -17.69 -8.63 7.99
C VAL E 280 -18.11 -9.74 8.95
N VAL E 281 -17.11 -10.33 9.62
CA VAL E 281 -17.25 -11.34 10.69
C VAL E 281 -16.41 -10.84 11.91
N SER E 282 -16.51 -11.48 13.08
CA SER E 282 -15.85 -10.94 14.28
C SER E 282 -14.35 -10.70 14.13
N SER E 283 -13.60 -11.63 13.54
CA SER E 283 -12.14 -11.47 13.41
C SER E 283 -11.72 -10.22 12.62
N ASP E 284 -12.63 -9.67 11.81
CA ASP E 284 -12.32 -8.44 11.07
C ASP E 284 -12.19 -7.21 11.97
N PHE E 285 -12.62 -7.29 13.24
CA PHE E 285 -12.49 -6.19 14.18
C PHE E 285 -11.42 -6.44 15.22
N ASN E 286 -10.49 -7.42 15.00
CA ASN E 286 -9.42 -7.66 15.96
C ASN E 286 -8.44 -6.49 15.89
N SER E 287 -8.09 -5.95 17.06
CA SER E 287 -7.27 -4.76 17.26
C SER E 287 -7.89 -3.48 16.65
N ASP E 288 -9.22 -3.49 16.34
CA ASP E 288 -9.93 -2.31 15.85
C ASP E 288 -10.19 -1.41 17.08
N THR E 289 -9.69 -0.19 17.05
CA THR E 289 -9.79 0.72 18.18
C THR E 289 -11.12 1.45 18.33
N HIS E 290 -12.09 1.25 17.42
CA HIS E 290 -13.41 1.90 17.57
C HIS E 290 -14.11 1.36 18.78
N SER E 291 -14.92 2.21 19.41
CA SER E 291 -15.78 1.81 20.53
C SER E 291 -16.95 0.92 20.04
N SER E 292 -17.43 1.16 18.83
CA SER E 292 -18.50 0.38 18.24
C SER E 292 -18.50 0.59 16.72
N THR E 293 -18.79 -0.45 15.93
CA THR E 293 -18.87 -0.33 14.48
C THR E 293 -20.20 -0.88 14.00
N PHE E 294 -21.08 0.00 13.51
CA PHE E 294 -22.39 -0.39 13.00
C PHE E 294 -22.27 -1.28 11.75
N ASP E 295 -22.86 -2.47 11.83
CA ASP E 295 -22.89 -3.44 10.73
C ASP E 295 -24.20 -3.24 9.99
N ALA E 296 -24.17 -2.50 8.85
CA ALA E 296 -25.38 -2.20 8.09
C ALA E 296 -26.07 -3.47 7.55
N GLY E 297 -25.33 -4.36 6.92
CA GLY E 297 -25.89 -5.57 6.35
C GLY E 297 -26.43 -6.61 7.34
N ALA E 298 -25.96 -6.59 8.61
CA ALA E 298 -26.37 -7.58 9.60
C ALA E 298 -27.70 -7.27 10.28
N GLY E 299 -28.04 -5.99 10.42
CA GLY E 299 -29.28 -5.58 11.05
C GLY E 299 -30.53 -5.87 10.22
N ILE E 300 -31.70 -5.82 10.89
CA ILE E 300 -32.96 -6.10 10.23
C ILE E 300 -34.11 -5.31 10.85
N ALA E 301 -34.99 -4.76 9.98
CA ALA E 301 -36.15 -3.99 10.41
C ALA E 301 -37.41 -4.81 10.16
N LEU E 302 -38.32 -4.83 11.17
CA LEU E 302 -39.61 -5.52 11.03
C LEU E 302 -40.56 -4.57 10.26
N ASN E 303 -40.61 -3.30 10.67
CA ASN E 303 -41.41 -2.29 10.01
C ASN E 303 -40.55 -0.99 10.02
N ASP E 304 -41.13 0.23 10.11
CA ASP E 304 -40.31 1.44 10.21
C ASP E 304 -40.30 1.98 11.66
N HIS E 305 -40.71 1.16 12.66
CA HIS E 305 -40.73 1.53 14.08
C HIS E 305 -40.10 0.50 15.00
N PHE E 306 -39.77 -0.72 14.50
CA PHE E 306 -39.19 -1.79 15.32
C PHE E 306 -38.03 -2.44 14.55
N VAL E 307 -36.79 -2.12 15.00
CA VAL E 307 -35.54 -2.55 14.36
C VAL E 307 -34.60 -3.28 15.30
N LYS E 308 -33.70 -4.09 14.69
CA LYS E 308 -32.61 -4.81 15.33
C LYS E 308 -31.33 -4.24 14.72
N LEU E 309 -30.51 -3.55 15.51
CA LEU E 309 -29.28 -2.92 15.04
C LEU E 309 -28.06 -3.64 15.61
N ILE E 310 -27.16 -4.07 14.72
CA ILE E 310 -25.96 -4.84 15.06
C ILE E 310 -24.71 -3.94 15.03
N SER E 311 -23.84 -4.07 16.06
CA SER E 311 -22.64 -3.25 16.17
C SER E 311 -21.50 -4.05 16.83
N TRP E 312 -20.34 -4.10 16.16
CA TRP E 312 -19.16 -4.85 16.62
C TRP E 312 -18.27 -4.03 17.52
N TYR E 313 -17.55 -4.70 18.41
CA TYR E 313 -16.58 -4.02 19.26
C TYR E 313 -15.48 -4.98 19.71
N ASP E 314 -14.23 -4.49 19.63
CA ASP E 314 -13.10 -5.24 20.14
C ASP E 314 -13.16 -4.91 21.64
N ASN E 315 -13.76 -5.81 22.41
CA ASN E 315 -13.91 -5.63 23.86
C ASN E 315 -12.57 -5.32 24.60
N GLU E 316 -11.45 -5.63 23.96
CA GLU E 316 -10.13 -5.40 24.52
C GLU E 316 -9.51 -4.06 24.06
N PHE E 317 -9.24 -3.91 22.75
CA PHE E 317 -8.59 -2.70 22.23
C PHE E 317 -9.48 -1.45 22.24
N GLY E 318 -10.76 -1.56 21.81
CA GLY E 318 -11.68 -0.42 21.77
C GLY E 318 -11.77 0.33 23.09
N TYR E 319 -12.04 -0.43 24.16
CA TYR E 319 -12.18 0.14 25.51
C TYR E 319 -10.88 0.73 26.09
N SER E 320 -9.77 0.03 25.90
CA SER E 320 -8.44 0.44 26.35
C SER E 320 -8.04 1.78 25.74
N ASN E 321 -8.34 1.96 24.44
CA ASN E 321 -8.06 3.20 23.73
C ASN E 321 -8.96 4.32 24.26
N ARG E 322 -10.21 4.02 24.65
CA ARG E 322 -11.07 5.02 25.24
C ARG E 322 -10.57 5.47 26.61
N VAL E 323 -9.97 4.58 27.42
CA VAL E 323 -9.37 4.96 28.71
C VAL E 323 -8.28 6.02 28.47
N VAL E 324 -7.45 5.81 27.44
CA VAL E 324 -6.38 6.73 27.03
C VAL E 324 -6.97 8.04 26.52
N ASP E 325 -8.02 7.99 25.67
CA ASP E 325 -8.67 9.19 25.12
C ASP E 325 -9.32 10.02 26.23
N LEU E 326 -9.94 9.35 27.22
CA LEU E 326 -10.57 10.03 28.35
C LEU E 326 -9.52 10.81 29.14
N MET E 327 -8.34 10.22 29.35
CA MET E 327 -7.26 10.88 30.07
C MET E 327 -6.65 12.02 29.26
N ALA E 328 -6.57 11.83 27.94
CA ALA E 328 -6.10 12.87 27.03
C ALA E 328 -7.08 14.06 27.07
N HIS E 329 -8.40 13.79 27.29
CA HIS E 329 -9.41 14.83 27.41
C HIS E 329 -9.25 15.59 28.75
N MET E 330 -9.11 14.85 29.84
CA MET E 330 -8.97 15.41 31.18
C MET E 330 -7.80 16.36 31.26
N ALA E 331 -6.68 15.98 30.65
CA ALA E 331 -5.48 16.82 30.60
C ALA E 331 -5.77 18.16 29.89
N SER E 332 -6.54 18.14 28.76
CA SER E 332 -6.89 19.36 28.01
C SER E 332 -7.73 20.32 28.87
N LYS E 333 -8.56 19.78 29.76
CA LYS E 333 -9.36 20.61 30.64
C LYS E 333 -8.54 21.11 31.86
N GLU E 334 -7.37 20.50 32.17
CA GLU E 334 -6.51 20.91 33.29
C GLU E 334 -6.11 22.38 33.21
N GLY F 1 15.07 -12.48 9.19
CA GLY F 1 13.96 -11.69 8.63
C GLY F 1 14.40 -10.39 7.96
N LYS F 2 13.43 -9.55 7.50
CA LYS F 2 13.78 -8.28 6.84
C LYS F 2 14.44 -7.32 7.82
N VAL F 3 15.57 -6.69 7.42
CA VAL F 3 16.29 -5.79 8.33
C VAL F 3 15.51 -4.48 8.56
N LYS F 4 15.51 -3.97 9.80
CA LYS F 4 14.81 -2.75 10.15
C LYS F 4 15.77 -1.58 9.99
N VAL F 5 15.38 -0.58 9.19
CA VAL F 5 16.22 0.53 8.81
C VAL F 5 15.71 1.88 9.32
N GLY F 6 16.65 2.76 9.66
CA GLY F 6 16.39 4.14 10.03
C GLY F 6 16.98 5.04 8.97
N VAL F 7 16.32 6.14 8.62
CA VAL F 7 16.82 7.05 7.58
C VAL F 7 17.06 8.43 8.20
N ASN F 8 18.30 8.95 8.15
CA ASN F 8 18.59 10.27 8.69
C ASN F 8 18.54 11.21 7.53
N GLY F 9 17.59 12.14 7.57
CA GLY F 9 17.37 13.17 6.56
C GLY F 9 16.27 12.80 5.58
N PHE F 10 15.19 13.59 5.51
CA PHE F 10 14.10 13.32 4.57
C PHE F 10 14.18 14.26 3.35
N GLY F 11 15.41 14.44 2.85
CA GLY F 11 15.67 15.17 1.62
C GLY F 11 15.44 14.29 0.41
N ARG F 12 15.83 14.70 -0.83
CA ARG F 12 15.52 13.84 -2.00
C ARG F 12 16.12 12.44 -1.87
N ILE F 13 17.38 12.30 -1.39
CA ILE F 13 17.93 10.94 -1.25
C ILE F 13 17.13 10.16 -0.19
N GLY F 14 16.93 10.74 0.99
CA GLY F 14 16.21 10.09 2.07
C GLY F 14 14.82 9.63 1.70
N ARG F 15 14.06 10.48 0.98
CA ARG F 15 12.71 10.13 0.55
C ARG F 15 12.72 9.02 -0.50
N LEU F 16 13.66 9.09 -1.47
CA LEU F 16 13.75 8.09 -2.54
C LEU F 16 14.28 6.76 -2.04
N VAL F 17 15.13 6.75 -1.00
CA VAL F 17 15.58 5.51 -0.39
C VAL F 17 14.37 4.90 0.34
N THR F 18 13.58 5.71 1.06
CA THR F 18 12.36 5.26 1.73
C THR F 18 11.38 4.68 0.71
N ARG F 19 11.22 5.37 -0.43
CA ARG F 19 10.34 4.92 -1.50
C ARG F 19 10.83 3.58 -2.07
N ALA F 20 12.14 3.46 -2.33
CA ALA F 20 12.74 2.23 -2.88
C ALA F 20 12.55 1.07 -1.90
N ALA F 21 12.64 1.34 -0.59
CA ALA F 21 12.47 0.31 0.41
C ALA F 21 11.06 -0.25 0.34
N PHE F 22 10.02 0.60 0.23
CA PHE F 22 8.64 0.12 0.17
C PHE F 22 8.32 -0.48 -1.21
N ASN F 23 8.81 0.13 -2.29
CA ASN F 23 8.56 -0.37 -3.63
C ASN F 23 9.19 -1.76 -3.86
N SER F 24 10.45 -1.95 -3.44
CA SER F 24 11.16 -3.23 -3.57
C SER F 24 10.82 -4.22 -2.45
N GLY F 25 10.51 -3.72 -1.28
CA GLY F 25 10.20 -4.54 -0.11
C GLY F 25 11.38 -5.28 0.45
N LYS F 26 12.61 -4.87 0.15
CA LYS F 26 13.82 -5.58 0.62
C LYS F 26 14.20 -5.29 2.04
N VAL F 27 13.88 -4.07 2.54
CA VAL F 27 14.16 -3.67 3.94
C VAL F 27 12.87 -3.04 4.54
N ASP F 28 12.81 -2.88 5.87
CA ASP F 28 11.68 -2.27 6.57
C ASP F 28 12.07 -0.95 7.19
N ILE F 29 11.58 0.20 6.67
CA ILE F 29 11.89 1.48 7.29
C ILE F 29 11.06 1.54 8.58
N VAL F 30 11.71 1.80 9.72
CA VAL F 30 11.05 1.87 11.02
C VAL F 30 11.19 3.25 11.68
N ALA F 31 12.14 4.08 11.22
CA ALA F 31 12.36 5.41 11.79
C ALA F 31 12.93 6.38 10.75
N ILE F 32 12.57 7.67 10.86
CA ILE F 32 13.09 8.72 10.01
C ILE F 32 13.43 9.90 10.92
N ASN F 33 14.60 10.50 10.76
CA ASN F 33 14.98 11.65 11.56
C ASN F 33 15.17 12.86 10.65
N ASP F 34 14.40 13.90 10.90
CA ASP F 34 14.56 15.17 10.19
C ASP F 34 14.10 16.27 11.13
N PRO F 35 15.04 17.10 11.60
CA PRO F 35 14.66 18.19 12.52
C PRO F 35 13.98 19.39 11.86
N PHE F 36 13.86 19.43 10.51
CA PHE F 36 13.29 20.59 9.81
C PHE F 36 11.93 20.36 9.17
N ILE F 37 11.67 19.16 8.66
CA ILE F 37 10.41 18.82 8.01
C ILE F 37 9.53 18.18 9.09
N ASP F 38 8.35 18.76 9.35
CA ASP F 38 7.41 18.21 10.33
C ASP F 38 6.63 17.01 9.74
N LEU F 39 5.93 16.22 10.58
CA LEU F 39 5.23 15.03 10.12
C LEU F 39 4.25 15.29 9.00
N ASN F 40 3.46 16.36 9.09
CA ASN F 40 2.48 16.66 8.05
C ASN F 40 3.18 16.98 6.72
N TYR F 41 4.30 17.73 6.76
CA TYR F 41 5.01 18.04 5.52
C TYR F 41 5.65 16.75 4.94
N MET F 42 6.16 15.85 5.79
CA MET F 42 6.73 14.58 5.35
C MET F 42 5.72 13.76 4.56
N VAL F 43 4.43 13.78 4.96
CA VAL F 43 3.40 13.03 4.25
C VAL F 43 3.27 13.57 2.82
N TYR F 44 3.18 14.90 2.70
CA TYR F 44 3.09 15.60 1.42
C TYR F 44 4.30 15.31 0.51
N MET F 45 5.51 15.46 1.05
CA MET F 45 6.73 15.27 0.28
C MET F 45 6.91 13.84 -0.19
N PHE F 46 6.48 12.85 0.60
CA PHE F 46 6.59 11.46 0.22
C PHE F 46 5.50 11.07 -0.80
N GLN F 47 4.27 11.53 -0.58
CA GLN F 47 3.14 11.19 -1.43
C GLN F 47 3.22 11.74 -2.85
N TYR F 48 3.57 13.02 -3.01
CA TYR F 48 3.60 13.65 -4.32
C TYR F 48 5.02 13.85 -4.77
N ASP F 49 5.30 13.44 -6.01
CA ASP F 49 6.64 13.61 -6.57
C ASP F 49 6.48 14.10 -8.01
N SER F 50 7.08 15.23 -8.35
CA SER F 50 6.98 15.75 -9.70
C SER F 50 7.61 14.81 -10.71
N THR F 51 8.76 14.20 -10.35
CA THR F 51 9.52 13.32 -11.25
C THR F 51 8.99 11.89 -11.35
N HIS F 52 8.71 11.24 -10.21
CA HIS F 52 8.33 9.84 -10.14
C HIS F 52 6.85 9.57 -9.88
N GLY F 53 6.04 10.63 -9.78
CA GLY F 53 4.61 10.49 -9.59
C GLY F 53 4.21 10.20 -8.17
N LYS F 54 2.90 10.12 -7.95
CA LYS F 54 2.31 9.86 -6.64
C LYS F 54 2.74 8.44 -6.18
N PHE F 55 3.00 8.28 -4.89
CA PHE F 55 3.44 7.00 -4.37
C PHE F 55 2.37 5.91 -4.59
N HIS F 56 2.76 4.75 -5.20
CA HIS F 56 1.81 3.65 -5.42
CA HIS F 56 1.83 3.62 -5.42
C HIS F 56 1.61 2.95 -4.07
N GLY F 57 0.65 3.45 -3.32
CA GLY F 57 0.34 2.93 -2.00
C GLY F 57 -0.34 3.98 -1.16
N THR F 58 -0.29 3.85 0.18
CA THR F 58 -0.93 4.79 1.10
C THR F 58 0.08 5.47 2.00
N VAL F 59 -0.14 6.76 2.30
CA VAL F 59 0.75 7.47 3.21
C VAL F 59 -0.09 8.45 4.01
N LYS F 60 0.05 8.41 5.34
CA LYS F 60 -0.71 9.27 6.22
C LYS F 60 -0.04 9.43 7.56
N ALA F 61 -0.33 10.54 8.23
CA ALA F 61 0.17 10.82 9.56
C ALA F 61 -0.87 10.25 10.52
N GLU F 62 -0.45 9.42 11.47
CA GLU F 62 -1.39 8.81 12.41
C GLU F 62 -0.69 8.54 13.72
N ASN F 63 -1.15 9.20 14.81
CA ASN F 63 -0.58 9.07 16.16
C ASN F 63 0.88 9.51 16.21
N GLY F 64 1.21 10.60 15.52
CA GLY F 64 2.58 11.11 15.48
C GLY F 64 3.57 10.24 14.72
N LYS F 65 3.08 9.34 13.88
CA LYS F 65 3.93 8.46 13.08
C LYS F 65 3.57 8.60 11.60
N LEU F 66 4.57 8.42 10.72
CA LEU F 66 4.37 8.48 9.28
C LEU F 66 4.05 7.06 8.91
N VAL F 67 2.81 6.78 8.48
CA VAL F 67 2.34 5.43 8.16
C VAL F 67 2.31 5.20 6.65
N ILE F 68 3.22 4.37 6.10
CA ILE F 68 3.29 4.10 4.68
C ILE F 68 2.86 2.67 4.46
N ASN F 69 1.73 2.42 3.76
CA ASN F 69 1.23 1.06 3.51
C ASN F 69 0.96 0.32 4.82
N GLY F 70 0.35 1.02 5.77
CA GLY F 70 0.06 0.43 7.07
C GLY F 70 1.23 0.25 8.01
N ASN F 71 2.46 0.60 7.59
CA ASN F 71 3.65 0.46 8.42
C ASN F 71 3.91 1.75 9.20
N PRO F 72 3.79 1.75 10.54
CA PRO F 72 4.11 2.98 11.30
C PRO F 72 5.61 3.23 11.46
N ILE F 73 6.07 4.44 11.10
CA ILE F 73 7.48 4.84 11.17
C ILE F 73 7.63 5.93 12.25
N THR F 74 8.59 5.74 13.17
CA THR F 74 8.85 6.69 14.25
C THR F 74 9.58 7.90 13.69
N ILE F 75 9.09 9.11 14.00
CA ILE F 75 9.72 10.34 13.51
C ILE F 75 10.48 11.03 14.64
N PHE F 76 11.79 11.29 14.42
CA PHE F 76 12.66 11.98 15.37
C PHE F 76 13.02 13.35 14.81
N GLN F 77 13.34 14.31 15.68
CA GLN F 77 13.71 15.65 15.25
C GLN F 77 15.04 16.11 15.84
N GLU F 78 16.03 15.21 15.93
CA GLU F 78 17.32 15.58 16.50
C GLU F 78 18.21 16.24 15.48
N ARG F 79 18.96 17.26 15.93
CA ARG F 79 19.97 17.94 15.14
C ARG F 79 21.33 17.22 15.31
N ASP F 80 21.61 16.67 16.50
CA ASP F 80 22.86 15.94 16.77
C ASP F 80 22.63 14.45 16.49
N PRO F 81 23.38 13.82 15.55
CA PRO F 81 23.14 12.41 15.25
C PRO F 81 23.37 11.43 16.41
N SER F 82 24.26 11.79 17.35
CA SER F 82 24.52 10.94 18.51
C SER F 82 23.34 10.89 19.49
N LYS F 83 22.43 11.89 19.44
CA LYS F 83 21.27 11.96 20.32
C LYS F 83 20.06 11.22 19.75
N ILE F 84 20.16 10.53 18.58
CA ILE F 84 19.00 9.84 17.99
C ILE F 84 18.83 8.52 18.67
N LYS F 85 17.63 8.23 19.16
CA LYS F 85 17.37 6.97 19.85
C LYS F 85 17.03 5.90 18.80
N TRP F 86 17.96 5.65 17.86
CA TRP F 86 17.76 4.67 16.79
C TRP F 86 17.39 3.30 17.34
N GLY F 87 18.08 2.88 18.39
CA GLY F 87 17.82 1.59 19.01
C GLY F 87 16.44 1.47 19.59
N ASP F 88 15.89 2.55 20.19
CA ASP F 88 14.54 2.52 20.76
C ASP F 88 13.49 2.25 19.68
N ALA F 89 13.63 2.88 18.50
CA ALA F 89 12.71 2.65 17.38
C ALA F 89 12.92 1.29 16.68
N GLY F 90 13.96 0.54 17.05
CA GLY F 90 14.27 -0.76 16.47
C GLY F 90 15.09 -0.70 15.19
N ALA F 91 15.73 0.45 14.90
CA ALA F 91 16.53 0.62 13.70
C ALA F 91 17.91 -0.06 13.84
N GLU F 92 18.12 -1.14 13.07
CA GLU F 92 19.36 -1.90 13.08
C GLU F 92 20.40 -1.19 12.20
N TYR F 93 20.04 -0.78 10.97
CA TYR F 93 20.93 -0.01 10.08
C TYR F 93 20.41 1.40 9.95
N VAL F 94 21.30 2.36 9.75
CA VAL F 94 20.89 3.76 9.54
C VAL F 94 21.50 4.25 8.22
N VAL F 95 20.66 4.82 7.34
CA VAL F 95 21.08 5.39 6.06
C VAL F 95 21.36 6.85 6.38
N GLU F 96 22.62 7.26 6.27
CA GLU F 96 23.01 8.63 6.56
C GLU F 96 22.91 9.41 5.23
N SER F 97 21.76 10.09 5.02
CA SER F 97 21.50 10.78 3.74
C SER F 97 21.57 12.31 3.78
N THR F 98 21.92 12.94 4.93
CA THR F 98 21.96 14.40 5.01
C THR F 98 23.11 15.02 4.20
N GLY F 99 24.16 14.26 3.91
CA GLY F 99 25.31 14.78 3.17
C GLY F 99 26.29 15.56 4.03
N VAL F 100 25.96 15.82 5.30
CA VAL F 100 26.83 16.60 6.17
C VAL F 100 27.58 15.73 7.18
N PHE F 101 27.41 14.39 7.18
CA PHE F 101 28.12 13.48 8.09
C PHE F 101 28.71 12.33 7.27
N THR F 102 29.57 12.65 6.30
CA THR F 102 30.14 11.62 5.41
C THR F 102 31.45 10.98 5.93
N THR F 103 32.17 11.58 6.91
CA THR F 103 33.38 10.95 7.43
C THR F 103 32.96 9.89 8.40
N MET F 104 33.82 8.88 8.60
CA MET F 104 33.54 7.78 9.51
C MET F 104 33.31 8.27 10.95
N GLU F 105 34.00 9.34 11.35
CA GLU F 105 33.87 9.91 12.68
C GLU F 105 32.50 10.55 12.81
N LYS F 106 32.05 11.30 11.80
CA LYS F 106 30.72 11.96 11.82
C LYS F 106 29.58 10.94 11.69
N ALA F 107 29.67 10.01 10.73
CA ALA F 107 28.66 8.98 10.52
C ALA F 107 28.57 8.01 11.71
N GLY F 108 29.67 7.79 12.42
CA GLY F 108 29.72 6.91 13.59
C GLY F 108 28.87 7.35 14.77
N ALA F 109 28.48 8.65 14.84
CA ALA F 109 27.62 9.14 15.92
C ALA F 109 26.34 8.30 16.04
N HIS F 110 25.77 7.87 14.91
CA HIS F 110 24.60 7.02 14.91
C HIS F 110 24.73 5.75 15.73
N LEU F 111 25.91 5.18 15.83
CA LEU F 111 26.14 3.96 16.62
C LEU F 111 25.92 4.25 18.14
N GLN F 112 26.12 5.49 18.58
CA GLN F 112 25.85 5.87 19.97
C GLN F 112 24.34 5.82 20.31
N GLY F 113 23.48 6.05 19.33
CA GLY F 113 22.04 5.99 19.51
C GLY F 113 21.48 4.58 19.56
N GLY F 114 22.24 3.60 19.11
CA GLY F 114 21.79 2.22 19.12
C GLY F 114 21.87 1.51 17.78
N ALA F 115 22.24 2.22 16.70
CA ALA F 115 22.36 1.59 15.40
C ALA F 115 23.56 0.63 15.39
N LYS F 116 23.48 -0.43 14.60
CA LYS F 116 24.53 -1.43 14.48
C LYS F 116 25.45 -1.14 13.31
N ARG F 117 24.90 -0.65 12.20
CA ARG F 117 25.68 -0.29 11.01
C ARG F 117 25.13 1.01 10.41
N VAL F 118 26.00 1.75 9.72
CA VAL F 118 25.65 3.01 9.07
C VAL F 118 26.07 2.96 7.59
N ILE F 119 25.12 3.23 6.69
CA ILE F 119 25.37 3.27 5.25
C ILE F 119 25.29 4.73 4.81
N ILE F 120 26.41 5.34 4.43
CA ILE F 120 26.44 6.73 3.96
C ILE F 120 25.99 6.73 2.49
N SER F 121 24.84 7.38 2.18
CA SER F 121 24.30 7.45 0.82
C SER F 121 24.98 8.60 0.06
N ALA F 122 26.31 8.59 0.06
CA ALA F 122 27.17 9.62 -0.57
C ALA F 122 28.62 9.22 -0.50
N PRO F 123 29.53 9.84 -1.28
CA PRO F 123 30.94 9.47 -1.17
C PRO F 123 31.50 9.93 0.19
N SER F 124 32.43 9.15 0.72
CA SER F 124 33.08 9.42 1.99
C SER F 124 34.58 9.56 1.76
N ALA F 125 35.22 10.46 2.51
CA ALA F 125 36.66 10.65 2.38
C ALA F 125 37.44 9.42 2.90
N ASP F 126 36.93 8.73 3.97
CA ASP F 126 37.63 7.61 4.60
C ASP F 126 36.85 6.29 4.70
N ALA F 127 35.50 6.28 4.66
CA ALA F 127 34.76 5.01 4.83
C ALA F 127 34.93 4.05 3.65
N PRO F 128 34.91 2.70 3.85
CA PRO F 128 35.01 1.79 2.68
C PRO F 128 33.81 2.01 1.74
N MET F 129 34.07 2.23 0.44
CA MET F 129 33.10 2.59 -0.59
C MET F 129 32.68 1.38 -1.41
N PHE F 130 31.37 1.13 -1.57
CA PHE F 130 30.86 -0.05 -2.29
C PHE F 130 29.98 0.35 -3.43
N VAL F 131 30.05 -0.44 -4.47
CA VAL F 131 29.23 -0.29 -5.65
C VAL F 131 28.74 -1.72 -5.91
N MET F 132 27.40 -1.93 -5.79
CA MET F 132 26.79 -3.25 -6.02
C MET F 132 27.14 -3.76 -7.41
N GLY F 133 27.58 -4.98 -7.46
CA GLY F 133 28.02 -5.58 -8.68
C GLY F 133 29.49 -5.42 -8.98
N VAL F 134 30.18 -4.52 -8.28
CA VAL F 134 31.60 -4.27 -8.56
C VAL F 134 32.49 -4.80 -7.43
N ASN F 135 32.25 -4.37 -6.19
CA ASN F 135 33.06 -4.79 -5.06
C ASN F 135 32.23 -5.09 -3.80
N HIS F 136 30.91 -5.35 -3.91
CA HIS F 136 30.09 -5.63 -2.74
C HIS F 136 30.48 -6.97 -2.07
N GLU F 137 31.03 -7.92 -2.84
CA GLU F 137 31.54 -9.16 -2.26
C GLU F 137 32.71 -8.88 -1.27
N LYS F 138 33.44 -7.74 -1.38
CA LYS F 138 34.49 -7.39 -0.42
C LYS F 138 33.88 -6.92 0.94
N TYR F 139 32.54 -6.77 1.05
CA TYR F 139 31.89 -6.37 2.32
C TYR F 139 31.85 -7.58 3.26
N ASP F 140 31.94 -7.36 4.58
CA ASP F 140 31.77 -8.44 5.57
C ASP F 140 31.29 -7.85 6.89
N ASN F 141 30.82 -8.71 7.77
CA ASN F 141 30.31 -8.40 9.11
C ASN F 141 31.11 -7.43 9.95
N SER F 142 32.43 -7.34 9.70
CA SER F 142 33.27 -6.50 10.53
C SER F 142 33.08 -5.00 10.29
N LEU F 143 32.61 -4.61 9.10
CA LEU F 143 32.40 -3.22 8.67
C LEU F 143 31.09 -2.64 9.21
N LYS F 144 31.17 -1.66 10.10
CA LYS F 144 29.99 -1.04 10.70
C LYS F 144 29.68 0.30 10.10
N ILE F 145 30.62 0.96 9.42
CA ILE F 145 30.33 2.22 8.73
C ILE F 145 30.86 2.09 7.31
N ILE F 146 29.98 2.12 6.29
CA ILE F 146 30.37 2.03 4.90
C ILE F 146 29.70 3.13 4.05
N SER F 147 30.22 3.38 2.85
CA SER F 147 29.68 4.36 1.93
C SER F 147 29.23 3.65 0.64
N ASN F 148 28.14 4.11 0.02
CA ASN F 148 27.67 3.51 -1.23
C ASN F 148 28.06 4.37 -2.44
N ALA F 149 29.19 5.15 -2.36
CA ALA F 149 29.68 5.99 -3.45
C ALA F 149 28.54 7.00 -3.90
N SER F 150 28.64 7.69 -5.07
CA SER F 150 27.63 8.60 -5.63
C SER F 150 26.83 7.91 -6.75
N CSU F 151 25.85 8.64 -7.32
N CSU F 151 25.85 8.59 -7.34
CA CSU F 151 25.00 8.20 -8.42
CA CSU F 151 25.05 8.01 -8.43
CB CSU F 151 23.97 9.29 -8.75
CB CSU F 151 23.75 8.75 -8.73
SG CSU F 151 24.71 10.89 -9.25
SG CSU F 151 23.94 10.54 -8.97
S CSU F 151 23.61 11.73 -7.24
C CSU F 151 25.81 7.89 -9.71
C CSU F 151 25.85 7.83 -9.73
O CSU F 151 25.57 6.87 -10.36
O CSU F 151 25.65 6.83 -10.43
OD1 CSU F 151 24.82 11.62 -6.47
OD2 CSU F 151 23.05 12.95 -7.70
OD3 CSU F 151 22.52 10.93 -6.47
H CSU F 151 25.61 9.56 -6.99
H CSU F 151 25.57 9.54 -7.09
HA CSU F 151 24.45 7.32 -8.11
HA CSU F 151 24.73 7.02 -8.09
HB2 CSU F 151 23.39 9.56 -7.86
HB2 CSU F 151 23.08 8.72 -7.87
HB3 CSU F 151 23.26 8.99 -9.52
HB3 CSU F 151 23.21 8.35 -9.59
N THR F 152 26.77 8.76 -10.06
CA THR F 152 27.60 8.65 -11.29
C THR F 152 28.64 7.59 -11.18
N THR F 153 29.24 7.42 -9.98
CA THR F 153 30.20 6.37 -9.69
C THR F 153 29.47 5.03 -9.83
N ASN F 154 28.24 4.91 -9.31
CA ASN F 154 27.45 3.69 -9.49
C ASN F 154 27.06 3.43 -10.94
N CYS F 155 27.08 4.45 -11.79
CA CYS F 155 26.79 4.26 -13.21
C CYS F 155 28.08 3.82 -13.95
N LEU F 156 29.16 4.55 -13.74
CA LEU F 156 30.41 4.30 -14.42
C LEU F 156 31.10 3.01 -14.01
N ALA F 157 31.22 2.72 -12.70
CA ALA F 157 31.95 1.53 -12.24
C ALA F 157 31.46 0.17 -12.81
N PRO F 158 30.15 -0.16 -12.92
CA PRO F 158 29.78 -1.46 -13.53
C PRO F 158 30.19 -1.57 -14.99
N LEU F 159 30.12 -0.45 -15.76
CA LEU F 159 30.56 -0.48 -17.15
C LEU F 159 32.09 -0.59 -17.21
N ALA F 160 32.81 0.18 -16.37
CA ALA F 160 34.27 0.14 -16.28
C ALA F 160 34.74 -1.26 -15.90
N LYS F 161 34.06 -1.91 -14.93
CA LYS F 161 34.40 -3.29 -14.49
C LYS F 161 34.33 -4.26 -15.67
N VAL F 162 33.26 -4.26 -16.46
CA VAL F 162 33.12 -5.15 -17.60
C VAL F 162 34.19 -4.84 -18.66
N ILE F 163 34.35 -3.56 -19.01
CA ILE F 163 35.31 -3.16 -20.04
C ILE F 163 36.76 -3.47 -19.64
N HIS F 164 37.12 -3.21 -18.38
CA HIS F 164 38.48 -3.50 -17.91
C HIS F 164 38.74 -4.98 -17.79
N ASP F 165 37.78 -5.76 -17.24
CA ASP F 165 37.95 -7.21 -17.11
C ASP F 165 38.15 -7.91 -18.45
N ASN F 166 37.51 -7.41 -19.51
CA ASN F 166 37.62 -8.03 -20.82
C ASN F 166 38.72 -7.49 -21.71
N PHE F 167 38.93 -6.15 -21.73
CA PHE F 167 39.92 -5.56 -22.63
C PHE F 167 41.02 -4.76 -21.95
N GLY F 168 40.82 -4.37 -20.70
CA GLY F 168 41.80 -3.57 -19.99
C GLY F 168 41.72 -2.10 -20.39
N ILE F 169 41.40 -1.23 -19.45
CA ILE F 169 41.33 0.19 -19.70
C ILE F 169 42.73 0.77 -19.44
N VAL F 170 43.41 1.22 -20.49
CA VAL F 170 44.73 1.85 -20.36
C VAL F 170 44.53 3.21 -19.67
N GLU F 171 43.57 3.98 -20.16
CA GLU F 171 43.23 5.30 -19.65
C GLU F 171 41.85 5.71 -20.16
N GLY F 172 41.14 6.50 -19.37
CA GLY F 172 39.81 6.94 -19.75
C GLY F 172 39.46 8.29 -19.19
N LEU F 173 38.66 9.02 -19.95
CA LEU F 173 38.18 10.34 -19.62
C LEU F 173 36.66 10.29 -19.83
N MET F 174 35.92 10.72 -18.80
CA MET F 174 34.48 10.64 -18.76
C MET F 174 33.84 12.02 -18.73
N THR F 175 32.66 12.14 -19.34
CA THR F 175 31.81 13.32 -19.28
C THR F 175 30.46 12.81 -18.89
N THR F 176 29.81 13.46 -17.94
CA THR F 176 28.43 13.10 -17.58
C THR F 176 27.54 14.28 -17.89
N VAL F 177 26.55 14.08 -18.79
CA VAL F 177 25.58 15.12 -19.12
C VAL F 177 24.49 14.87 -18.08
N HIS F 178 24.50 15.69 -17.01
CA HIS F 178 23.68 15.47 -15.84
C HIS F 178 22.42 16.32 -15.78
N ALA F 179 21.36 15.76 -15.19
CA ALA F 179 20.11 16.47 -14.97
C ALA F 179 20.32 17.52 -13.86
N ILE F 180 19.40 18.51 -13.74
CA ILE F 180 19.52 19.52 -12.70
C ILE F 180 19.36 18.88 -11.31
N THR F 181 20.08 19.44 -10.31
CA THR F 181 20.05 18.96 -8.93
C THR F 181 19.57 20.05 -7.98
N ALA F 182 19.22 19.68 -6.75
CA ALA F 182 18.74 20.60 -5.73
C ALA F 182 19.78 21.68 -5.35
N THR F 183 21.06 21.47 -5.64
CA THR F 183 22.09 22.45 -5.32
C THR F 183 22.16 23.62 -6.33
N GLN F 184 21.43 23.53 -7.44
CA GLN F 184 21.42 24.57 -8.46
C GLN F 184 20.37 25.65 -8.14
N LYS F 185 20.41 26.78 -8.87
CA LYS F 185 19.52 27.92 -8.68
C LYS F 185 18.58 28.09 -9.87
N THR F 186 17.32 28.49 -9.63
CA THR F 186 16.32 28.67 -10.71
C THR F 186 16.73 29.80 -11.67
N VAL F 187 17.16 30.94 -11.10
CA VAL F 187 17.69 32.10 -11.84
C VAL F 187 19.08 32.40 -11.27
N ASP F 188 19.90 33.21 -11.98
CA ASP F 188 21.27 33.60 -11.55
C ASP F 188 21.33 34.01 -10.09
N GLY F 189 21.86 33.13 -9.27
CA GLY F 189 21.98 33.33 -7.84
C GLY F 189 23.38 33.09 -7.32
N PRO F 190 23.55 33.23 -6.00
CA PRO F 190 24.88 33.08 -5.41
C PRO F 190 25.23 31.65 -4.99
N SER F 191 26.41 31.23 -5.38
CA SER F 191 27.03 29.97 -5.02
C SER F 191 28.51 30.32 -4.88
N GLY F 192 28.85 30.97 -3.78
CA GLY F 192 30.20 31.49 -3.52
C GLY F 192 31.37 30.59 -3.85
N LYS F 193 31.24 29.28 -3.56
CA LYS F 193 32.33 28.34 -3.82
C LYS F 193 32.43 27.98 -5.32
N LEU F 194 31.30 27.61 -5.95
CA LEU F 194 31.24 27.20 -7.36
C LEU F 194 30.40 28.18 -8.15
N TRP F 195 31.03 29.24 -8.65
CA TRP F 195 30.35 30.32 -9.35
C TRP F 195 29.46 29.89 -10.49
N ARG F 196 29.89 28.91 -11.30
CA ARG F 196 29.09 28.47 -12.43
C ARG F 196 27.80 27.79 -11.95
N ASP F 197 27.84 27.04 -10.84
CA ASP F 197 26.67 26.35 -10.29
C ASP F 197 25.57 27.30 -9.76
N GLY F 198 25.90 28.57 -9.56
CA GLY F 198 24.92 29.56 -9.16
C GLY F 198 24.13 30.14 -10.32
N ARG F 199 24.62 30.01 -11.57
CA ARG F 199 23.95 30.54 -12.75
C ARG F 199 22.65 29.77 -13.04
N GLY F 200 21.65 30.46 -13.60
CA GLY F 200 20.33 29.89 -13.90
C GLY F 200 20.31 28.49 -14.47
N ALA F 201 19.71 27.54 -13.75
CA ALA F 201 19.67 26.13 -14.17
C ALA F 201 18.82 25.87 -15.41
N LEU F 202 17.76 26.65 -15.57
CA LEU F 202 16.84 26.52 -16.68
C LEU F 202 17.45 26.96 -18.00
N GLN F 203 18.30 27.99 -17.96
CA GLN F 203 18.81 28.63 -19.17
C GLN F 203 20.14 28.13 -19.67
N ASN F 204 20.89 27.41 -18.82
CA ASN F 204 22.27 27.08 -19.15
C ASN F 204 22.69 25.62 -19.16
N ILE F 205 23.76 25.35 -19.94
CA ILE F 205 24.57 24.15 -19.92
C ILE F 205 25.71 24.66 -19.00
N ILE F 206 25.90 24.03 -17.84
CA ILE F 206 26.85 24.49 -16.85
C ILE F 206 27.96 23.48 -16.66
N PRO F 207 29.22 23.75 -17.09
CA PRO F 207 30.31 22.79 -16.80
C PRO F 207 30.55 22.70 -15.30
N ALA F 208 30.78 21.49 -14.80
CA ALA F 208 31.03 21.25 -13.37
C ALA F 208 32.10 20.19 -13.16
N SER F 209 32.79 20.27 -12.02
CA SER F 209 33.81 19.30 -11.65
C SER F 209 33.16 18.14 -10.90
N THR F 210 33.63 16.91 -11.15
CA THR F 210 33.10 15.73 -10.45
C THR F 210 34.21 14.73 -10.17
N GLY F 211 34.33 14.30 -8.93
CA GLY F 211 35.32 13.29 -8.56
C GLY F 211 34.80 11.87 -8.72
N ALA F 212 33.72 11.66 -9.51
CA ALA F 212 33.09 10.36 -9.70
C ALA F 212 33.93 9.39 -10.54
N ALA F 213 34.65 9.90 -11.56
CA ALA F 213 35.51 9.04 -12.39
C ALA F 213 36.77 8.66 -11.62
N LYS F 214 37.33 9.61 -10.87
CA LYS F 214 38.47 9.39 -9.99
C LYS F 214 38.10 8.31 -8.93
N ALA F 215 36.88 8.41 -8.34
CA ALA F 215 36.34 7.48 -7.32
C ALA F 215 36.16 6.04 -7.79
N VAL F 216 35.98 5.81 -9.09
CA VAL F 216 35.91 4.44 -9.62
C VAL F 216 37.26 3.69 -9.34
N GLY F 217 38.36 4.43 -9.22
CA GLY F 217 39.66 3.88 -8.85
C GLY F 217 39.75 3.36 -7.43
N LYS F 218 38.69 3.55 -6.62
CA LYS F 218 38.64 3.07 -5.24
C LYS F 218 37.87 1.76 -5.19
N VAL F 219 36.77 1.64 -5.95
CA VAL F 219 36.01 0.39 -6.04
C VAL F 219 36.66 -0.58 -7.03
N ILE F 220 37.49 -0.09 -7.98
CA ILE F 220 38.23 -0.94 -8.93
C ILE F 220 39.69 -0.53 -8.75
N PRO F 221 40.41 -1.06 -7.73
CA PRO F 221 41.77 -0.58 -7.49
C PRO F 221 42.74 -0.62 -8.68
N GLU F 222 42.46 -1.49 -9.68
CA GLU F 222 43.31 -1.61 -10.86
CA GLU F 222 43.33 -1.59 -10.87
C GLU F 222 43.22 -0.31 -11.74
N LEU F 223 42.05 0.40 -11.71
CA LEU F 223 41.83 1.63 -12.48
C LEU F 223 42.19 2.88 -11.65
N ASN F 224 42.94 2.73 -10.55
CA ASN F 224 43.36 3.88 -9.75
C ASN F 224 44.30 4.75 -10.57
N GLY F 225 43.98 6.04 -10.68
CA GLY F 225 44.77 6.97 -11.47
C GLY F 225 44.59 6.85 -12.96
N LYS F 226 43.85 5.84 -13.44
CA LYS F 226 43.61 5.65 -14.88
C LYS F 226 42.35 6.38 -15.41
N LEU F 227 41.52 6.97 -14.53
CA LEU F 227 40.29 7.65 -14.93
C LEU F 227 40.06 8.99 -14.24
N THR F 228 39.53 9.96 -15.01
CA THR F 228 39.11 11.26 -14.49
C THR F 228 38.00 11.82 -15.44
N GLY F 229 37.34 12.89 -15.02
CA GLY F 229 36.29 13.47 -15.83
C GLY F 229 35.69 14.74 -15.31
N MET F 230 34.66 15.19 -16.02
CA MET F 230 33.92 16.39 -15.70
C MET F 230 32.43 16.19 -16.07
N ALA F 231 31.59 17.15 -15.68
CA ALA F 231 30.16 17.09 -15.90
C ALA F 231 29.64 18.33 -16.63
N PHE F 232 28.45 18.20 -17.25
CA PHE F 232 27.73 19.31 -17.88
C PHE F 232 26.32 19.21 -17.33
N ARG F 233 25.88 20.18 -16.50
CA ARG F 233 24.51 20.15 -15.97
C ARG F 233 23.63 20.77 -17.04
N VAL F 234 22.53 20.08 -17.42
CA VAL F 234 21.63 20.55 -18.47
C VAL F 234 20.18 20.68 -17.97
N PRO F 235 19.29 21.49 -18.61
CA PRO F 235 17.95 21.68 -18.07
C PRO F 235 16.93 20.52 -18.26
N THR F 236 17.14 19.40 -17.57
CA THR F 236 16.16 18.30 -17.48
C THR F 236 16.04 17.99 -15.98
N ALA F 237 14.85 17.60 -15.55
CA ALA F 237 14.61 17.35 -14.13
C ALA F 237 15.23 16.08 -13.61
N ASN F 238 15.42 15.07 -14.44
CA ASN F 238 15.97 13.78 -14.00
C ASN F 238 16.42 12.93 -15.18
N VAL F 239 17.30 11.93 -14.89
CA VAL F 239 17.93 10.99 -15.82
C VAL F 239 19.15 11.65 -16.42
N SER F 240 20.33 11.04 -16.21
CA SER F 240 21.63 11.52 -16.66
C SER F 240 22.30 10.45 -17.55
N VAL F 241 23.39 10.82 -18.24
CA VAL F 241 24.11 9.90 -19.11
C VAL F 241 25.62 10.07 -18.94
N VAL F 242 26.34 8.94 -18.92
CA VAL F 242 27.80 8.90 -18.81
C VAL F 242 28.34 8.60 -20.23
N ASP F 243 29.40 9.31 -20.58
CA ASP F 243 30.09 9.19 -21.84
C ASP F 243 31.54 8.88 -21.51
N LEU F 244 31.96 7.61 -21.66
CA LEU F 244 33.33 7.21 -21.34
C LEU F 244 34.16 7.05 -22.60
N THR F 245 35.14 7.94 -22.79
CA THR F 245 36.07 7.84 -23.92
C THR F 245 37.31 7.19 -23.34
N CYS F 246 37.68 5.99 -23.85
CA CYS F 246 38.81 5.27 -23.30
C CYS F 246 39.62 4.53 -24.34
N ARG F 247 40.86 4.25 -23.94
CA ARG F 247 41.83 3.48 -24.71
C ARG F 247 41.91 2.10 -24.08
N LEU F 248 41.79 1.07 -24.91
CA LEU F 248 41.82 -0.30 -24.43
C LEU F 248 43.16 -0.96 -24.72
N GLU F 249 43.58 -1.89 -23.85
CA GLU F 249 44.84 -2.58 -24.03
C GLU F 249 44.69 -3.60 -25.16
N LYS F 250 43.78 -4.60 -24.98
CA LYS F 250 43.51 -5.58 -26.01
C LYS F 250 42.61 -4.93 -27.07
N PRO F 251 42.69 -5.34 -28.34
CA PRO F 251 41.79 -4.78 -29.34
C PRO F 251 40.37 -5.20 -29.04
N ALA F 252 39.41 -4.34 -29.37
CA ALA F 252 38.02 -4.64 -29.12
C ALA F 252 37.19 -4.11 -30.22
N LYS F 253 36.62 -5.00 -31.03
CA LYS F 253 35.69 -4.60 -32.09
C LYS F 253 34.41 -4.12 -31.35
N TYR F 254 33.65 -3.18 -31.91
CA TYR F 254 32.47 -2.68 -31.19
C TYR F 254 31.46 -3.81 -30.92
N ASP F 255 31.36 -4.80 -31.85
CA ASP F 255 30.44 -5.92 -31.66
C ASP F 255 30.87 -6.79 -30.49
N ASP F 256 32.19 -6.90 -30.23
CA ASP F 256 32.77 -7.61 -29.08
C ASP F 256 32.47 -6.86 -27.75
N ILE F 257 32.53 -5.52 -27.76
CA ILE F 257 32.18 -4.69 -26.61
C ILE F 257 30.70 -4.92 -26.31
N LYS F 258 29.83 -4.90 -27.33
CA LYS F 258 28.41 -5.14 -27.15
C LYS F 258 28.17 -6.55 -26.57
N LYS F 259 28.80 -7.57 -27.16
CA LYS F 259 28.69 -8.96 -26.74
C LYS F 259 29.01 -9.15 -25.25
N VAL F 260 30.14 -8.61 -24.78
CA VAL F 260 30.55 -8.80 -23.38
C VAL F 260 29.68 -8.01 -22.41
N VAL F 261 29.14 -6.85 -22.84
CA VAL F 261 28.27 -6.02 -22.00
C VAL F 261 26.85 -6.68 -21.89
N LYS F 262 26.35 -7.25 -23.00
CA LYS F 262 25.08 -7.97 -23.03
C LYS F 262 25.16 -9.18 -22.11
N GLN F 263 26.29 -9.93 -22.15
CA GLN F 263 26.50 -11.09 -21.28
C GLN F 263 26.47 -10.71 -19.80
N ALA F 264 27.14 -9.62 -19.42
CA ALA F 264 27.19 -9.18 -18.03
C ALA F 264 25.81 -8.73 -17.53
N SER F 265 25.04 -8.04 -18.39
CA SER F 265 23.70 -7.57 -18.03
C SER F 265 22.73 -8.74 -17.82
N GLU F 266 22.94 -9.86 -18.58
CA GLU F 266 22.10 -11.07 -18.48
C GLU F 266 22.55 -12.01 -17.33
N GLY F 267 23.81 -11.91 -16.93
CA GLY F 267 24.37 -12.77 -15.90
C GLY F 267 24.61 -12.09 -14.57
N PRO F 268 25.88 -11.88 -14.20
CA PRO F 268 26.17 -11.37 -12.85
C PRO F 268 25.68 -9.97 -12.51
N LEU F 269 25.64 -9.05 -13.50
CA LEU F 269 25.19 -7.68 -13.24
C LEU F 269 23.73 -7.48 -13.64
N LYS F 270 22.90 -8.53 -13.56
CA LYS F 270 21.48 -8.42 -13.91
C LYS F 270 20.80 -7.46 -12.90
N GLY F 271 20.08 -6.45 -13.42
CA GLY F 271 19.43 -5.45 -12.57
C GLY F 271 20.31 -4.30 -12.14
N ILE F 272 21.64 -4.45 -12.24
CA ILE F 272 22.58 -3.37 -11.94
C ILE F 272 23.00 -2.74 -13.30
N LEU F 273 23.63 -3.53 -14.18
CA LEU F 273 24.03 -3.08 -15.50
C LEU F 273 22.98 -3.61 -16.47
N GLY F 274 22.42 -2.71 -17.24
CA GLY F 274 21.47 -3.00 -18.30
C GLY F 274 22.12 -2.86 -19.67
N TYR F 275 21.44 -3.34 -20.68
CA TYR F 275 21.93 -3.29 -22.04
C TYR F 275 20.74 -3.09 -22.97
N THR F 276 20.89 -2.18 -23.95
CA THR F 276 19.84 -1.93 -24.91
C THR F 276 20.42 -1.57 -26.25
N GLU F 277 19.70 -1.98 -27.30
CA GLU F 277 19.96 -1.64 -28.70
C GLU F 277 18.77 -0.76 -29.24
N HIS F 278 17.74 -0.44 -28.40
CA HIS F 278 16.60 0.39 -28.79
C HIS F 278 16.99 1.85 -28.98
N GLN F 279 16.15 2.58 -29.72
CA GLN F 279 16.34 3.99 -30.04
C GLN F 279 15.89 4.87 -28.82
N VAL F 280 16.51 4.63 -27.66
CA VAL F 280 16.18 5.30 -26.39
C VAL F 280 16.64 6.76 -26.24
N VAL F 281 15.89 7.51 -25.41
CA VAL F 281 16.19 8.91 -25.01
C VAL F 281 16.11 8.94 -23.44
N SER F 282 16.51 10.06 -22.80
CA SER F 282 16.59 10.09 -21.34
C SER F 282 15.30 9.70 -20.61
N SER F 283 14.15 10.20 -21.04
CA SER F 283 12.88 9.91 -20.35
C SER F 283 12.53 8.42 -20.30
N ASP F 284 13.12 7.62 -21.19
CA ASP F 284 12.89 6.18 -21.20
C ASP F 284 13.50 5.48 -19.96
N PHE F 285 14.40 6.16 -19.21
CA PHE F 285 14.99 5.60 -18.01
C PHE F 285 14.43 6.23 -16.74
N ASN F 286 13.31 6.98 -16.81
CA ASN F 286 12.75 7.57 -15.61
C ASN F 286 12.13 6.46 -14.79
N SER F 287 12.55 6.35 -13.51
CA SER F 287 12.17 5.35 -12.53
C SER F 287 12.75 3.97 -12.86
N ASP F 288 13.78 3.90 -13.75
CA ASP F 288 14.49 2.66 -14.07
C ASP F 288 15.50 2.47 -12.94
N THR F 289 15.43 1.30 -12.26
CA THR F 289 16.24 1.00 -11.09
C THR F 289 17.63 0.50 -11.39
N HIS F 290 18.03 0.35 -12.67
CA HIS F 290 19.40 -0.06 -12.98
C HIS F 290 20.37 1.03 -12.57
N SER F 291 21.58 0.62 -12.16
CA SER F 291 22.65 1.56 -11.86
C SER F 291 23.09 2.25 -13.15
N SER F 292 23.19 1.47 -14.24
CA SER F 292 23.67 1.98 -15.52
C SER F 292 23.11 1.10 -16.64
N THR F 293 22.74 1.70 -17.78
CA THR F 293 22.24 0.94 -18.93
C THR F 293 23.06 1.31 -20.16
N PHE F 294 23.85 0.37 -20.66
CA PHE F 294 24.67 0.57 -21.86
C PHE F 294 23.81 0.80 -23.12
N ASP F 295 24.02 1.94 -23.77
CA ASP F 295 23.31 2.30 -25.00
C ASP F 295 24.20 1.87 -26.18
N ALA F 296 23.91 0.70 -26.79
CA ALA F 296 24.73 0.18 -27.88
C ALA F 296 24.75 1.11 -29.11
N GLY F 297 23.58 1.56 -29.55
CA GLY F 297 23.47 2.43 -30.72
C GLY F 297 24.08 3.81 -30.60
N ALA F 298 24.20 4.35 -29.34
CA ALA F 298 24.72 5.71 -29.11
C ALA F 298 26.22 5.82 -29.12
N GLY F 299 26.93 4.77 -28.72
CA GLY F 299 28.38 4.78 -28.69
C GLY F 299 29.03 4.75 -30.04
N ILE F 300 30.33 5.08 -30.09
CA ILE F 300 31.07 5.12 -31.33
C ILE F 300 32.55 4.75 -31.11
N ALA F 301 33.11 3.95 -32.03
CA ALA F 301 34.50 3.54 -31.99
C ALA F 301 35.27 4.24 -33.09
N LEU F 302 36.47 4.77 -32.77
CA LEU F 302 37.33 5.40 -33.77
C LEU F 302 38.15 4.26 -34.41
N ASN F 303 38.75 3.41 -33.55
CA ASN F 303 39.54 2.24 -33.92
C ASN F 303 39.38 1.15 -32.83
N ASP F 304 40.03 -0.01 -33.00
CA ASP F 304 39.89 -1.11 -32.06
C ASP F 304 40.38 -0.81 -30.63
N HIS F 305 41.15 0.27 -30.43
CA HIS F 305 41.65 0.60 -29.12
C HIS F 305 41.17 1.94 -28.62
N PHE F 306 40.24 2.64 -29.32
CA PHE F 306 39.77 3.94 -28.87
C PHE F 306 38.25 4.08 -29.12
N VAL F 307 37.48 4.01 -28.01
CA VAL F 307 36.02 4.02 -28.05
C VAL F 307 35.38 5.03 -27.11
N LYS F 308 34.13 5.41 -27.44
CA LYS F 308 33.26 6.26 -26.66
C LYS F 308 32.05 5.38 -26.32
N LEU F 309 31.85 5.07 -25.01
CA LEU F 309 30.76 4.21 -24.57
C LEU F 309 29.77 5.02 -23.78
N ILE F 310 28.48 4.95 -24.18
CA ILE F 310 27.37 5.70 -23.60
C ILE F 310 26.54 4.81 -22.67
N SER F 311 26.17 5.32 -21.49
CA SER F 311 25.40 4.57 -20.51
C SER F 311 24.47 5.49 -19.71
N TRP F 312 23.17 5.15 -19.68
CA TRP F 312 22.14 5.95 -18.99
C TRP F 312 21.96 5.58 -17.54
N TYR F 313 21.54 6.52 -16.72
CA TYR F 313 21.26 6.26 -15.33
C TYR F 313 20.23 7.22 -14.75
N ASP F 314 19.26 6.69 -14.01
CA ASP F 314 18.31 7.50 -13.31
C ASP F 314 19.08 7.90 -12.05
N ASN F 315 19.67 9.09 -12.07
CA ASN F 315 20.47 9.59 -10.94
C ASN F 315 19.72 9.54 -9.58
N GLU F 316 18.41 9.46 -9.61
CA GLU F 316 17.59 9.41 -8.41
C GLU F 316 17.22 7.97 -8.00
N PHE F 317 16.53 7.22 -8.86
CA PHE F 317 16.03 5.87 -8.54
C PHE F 317 17.05 4.74 -8.60
N GLY F 318 17.97 4.75 -9.56
CA GLY F 318 19.00 3.71 -9.63
C GLY F 318 19.82 3.68 -8.34
N TYR F 319 20.29 4.85 -7.93
CA TYR F 319 21.08 5.04 -6.71
C TYR F 319 20.33 4.64 -5.45
N SER F 320 19.07 5.04 -5.30
CA SER F 320 18.22 4.70 -4.16
C SER F 320 18.05 3.22 -4.01
N ASN F 321 17.87 2.51 -5.13
CA ASN F 321 17.66 1.07 -5.11
C ASN F 321 18.97 0.38 -4.81
N ARG F 322 20.16 0.97 -5.18
CA ARG F 322 21.41 0.33 -4.80
C ARG F 322 21.63 0.44 -3.31
N VAL F 323 21.22 1.55 -2.68
CA VAL F 323 21.37 1.72 -1.22
C VAL F 323 20.58 0.62 -0.49
N VAL F 324 19.37 0.33 -0.94
CA VAL F 324 18.51 -0.73 -0.41
C VAL F 324 19.12 -2.13 -0.69
N ASP F 325 19.63 -2.36 -1.92
CA ASP F 325 20.25 -3.64 -2.28
C ASP F 325 21.50 -3.90 -1.45
N LEU F 326 22.31 -2.85 -1.22
CA LEU F 326 23.51 -2.95 -0.41
C LEU F 326 23.12 -3.40 1.03
N MET F 327 22.06 -2.82 1.64
CA MET F 327 21.62 -3.20 2.98
C MET F 327 21.06 -4.60 3.00
N ALA F 328 20.26 -5.01 2.00
CA ALA F 328 19.74 -6.39 1.96
C ALA F 328 20.90 -7.38 1.81
N HIS F 329 21.98 -7.00 1.09
CA HIS F 329 23.16 -7.84 0.96
C HIS F 329 23.82 -7.95 2.36
N MET F 330 23.98 -6.82 3.05
CA MET F 330 24.54 -6.78 4.40
C MET F 330 23.70 -7.63 5.37
N ALA F 331 22.37 -7.52 5.28
CA ALA F 331 21.45 -8.27 6.13
C ALA F 331 21.69 -9.77 5.98
N SER F 332 22.01 -10.24 4.75
CA SER F 332 22.29 -11.66 4.44
C SER F 332 23.62 -12.15 4.99
N LYS F 333 24.64 -11.28 5.05
CA LYS F 333 25.95 -11.65 5.59
C LYS F 333 25.97 -11.64 7.12
N GLU F 334 24.99 -11.01 7.81
CA GLU F 334 24.99 -10.95 9.28
C GLU F 334 25.23 -12.28 9.97
N LYS G 2 22.25 64.99 -9.78
CA LYS G 2 21.95 63.55 -9.67
C LYS G 2 22.17 63.08 -8.23
N VAL G 3 21.22 62.30 -7.67
CA VAL G 3 21.34 61.82 -6.28
C VAL G 3 22.33 60.64 -6.13
N LYS G 4 23.13 60.65 -5.04
CA LYS G 4 24.05 59.55 -4.76
C LYS G 4 23.26 58.48 -3.98
N VAL G 5 23.27 57.25 -4.51
CA VAL G 5 22.49 56.14 -4.00
C VAL G 5 23.33 55.00 -3.46
N GLY G 6 22.83 54.37 -2.41
CA GLY G 6 23.39 53.16 -1.80
C GLY G 6 22.42 52.02 -2.02
N VAL G 7 22.92 50.80 -2.30
CA VAL G 7 22.04 49.65 -2.55
C VAL G 7 22.31 48.59 -1.49
N ASN G 8 21.29 48.21 -0.71
CA ASN G 8 21.45 47.19 0.30
C ASN G 8 20.98 45.87 -0.29
N GLY G 9 21.91 44.93 -0.46
CA GLY G 9 21.68 43.61 -1.03
C GLY G 9 22.06 43.56 -2.49
N PHE G 10 23.03 42.69 -2.86
CA PHE G 10 23.41 42.54 -4.28
C PHE G 10 22.79 41.26 -4.86
N GLY G 11 21.52 41.05 -4.54
CA GLY G 11 20.74 39.96 -5.09
C GLY G 11 20.18 40.38 -6.45
N ARG G 12 19.25 39.58 -6.98
CA ARG G 12 18.69 39.81 -8.30
C ARG G 12 18.12 41.26 -8.47
N ILE G 13 17.36 41.77 -7.48
CA ILE G 13 16.84 43.15 -7.56
C ILE G 13 17.99 44.16 -7.42
N GLY G 14 18.83 44.00 -6.40
CA GLY G 14 19.95 44.92 -6.15
C GLY G 14 20.87 45.10 -7.34
N ARG G 15 21.22 44.00 -8.02
CA ARG G 15 22.09 44.06 -9.19
C ARG G 15 21.41 44.75 -10.38
N LEU G 16 20.11 44.46 -10.61
CA LEU G 16 19.37 45.04 -11.73
C LEU G 16 19.03 46.50 -11.50
N VAL G 17 18.87 46.92 -10.23
CA VAL G 17 18.67 48.35 -9.91
C VAL G 17 20.01 49.05 -10.18
N THR G 18 21.14 48.45 -9.78
CA THR G 18 22.47 49.00 -10.06
C THR G 18 22.68 49.12 -11.56
N ARG G 19 22.25 48.12 -12.36
CA ARG G 19 22.44 48.18 -13.82
C ARG G 19 21.56 49.25 -14.45
N ALA G 20 20.30 49.44 -13.96
CA ALA G 20 19.42 50.49 -14.50
C ALA G 20 19.97 51.87 -14.17
N ALA G 21 20.50 52.03 -12.95
CA ALA G 21 21.12 53.27 -12.52
C ALA G 21 22.27 53.70 -13.47
N PHE G 22 23.13 52.75 -13.92
CA PHE G 22 24.21 53.08 -14.85
C PHE G 22 23.73 53.22 -16.29
N ASN G 23 22.84 52.34 -16.73
CA ASN G 23 22.38 52.40 -18.12
C ASN G 23 21.52 53.63 -18.37
N SER G 24 20.64 53.99 -17.43
CA SER G 24 19.81 55.19 -17.57
C SER G 24 20.57 56.47 -17.19
N GLY G 25 21.50 56.38 -16.24
CA GLY G 25 22.27 57.53 -15.78
C GLY G 25 21.45 58.53 -14.97
N LYS G 26 20.29 58.12 -14.43
CA LYS G 26 19.44 59.02 -13.67
C LYS G 26 19.91 59.26 -12.24
N VAL G 27 20.65 58.31 -11.66
CA VAL G 27 21.18 58.40 -10.29
C VAL G 27 22.63 57.85 -10.30
N ASP G 28 23.39 58.13 -9.24
CA ASP G 28 24.78 57.66 -9.09
C ASP G 28 24.92 56.65 -7.97
N ILE G 29 25.19 55.35 -8.27
CA ILE G 29 25.41 54.37 -7.21
C ILE G 29 26.81 54.67 -6.62
N VAL G 30 26.90 54.87 -5.31
CA VAL G 30 28.15 55.16 -4.62
C VAL G 30 28.53 54.11 -3.58
N ALA G 31 27.59 53.24 -3.16
CA ALA G 31 27.86 52.20 -2.18
C ALA G 31 26.94 51.01 -2.36
N ILE G 32 27.42 49.81 -2.05
CA ILE G 32 26.64 48.57 -2.10
C ILE G 32 26.97 47.79 -0.85
N ASN G 33 25.98 47.20 -0.20
CA ASN G 33 26.19 46.37 0.97
C ASN G 33 25.65 44.97 0.75
N ASP G 34 26.49 43.94 0.92
CA ASP G 34 26.02 42.55 0.90
C ASP G 34 26.96 41.76 1.79
N PRO G 35 26.51 41.25 2.95
CA PRO G 35 27.44 40.54 3.83
C PRO G 35 27.92 39.18 3.34
N PHE G 36 27.34 38.65 2.26
CA PHE G 36 27.66 37.31 1.76
C PHE G 36 28.46 37.26 0.46
N ILE G 37 28.24 38.21 -0.44
CA ILE G 37 28.94 38.25 -1.72
C ILE G 37 30.18 39.14 -1.57
N ASP G 38 31.38 38.57 -1.81
CA ASP G 38 32.63 39.34 -1.71
C ASP G 38 32.85 40.19 -2.99
N LEU G 39 33.79 41.14 -2.97
CA LEU G 39 34.02 42.03 -4.10
C LEU G 39 34.28 41.33 -5.41
N ASN G 40 35.12 40.29 -5.40
CA ASN G 40 35.42 39.56 -6.64
C ASN G 40 34.17 38.88 -7.19
N TYR G 41 33.32 38.30 -6.32
CA TYR G 41 32.10 37.66 -6.79
C TYR G 41 31.12 38.72 -7.35
N MET G 42 31.04 39.90 -6.71
CA MET G 42 30.18 41.00 -7.17
C MET G 42 30.53 41.42 -8.60
N VAL G 43 31.83 41.42 -8.96
CA VAL G 43 32.24 41.79 -10.32
C VAL G 43 31.64 40.79 -11.32
N TYR G 44 31.81 39.48 -11.02
CA TYR G 44 31.28 38.39 -11.84
C TYR G 44 29.74 38.46 -11.98
N MET G 45 29.03 38.64 -10.87
CA MET G 45 27.57 38.65 -10.87
C MET G 45 27.01 39.84 -11.63
N PHE G 46 27.69 40.99 -11.57
CA PHE G 46 27.22 42.17 -12.27
C PHE G 46 27.55 42.09 -13.77
N GLN G 47 28.75 41.64 -14.14
CA GLN G 47 29.16 41.59 -15.54
C GLN G 47 28.42 40.54 -16.39
N TYR G 48 28.18 39.32 -15.85
CA TYR G 48 27.51 38.27 -16.61
C TYR G 48 26.10 38.06 -16.13
N ASP G 49 25.14 38.03 -17.05
CA ASP G 49 23.75 37.82 -16.71
C ASP G 49 23.16 36.85 -17.72
N SER G 50 22.60 35.71 -17.27
CA SER G 50 22.02 34.74 -18.18
C SER G 50 20.83 35.33 -18.96
N THR G 51 20.00 36.13 -18.27
CA THR G 51 18.79 36.72 -18.86
C THR G 51 19.02 37.94 -19.75
N HIS G 52 19.78 38.93 -19.25
CA HIS G 52 19.97 40.21 -19.91
C HIS G 52 21.34 40.40 -20.58
N GLY G 53 22.20 39.38 -20.55
CA GLY G 53 23.49 39.43 -21.20
C GLY G 53 24.56 40.17 -20.43
N LYS G 54 25.76 40.19 -21.00
CA LYS G 54 26.92 40.84 -20.40
C LYS G 54 26.66 42.34 -20.31
N PHE G 55 27.12 42.94 -19.22
CA PHE G 55 26.91 44.36 -18.98
C PHE G 55 27.55 45.21 -20.08
N HIS G 56 26.75 46.12 -20.72
CA HIS G 56 27.29 47.04 -21.73
CA HIS G 56 27.30 47.05 -21.73
C HIS G 56 28.02 48.10 -20.92
N GLY G 57 29.29 47.85 -20.66
CA GLY G 57 30.09 48.71 -19.82
C GLY G 57 31.36 48.04 -19.37
N THR G 58 32.02 48.60 -18.33
CA THR G 58 33.20 48.01 -17.70
C THR G 58 32.92 47.77 -16.23
N VAL G 59 33.39 46.63 -15.69
CA VAL G 59 33.19 46.22 -14.29
C VAL G 59 34.51 45.67 -13.81
N LYS G 60 35.08 46.19 -12.72
CA LYS G 60 36.31 45.64 -12.18
C LYS G 60 36.50 45.97 -10.73
N ALA G 61 37.23 45.11 -10.02
CA ALA G 61 37.57 45.32 -8.62
C ALA G 61 38.88 46.11 -8.61
N GLU G 62 38.95 47.22 -7.89
CA GLU G 62 40.17 48.03 -7.86
C GLU G 62 40.25 48.77 -6.54
N ASN G 63 41.29 48.48 -5.73
CA ASN G 63 41.49 49.10 -4.42
C ASN G 63 40.32 48.84 -3.48
N GLY G 64 39.80 47.62 -3.48
CA GLY G 64 38.68 47.26 -2.61
C GLY G 64 37.35 47.89 -2.96
N LYS G 65 37.23 48.43 -4.18
CA LYS G 65 35.99 49.05 -4.64
C LYS G 65 35.51 48.42 -5.94
N LEU G 66 34.18 48.43 -6.16
CA LEU G 66 33.59 47.91 -7.39
C LEU G 66 33.55 49.10 -8.33
N VAL G 67 34.28 49.06 -9.44
CA VAL G 67 34.36 50.18 -10.37
C VAL G 67 33.54 49.85 -11.62
N ILE G 68 32.38 50.51 -11.80
CA ILE G 68 31.51 50.29 -12.95
C ILE G 68 31.60 51.54 -13.83
N ASN G 69 32.14 51.42 -15.04
CA ASN G 69 32.29 52.55 -15.97
C ASN G 69 33.14 53.67 -15.34
N GLY G 70 34.23 53.28 -14.69
CA GLY G 70 35.12 54.22 -14.03
C GLY G 70 34.62 54.81 -12.72
N ASN G 71 33.39 54.48 -12.29
CA ASN G 71 32.83 55.00 -11.06
C ASN G 71 33.14 54.08 -9.88
N PRO G 72 33.96 54.50 -8.88
CA PRO G 72 34.25 53.62 -7.74
C PRO G 72 33.13 53.56 -6.71
N ILE G 73 32.68 52.35 -6.36
CA ILE G 73 31.58 52.11 -5.43
C ILE G 73 32.13 51.47 -4.16
N THR G 74 31.80 52.04 -3.00
CA THR G 74 32.24 51.52 -1.71
C THR G 74 31.48 50.26 -1.36
N ILE G 75 32.17 49.18 -0.98
CA ILE G 75 31.52 47.93 -0.63
C ILE G 75 31.52 47.73 0.89
N PHE G 76 30.35 47.40 1.45
CA PHE G 76 30.19 47.12 2.86
C PHE G 76 29.71 45.65 2.99
N GLN G 77 30.12 44.96 4.10
CA GLN G 77 29.76 43.56 4.35
C GLN G 77 29.02 43.43 5.71
N GLU G 78 28.04 44.31 5.97
CA GLU G 78 27.31 44.31 7.23
C GLU G 78 26.06 43.47 7.23
N ARG G 79 25.82 42.74 8.32
CA ARG G 79 24.61 41.95 8.52
C ARG G 79 23.53 42.84 9.15
N ASP G 80 23.90 43.79 10.05
CA ASP G 80 22.96 44.70 10.69
C ASP G 80 22.85 45.99 9.86
N PRO G 81 21.66 46.35 9.33
CA PRO G 81 21.58 47.56 8.50
C PRO G 81 21.90 48.88 9.21
N SER G 82 21.68 48.94 10.55
CA SER G 82 21.99 50.14 11.33
C SER G 82 23.51 50.41 11.41
N LYS G 83 24.35 49.35 11.18
CA LYS G 83 25.79 49.46 11.22
C LYS G 83 26.41 49.87 9.89
N ILE G 84 25.63 50.04 8.81
CA ILE G 84 26.22 50.44 7.52
C ILE G 84 26.53 51.95 7.54
N LYS G 85 27.77 52.34 7.23
CA LYS G 85 28.20 53.74 7.23
C LYS G 85 27.80 54.39 5.91
N TRP G 86 26.50 54.40 5.59
CA TRP G 86 25.96 54.97 4.35
C TRP G 86 26.42 56.43 4.16
N GLY G 87 26.37 57.21 5.22
CA GLY G 87 26.77 58.60 5.16
C GLY G 87 28.23 58.80 4.83
N ASP G 88 29.12 57.92 5.33
CA ASP G 88 30.55 58.02 5.02
C ASP G 88 30.82 57.85 3.52
N ALA G 89 30.14 56.89 2.89
CA ALA G 89 30.28 56.67 1.45
C ALA G 89 29.57 57.75 0.57
N GLY G 90 28.81 58.65 1.19
CA GLY G 90 28.10 59.71 0.50
C GLY G 90 26.73 59.31 -0.02
N ALA G 91 26.17 58.18 0.47
CA ALA G 91 24.86 57.71 0.01
C ALA G 91 23.71 58.50 0.63
N GLU G 92 23.01 59.29 -0.19
CA GLU G 92 21.90 60.12 0.24
C GLU G 92 20.64 59.26 0.35
N TYR G 93 20.36 58.42 -0.67
CA TYR G 93 19.21 57.48 -0.65
C TYR G 93 19.70 56.04 -0.58
N VAL G 94 18.96 55.15 0.07
CA VAL G 94 19.33 53.73 0.14
C VAL G 94 18.17 52.89 -0.41
N VAL G 95 18.44 52.01 -1.39
CA VAL G 95 17.44 51.10 -1.92
C VAL G 95 17.59 49.87 -1.07
N GLU G 96 16.52 49.52 -0.34
CA GLU G 96 16.49 48.35 0.52
C GLU G 96 15.94 47.17 -0.32
N SER G 97 16.85 46.36 -0.90
CA SER G 97 16.47 45.26 -1.80
C SER G 97 16.59 43.84 -1.25
N THR G 98 16.96 43.66 0.04
CA THR G 98 17.11 42.31 0.59
C THR G 98 15.79 41.58 0.79
N GLY G 99 14.68 42.30 0.87
CA GLY G 99 13.38 41.67 1.09
C GLY G 99 13.09 41.28 2.52
N VAL G 100 14.08 41.40 3.43
CA VAL G 100 13.90 41.04 4.83
C VAL G 100 13.71 42.25 5.77
N PHE G 101 13.73 43.51 5.24
CA PHE G 101 13.55 44.72 6.04
C PHE G 101 12.49 45.60 5.34
N THR G 102 11.28 45.06 5.16
CA THR G 102 10.22 45.79 4.47
C THR G 102 9.34 46.68 5.37
N THR G 103 9.33 46.51 6.71
CA THR G 103 8.54 47.40 7.59
C THR G 103 9.33 48.68 7.78
N MET G 104 8.65 49.80 8.08
CA MET G 104 9.34 51.08 8.27
C MET G 104 10.30 51.05 9.45
N GLU G 105 10.01 50.23 10.47
CA GLU G 105 10.91 50.11 11.60
C GLU G 105 12.20 49.42 11.15
N LYS G 106 12.09 48.33 10.36
CA LYS G 106 13.26 47.60 9.87
C LYS G 106 14.03 48.41 8.81
N ALA G 107 13.33 48.99 7.83
CA ALA G 107 13.95 49.80 6.77
C ALA G 107 14.57 51.10 7.34
N GLY G 108 14.01 51.63 8.42
CA GLY G 108 14.51 52.84 9.05
C GLY G 108 15.92 52.71 9.62
N ALA G 109 16.42 51.49 9.83
CA ALA G 109 17.77 51.28 10.34
C ALA G 109 18.82 51.99 9.50
N HIS G 110 18.62 52.06 8.18
CA HIS G 110 19.56 52.71 7.27
C HIS G 110 19.75 54.19 7.58
N LEU G 111 18.72 54.85 8.16
CA LEU G 111 18.82 56.27 8.52
C LEU G 111 19.84 56.47 9.66
N GLN G 112 20.06 55.45 10.52
CA GLN G 112 21.06 55.51 11.58
C GLN G 112 22.49 55.56 11.02
N GLY G 113 22.72 54.95 9.85
CA GLY G 113 24.03 54.96 9.21
C GLY G 113 24.37 56.25 8.50
N GLY G 114 23.37 57.11 8.25
CA GLY G 114 23.60 58.38 7.58
C GLY G 114 22.74 58.63 6.36
N ALA G 115 21.93 57.63 5.94
CA ALA G 115 21.05 57.83 4.79
C ALA G 115 19.94 58.83 5.15
N LYS G 116 19.47 59.56 4.14
CA LYS G 116 18.42 60.57 4.32
C LYS G 116 17.05 59.98 3.99
N ARG G 117 16.97 59.13 2.96
CA ARG G 117 15.73 58.47 2.54
C ARG G 117 15.98 57.00 2.20
N VAL G 118 14.96 56.14 2.40
CA VAL G 118 15.04 54.70 2.11
C VAL G 118 13.90 54.29 1.16
N ILE G 119 14.26 53.65 0.04
CA ILE G 119 13.31 53.14 -0.96
C ILE G 119 13.26 51.61 -0.90
N ILE G 120 12.17 51.04 -0.35
CA ILE G 120 12.04 49.58 -0.25
C ILE G 120 11.63 49.06 -1.64
N SER G 121 12.49 48.26 -2.29
CA SER G 121 12.22 47.70 -3.62
C SER G 121 11.36 46.43 -3.49
N ALA G 122 10.25 46.56 -2.76
CA ALA G 122 9.30 45.48 -2.47
C ALA G 122 8.08 46.05 -1.75
N PRO G 123 6.95 45.34 -1.73
CA PRO G 123 5.81 45.82 -0.96
C PRO G 123 6.13 45.89 0.54
N SER G 124 5.53 46.85 1.25
CA SER G 124 5.69 47.06 2.70
C SER G 124 4.34 47.02 3.38
N ALA G 125 4.29 46.48 4.59
CA ALA G 125 3.03 46.40 5.34
C ALA G 125 2.56 47.79 5.79
N ASP G 126 3.49 48.72 6.12
CA ASP G 126 3.15 50.04 6.65
C ASP G 126 3.72 51.25 5.89
N ALA G 127 4.81 51.11 5.10
CA ALA G 127 5.38 52.27 4.39
C ALA G 127 4.47 52.76 3.25
N PRO G 128 4.47 54.08 2.92
CA PRO G 128 3.65 54.53 1.79
C PRO G 128 4.15 53.95 0.47
N MET G 129 3.24 53.39 -0.33
CA MET G 129 3.61 52.75 -1.58
C MET G 129 3.37 53.61 -2.77
N PHE G 130 4.28 53.55 -3.73
CA PHE G 130 4.20 54.35 -4.94
C PHE G 130 4.37 53.51 -6.18
N VAL G 131 3.70 53.94 -7.25
CA VAL G 131 3.81 53.34 -8.58
C VAL G 131 3.97 54.53 -9.51
N MET G 132 5.10 54.60 -10.23
CA MET G 132 5.36 55.71 -11.15
C MET G 132 4.30 55.75 -12.21
N GLY G 133 3.77 56.95 -12.45
CA GLY G 133 2.70 57.16 -13.40
C GLY G 133 1.31 57.04 -12.80
N VAL G 134 1.19 56.51 -11.57
CA VAL G 134 -0.11 56.31 -10.95
C VAL G 134 -0.31 57.26 -9.75
N ASN G 135 0.60 57.25 -8.76
CA ASN G 135 0.47 58.08 -7.56
C ASN G 135 1.80 58.69 -7.09
N HIS G 136 2.83 58.74 -7.94
CA HIS G 136 4.10 59.33 -7.53
C HIS G 136 3.99 60.81 -7.22
N GLU G 137 3.00 61.53 -7.80
CA GLU G 137 2.79 62.95 -7.48
C GLU G 137 2.36 63.13 -6.00
N LYS G 138 1.79 62.09 -5.35
CA LYS G 138 1.45 62.16 -3.94
C LYS G 138 2.71 62.06 -3.01
N TYR G 139 3.93 61.85 -3.58
CA TYR G 139 5.14 61.82 -2.78
C TYR G 139 5.50 63.26 -2.39
N ASP G 140 5.94 63.45 -1.12
CA ASP G 140 6.39 64.75 -0.63
C ASP G 140 7.63 64.55 0.26
N ASN G 141 8.42 65.64 0.46
CA ASN G 141 9.69 65.62 1.22
C ASN G 141 9.60 65.17 2.68
N SER G 142 8.42 65.12 3.28
CA SER G 142 8.28 64.62 4.66
C SER G 142 8.53 63.09 4.73
N LEU G 143 8.31 62.36 3.61
CA LEU G 143 8.41 60.90 3.54
C LEU G 143 9.88 60.47 3.46
N LYS G 144 10.39 59.93 4.58
CA LYS G 144 11.78 59.47 4.70
C LYS G 144 11.92 57.98 4.32
N ILE G 145 10.84 57.16 4.43
CA ILE G 145 10.87 55.73 4.10
C ILE G 145 9.64 55.44 3.24
N ILE G 146 9.84 54.99 1.99
CA ILE G 146 8.74 54.67 1.06
C ILE G 146 8.97 53.29 0.40
N SER G 147 7.92 52.70 -0.22
CA SER G 147 7.97 51.40 -0.90
C SER G 147 7.55 51.55 -2.38
N ASN G 148 8.25 50.88 -3.31
CA ASN G 148 7.93 50.95 -4.72
C ASN G 148 6.93 49.81 -5.12
N ALA G 149 6.27 49.13 -4.15
CA ALA G 149 5.32 48.03 -4.43
C ALA G 149 6.03 46.82 -5.15
N SER G 150 5.32 45.81 -5.71
CA SER G 150 5.92 44.65 -6.36
C SER G 150 6.03 44.89 -7.85
N CSU G 151 6.63 43.93 -8.55
N CSU G 151 6.64 43.96 -8.59
CA CSU G 151 6.79 43.92 -10.01
CA CSU G 151 6.74 44.09 -10.05
CB CSU G 151 7.60 42.70 -10.46
CB CSU G 151 7.73 43.14 -10.74
SG CSU G 151 7.02 41.08 -9.84
SG CSU G 151 7.83 41.45 -10.06
S CSU G 151 9.38 41.13 -8.62
C CSU G 151 5.39 43.91 -10.67
C CSU G 151 5.34 43.96 -10.69
O CSU G 151 5.12 44.69 -11.59
O CSU G 151 5.03 44.69 -11.64
OD1 CSU G 151 9.06 39.94 -7.91
OD2 CSU G 151 9.17 42.35 -7.67
OD3 CSU G 151 10.59 41.36 -9.33
H CSU G 151 7.06 43.12 -8.12
HA CSU G 151 7.33 44.81 -10.30
HA CSU G 151 7.12 45.08 -10.25
HB2 CSU G 151 8.62 42.76 -10.08
HB2 CSU G 151 8.75 43.51 -10.64
HB3 CSU G 151 7.66 42.63 -11.55
HB3 CSU G 151 7.54 43.05 -11.81
N THR G 152 4.50 43.05 -10.14
CA THR G 152 3.14 42.83 -10.65
C THR G 152 2.22 44.05 -10.46
N THR G 153 2.27 44.71 -9.27
CA THR G 153 1.45 45.90 -9.03
C THR G 153 1.87 47.02 -9.98
N ASN G 154 3.17 47.21 -10.23
CA ASN G 154 3.65 48.21 -11.20
C ASN G 154 3.25 47.91 -12.65
N CYS G 155 2.74 46.71 -12.93
CA CYS G 155 2.26 46.36 -14.25
C CYS G 155 0.74 46.60 -14.27
N LEU G 156 0.04 46.08 -13.24
CA LEU G 156 -1.40 46.18 -13.17
C LEU G 156 -1.89 47.62 -12.95
N ALA G 157 -1.31 48.36 -11.98
CA ALA G 157 -1.79 49.71 -11.64
C ALA G 157 -1.84 50.72 -12.82
N PRO G 158 -0.84 50.85 -13.72
CA PRO G 158 -0.99 51.80 -14.84
C PRO G 158 -2.12 51.41 -15.78
N LEU G 159 -2.37 50.10 -16.01
CA LEU G 159 -3.49 49.68 -16.86
C LEU G 159 -4.81 49.93 -16.12
N ALA G 160 -4.88 49.59 -14.83
CA ALA G 160 -6.05 49.81 -14.00
C ALA G 160 -6.39 51.31 -13.95
N LYS G 161 -5.38 52.19 -13.85
CA LYS G 161 -5.58 53.63 -13.81
C LYS G 161 -6.28 54.10 -15.09
N VAL G 162 -5.77 53.71 -16.25
CA VAL G 162 -6.35 54.13 -17.52
C VAL G 162 -7.78 53.58 -17.66
N ILE G 163 -7.98 52.29 -17.38
CA ILE G 163 -9.29 51.67 -17.51
C ILE G 163 -10.31 52.26 -16.53
N HIS G 164 -9.93 52.51 -15.28
CA HIS G 164 -10.83 53.08 -14.29
C HIS G 164 -11.15 54.56 -14.59
N ASP G 165 -10.14 55.36 -14.96
CA ASP G 165 -10.36 56.78 -15.29
C ASP G 165 -11.31 56.96 -16.46
N ASN G 166 -11.29 56.04 -17.44
CA ASN G 166 -12.14 56.17 -18.62
C ASN G 166 -13.48 55.46 -18.50
N PHE G 167 -13.53 54.26 -17.93
CA PHE G 167 -14.80 53.49 -17.87
C PHE G 167 -15.26 53.10 -16.49
N GLY G 168 -14.38 53.17 -15.49
CA GLY G 168 -14.73 52.79 -14.13
C GLY G 168 -14.75 51.28 -13.95
N ILE G 169 -13.86 50.76 -13.09
CA ILE G 169 -13.79 49.34 -12.82
C ILE G 169 -14.75 49.05 -11.67
N VAL G 170 -15.85 48.34 -11.94
CA VAL G 170 -16.81 47.96 -10.91
C VAL G 170 -16.12 46.91 -10.00
N GLU G 171 -15.51 45.92 -10.62
CA GLU G 171 -14.82 44.83 -9.94
C GLU G 171 -13.90 44.11 -10.92
N GLY G 172 -12.79 43.58 -10.41
CA GLY G 172 -11.83 42.89 -11.26
C GLY G 172 -11.08 41.80 -10.52
N LEU G 173 -10.76 40.75 -11.27
CA LEU G 173 -10.04 39.59 -10.80
C LEU G 173 -8.88 39.38 -11.78
N MET G 174 -7.67 39.27 -11.22
CA MET G 174 -6.44 39.17 -11.96
C MET G 174 -5.73 37.82 -11.80
N THR G 175 -5.05 37.40 -12.87
CA THR G 175 -4.18 36.24 -12.86
C THR G 175 -2.89 36.71 -13.48
N THR G 176 -1.75 36.38 -12.87
CA THR G 176 -0.46 36.69 -13.49
C THR G 176 0.24 35.37 -13.78
N VAL G 177 0.56 35.12 -15.07
CA VAL G 177 1.31 33.94 -15.47
C VAL G 177 2.76 34.43 -15.36
N HIS G 178 3.41 34.08 -14.26
CA HIS G 178 4.71 34.60 -13.90
C HIS G 178 5.88 33.68 -14.23
N ALA G 179 7.03 34.30 -14.56
CA ALA G 179 8.28 33.60 -14.82
C ALA G 179 8.84 33.06 -13.47
N ILE G 180 9.78 32.10 -13.53
CA ILE G 180 10.35 31.54 -12.30
C ILE G 180 11.17 32.64 -11.57
N THR G 181 11.18 32.56 -10.22
CA THR G 181 11.90 33.51 -9.37
C THR G 181 12.95 32.77 -8.53
N ALA G 182 13.88 33.54 -7.94
CA ALA G 182 14.94 33.01 -7.10
C ALA G 182 14.42 32.25 -5.85
N THR G 183 13.18 32.48 -5.43
CA THR G 183 12.59 31.79 -4.27
C THR G 183 12.11 30.35 -4.57
N GLN G 184 12.10 29.95 -5.85
CA GLN G 184 11.67 28.63 -6.25
C GLN G 184 12.84 27.63 -6.19
N LYS G 185 12.54 26.32 -6.32
CA LYS G 185 13.53 25.25 -6.25
C LYS G 185 13.67 24.57 -7.62
N THR G 186 14.90 24.15 -7.99
CA THR G 186 15.14 23.48 -9.28
C THR G 186 14.42 22.13 -9.37
N VAL G 187 14.51 21.32 -8.31
CA VAL G 187 13.81 20.04 -8.17
C VAL G 187 12.99 20.12 -6.87
N ASP G 188 12.02 19.19 -6.68
CA ASP G 188 11.18 19.13 -5.48
C ASP G 188 11.99 19.27 -4.20
N GLY G 189 11.90 20.45 -3.60
CA GLY G 189 12.62 20.77 -2.38
C GLY G 189 11.70 21.28 -1.30
N PRO G 190 12.29 21.63 -0.16
CA PRO G 190 11.48 22.10 0.98
C PRO G 190 11.25 23.60 0.98
N SER G 191 10.00 23.97 1.20
CA SER G 191 9.55 25.33 1.38
C SER G 191 8.44 25.21 2.42
N GLY G 192 8.84 25.03 3.68
CA GLY G 192 7.93 24.79 4.80
C GLY G 192 6.68 25.63 4.87
N LYS G 193 6.78 26.93 4.59
CA LYS G 193 5.63 27.85 4.65
C LYS G 193 4.68 27.67 3.44
N LEU G 194 5.22 27.69 2.22
CA LEU G 194 4.44 27.56 0.98
C LEU G 194 4.82 26.27 0.26
N TRP G 195 4.14 25.19 0.60
CA TRP G 195 4.44 23.87 0.04
C TRP G 195 4.52 23.79 -1.48
N ARG G 196 3.61 24.46 -2.18
CA ARG G 196 3.60 24.42 -3.65
C ARG G 196 4.85 25.06 -4.22
N ASP G 197 5.32 26.14 -3.60
CA ASP G 197 6.52 26.87 -4.01
C ASP G 197 7.77 25.99 -4.03
N GLY G 198 7.83 24.98 -3.16
CA GLY G 198 8.99 24.10 -3.07
C GLY G 198 9.07 23.09 -4.20
N ARG G 199 7.96 22.82 -4.91
CA ARG G 199 7.93 21.83 -5.98
C ARG G 199 8.75 22.30 -7.19
N GLY G 200 9.36 21.35 -7.92
CA GLY G 200 10.22 21.61 -9.07
C GLY G 200 9.76 22.70 -10.01
N ALA G 201 10.54 23.79 -10.14
CA ALA G 201 10.18 24.93 -10.97
C ALA G 201 10.19 24.63 -12.45
N LEU G 202 11.06 23.73 -12.89
CA LEU G 202 11.20 23.35 -14.28
C LEU G 202 10.02 22.54 -14.77
N GLN G 203 9.45 21.70 -13.92
CA GLN G 203 8.44 20.72 -14.32
C GLN G 203 7.02 21.15 -14.15
N ASN G 204 6.77 22.19 -13.36
CA ASN G 204 5.41 22.54 -12.96
C ASN G 204 4.89 23.91 -13.26
N ILE G 205 3.54 23.99 -13.36
CA ILE G 205 2.73 25.20 -13.33
C ILE G 205 2.34 25.19 -11.83
N ILE G 206 2.76 26.21 -11.09
CA ILE G 206 2.56 26.24 -9.64
C ILE G 206 1.63 27.38 -9.25
N PRO G 207 0.38 27.11 -8.78
CA PRO G 207 -0.47 28.22 -8.34
C PRO G 207 0.13 28.88 -7.11
N ALA G 208 0.07 30.21 -7.04
CA ALA G 208 0.61 30.97 -5.92
C ALA G 208 -0.32 32.14 -5.56
N SER G 209 -0.26 32.56 -4.29
CA SER G 209 -1.04 33.70 -3.81
C SER G 209 -0.23 34.96 -4.02
N THR G 210 -0.89 36.06 -4.40
CA THR G 210 -0.21 37.34 -4.58
C THR G 210 -1.11 38.48 -4.15
N GLY G 211 -0.60 39.35 -3.29
CA GLY G 211 -1.34 40.52 -2.85
C GLY G 211 -1.16 41.72 -3.76
N ALA G 212 -0.72 41.50 -5.01
CA ALA G 212 -0.45 42.57 -5.96
C ALA G 212 -1.70 43.25 -6.50
N ALA G 213 -2.79 42.50 -6.72
CA ALA G 213 -4.04 43.08 -7.19
C ALA G 213 -4.73 43.86 -6.04
N LYS G 214 -4.69 43.29 -4.83
CA LYS G 214 -5.21 43.92 -3.61
C LYS G 214 -4.43 45.25 -3.36
N ALA G 215 -3.08 45.21 -3.47
CA ALA G 215 -2.20 46.37 -3.26
C ALA G 215 -2.48 47.54 -4.16
N VAL G 216 -3.14 47.34 -5.31
CA VAL G 216 -3.55 48.45 -6.20
C VAL G 216 -4.55 49.37 -5.46
N GLY G 217 -5.33 48.82 -4.54
CA GLY G 217 -6.29 49.53 -3.68
C GLY G 217 -5.70 50.62 -2.80
N LYS G 218 -4.39 50.49 -2.50
CA LYS G 218 -3.61 51.42 -1.70
C LYS G 218 -3.07 52.55 -2.60
N VAL G 219 -2.59 52.17 -3.77
CA VAL G 219 -2.05 53.10 -4.77
C VAL G 219 -3.18 53.90 -5.50
N ILE G 220 -4.26 53.20 -5.89
CA ILE G 220 -5.46 53.78 -6.49
C ILE G 220 -6.54 53.58 -5.44
N PRO G 221 -6.75 54.54 -4.51
CA PRO G 221 -7.73 54.31 -3.44
C PRO G 221 -9.18 54.04 -3.87
N GLU G 222 -9.59 54.51 -5.07
CA GLU G 222 -10.94 54.24 -5.57
C GLU G 222 -11.16 52.75 -5.84
N LEU G 223 -10.08 52.01 -6.21
CA LEU G 223 -10.14 50.57 -6.46
C LEU G 223 -9.94 49.71 -5.20
N ASN G 224 -9.97 50.32 -4.00
CA ASN G 224 -9.78 49.59 -2.76
C ASN G 224 -10.90 48.60 -2.58
N GLY G 225 -10.56 47.33 -2.38
CA GLY G 225 -11.54 46.26 -2.24
C GLY G 225 -12.20 45.82 -3.53
N LYS G 226 -11.94 46.53 -4.65
CA LYS G 226 -12.54 46.21 -5.95
C LYS G 226 -11.69 45.21 -6.77
N LEU G 227 -10.45 44.88 -6.34
CA LEU G 227 -9.56 43.99 -7.07
C LEU G 227 -8.85 42.98 -6.17
N THR G 228 -8.70 41.75 -6.69
CA THR G 228 -7.93 40.66 -6.06
C THR G 228 -7.45 39.69 -7.17
N GLY G 229 -6.55 38.78 -6.82
CA GLY G 229 -6.05 37.82 -7.79
C GLY G 229 -5.12 36.77 -7.25
N MET G 230 -4.58 36.00 -8.18
CA MET G 230 -3.65 34.91 -7.89
C MET G 230 -2.62 34.82 -9.04
N ALA G 231 -1.60 33.98 -8.86
CA ALA G 231 -0.54 33.80 -9.83
C ALA G 231 -0.35 32.34 -10.21
N PHE G 232 0.28 32.10 -11.37
CA PHE G 232 0.67 30.77 -11.82
C PHE G 232 2.14 30.90 -12.22
N ARG G 233 3.07 30.26 -11.47
CA ARG G 233 4.48 30.34 -11.83
C ARG G 233 4.70 29.26 -12.89
N VAL G 234 5.34 29.64 -14.03
CA VAL G 234 5.57 28.73 -15.15
C VAL G 234 7.06 28.63 -15.51
N PRO G 235 7.52 27.57 -16.22
CA PRO G 235 8.96 27.44 -16.48
C PRO G 235 9.56 28.32 -17.59
N THR G 236 9.65 29.64 -17.34
CA THR G 236 10.41 30.58 -18.19
C THR G 236 11.29 31.38 -17.24
N ALA G 237 12.48 31.75 -17.71
CA ALA G 237 13.43 32.47 -16.85
C ALA G 237 13.07 33.91 -16.56
N ASN G 238 12.33 34.56 -17.46
CA ASN G 238 11.97 35.97 -17.29
C ASN G 238 10.84 36.38 -18.25
N VAL G 239 10.15 37.52 -17.91
CA VAL G 239 9.02 38.12 -18.62
C VAL G 239 7.75 37.42 -18.17
N SER G 240 6.82 38.18 -17.58
CA SER G 240 5.55 37.73 -17.05
C SER G 240 4.39 38.48 -17.75
N VAL G 241 3.14 38.01 -17.53
CA VAL G 241 1.97 38.63 -18.15
C VAL G 241 0.83 38.70 -17.14
N VAL G 242 0.11 39.84 -17.12
CA VAL G 242 -1.05 40.07 -16.27
C VAL G 242 -2.29 39.90 -17.15
N ASP G 243 -3.29 39.24 -16.59
CA ASP G 243 -4.56 38.97 -17.22
C ASP G 243 -5.64 39.54 -16.30
N LEU G 244 -6.21 40.69 -16.65
CA LEU G 244 -7.23 41.32 -15.82
C LEU G 244 -8.63 41.11 -16.40
N THR G 245 -9.46 40.33 -15.71
CA THR G 245 -10.85 40.13 -16.09
C THR G 245 -11.65 41.10 -15.24
N CYS G 246 -12.34 42.06 -15.86
CA CYS G 246 -13.07 43.06 -15.10
C CYS G 246 -14.40 43.46 -15.74
N ARG G 247 -15.27 43.97 -14.87
CA ARG G 247 -16.60 44.45 -15.16
C ARG G 247 -16.52 46.00 -15.15
N LEU G 248 -16.89 46.68 -16.25
CA LEU G 248 -16.80 48.15 -16.36
C LEU G 248 -18.16 48.79 -16.06
N GLU G 249 -18.14 50.01 -15.47
CA GLU G 249 -19.31 50.78 -15.05
C GLU G 249 -19.97 51.43 -16.27
N LYS G 250 -19.21 52.20 -17.04
CA LYS G 250 -19.69 52.78 -18.26
C LYS G 250 -19.29 51.78 -19.34
N PRO G 251 -20.23 51.10 -20.01
CA PRO G 251 -19.84 50.13 -21.04
C PRO G 251 -18.98 50.76 -22.15
N ALA G 252 -18.13 49.91 -22.78
CA ALA G 252 -17.17 50.31 -23.79
C ALA G 252 -16.87 49.20 -24.76
N LYS G 253 -16.56 49.59 -25.99
CA LYS G 253 -16.18 48.69 -27.08
C LYS G 253 -14.69 48.41 -26.98
N TYR G 254 -14.24 47.25 -27.48
CA TYR G 254 -12.82 46.91 -27.38
C TYR G 254 -11.94 47.96 -28.11
N ASP G 255 -12.40 48.53 -29.23
CA ASP G 255 -11.63 49.56 -29.91
C ASP G 255 -11.55 50.86 -29.11
N ASP G 256 -12.51 51.13 -28.23
CA ASP G 256 -12.48 52.29 -27.34
C ASP G 256 -11.45 52.04 -26.24
N ILE G 257 -11.36 50.79 -25.73
CA ILE G 257 -10.36 50.40 -24.74
C ILE G 257 -8.98 50.57 -25.37
N LYS G 258 -8.79 50.07 -26.60
CA LYS G 258 -7.53 50.19 -27.32
C LYS G 258 -7.15 51.67 -27.49
N LYS G 259 -8.10 52.50 -27.98
CA LYS G 259 -7.92 53.93 -28.23
C LYS G 259 -7.41 54.67 -26.99
N VAL G 260 -8.04 54.47 -25.84
CA VAL G 260 -7.66 55.18 -24.62
C VAL G 260 -6.32 54.70 -24.06
N VAL G 261 -5.98 53.38 -24.24
CA VAL G 261 -4.69 52.86 -23.79
C VAL G 261 -3.58 53.40 -24.68
N LYS G 262 -3.79 53.40 -25.99
CA LYS G 262 -2.81 53.92 -26.97
C LYS G 262 -2.49 55.38 -26.66
N GLN G 263 -3.54 56.18 -26.35
CA GLN G 263 -3.36 57.60 -26.00
C GLN G 263 -2.50 57.77 -24.74
N ALA G 264 -2.74 56.96 -23.69
CA ALA G 264 -2.00 57.06 -22.45
C ALA G 264 -0.54 56.66 -22.63
N SER G 265 -0.29 55.63 -23.46
CA SER G 265 1.08 55.18 -23.72
C SER G 265 1.87 56.23 -24.51
N GLU G 266 1.20 57.01 -25.37
CA GLU G 266 1.84 58.06 -26.16
C GLU G 266 1.97 59.39 -25.39
N GLY G 267 1.14 59.60 -24.37
CA GLY G 267 1.15 60.83 -23.59
C GLY G 267 1.71 60.70 -22.20
N PRO G 268 0.87 60.77 -21.16
CA PRO G 268 1.40 60.81 -19.78
C PRO G 268 2.13 59.57 -19.29
N LEU G 269 1.73 58.36 -19.72
CA LEU G 269 2.39 57.15 -19.27
C LEU G 269 3.41 56.66 -20.29
N LYS G 270 4.06 57.56 -21.05
CA LYS G 270 5.06 57.16 -22.04
C LYS G 270 6.26 56.55 -21.30
N GLY G 271 6.68 55.34 -21.70
CA GLY G 271 7.78 54.65 -21.06
C GLY G 271 7.36 53.83 -19.85
N ILE G 272 6.17 54.11 -19.28
CA ILE G 272 5.64 53.35 -18.14
C ILE G 272 4.65 52.31 -18.70
N LEU G 273 3.60 52.77 -19.38
CA LEU G 273 2.60 51.94 -20.02
C LEU G 273 2.89 51.98 -21.52
N GLY G 274 3.04 50.80 -22.10
CA GLY G 274 3.25 50.59 -23.52
C GLY G 274 1.98 50.05 -24.15
N TYR G 275 1.96 50.04 -25.48
CA TYR G 275 0.82 49.57 -26.25
C TYR G 275 1.32 48.92 -27.52
N THR G 276 0.78 47.75 -27.87
CA THR G 276 1.15 47.07 -29.09
C THR G 276 -0.05 46.32 -29.67
N GLU G 277 -0.07 46.26 -31.01
CA GLU G 277 -1.00 45.47 -31.81
C GLU G 277 -0.22 44.31 -32.54
N HIS G 278 1.13 44.20 -32.36
CA HIS G 278 1.94 43.16 -32.99
C HIS G 278 1.66 41.77 -32.41
N GLN G 279 2.04 40.75 -33.16
CA GLN G 279 1.87 39.35 -32.80
C GLN G 279 2.98 38.91 -31.81
N VAL G 280 3.07 39.62 -30.66
CA VAL G 280 4.10 39.42 -29.65
C VAL G 280 3.96 38.17 -28.76
N VAL G 281 5.12 37.67 -28.28
CA VAL G 281 5.26 36.57 -27.31
C VAL G 281 6.16 37.08 -26.16
N SER G 282 6.30 36.32 -25.05
CA SER G 282 7.04 36.83 -23.88
C SER G 282 8.45 37.30 -24.17
N SER G 283 9.24 36.55 -24.94
CA SER G 283 10.62 36.93 -25.23
C SER G 283 10.78 38.29 -25.91
N ASP G 284 9.72 38.78 -26.54
CA ASP G 284 9.75 40.10 -27.17
C ASP G 284 9.85 41.25 -26.15
N PHE G 285 9.58 40.99 -24.86
CA PHE G 285 9.69 42.00 -23.81
C PHE G 285 10.91 41.81 -22.93
N ASN G 286 11.88 40.97 -23.33
CA ASN G 286 13.06 40.77 -22.51
C ASN G 286 13.91 42.04 -22.61
N SER G 287 14.28 42.59 -21.44
CA SER G 287 15.02 43.83 -21.28
C SER G 287 14.18 45.10 -21.66
N ASP G 288 12.85 44.96 -21.83
CA ASP G 288 11.94 46.08 -22.12
C ASP G 288 11.70 46.76 -20.79
N THR G 289 12.02 48.07 -20.70
CA THR G 289 11.94 48.83 -19.45
C THR G 289 10.54 49.35 -19.07
N HIS G 290 9.50 49.09 -19.89
CA HIS G 290 8.15 49.51 -19.53
C HIS G 290 7.67 48.76 -18.30
N SER G 291 6.84 49.40 -17.49
CA SER G 291 6.23 48.76 -16.34
C SER G 291 5.16 47.75 -16.81
N SER G 292 4.46 48.07 -17.90
CA SER G 292 3.42 47.21 -18.44
C SER G 292 3.20 47.56 -19.92
N THR G 293 2.95 46.56 -20.77
CA THR G 293 2.67 46.80 -22.19
C THR G 293 1.36 46.10 -22.57
N PHE G 294 0.33 46.89 -22.85
CA PHE G 294 -0.97 46.36 -23.25
C PHE G 294 -0.89 45.61 -24.59
N ASP G 295 -1.31 44.35 -24.58
CA ASP G 295 -1.34 43.50 -25.76
C ASP G 295 -2.77 43.57 -26.33
N ALA G 296 -2.98 44.41 -27.37
CA ALA G 296 -4.30 44.59 -27.96
C ALA G 296 -4.90 43.29 -28.55
N GLY G 297 -4.12 42.58 -29.36
CA GLY G 297 -4.57 41.34 -29.99
C GLY G 297 -4.84 40.18 -29.06
N ALA G 298 -4.20 40.13 -27.86
CA ALA G 298 -4.35 39.01 -26.93
C ALA G 298 -5.60 39.06 -26.08
N GLY G 299 -6.09 40.26 -25.76
CA GLY G 299 -7.28 40.42 -24.94
C GLY G 299 -8.56 40.02 -25.63
N ILE G 300 -9.64 39.85 -24.87
CA ILE G 300 -10.92 39.44 -25.42
C ILE G 300 -12.07 40.02 -24.60
N ALA G 301 -13.11 40.51 -25.30
CA ALA G 301 -14.30 41.06 -24.67
C ALA G 301 -15.47 40.08 -24.84
N LEU G 302 -16.24 39.84 -23.77
CA LEU G 302 -17.44 39.00 -23.87
C LEU G 302 -18.58 39.95 -24.35
N ASN G 303 -18.71 41.11 -23.67
CA ASN G 303 -19.68 42.15 -23.97
C ASN G 303 -19.07 43.52 -23.62
N ASP G 304 -19.81 44.62 -23.81
CA ASP G 304 -19.31 45.97 -23.56
C ASP G 304 -18.96 46.25 -22.11
N HIS G 305 -19.41 45.42 -21.16
CA HIS G 305 -19.10 45.64 -19.76
C HIS G 305 -18.22 44.54 -19.14
N PHE G 306 -17.78 43.52 -19.92
CA PHE G 306 -17.01 42.39 -19.36
C PHE G 306 -15.85 42.01 -20.28
N VAL G 307 -14.63 42.39 -19.87
CA VAL G 307 -13.42 42.19 -20.67
C VAL G 307 -12.27 41.53 -19.92
N LYS G 308 -11.36 40.91 -20.71
CA LYS G 308 -10.12 40.31 -20.27
C LYS G 308 -9.01 41.11 -20.95
N LEU G 309 -8.21 41.84 -20.18
CA LEU G 309 -7.15 42.70 -20.74
C LEU G 309 -5.78 42.11 -20.38
N ILE G 310 -4.93 41.89 -21.40
CA ILE G 310 -3.62 41.28 -21.27
C ILE G 310 -2.51 42.34 -21.35
N SER G 311 -1.52 42.25 -20.46
CA SER G 311 -0.43 43.22 -20.40
C SER G 311 0.88 42.54 -19.97
N TRP G 312 1.94 42.72 -20.77
CA TRP G 312 3.25 42.10 -20.52
C TRP G 312 4.13 42.95 -19.65
N TYR G 313 5.05 42.32 -18.92
CA TYR G 313 6.01 43.04 -18.12
C TYR G 313 7.27 42.24 -17.89
N ASP G 314 8.42 42.90 -18.05
CA ASP G 314 9.70 42.28 -17.74
C ASP G 314 9.78 42.46 -16.23
N ASN G 315 9.39 41.43 -15.49
CA ASN G 315 9.40 41.45 -14.02
C ASN G 315 10.74 41.88 -13.40
N GLU G 316 11.83 41.81 -14.17
CA GLU G 316 13.15 42.18 -13.72
C GLU G 316 13.51 43.64 -14.11
N PHE G 317 13.59 43.97 -15.41
CA PHE G 317 14.02 45.31 -15.87
C PHE G 317 12.97 46.42 -15.69
N GLY G 318 11.70 46.13 -15.98
CA GLY G 318 10.65 47.12 -15.81
C GLY G 318 10.64 47.73 -14.41
N TYR G 319 10.64 46.86 -13.39
CA TYR G 319 10.62 47.28 -12.00
C TYR G 319 11.88 48.03 -11.53
N SER G 320 13.07 47.48 -11.82
CA SER G 320 14.36 48.09 -11.46
C SER G 320 14.56 49.46 -12.08
N ASN G 321 14.00 49.68 -13.27
CA ASN G 321 14.02 51.01 -13.86
C ASN G 321 13.05 51.93 -13.12
N ARG G 322 11.90 51.42 -12.63
CA ARG G 322 10.99 52.24 -11.85
C ARG G 322 11.57 52.62 -10.50
N VAL G 323 12.37 51.75 -9.85
CA VAL G 323 13.05 52.12 -8.59
C VAL G 323 13.98 53.34 -8.85
N VAL G 324 14.69 53.33 -10.00
CA VAL G 324 15.56 54.41 -10.45
C VAL G 324 14.73 55.68 -10.66
N ASP G 325 13.62 55.58 -11.42
CA ASP G 325 12.75 56.70 -11.78
C ASP G 325 12.13 57.32 -10.53
N LEU G 326 11.74 56.49 -9.56
CA LEU G 326 11.15 56.97 -8.32
C LEU G 326 12.15 57.84 -7.55
N MET G 327 13.39 57.37 -7.40
CA MET G 327 14.42 58.15 -6.71
C MET G 327 14.72 59.42 -7.47
N ALA G 328 14.79 59.36 -8.81
CA ALA G 328 15.04 60.56 -9.61
C ALA G 328 13.92 61.59 -9.39
N HIS G 329 12.66 61.12 -9.22
CA HIS G 329 11.54 61.99 -8.93
C HIS G 329 11.67 62.56 -7.51
N MET G 330 12.00 61.73 -6.50
CA MET G 330 12.19 62.23 -5.14
C MET G 330 13.32 63.29 -5.11
N ALA G 331 14.42 63.09 -5.86
CA ALA G 331 15.52 64.04 -5.91
C ALA G 331 15.06 65.40 -6.49
N SER G 332 14.18 65.37 -7.49
CA SER G 332 13.65 66.60 -8.09
C SER G 332 12.78 67.39 -7.09
N LYS G 333 12.08 66.69 -6.17
CA LYS G 333 11.27 67.37 -5.16
C LYS G 333 12.12 67.92 -4.00
N GLU G 334 13.39 67.47 -3.82
CA GLU G 334 14.26 67.95 -2.74
C GLU G 334 14.47 69.49 -2.78
N LYS H 2 -46.58 -50.10 12.74
CA LYS H 2 -45.58 -49.04 12.61
C LYS H 2 -45.32 -48.78 11.12
N VAL H 3 -45.29 -47.50 10.72
CA VAL H 3 -45.07 -47.09 9.33
C VAL H 3 -43.62 -47.37 8.91
N LYS H 4 -43.45 -47.84 7.68
CA LYS H 4 -42.14 -48.13 7.13
C LYS H 4 -41.63 -46.89 6.41
N VAL H 5 -40.43 -46.43 6.78
CA VAL H 5 -39.85 -45.18 6.30
C VAL H 5 -38.57 -45.38 5.50
N GLY H 6 -38.39 -44.54 4.49
CA GLY H 6 -37.20 -44.46 3.67
C GLY H 6 -36.54 -43.12 3.94
N VAL H 7 -35.20 -43.06 3.98
CA VAL H 7 -34.48 -41.81 4.25
C VAL H 7 -33.61 -41.47 3.06
N ASN H 8 -33.84 -40.31 2.44
CA ASN H 8 -33.02 -39.87 1.32
C ASN H 8 -31.94 -38.93 1.85
N GLY H 9 -30.70 -39.39 1.75
CA GLY H 9 -29.51 -38.68 2.20
C GLY H 9 -29.06 -39.16 3.57
N PHE H 10 -27.83 -39.68 3.68
CA PHE H 10 -27.28 -40.11 4.97
C PHE H 10 -26.31 -39.07 5.53
N GLY H 11 -26.70 -37.80 5.41
CA GLY H 11 -25.96 -36.69 5.98
C GLY H 11 -26.33 -36.52 7.43
N ARG H 12 -25.93 -35.42 8.02
CA ARG H 12 -26.16 -35.16 9.44
C ARG H 12 -27.65 -35.30 9.87
N ILE H 13 -28.60 -34.74 9.08
CA ILE H 13 -30.03 -34.89 9.40
C ILE H 13 -30.48 -36.34 9.17
N GLY H 14 -30.15 -36.91 8.02
CA GLY H 14 -30.54 -38.28 7.67
C GLY H 14 -30.11 -39.31 8.68
N ARG H 15 -28.87 -39.21 9.19
CA ARG H 15 -28.36 -40.13 10.19
C ARG H 15 -29.06 -39.95 11.54
N LEU H 16 -29.30 -38.70 11.96
CA LEU H 16 -29.94 -38.41 13.24
C LEU H 16 -31.42 -38.73 13.23
N VAL H 17 -32.10 -38.64 12.06
CA VAL H 17 -33.50 -39.05 11.93
C VAL H 17 -33.53 -40.57 12.05
N THR H 18 -32.58 -41.28 11.38
CA THR H 18 -32.47 -42.74 11.49
C THR H 18 -32.23 -43.14 12.94
N ARG H 19 -31.32 -42.45 13.65
CA ARG H 19 -31.04 -42.80 15.03
C ARG H 19 -32.28 -42.54 15.91
N ALA H 20 -33.01 -41.41 15.70
CA ALA H 20 -34.22 -41.11 16.46
C ALA H 20 -35.28 -42.18 16.23
N ALA H 21 -35.39 -42.69 14.99
CA ALA H 21 -36.35 -43.74 14.65
C ALA H 21 -36.09 -44.99 15.46
N PHE H 22 -34.81 -45.41 15.60
CA PHE H 22 -34.49 -46.61 16.37
C PHE H 22 -34.54 -46.36 17.87
N ASN H 23 -34.05 -45.20 18.34
CA ASN H 23 -34.06 -44.86 19.76
C ASN H 23 -35.51 -44.77 20.29
N SER H 24 -36.39 -44.08 19.56
CA SER H 24 -37.79 -43.91 19.97
C SER H 24 -38.67 -45.11 19.61
N GLY H 25 -38.35 -45.79 18.51
CA GLY H 25 -39.12 -46.92 18.04
C GLY H 25 -40.50 -46.57 17.51
N LYS H 26 -40.73 -45.29 17.13
CA LYS H 26 -42.04 -44.85 16.64
C LYS H 26 -42.28 -45.21 15.17
N VAL H 27 -41.22 -45.37 14.37
CA VAL H 27 -41.31 -45.72 12.95
C VAL H 27 -40.21 -46.74 12.63
N ASP H 28 -40.31 -47.42 11.49
CA ASP H 28 -39.32 -48.43 11.10
C ASP H 28 -38.58 -48.04 9.85
N ILE H 29 -37.29 -47.72 9.94
CA ILE H 29 -36.51 -47.38 8.75
C ILE H 29 -36.30 -48.69 7.98
N VAL H 30 -36.66 -48.72 6.70
CA VAL H 30 -36.52 -49.90 5.85
C VAL H 30 -35.59 -49.66 4.65
N ALA H 31 -35.28 -48.39 4.30
CA ALA H 31 -34.41 -48.07 3.18
C ALA H 31 -33.70 -46.74 3.39
N ILE H 32 -32.48 -46.62 2.86
CA ILE H 32 -31.69 -45.39 2.91
C ILE H 32 -31.07 -45.21 1.54
N ASN H 33 -31.06 -43.98 1.03
CA ASN H 33 -30.43 -43.68 -0.26
C ASN H 33 -29.36 -42.61 -0.09
N ASP H 34 -28.13 -42.89 -0.51
CA ASP H 34 -27.07 -41.87 -0.54
C ASP H 34 -26.11 -42.28 -1.66
N PRO H 35 -26.05 -41.53 -2.77
CA PRO H 35 -25.17 -41.95 -3.88
C PRO H 35 -23.67 -41.84 -3.62
N PHE H 36 -23.25 -41.22 -2.51
CA PHE H 36 -21.84 -40.99 -2.21
C PHE H 36 -21.26 -41.83 -1.09
N ILE H 37 -22.04 -42.14 -0.08
CA ILE H 37 -21.57 -42.91 1.07
C ILE H 37 -21.87 -44.39 0.79
N ASP H 38 -20.83 -45.24 0.76
CA ASP H 38 -21.02 -46.68 0.55
C ASP H 38 -21.46 -47.37 1.87
N LEU H 39 -21.92 -48.64 1.78
CA LEU H 39 -22.44 -49.34 2.94
C LEU H 39 -21.47 -49.41 4.12
N ASN H 40 -20.21 -49.70 3.85
CA ASN H 40 -19.20 -49.77 4.93
C ASN H 40 -19.02 -48.42 5.62
N TYR H 41 -19.02 -47.32 4.85
CA TYR H 41 -18.87 -45.99 5.44
C TYR H 41 -20.13 -45.64 6.26
N MET H 42 -21.33 -46.01 5.77
CA MET H 42 -22.59 -45.78 6.49
C MET H 42 -22.57 -46.42 7.88
N VAL H 43 -21.97 -47.62 8.01
CA VAL H 43 -21.88 -48.30 9.32
C VAL H 43 -21.06 -47.43 10.28
N TYR H 44 -19.88 -46.96 9.82
CA TYR H 44 -18.98 -46.09 10.59
C TYR H 44 -19.66 -44.78 10.99
N MET H 45 -20.30 -44.10 10.05
CA MET H 45 -20.93 -42.81 10.30
C MET H 45 -22.11 -42.91 11.25
N PHE H 46 -22.85 -44.02 11.21
CA PHE H 46 -23.99 -44.20 12.12
C PHE H 46 -23.52 -44.61 13.53
N GLN H 47 -22.52 -45.50 13.61
CA GLN H 47 -22.01 -46.01 14.87
C GLN H 47 -21.31 -44.97 15.74
N TYR H 48 -20.42 -44.16 15.15
CA TYR H 48 -19.65 -43.18 15.89
C TYR H 48 -20.16 -41.79 15.65
N ASP H 49 -20.38 -41.02 16.71
CA ASP H 49 -20.82 -39.63 16.59
C ASP H 49 -20.02 -38.78 17.59
N SER H 50 -19.33 -37.75 17.11
CA SER H 50 -18.54 -36.89 17.98
C SER H 50 -19.43 -36.16 18.99
N THR H 51 -20.61 -35.70 18.56
CA THR H 51 -21.53 -34.94 19.40
C THR H 51 -22.37 -35.78 20.37
N HIS H 52 -23.02 -36.85 19.88
CA HIS H 52 -23.96 -37.66 20.65
C HIS H 52 -23.43 -39.02 21.11
N GLY H 53 -22.16 -39.32 20.81
CA GLY H 53 -21.54 -40.57 21.23
C GLY H 53 -21.88 -41.76 20.37
N LYS H 54 -21.28 -42.91 20.73
CA LYS H 54 -21.49 -44.16 20.00
C LYS H 54 -22.97 -44.57 20.10
N PHE H 55 -23.50 -45.15 19.02
CA PHE H 55 -24.88 -45.60 18.95
C PHE H 55 -25.12 -46.69 20.01
N HIS H 56 -26.13 -46.47 20.88
CA HIS H 56 -26.47 -47.47 21.88
C HIS H 56 -27.34 -48.52 21.16
N GLY H 57 -26.66 -49.52 20.63
CA GLY H 57 -27.24 -50.60 19.86
C GLY H 57 -26.20 -51.22 18.94
N THR H 58 -26.64 -51.97 17.94
CA THR H 58 -25.73 -52.66 17.03
C THR H 58 -25.88 -52.14 15.63
N VAL H 59 -24.75 -51.99 14.90
CA VAL H 59 -24.72 -51.49 13.53
C VAL H 59 -23.76 -52.36 12.78
N LYS H 60 -24.20 -53.00 11.67
CA LYS H 60 -23.28 -53.81 10.87
C LYS H 60 -23.76 -53.97 9.45
N ALA H 61 -22.81 -54.18 8.54
CA ALA H 61 -23.12 -54.41 7.14
C ALA H 61 -23.25 -55.94 6.99
N GLU H 62 -24.36 -56.41 6.40
CA GLU H 62 -24.60 -57.83 6.26
C GLU H 62 -25.45 -58.09 5.03
N ASN H 63 -24.90 -58.81 4.03
CA ASN H 63 -25.59 -59.14 2.78
C ASN H 63 -25.99 -57.88 1.99
N GLY H 64 -25.11 -56.88 1.95
CA GLY H 64 -25.39 -55.63 1.25
C GLY H 64 -26.46 -54.76 1.89
N LYS H 65 -26.79 -55.01 3.17
CA LYS H 65 -27.79 -54.22 3.89
C LYS H 65 -27.19 -53.65 5.19
N LEU H 66 -27.72 -52.50 5.63
CA LEU H 66 -27.29 -51.86 6.87
C LEU H 66 -28.20 -52.40 7.97
N VAL H 67 -27.67 -53.27 8.82
CA VAL H 67 -28.45 -53.86 9.90
C VAL H 67 -28.27 -53.04 11.18
N ILE H 68 -29.33 -52.39 11.65
CA ILE H 68 -29.29 -51.65 12.91
C ILE H 68 -30.21 -52.37 13.89
N ASN H 69 -29.67 -52.94 14.98
CA ASN H 69 -30.45 -53.68 15.97
C ASN H 69 -31.19 -54.85 15.33
N GLY H 70 -30.50 -55.56 14.45
CA GLY H 70 -31.08 -56.71 13.75
C GLY H 70 -32.04 -56.39 12.63
N ASN H 71 -32.34 -55.10 12.39
CA ASN H 71 -33.27 -54.69 11.34
C ASN H 71 -32.53 -54.45 10.03
N PRO H 72 -32.74 -55.27 8.97
CA PRO H 72 -32.04 -55.00 7.70
C PRO H 72 -32.66 -53.86 6.90
N ILE H 73 -31.82 -52.90 6.48
CA ILE H 73 -32.23 -51.70 5.74
C ILE H 73 -31.65 -51.78 4.33
N THR H 74 -32.49 -51.61 3.30
CA THR H 74 -32.06 -51.65 1.91
C THR H 74 -31.30 -50.36 1.55
N ILE H 75 -30.12 -50.48 0.95
CA ILE H 75 -29.33 -49.31 0.57
C ILE H 75 -29.38 -49.07 -0.92
N PHE H 76 -29.67 -47.81 -1.30
CA PHE H 76 -29.70 -47.36 -2.69
C PHE H 76 -28.61 -46.30 -2.91
N GLN H 77 -28.06 -46.23 -4.13
CA GLN H 77 -27.00 -45.27 -4.47
C GLN H 77 -27.41 -44.40 -5.69
N GLU H 78 -28.65 -43.87 -5.68
CA GLU H 78 -29.16 -43.07 -6.79
C GLU H 78 -28.93 -41.58 -6.65
N ARG H 79 -28.55 -40.94 -7.77
CA ARG H 79 -28.38 -39.49 -7.82
C ARG H 79 -29.72 -38.82 -8.15
N ASP H 80 -30.55 -39.46 -9.01
CA ASP H 80 -31.86 -38.94 -9.39
C ASP H 80 -32.93 -39.50 -8.42
N PRO H 81 -33.66 -38.64 -7.69
CA PRO H 81 -34.67 -39.18 -6.75
C PRO H 81 -35.84 -39.93 -7.38
N SER H 82 -36.16 -39.62 -8.66
CA SER H 82 -37.24 -40.33 -9.35
C SER H 82 -36.85 -41.80 -9.65
N LYS H 83 -35.55 -42.14 -9.64
CA LYS H 83 -35.06 -43.48 -9.92
C LYS H 83 -34.94 -44.37 -8.67
N ILE H 84 -35.27 -43.87 -7.44
CA ILE H 84 -35.18 -44.69 -6.24
C ILE H 84 -36.37 -45.63 -6.18
N LYS H 85 -36.14 -46.96 -6.02
CA LYS H 85 -37.20 -47.96 -5.93
C LYS H 85 -37.73 -48.05 -4.48
N TRP H 86 -38.24 -46.92 -3.97
CA TRP H 86 -38.77 -46.83 -2.60
C TRP H 86 -39.85 -47.89 -2.33
N GLY H 87 -40.75 -48.07 -3.29
CA GLY H 87 -41.82 -49.05 -3.16
C GLY H 87 -41.33 -50.48 -3.06
N ASP H 88 -40.26 -50.83 -3.79
CA ASP H 88 -39.71 -52.19 -3.73
C ASP H 88 -39.20 -52.52 -2.34
N ALA H 89 -38.52 -51.57 -1.69
CA ALA H 89 -38.02 -51.76 -0.32
C ALA H 89 -39.13 -51.69 0.76
N GLY H 90 -40.35 -51.34 0.38
CA GLY H 90 -41.47 -51.24 1.30
C GLY H 90 -41.59 -49.90 2.01
N ALA H 91 -40.90 -48.85 1.51
CA ALA H 91 -40.93 -47.53 2.13
C ALA H 91 -42.23 -46.77 1.80
N GLU H 92 -43.09 -46.60 2.80
CA GLU H 92 -44.38 -45.93 2.64
C GLU H 92 -44.15 -44.41 2.64
N TYR H 93 -43.36 -43.91 3.59
CA TYR H 93 -43.02 -42.51 3.68
C TYR H 93 -41.54 -42.33 3.34
N VAL H 94 -41.13 -41.16 2.81
CA VAL H 94 -39.73 -40.86 2.53
C VAL H 94 -39.35 -39.52 3.18
N VAL H 95 -38.28 -39.51 3.98
CA VAL H 95 -37.76 -38.29 4.62
C VAL H 95 -36.77 -37.74 3.63
N GLU H 96 -37.06 -36.55 3.06
CA GLU H 96 -36.17 -35.92 2.10
C GLU H 96 -35.22 -35.02 2.90
N SER H 97 -34.01 -35.55 3.21
CA SER H 97 -33.05 -34.84 4.06
C SER H 97 -31.81 -34.26 3.35
N THR H 98 -31.71 -34.36 2.00
CA THR H 98 -30.53 -33.84 1.30
C THR H 98 -30.46 -32.31 1.28
N GLY H 99 -31.58 -31.63 1.48
CA GLY H 99 -31.60 -30.17 1.45
C GLY H 99 -31.63 -29.57 0.06
N VAL H 100 -31.46 -30.39 -0.99
CA VAL H 100 -31.45 -29.90 -2.37
C VAL H 100 -32.77 -30.15 -3.13
N PHE H 101 -33.79 -30.77 -2.48
CA PHE H 101 -35.09 -31.05 -3.12
C PHE H 101 -36.19 -30.56 -2.17
N THR H 102 -36.19 -29.27 -1.81
CA THR H 102 -37.16 -28.75 -0.86
C THR H 102 -38.48 -28.24 -1.48
N THR H 103 -38.56 -28.05 -2.81
CA THR H 103 -39.81 -27.60 -3.44
C THR H 103 -40.63 -28.84 -3.81
N MET H 104 -41.97 -28.75 -3.70
CA MET H 104 -42.87 -29.87 -3.97
C MET H 104 -42.64 -30.54 -5.31
N GLU H 105 -42.13 -29.80 -6.28
CA GLU H 105 -41.82 -30.37 -7.58
C GLU H 105 -40.63 -31.34 -7.46
N LYS H 106 -39.55 -30.92 -6.79
CA LYS H 106 -38.34 -31.72 -6.61
C LYS H 106 -38.60 -32.85 -5.60
N ALA H 107 -39.28 -32.53 -4.49
CA ALA H 107 -39.65 -33.51 -3.48
C ALA H 107 -40.63 -34.58 -4.02
N GLY H 108 -41.39 -34.26 -5.06
CA GLY H 108 -42.33 -35.19 -5.65
C GLY H 108 -41.70 -36.29 -6.50
N ALA H 109 -40.38 -36.26 -6.74
CA ALA H 109 -39.72 -37.30 -7.54
C ALA H 109 -39.77 -38.68 -6.86
N HIS H 110 -39.82 -38.69 -5.50
CA HIS H 110 -39.90 -39.90 -4.69
C HIS H 110 -41.22 -40.63 -4.87
N LEU H 111 -42.31 -39.89 -5.12
CA LEU H 111 -43.62 -40.50 -5.37
C LEU H 111 -43.56 -41.41 -6.61
N GLN H 112 -42.68 -41.09 -7.58
CA GLN H 112 -42.48 -41.89 -8.79
C GLN H 112 -41.79 -43.24 -8.50
N GLY H 113 -40.99 -43.30 -7.44
CA GLY H 113 -40.35 -44.54 -7.03
C GLY H 113 -41.25 -45.51 -6.27
N GLY H 114 -42.39 -45.02 -5.78
CA GLY H 114 -43.33 -45.85 -5.04
C GLY H 114 -43.72 -45.31 -3.67
N ALA H 115 -43.10 -44.22 -3.22
CA ALA H 115 -43.45 -43.65 -1.91
C ALA H 115 -44.87 -43.08 -1.97
N LYS H 116 -45.56 -43.08 -0.83
CA LYS H 116 -46.92 -42.56 -0.71
C LYS H 116 -46.92 -41.12 -0.21
N ARG H 117 -46.01 -40.79 0.72
CA ARG H 117 -45.87 -39.45 1.28
C ARG H 117 -44.39 -39.07 1.42
N VAL H 118 -44.09 -37.76 1.37
CA VAL H 118 -42.73 -37.24 1.52
C VAL H 118 -42.73 -36.19 2.65
N ILE H 119 -41.74 -36.27 3.55
CA ILE H 119 -41.59 -35.32 4.63
C ILE H 119 -40.24 -34.64 4.39
N ILE H 120 -40.24 -33.34 4.02
CA ILE H 120 -39.01 -32.59 3.79
C ILE H 120 -38.48 -32.15 5.17
N SER H 121 -37.28 -32.64 5.56
CA SER H 121 -36.67 -32.32 6.85
C SER H 121 -35.92 -30.98 6.74
N ALA H 122 -36.63 -29.96 6.27
CA ALA H 122 -36.12 -28.61 6.04
C ALA H 122 -37.25 -27.67 5.62
N PRO H 123 -37.08 -26.33 5.68
CA PRO H 123 -38.16 -25.45 5.21
C PRO H 123 -38.32 -25.56 3.71
N SER H 124 -39.57 -25.41 3.25
CA SER H 124 -39.91 -25.48 1.84
C SER H 124 -40.55 -24.17 1.43
N ALA H 125 -40.28 -23.73 0.20
CA ALA H 125 -40.88 -22.49 -0.28
C ALA H 125 -42.39 -22.64 -0.53
N ASP H 126 -42.84 -23.83 -0.99
CA ASP H 126 -44.25 -24.06 -1.34
C ASP H 126 -44.98 -25.19 -0.59
N ALA H 127 -44.27 -26.19 -0.01
CA ALA H 127 -44.97 -27.29 0.68
C ALA H 127 -45.59 -26.83 2.01
N PRO H 128 -46.73 -27.42 2.46
CA PRO H 128 -47.30 -27.03 3.76
C PRO H 128 -46.35 -27.36 4.91
N MET H 129 -46.12 -26.40 5.81
CA MET H 129 -45.19 -26.60 6.90
C MET H 129 -45.86 -26.92 8.19
N PHE H 130 -45.23 -27.81 8.96
CA PHE H 130 -45.77 -28.22 10.25
C PHE H 130 -44.76 -28.16 11.34
N VAL H 131 -45.23 -27.87 12.54
CA VAL H 131 -44.44 -27.86 13.75
C VAL H 131 -45.27 -28.63 14.77
N MET H 132 -44.74 -29.75 15.29
CA MET H 132 -45.45 -30.57 16.26
C MET H 132 -45.77 -29.76 17.48
N GLY H 133 -47.01 -29.85 17.93
CA GLY H 133 -47.48 -29.09 19.09
C GLY H 133 -48.05 -27.74 18.73
N VAL H 134 -47.85 -27.26 17.48
CA VAL H 134 -48.33 -25.96 17.08
C VAL H 134 -49.47 -26.09 16.04
N ASN H 135 -49.23 -26.76 14.92
CA ASN H 135 -50.23 -26.87 13.86
C ASN H 135 -50.30 -28.27 13.22
N HIS H 136 -49.76 -29.31 13.87
CA HIS H 136 -49.81 -30.66 13.30
C HIS H 136 -51.24 -31.18 13.15
N GLU H 137 -52.19 -30.67 13.97
CA GLU H 137 -53.59 -31.09 13.85
CA GLU H 137 -53.59 -31.09 13.86
C GLU H 137 -54.19 -30.62 12.51
N LYS H 138 -53.61 -29.58 11.86
CA LYS H 138 -54.06 -29.13 10.55
C LYS H 138 -53.60 -30.09 9.41
N TYR H 139 -52.80 -31.14 9.72
CA TYR H 139 -52.39 -32.11 8.70
C TYR H 139 -53.60 -33.02 8.39
N ASP H 140 -53.80 -33.34 7.10
CA ASP H 140 -54.85 -34.25 6.66
C ASP H 140 -54.32 -35.16 5.54
N ASN H 141 -54.99 -36.30 5.32
CA ASN H 141 -54.57 -37.34 4.36
C ASN H 141 -54.42 -36.89 2.90
N SER H 142 -54.98 -35.74 2.51
CA SER H 142 -54.81 -35.25 1.13
C SER H 142 -53.36 -34.79 0.85
N LEU H 143 -52.62 -34.40 1.93
CA LEU H 143 -51.26 -33.87 1.84
C LEU H 143 -50.25 -34.98 1.61
N LYS H 144 -49.74 -35.09 0.36
CA LYS H 144 -48.76 -36.10 -0.05
C LYS H 144 -47.31 -35.62 0.15
N ILE H 145 -47.05 -34.29 0.15
CA ILE H 145 -45.71 -33.73 0.34
C ILE H 145 -45.82 -32.60 1.37
N ILE H 146 -45.14 -32.74 2.51
CA ILE H 146 -45.16 -31.71 3.57
C ILE H 146 -43.73 -31.39 4.05
N SER H 147 -43.56 -30.30 4.79
CA SER H 147 -42.27 -29.91 5.34
C SER H 147 -42.37 -29.82 6.89
N ASN H 148 -41.26 -30.15 7.58
CA ASN H 148 -41.21 -30.05 9.03
C ASN H 148 -40.57 -28.72 9.49
N ALA H 149 -40.51 -27.68 8.61
CA ALA H 149 -39.92 -26.36 8.97
C ALA H 149 -38.38 -26.56 9.33
N SER H 150 -37.67 -25.57 9.95
CA SER H 150 -36.29 -25.68 10.37
C SER H 150 -36.22 -26.02 11.86
N CSU H 151 -35.02 -26.34 12.34
N CSU H 151 -35.10 -26.46 12.40
CA CSU H 151 -34.79 -26.62 13.76
CA CSU H 151 -35.02 -26.67 13.87
CB CSU H 151 -33.36 -27.07 14.07
CB CSU H 151 -33.67 -27.22 14.21
SG CSU H 151 -32.06 -25.88 13.61
SG CSU H 151 -32.62 -27.47 12.76
S CSU H 151 -31.36 -25.88 12.69
C CSU H 151 -35.12 -25.37 14.59
C CSU H 151 -35.30 -25.33 14.57
O CSU H 151 -35.65 -25.48 15.68
O CSU H 151 -35.53 -25.41 15.77
OD1 CSU H 151 -30.19 -26.37 12.08
OD2 CSU H 151 -31.09 -25.53 14.12
OD3 CSU H 151 -32.03 -24.80 12.08
H CSU H 151 -34.28 -26.24 12.10
HA CSU H 151 -35.45 -27.43 14.05
HA CSU H 151 -35.71 -27.34 14.14
HB2 CSU H 151 -33.11 -27.96 13.50
HB2 CSU H 151 -33.80 -28.09 14.67
HB3 CSU H 151 -33.22 -27.30 15.13
HB3 CSU H 151 -33.22 -26.58 14.83
N THR H 152 -34.82 -24.18 14.04
CA THR H 152 -35.08 -22.93 14.72
C THR H 152 -36.57 -22.61 14.69
N THR H 153 -37.26 -22.87 13.55
CA THR H 153 -38.70 -22.65 13.47
C THR H 153 -39.43 -23.53 14.50
N ASN H 154 -38.92 -24.77 14.72
CA ASN H 154 -39.49 -25.69 15.71
C ASN H 154 -39.17 -25.29 17.14
N CYS H 155 -38.13 -24.50 17.38
CA CYS H 155 -37.82 -24.01 18.73
C CYS H 155 -38.69 -22.79 19.05
N LEU H 156 -38.74 -21.82 18.13
CA LEU H 156 -39.45 -20.58 18.38
C LEU H 156 -40.97 -20.77 18.42
N ALA H 157 -41.57 -21.46 17.39
CA ALA H 157 -43.03 -21.60 17.28
C ALA H 157 -43.75 -22.12 18.56
N PRO H 158 -43.29 -23.16 19.30
CA PRO H 158 -44.00 -23.55 20.52
C PRO H 158 -43.97 -22.45 21.58
N LEU H 159 -42.86 -21.69 21.70
CA LEU H 159 -42.81 -20.60 22.67
C LEU H 159 -43.72 -19.44 22.20
N ALA H 160 -43.67 -19.11 20.90
CA ALA H 160 -44.52 -18.08 20.32
C ALA H 160 -46.00 -18.43 20.49
N LYS H 161 -46.38 -19.71 20.31
CA LYS H 161 -47.76 -20.17 20.50
C LYS H 161 -48.24 -19.88 21.91
N VAL H 162 -47.47 -20.28 22.93
CA VAL H 162 -47.86 -20.05 24.31
C VAL H 162 -47.96 -18.56 24.61
N ILE H 163 -46.94 -17.78 24.22
CA ILE H 163 -46.91 -16.35 24.50
C ILE H 163 -48.06 -15.59 23.79
N HIS H 164 -48.32 -15.94 22.52
CA HIS H 164 -49.40 -15.29 21.78
C HIS H 164 -50.78 -15.68 22.30
N ASP H 165 -51.00 -16.98 22.59
CA ASP H 165 -52.29 -17.45 23.11
C ASP H 165 -52.65 -16.79 24.44
N ASN H 166 -51.66 -16.49 25.28
CA ASN H 166 -51.92 -15.90 26.59
C ASN H 166 -51.90 -14.37 26.61
N PHE H 167 -50.94 -13.74 25.93
CA PHE H 167 -50.79 -12.28 26.00
C PHE H 167 -50.87 -11.56 24.66
N GLY H 168 -50.75 -12.27 23.55
CA GLY H 168 -50.80 -11.66 22.24
C GLY H 168 -49.50 -10.98 21.89
N ILE H 169 -48.83 -11.44 20.82
CA ILE H 169 -47.58 -10.86 20.37
C ILE H 169 -47.93 -9.76 19.37
N VAL H 170 -47.72 -8.50 19.73
CA VAL H 170 -47.97 -7.37 18.83
C VAL H 170 -46.93 -7.43 17.69
N GLU H 171 -45.66 -7.60 18.08
CA GLU H 171 -44.53 -7.69 17.17
C GLU H 171 -43.33 -8.30 17.89
N GLY H 172 -42.49 -9.01 17.15
CA GLY H 172 -41.31 -9.64 17.74
C GLY H 172 -40.16 -9.75 16.77
N LEU H 173 -38.96 -9.65 17.32
CA LEU H 173 -37.71 -9.75 16.58
C LEU H 173 -36.86 -10.77 17.35
N MET H 174 -36.31 -11.72 16.61
CA MET H 174 -35.59 -12.82 17.20
C MET H 174 -34.14 -12.87 16.73
N THR H 175 -33.27 -13.40 17.59
CA THR H 175 -31.87 -13.68 17.28
C THR H 175 -31.62 -15.08 17.73
N THR H 176 -30.97 -15.89 16.92
CA THR H 176 -30.59 -17.24 17.33
C THR H 176 -29.06 -17.31 17.35
N VAL H 177 -28.48 -17.61 18.53
CA VAL H 177 -27.04 -17.80 18.66
C VAL H 177 -26.90 -19.29 18.37
N HIS H 178 -26.49 -19.62 17.13
CA HIS H 178 -26.47 -20.97 16.63
C HIS H 178 -25.11 -21.65 16.64
N ALA H 179 -25.12 -22.97 16.84
CA ALA H 179 -23.92 -23.80 16.81
C ALA H 179 -23.44 -23.92 15.34
N ILE H 180 -22.20 -24.33 15.12
CA ILE H 180 -21.69 -24.49 13.76
C ILE H 180 -22.42 -25.62 13.04
N THR H 181 -22.60 -25.48 11.72
CA THR H 181 -23.29 -26.47 10.88
C THR H 181 -22.34 -27.00 9.79
N ALA H 182 -22.73 -28.10 9.14
CA ALA H 182 -21.96 -28.71 8.07
C ALA H 182 -21.75 -27.81 6.84
N THR H 183 -22.58 -26.74 6.68
CA THR H 183 -22.44 -25.80 5.56
C THR H 183 -21.31 -24.75 5.75
N GLN H 184 -20.72 -24.68 6.96
CA GLN H 184 -19.66 -23.76 7.26
C GLN H 184 -18.29 -24.34 6.89
N LYS H 185 -17.23 -23.50 6.92
CA LYS H 185 -15.87 -23.89 6.55
C LYS H 185 -14.96 -23.86 7.78
N THR H 186 -14.01 -24.81 7.89
CA THR H 186 -13.07 -24.85 9.03
C THR H 186 -12.16 -23.61 9.07
N VAL H 187 -11.60 -23.23 7.92
CA VAL H 187 -10.78 -22.02 7.75
C VAL H 187 -11.43 -21.20 6.62
N ASP H 188 -11.04 -19.90 6.49
CA ASP H 188 -11.57 -19.01 5.45
C ASP H 188 -11.60 -19.66 4.06
N GLY H 189 -12.79 -20.04 3.64
CA GLY H 189 -13.01 -20.70 2.37
C GLY H 189 -14.07 -20.00 1.54
N PRO H 190 -14.34 -20.57 0.36
CA PRO H 190 -15.31 -19.95 -0.55
C PRO H 190 -16.74 -20.41 -0.34
N SER H 191 -17.64 -19.44 -0.28
CA SER H 191 -19.08 -19.65 -0.21
C SER H 191 -19.64 -18.51 -1.05
N GLY H 192 -19.54 -18.66 -2.37
CA GLY H 192 -19.93 -17.64 -3.36
C GLY H 192 -21.23 -16.90 -3.11
N LYS H 193 -22.27 -17.61 -2.65
CA LYS H 193 -23.58 -16.98 -2.42
C LYS H 193 -23.58 -16.17 -1.11
N LEU H 194 -23.12 -16.76 0.01
CA LEU H 194 -23.11 -16.14 1.33
C LEU H 194 -21.68 -15.95 1.82
N TRP H 195 -21.06 -14.83 1.45
CA TRP H 195 -19.65 -14.56 1.75
C TRP H 195 -19.24 -14.73 3.21
N ARG H 196 -20.09 -14.28 4.14
CA ARG H 196 -19.77 -14.39 5.56
C ARG H 196 -19.71 -15.86 6.00
N ASP H 197 -20.61 -16.71 5.46
CA ASP H 197 -20.64 -18.13 5.81
C ASP H 197 -19.38 -18.93 5.39
N GLY H 198 -18.59 -18.38 4.47
CA GLY H 198 -17.35 -19.01 4.06
C GLY H 198 -16.21 -18.75 5.02
N ARG H 199 -16.31 -17.71 5.88
CA ARG H 199 -15.24 -17.36 6.82
C ARG H 199 -15.10 -18.42 7.92
N GLY H 200 -13.86 -18.62 8.41
CA GLY H 200 -13.53 -19.62 9.43
C GLY H 200 -14.52 -19.78 10.56
N ALA H 201 -15.12 -20.97 10.68
CA ALA H 201 -16.14 -21.25 11.70
C ALA H 201 -15.59 -21.27 13.11
N LEU H 202 -14.33 -21.69 13.27
CA LEU H 202 -13.68 -21.79 14.56
C LEU H 202 -13.35 -20.43 15.16
N GLN H 203 -13.00 -19.45 14.32
CA GLN H 203 -12.49 -18.16 14.76
C GLN H 203 -13.51 -17.05 14.89
N ASN H 204 -14.69 -17.23 14.28
CA ASN H 204 -15.64 -16.14 14.15
C ASN H 204 -17.02 -16.32 14.70
N ILE H 205 -17.65 -15.16 15.05
CA ILE H 205 -19.07 -14.99 15.30
C ILE H 205 -19.49 -14.50 13.89
N ILE H 206 -20.35 -15.24 13.22
CA ILE H 206 -20.75 -14.91 11.85
C ILE H 206 -22.23 -14.55 11.78
N PRO H 207 -22.58 -13.28 11.47
CA PRO H 207 -24.01 -12.97 11.30
C PRO H 207 -24.56 -13.67 10.07
N ALA H 208 -25.79 -14.21 10.17
CA ALA H 208 -26.43 -14.91 9.08
C ALA H 208 -27.92 -14.57 9.02
N SER H 209 -28.49 -14.67 7.82
CA SER H 209 -29.92 -14.40 7.62
C SER H 209 -30.71 -15.67 7.87
N THR H 210 -31.85 -15.55 8.61
CA THR H 210 -32.74 -16.69 8.87
C THR H 210 -34.23 -16.34 8.65
N GLY H 211 -34.90 -17.13 7.80
CA GLY H 211 -36.31 -17.01 7.54
C GLY H 211 -37.15 -17.82 8.51
N ALA H 212 -36.59 -18.20 9.67
CA ALA H 212 -37.29 -19.03 10.62
C ALA H 212 -38.31 -18.25 11.44
N ALA H 213 -38.02 -16.98 11.82
CA ALA H 213 -39.01 -16.19 12.58
C ALA H 213 -40.18 -15.78 11.66
N LYS H 214 -39.89 -15.55 10.36
CA LYS H 214 -40.89 -15.27 9.33
C LYS H 214 -41.79 -16.53 9.15
N ALA H 215 -41.15 -17.72 9.05
CA ALA H 215 -41.80 -19.02 8.92
C ALA H 215 -42.78 -19.31 10.05
N VAL H 216 -42.54 -18.79 11.27
CA VAL H 216 -43.46 -18.99 12.41
C VAL H 216 -44.85 -18.45 12.11
N GLY H 217 -44.93 -17.34 11.38
CA GLY H 217 -46.19 -16.73 10.98
C GLY H 217 -46.93 -17.51 9.91
N LYS H 218 -46.23 -18.44 9.23
CA LYS H 218 -46.79 -19.37 8.24
C LYS H 218 -47.30 -20.68 8.94
N VAL H 219 -47.09 -20.82 10.27
CA VAL H 219 -47.50 -21.94 11.12
C VAL H 219 -48.48 -21.44 12.23
N ILE H 220 -48.38 -20.18 12.64
CA ILE H 220 -49.30 -19.50 13.57
C ILE H 220 -49.81 -18.30 12.72
N PRO H 221 -50.80 -18.51 11.81
CA PRO H 221 -51.19 -17.45 10.86
C PRO H 221 -51.51 -16.08 11.47
N GLU H 222 -51.87 -16.02 12.75
CA GLU H 222 -52.13 -14.75 13.41
C GLU H 222 -50.86 -13.91 13.52
N LEU H 223 -49.69 -14.55 13.64
CA LEU H 223 -48.41 -13.88 13.74
C LEU H 223 -47.78 -13.55 12.36
N ASN H 224 -48.52 -13.75 11.25
CA ASN H 224 -48.00 -13.48 9.91
C ASN H 224 -47.63 -12.01 9.77
N GLY H 225 -46.38 -11.75 9.38
CA GLY H 225 -45.87 -10.39 9.27
C GLY H 225 -45.50 -9.71 10.57
N LYS H 226 -45.78 -10.34 11.74
CA LYS H 226 -45.46 -9.75 13.04
C LYS H 226 -44.10 -10.23 13.61
N LEU H 227 -43.42 -11.20 12.93
CA LEU H 227 -42.12 -11.71 13.40
C LEU H 227 -41.08 -11.80 12.28
N THR H 228 -39.83 -11.47 12.62
CA THR H 228 -38.65 -11.64 11.75
C THR H 228 -37.37 -11.77 12.65
N GLY H 229 -36.24 -12.13 12.04
CA GLY H 229 -35.01 -12.26 12.80
C GLY H 229 -33.75 -12.56 12.02
N MET H 230 -32.67 -12.73 12.75
CA MET H 230 -31.36 -13.05 12.20
C MET H 230 -30.64 -14.03 13.13
N ALA H 231 -29.50 -14.57 12.68
CA ALA H 231 -28.72 -15.54 13.42
C ALA H 231 -27.27 -15.10 13.60
N PHE H 232 -26.57 -15.67 14.59
CA PHE H 232 -25.15 -15.48 14.82
C PHE H 232 -24.59 -16.88 14.98
N ARG H 233 -23.76 -17.35 14.02
CA ARG H 233 -23.16 -18.68 14.17
C ARG H 233 -21.92 -18.50 15.07
N VAL H 234 -21.78 -19.36 16.08
CA VAL H 234 -20.67 -19.26 17.03
C VAL H 234 -19.90 -20.57 17.11
N PRO H 235 -18.62 -20.59 17.59
CA PRO H 235 -17.85 -21.84 17.58
C PRO H 235 -18.16 -22.89 18.67
N THR H 236 -19.35 -23.53 18.57
CA THR H 236 -19.73 -24.69 19.38
C THR H 236 -20.24 -25.72 18.40
N ALA H 237 -20.00 -27.00 18.69
CA ALA H 237 -20.38 -28.08 17.79
C ALA H 237 -21.87 -28.37 17.76
N ASN H 238 -22.60 -28.09 18.86
CA ASN H 238 -24.03 -28.37 18.92
C ASN H 238 -24.70 -27.66 20.09
N VAL H 239 -26.06 -27.51 20.00
CA VAL H 239 -26.95 -26.84 20.95
C VAL H 239 -26.93 -25.34 20.64
N SER H 240 -28.12 -24.79 20.31
CA SER H 240 -28.35 -23.40 19.94
C SER H 240 -29.39 -22.76 20.90
N VAL H 241 -29.52 -21.43 20.84
CA VAL H 241 -30.46 -20.72 21.70
C VAL H 241 -31.18 -19.62 20.92
N VAL H 242 -32.49 -19.49 21.16
CA VAL H 242 -33.36 -18.47 20.55
C VAL H 242 -33.58 -17.37 21.60
N ASP H 243 -33.51 -16.14 21.14
CA ASP H 243 -33.68 -14.94 21.92
C ASP H 243 -34.82 -14.16 21.27
N LEU H 244 -36.02 -14.19 21.84
CA LEU H 244 -37.16 -13.48 21.28
C LEU H 244 -37.47 -12.19 22.04
N THR H 245 -37.24 -11.04 21.41
CA THR H 245 -37.58 -9.75 21.98
C THR H 245 -38.93 -9.38 21.38
N CYS H 246 -39.96 -9.24 22.22
CA CYS H 246 -41.29 -8.96 21.72
C CYS H 246 -42.10 -8.01 22.60
N ARG H 247 -43.12 -7.42 21.95
CA ARG H 247 -44.08 -6.52 22.57
C ARG H 247 -45.38 -7.30 22.71
N LEU H 248 -45.95 -7.27 23.91
CA LEU H 248 -47.20 -7.98 24.19
C LEU H 248 -48.41 -7.05 24.21
N GLU H 249 -49.58 -7.56 23.79
CA GLU H 249 -50.86 -6.83 23.78
C GLU H 249 -51.30 -6.63 25.22
N LYS H 250 -51.59 -7.73 25.94
CA LYS H 250 -51.98 -7.66 27.33
C LYS H 250 -50.72 -7.49 28.19
N PRO H 251 -50.82 -6.84 29.36
CA PRO H 251 -49.64 -6.76 30.24
C PRO H 251 -49.30 -8.15 30.77
N ALA H 252 -48.01 -8.40 30.98
CA ALA H 252 -47.56 -9.69 31.46
C ALA H 252 -46.40 -9.52 32.39
N LYS H 253 -46.57 -9.79 33.69
CA LYS H 253 -45.44 -9.78 34.62
C LYS H 253 -44.55 -10.99 34.27
N TYR H 254 -43.21 -10.89 34.50
CA TYR H 254 -42.33 -12.00 34.07
C TYR H 254 -42.73 -13.35 34.71
N ASP H 255 -43.11 -13.34 35.98
CA ASP H 255 -43.50 -14.56 36.71
C ASP H 255 -44.82 -15.15 36.26
N ASP H 256 -45.67 -14.34 35.61
CA ASP H 256 -46.90 -14.80 34.98
C ASP H 256 -46.52 -15.53 33.67
N ILE H 257 -45.52 -15.02 32.93
CA ILE H 257 -45.08 -15.66 31.69
C ILE H 257 -44.27 -16.96 32.00
N LYS H 258 -43.64 -17.04 33.20
CA LYS H 258 -42.99 -18.27 33.63
C LYS H 258 -44.09 -19.31 33.92
N LYS H 259 -45.08 -18.96 34.78
CA LYS H 259 -46.24 -19.81 35.12
C LYS H 259 -46.97 -20.32 33.82
N VAL H 260 -47.15 -19.45 32.86
CA VAL H 260 -47.83 -19.75 31.61
C VAL H 260 -47.02 -20.81 30.81
N VAL H 261 -45.69 -20.66 30.67
CA VAL H 261 -44.88 -21.64 29.94
C VAL H 261 -44.75 -22.94 30.73
N LYS H 262 -44.61 -22.85 32.07
CA LYS H 262 -44.50 -24.04 32.92
C LYS H 262 -45.72 -24.94 32.75
N GLN H 263 -46.93 -24.33 32.70
CA GLN H 263 -48.16 -25.08 32.49
C GLN H 263 -48.19 -25.82 31.14
N ALA H 264 -47.78 -25.13 30.06
CA ALA H 264 -47.77 -25.72 28.73
C ALA H 264 -46.75 -26.87 28.62
N SER H 265 -45.58 -26.72 29.27
CA SER H 265 -44.56 -27.76 29.26
C SER H 265 -45.00 -29.01 30.01
N GLU H 266 -45.83 -28.84 31.07
CA GLU H 266 -46.35 -29.95 31.87
C GLU H 266 -47.61 -30.58 31.24
N GLY H 267 -48.33 -29.83 30.40
CA GLY H 267 -49.55 -30.31 29.79
C GLY H 267 -49.45 -30.63 28.31
N PRO H 268 -50.07 -29.83 27.44
CA PRO H 268 -50.12 -30.18 26.00
C PRO H 268 -48.79 -30.24 25.24
N LEU H 269 -47.82 -29.37 25.60
CA LEU H 269 -46.54 -29.38 24.90
C LEU H 269 -45.48 -30.16 25.69
N LYS H 270 -45.88 -31.22 26.43
CA LYS H 270 -44.92 -32.02 27.17
C LYS H 270 -44.01 -32.76 26.17
N GLY H 271 -42.70 -32.64 26.35
CA GLY H 271 -41.74 -33.26 25.44
C GLY H 271 -41.40 -32.42 24.23
N ILE H 272 -42.26 -31.40 23.90
CA ILE H 272 -42.02 -30.49 22.78
C ILE H 272 -41.41 -29.21 23.39
N LEU H 273 -42.13 -28.53 24.29
CA LEU H 273 -41.69 -27.34 24.99
C LEU H 273 -41.33 -27.75 26.40
N GLY H 274 -40.12 -27.41 26.80
CA GLY H 274 -39.60 -27.65 28.14
C GLY H 274 -39.53 -26.35 28.92
N TYR H 275 -39.32 -26.46 30.23
CA TYR H 275 -39.23 -25.30 31.11
C TYR H 275 -38.22 -25.59 32.21
N THR H 276 -37.34 -24.62 32.49
CA THR H 276 -36.34 -24.77 33.55
C THR H 276 -36.07 -23.43 34.22
N GLU H 277 -35.79 -23.52 35.51
CA GLU H 277 -35.33 -22.41 36.35
C GLU H 277 -33.84 -22.65 36.81
N HIS H 278 -33.20 -23.76 36.38
CA HIS H 278 -31.83 -24.07 36.76
C HIS H 278 -30.83 -23.17 36.06
N GLN H 279 -29.61 -23.11 36.61
CA GLN H 279 -28.50 -22.30 36.11
C GLN H 279 -27.83 -23.03 34.92
N VAL H 280 -28.61 -23.32 33.87
CA VAL H 280 -28.18 -24.07 32.69
C VAL H 280 -27.28 -23.32 31.71
N VAL H 281 -26.44 -24.10 30.98
CA VAL H 281 -25.57 -23.65 29.89
C VAL H 281 -25.86 -24.57 28.67
N SER H 282 -25.33 -24.25 27.47
CA SER H 282 -25.68 -25.01 26.27
C SER H 282 -25.47 -26.51 26.36
N SER H 283 -24.32 -26.96 26.90
CA SER H 283 -24.02 -28.40 26.99
C SER H 283 -25.06 -29.18 27.79
N ASP H 284 -25.83 -28.53 28.66
CA ASP H 284 -26.87 -29.20 29.42
C ASP H 284 -28.03 -29.69 28.55
N PHE H 285 -28.14 -29.22 27.30
CA PHE H 285 -29.20 -29.66 26.38
C PHE H 285 -28.68 -30.58 25.29
N ASN H 286 -27.44 -31.11 25.41
CA ASN H 286 -26.91 -31.99 24.39
C ASN H 286 -27.65 -33.31 24.51
N SER H 287 -28.20 -33.78 23.37
CA SER H 287 -29.02 -34.98 23.22
C SER H 287 -30.45 -34.81 23.86
N ASP H 288 -30.84 -33.57 24.23
CA ASP H 288 -32.18 -33.30 24.79
C ASP H 288 -33.13 -33.27 23.58
N THR H 289 -34.17 -34.10 23.60
CA THR H 289 -35.10 -34.25 22.49
C THR H 289 -36.22 -33.20 22.42
N HIS H 290 -36.28 -32.24 23.36
CA HIS H 290 -37.28 -31.17 23.29
C HIS H 290 -37.03 -30.30 22.08
N SER H 291 -38.09 -29.76 21.49
CA SER H 291 -38.00 -28.81 20.40
C SER H 291 -37.45 -27.47 20.93
N SER H 292 -37.84 -27.08 22.14
CA SER H 292 -37.41 -25.83 22.76
C SER H 292 -37.56 -25.92 24.27
N THR H 293 -36.63 -25.34 25.04
CA THR H 293 -36.71 -25.34 26.50
C THR H 293 -36.56 -23.90 27.00
N PHE H 294 -37.65 -23.35 27.55
CA PHE H 294 -37.66 -22.00 28.09
C PHE H 294 -36.70 -21.87 29.30
N ASP H 295 -35.75 -20.93 29.22
CA ASP H 295 -34.81 -20.64 30.28
C ASP H 295 -35.36 -19.46 31.09
N ALA H 296 -36.01 -19.74 32.23
CA ALA H 296 -36.65 -18.70 33.04
C ALA H 296 -35.64 -17.65 33.56
N GLY H 297 -34.54 -18.10 34.14
CA GLY H 297 -33.53 -17.20 34.68
C GLY H 297 -32.76 -16.36 33.69
N ALA H 298 -32.67 -16.79 32.40
CA ALA H 298 -31.89 -16.07 31.38
C ALA H 298 -32.63 -14.89 30.75
N GLY H 299 -33.95 -14.96 30.68
CA GLY H 299 -34.74 -13.88 30.11
C GLY H 299 -34.80 -12.63 30.96
N ILE H 300 -35.25 -11.52 30.35
CA ILE H 300 -35.34 -10.23 31.04
C ILE H 300 -36.48 -9.38 30.50
N ALA H 301 -37.23 -8.73 31.39
CA ALA H 301 -38.33 -7.85 31.03
C ALA H 301 -37.94 -6.40 31.27
N LEU H 302 -38.23 -5.51 30.31
CA LEU H 302 -37.97 -4.08 30.47
C LEU H 302 -39.19 -3.51 31.24
N ASN H 303 -40.40 -3.83 30.74
CA ASN H 303 -41.69 -3.45 31.31
C ASN H 303 -42.73 -4.58 31.03
N ASP H 304 -43.99 -4.41 31.49
CA ASP H 304 -45.01 -5.44 31.32
C ASP H 304 -45.36 -5.75 29.88
N HIS H 305 -44.96 -4.91 28.92
CA HIS H 305 -45.29 -5.15 27.53
C HIS H 305 -44.05 -5.35 26.65
N PHE H 306 -42.83 -5.39 27.21
CA PHE H 306 -41.62 -5.54 26.41
C PHE H 306 -40.62 -6.49 27.10
N VAL H 307 -40.51 -7.72 26.55
CA VAL H 307 -39.69 -8.78 27.12
C VAL H 307 -38.73 -9.44 26.13
N LYS H 308 -37.67 -10.05 26.68
CA LYS H 308 -36.68 -10.86 25.98
C LYS H 308 -36.80 -12.27 26.57
N LEU H 309 -37.25 -13.25 25.78
CA LEU H 309 -37.45 -14.61 26.23
C LEU H 309 -36.42 -15.54 25.59
N ILE H 310 -35.69 -16.29 26.42
CA ILE H 310 -34.61 -17.20 26.01
C ILE H 310 -35.07 -18.67 26.02
N SER H 311 -34.74 -19.42 24.97
CA SER H 311 -35.15 -20.80 24.85
C SER H 311 -34.07 -21.65 24.13
N TRP H 312 -33.63 -22.75 24.75
CA TRP H 312 -32.58 -23.63 24.23
C TRP H 312 -33.11 -24.70 23.34
N TYR H 313 -32.30 -25.16 22.39
CA TYR H 313 -32.69 -26.27 21.53
C TYR H 313 -31.47 -27.02 21.02
N ASP H 314 -31.55 -28.36 21.05
CA ASP H 314 -30.53 -29.20 20.47
C ASP H 314 -30.92 -29.19 19.00
N ASN H 315 -30.28 -28.31 18.22
CA ASN H 315 -30.57 -28.18 16.79
C ASN H 315 -30.49 -29.52 16.01
N GLU H 316 -29.82 -30.52 16.56
CA GLU H 316 -29.69 -31.83 15.94
C GLU H 316 -30.76 -32.84 16.42
N PHE H 317 -30.82 -33.10 17.74
CA PHE H 317 -31.70 -34.11 18.33
C PHE H 317 -33.15 -33.69 18.38
N GLY H 318 -33.42 -32.48 18.83
CA GLY H 318 -34.77 -31.97 18.95
C GLY H 318 -35.56 -32.10 17.66
N TYR H 319 -34.93 -31.63 16.56
CA TYR H 319 -35.54 -31.67 15.23
C TYR H 319 -35.67 -33.04 14.61
N SER H 320 -34.65 -33.91 14.74
CA SER H 320 -34.75 -35.25 14.17
C SER H 320 -35.88 -36.05 14.84
N ASN H 321 -36.10 -35.83 16.15
CA ASN H 321 -37.17 -36.50 16.87
C ASN H 321 -38.52 -35.98 16.41
N ARG H 322 -38.64 -34.67 16.10
CA ARG H 322 -39.88 -34.13 15.58
C ARG H 322 -40.21 -34.69 14.19
N VAL H 323 -39.21 -34.95 13.32
CA VAL H 323 -39.46 -35.57 12.02
C VAL H 323 -40.13 -36.93 12.22
N VAL H 324 -39.64 -37.71 13.19
CA VAL H 324 -40.18 -39.03 13.56
C VAL H 324 -41.59 -38.89 14.15
N ASP H 325 -41.80 -37.91 15.06
CA ASP H 325 -43.12 -37.67 15.68
C ASP H 325 -44.15 -37.26 14.64
N LEU H 326 -43.74 -36.43 13.66
CA LEU H 326 -44.63 -35.98 12.60
C LEU H 326 -45.08 -37.18 11.76
N MET H 327 -44.16 -38.08 11.38
CA MET H 327 -44.50 -39.27 10.60
C MET H 327 -45.38 -40.23 11.39
N ALA H 328 -45.13 -40.34 12.70
CA ALA H 328 -45.96 -41.18 13.56
C ALA H 328 -47.39 -40.60 13.61
N HIS H 329 -47.52 -39.27 13.64
CA HIS H 329 -48.82 -38.61 13.61
C HIS H 329 -49.51 -38.83 12.24
N MET H 330 -48.76 -38.68 11.14
CA MET H 330 -49.25 -38.91 9.79
C MET H 330 -49.80 -40.33 9.64
N ALA H 331 -49.10 -41.30 10.21
CA ALA H 331 -49.51 -42.71 10.15
C ALA H 331 -50.82 -42.93 10.92
N SER H 332 -50.99 -42.26 12.07
CA SER H 332 -52.22 -42.40 12.87
C SER H 332 -53.45 -41.87 12.12
N LYS H 333 -53.29 -40.83 11.28
CA LYS H 333 -54.40 -40.29 10.51
C LYS H 333 -54.73 -41.13 9.27
N GLU H 334 -53.82 -42.03 8.82
CA GLU H 334 -54.06 -42.89 7.64
C GLU H 334 -55.36 -43.70 7.76
C18 XPE I . 8.77 -43.83 47.02
O19 XPE I . 8.21 -44.95 46.33
C20 XPE I . 7.83 -44.65 44.98
C21 XPE I . 7.65 -45.92 44.18
O22 XPE I . 6.57 -46.70 44.70
C23 XPE I . 6.44 -47.98 44.06
C24 XPE I . 5.61 -48.92 44.90
O25 XPE I . 6.26 -49.17 46.14
C26 XPE I . 5.82 -50.36 46.78
C27 XPE I . 6.62 -50.61 48.04
O28 XPE I . 7.25 -51.90 48.04
C29 XPE I . 8.46 -51.97 47.30
C30 XPE I . 8.39 -53.12 46.33
O31 XPE I . 9.28 -52.93 45.24
H201 XPE I . 8.59 -44.05 44.48
H202 XPE I . 6.92 -44.06 44.95
H211 XPE I . 8.58 -46.50 44.21
H212 XPE I . 7.47 -45.67 43.15
H231 XPE I . 7.40 -48.44 43.89
H232 XPE I . 5.98 -47.86 43.08
H241 XPE I . 5.43 -49.84 44.36
H242 XPE I . 4.63 -48.48 45.08
H261 XPE I . 5.91 -51.23 46.14
H262 XPE I . 4.76 -50.27 47.02
H271 XPE I . 5.96 -50.53 48.90
H272 XPE I . 7.35 -49.81 48.16
H291 XPE I . 9.33 -52.10 47.95
H292 XPE I . 8.62 -51.03 46.76
H301 XPE I . 7.37 -53.30 45.99
H302 XPE I . 8.73 -54.04 46.79
H31 XPE I . 9.23 -53.74 44.68
C18 XPE J . 35.22 16.87 -53.55
O19 XPE J . 35.75 17.62 -52.46
C20 XPE J . 35.12 17.35 -51.20
C21 XPE J . 36.02 17.74 -50.07
O22 XPE J . 36.72 18.92 -50.38
C23 XPE J . 37.46 19.49 -49.29
C24 XPE J . 38.04 20.80 -49.72
O25 XPE J . 38.04 20.88 -51.14
C26 XPE J . 39.17 21.53 -51.69
C27 XPE J . 39.02 21.64 -53.17
O28 XPE J . 40.30 21.61 -53.82
C29 XPE J . 40.60 20.34 -54.41
C30 XPE J . 42.06 20.26 -54.78
O31 XPE J . 42.44 18.92 -55.15
H201 XPE J . 34.86 16.29 -51.10
H202 XPE J . 34.17 17.90 -51.15
H211 XPE J . 36.72 16.93 -49.85
H212 XPE J . 35.42 17.86 -49.17
H231 XPE J . 38.26 18.82 -48.98
H232 XPE J . 36.81 19.61 -48.43
H241 XPE J . 39.05 20.91 -49.32
H242 XPE J . 37.45 21.61 -49.28
H261 XPE J . 40.08 20.97 -51.47
H262 XPE J . 39.31 22.52 -51.24
H271 XPE J . 38.50 22.56 -53.43
H272 XPE J . 38.38 20.83 -53.53
H291 XPE J . 39.98 20.17 -55.30
H292 XPE J . 40.34 19.55 -53.72
H301 XPE J . 42.69 20.64 -53.99
H302 XPE J . 42.26 20.84 -55.68
H31 XPE J . 43.38 18.96 -55.48
C18 XPE K . -25.76 19.96 -35.48
O19 XPE K . -25.27 19.83 -34.15
C20 XPE K . -23.98 20.42 -33.93
C21 XPE K . -23.85 20.91 -32.50
O22 XPE K . -23.91 19.84 -31.55
C23 XPE K . -24.77 20.08 -30.44
C24 XPE K . -24.64 19.02 -29.38
O25 XPE K . -25.03 17.74 -29.86
C26 XPE K . -26.25 17.24 -29.30
C27 XPE K . -26.96 16.43 -30.32
O28 XPE K . -28.29 16.15 -29.90
C29 XPE K . -29.25 17.08 -30.44
C30 XPE K . -30.54 17.04 -29.66
O31 XPE K . -31.60 17.74 -30.31
H201 XPE K . -23.79 21.26 -34.58
H202 XPE K . -23.19 19.69 -34.15
H211 XPE K . -24.63 21.64 -32.29
H212 XPE K . -22.90 21.44 -32.40
H231 XPE K . -25.82 20.13 -30.76
H232 XPE K . -24.56 21.06 -30.01
H241 XPE K . -25.19 19.30 -28.48
H242 XPE K . -23.60 18.98 -29.07
H261 XPE K . -26.92 18.05 -28.99
H262 XPE K . -26.04 16.66 -28.41
H271 XPE K . -26.42 15.50 -30.52
H272 XPE K . -27.00 16.98 -31.25
H291 XPE K . -29.45 16.88 -31.49
H292 XPE K . -28.83 18.08 -30.41
H301 XPE K . -30.41 17.38 -28.64
H302 XPE K . -30.91 16.01 -29.59
H31 XPE K . -32.43 17.61 -29.78
C18 XPE L . -22.74 9.03 39.44
O19 XPE L . -23.09 9.62 38.19
C20 XPE L . -23.14 8.68 37.12
C21 XPE L . -23.37 9.36 35.81
O22 XPE L . -22.36 10.32 35.56
C23 XPE L . -22.58 11.08 34.38
C24 XPE L . -21.48 12.08 34.23
O25 XPE L . -21.30 12.78 35.45
C26 XPE L . -21.17 14.19 35.28
C27 XPE L . -20.69 14.83 36.55
O28 XPE L . -21.53 14.42 37.61
C29 XPE L . -20.89 14.33 38.88
C30 XPE L . -21.00 15.63 39.63
O31 XPE L . -22.35 15.96 39.97
H201 XPE L . -23.94 7.96 37.28
H202 XPE L . -22.21 8.10 37.08
H211 XPE L . -24.35 9.83 35.79
H212 XPE L . -23.38 8.61 35.01
H231 XPE L . -23.54 11.59 34.40
H232 XPE L . -22.61 10.41 33.51
H241 XPE L . -21.72 12.77 33.42
H242 XPE L . -20.57 11.58 33.94
H261 XPE L . -22.11 14.64 34.99
H262 XPE L . -20.46 14.39 34.47
H271 XPE L . -20.71 15.91 36.46
H272 XPE L . -19.65 14.55 36.71
H291 XPE L . -19.84 14.05 38.80
H292 XPE L . -21.35 13.53 39.46
H301 XPE L . -20.52 16.44 39.09
H302 XPE L . -20.51 15.57 40.59
H31 XPE L . -22.33 16.78 40.53
C18 XPE M . 39.05 3.85 1.72
O19 XPE M . 38.44 2.77 1.01
C20 XPE M . 37.48 3.18 0.05
C21 XPE M . 37.27 2.09 -0.93
O22 XPE M . 36.92 0.92 -0.22
C23 XPE M . 36.98 -0.24 -1.02
C24 XPE M . 35.91 -1.20 -0.62
O25 XPE M . 35.92 -1.45 0.78
C26 XPE M . 36.35 -2.75 1.13
C27 XPE M . 36.79 -2.74 2.56
O28 XPE M . 37.48 -3.94 2.89
H201 XPE M . 37.85 4.04 -0.51
H202 XPE M . 36.56 3.50 0.53
H211 XPE M . 38.17 1.91 -1.51
H212 XPE M . 36.50 2.37 -1.64
H231 XPE M . 37.95 -0.73 -0.92
H232 XPE M . 36.87 0.02 -2.07
H241 XPE M . 36.01 -2.14 -1.18
H242 XPE M . 34.95 -0.79 -0.92
H261 XPE M . 37.18 -3.09 0.51
H262 XPE M . 35.54 -3.48 0.98
H271 XPE M . 35.94 -2.60 3.22
H272 XPE M . 37.44 -1.88 2.72
O16 XPE N . 45.26 -7.66 -21.75
C17 XPE N . 44.77 -6.62 -20.92
C18 XPE N . 43.88 -7.15 -19.84
O19 XPE N . 42.80 -7.87 -20.41
C20 XPE N . 42.55 -9.08 -19.71
C21 XPE N . 41.45 -9.85 -20.37
O22 XPE N . 41.96 -11.06 -20.94
C23 XPE N . 40.94 -11.83 -21.58
C24 XPE N . 40.18 -12.63 -20.57
O25 XPE N . 38.76 -12.49 -20.75
C26 XPE N . 38.08 -11.91 -19.64
C27 XPE N . 37.92 -12.86 -18.50
O28 XPE N . 37.67 -12.14 -17.30
C29 XPE N . 36.32 -11.71 -17.15
C30 XPE N . 35.99 -11.56 -15.68
O31 XPE N . 37.10 -11.13 -14.90
H171 XPE N . 44.21 -5.89 -21.50
H172 XPE N . 45.61 -6.08 -20.48
H181 XPE N . 43.49 -6.34 -19.23
H182 XPE N . 44.47 -7.77 -19.17
H201 XPE N . 42.27 -8.88 -18.69
H202 XPE N . 43.45 -9.70 -19.67
H211 XPE N . 40.94 -9.24 -21.11
H212 XPE N . 40.70 -10.06 -19.60
H231 XPE N . 41.38 -12.52 -22.30
H232 XPE N . 40.27 -11.19 -22.14
H241 XPE N . 40.48 -12.36 -19.55
H242 XPE N . 40.45 -13.68 -20.68
H261 XPE N . 37.09 -11.56 -19.94
H262 XPE N . 38.60 -11.00 -19.30
H271 XPE N . 38.81 -13.48 -18.37
H272 XPE N . 37.11 -13.56 -18.74
H291 XPE N . 35.61 -12.40 -17.60
H292 XPE N . 36.18 -10.77 -17.68
H301 XPE N . 35.56 -12.48 -15.28
H302 XPE N . 35.25 -10.77 -15.54
H31 XPE N . 37.92 -11.20 -15.47
C18 XPE O . 0.52 55.22 5.33
O19 XPE O . 0.46 54.87 3.95
C20 XPE O . 0.60 53.48 3.70
C21 XPE O . 0.01 53.12 2.36
O22 XPE O . 0.56 53.93 1.33
C23 XPE O . -0.41 54.53 0.48
C24 XPE O . 0.22 55.37 -0.57
O25 XPE O . 0.87 56.49 0.02
C26 XPE O . 0.94 57.62 -0.85
C27 XPE O . 1.68 58.74 -0.18
O28 XPE O . 0.79 59.64 0.48
C29 XPE O . 1.11 59.84 1.86
C30 XPE O . 0.47 61.12 2.32
O31 XPE O . 0.78 61.38 3.69
H201 XPE O . 0.08 52.87 4.44
H202 XPE O . 1.64 53.19 3.75
H211 XPE O . -1.07 53.22 2.37
H212 XPE O . 0.21 52.07 2.15
H231 XPE O . -1.09 55.16 1.06
H232 XPE O . -1.04 53.75 0.03
H241 XPE O . -0.52 55.70 -1.30
H242 XPE O . 0.94 54.78 -1.13
H261 XPE O . -0.05 57.97 -1.13
H262 XPE O . 1.44 57.34 -1.78
H271 XPE O . 2.26 59.30 -0.92
H272 XPE O . 2.41 58.32 0.51
H291 XPE O . 2.18 59.90 2.03
H292 XPE O . 0.75 59.00 2.45
H301 XPE O . -0.60 61.13 2.13
H302 XPE O . 0.89 61.98 1.80
H31 XPE O . 0.03 61.92 4.09
#